data_7UGC
#
_entry.id   7UGC
#
_entity_poly.entity_id   1
_entity_poly.type   'polypeptide(L)'
_entity_poly.pdbx_seq_one_letter_code
;MLTLDTLNVMLAVSEEGLIEEMIIALLASPQLAVFFEKFPRLKAAITDDVPRWREALRSRLKDARVPPELTEEVMCYQQS
QLLSTPQFIVQLPQILDLLHRLNSPWAEQARQLVDANSTITSALHTLFLQRWRLSLIVQATTLNQQLLEEEREQLLSEVQ
ERMTLSGQLEPILADNNTAAGRLWDMSAGQL
;
_entity_poly.pdbx_strand_id   A
#
# COMPACT_ATOMS: atom_id res chain seq x y z
N MET A 1 -4.51 1.55 -17.82
CA MET A 1 -4.27 0.63 -16.67
C MET A 1 -3.56 1.41 -15.54
N LEU A 2 -4.31 1.65 -14.44
CA LEU A 2 -3.84 2.42 -13.28
C LEU A 2 -2.64 1.69 -12.63
N THR A 3 -1.46 2.31 -12.71
CA THR A 3 -0.20 1.73 -12.26
C THR A 3 0.10 2.16 -10.80
N LEU A 4 0.93 1.36 -10.08
CA LEU A 4 1.15 1.49 -8.64
C LEU A 4 1.97 2.76 -8.28
N ASP A 5 2.82 3.22 -9.23
CA ASP A 5 3.71 4.40 -9.02
C ASP A 5 2.90 5.70 -8.77
N THR A 6 1.60 5.68 -9.12
CA THR A 6 0.67 6.78 -8.86
C THR A 6 0.64 7.15 -7.38
N LEU A 7 0.73 6.14 -6.48
CA LEU A 7 0.69 6.34 -5.01
C LEU A 7 1.86 7.25 -4.54
N ASN A 8 3.03 7.06 -5.17
CA ASN A 8 4.23 7.89 -4.92
C ASN A 8 3.99 9.36 -5.33
N VAL A 9 3.18 9.56 -6.39
CA VAL A 9 2.89 10.91 -6.95
C VAL A 9 1.78 11.63 -6.15
N MET A 10 0.69 10.91 -5.88
CA MET A 10 -0.58 11.47 -5.33
C MET A 10 -0.50 11.68 -3.80
N LEU A 11 0.37 10.91 -3.13
CA LEU A 11 0.57 10.99 -1.67
C LEU A 11 1.91 11.68 -1.34
N ALA A 12 2.82 11.71 -2.34
CA ALA A 12 4.17 12.33 -2.24
C ALA A 12 5.06 11.65 -1.18
N VAL A 13 4.73 10.38 -0.86
CA VAL A 13 5.45 9.58 0.16
C VAL A 13 6.64 8.82 -0.46
N SER A 14 7.61 8.47 0.38
CA SER A 14 8.74 7.59 0.00
C SER A 14 8.40 6.14 0.33
N GLU A 15 8.99 5.20 -0.43
CA GLU A 15 8.77 3.76 -0.27
C GLU A 15 9.63 3.19 0.86
N GLU A 16 10.81 3.82 1.12
CA GLU A 16 11.89 3.26 1.98
C GLU A 16 11.40 2.73 3.35
N GLY A 17 10.57 3.53 4.03
CA GLY A 17 10.01 3.14 5.34
C GLY A 17 9.07 1.94 5.28
N LEU A 18 8.31 1.85 4.17
CA LEU A 18 7.38 0.74 3.89
C LEU A 18 8.15 -0.52 3.47
N ILE A 19 9.29 -0.30 2.76
CA ILE A 19 10.21 -1.37 2.34
C ILE A 19 10.84 -2.01 3.58
N GLU A 20 11.06 -1.20 4.63
CA GLU A 20 11.60 -1.69 5.91
C GLU A 20 10.63 -2.71 6.54
N GLU A 21 9.32 -2.39 6.54
CA GLU A 21 8.26 -3.32 6.99
C GLU A 21 8.27 -4.61 6.14
N MET A 22 8.53 -4.43 4.83
CA MET A 22 8.63 -5.55 3.88
C MET A 22 9.83 -6.48 4.22
N ILE A 23 10.91 -5.90 4.79
CA ILE A 23 12.08 -6.69 5.28
C ILE A 23 11.60 -7.63 6.40
N ILE A 24 10.88 -7.05 7.39
CA ILE A 24 10.30 -7.79 8.53
C ILE A 24 9.32 -8.90 8.04
N ALA A 25 8.53 -8.56 7.00
CA ALA A 25 7.54 -9.47 6.39
C ALA A 25 8.23 -10.72 5.82
N LEU A 26 9.38 -10.52 5.14
CA LEU A 26 10.19 -11.61 4.58
C LEU A 26 10.91 -12.40 5.69
N LEU A 27 11.45 -11.68 6.68
CA LEU A 27 12.14 -12.31 7.83
C LEU A 27 11.15 -13.14 8.70
N ALA A 28 9.84 -12.87 8.53
CA ALA A 28 8.76 -13.63 9.20
C ALA A 28 8.23 -14.79 8.32
N SER A 29 8.36 -14.65 6.97
CA SER A 29 7.81 -15.65 6.00
C SER A 29 8.43 -17.05 6.22
N PRO A 30 7.64 -18.17 6.06
CA PRO A 30 8.06 -19.54 6.49
C PRO A 30 9.37 -20.03 5.84
N GLN A 31 9.66 -19.52 4.64
CA GLN A 31 10.88 -19.86 3.86
C GLN A 31 12.14 -19.40 4.62
N LEU A 32 12.16 -18.11 4.99
CA LEU A 32 13.30 -17.48 5.70
C LEU A 32 13.27 -17.87 7.19
N ALA A 33 12.06 -18.13 7.70
CA ALA A 33 11.82 -18.49 9.11
C ALA A 33 12.57 -19.77 9.49
N VAL A 34 12.40 -20.82 8.64
CA VAL A 34 13.08 -22.09 8.85
C VAL A 34 14.59 -21.95 8.53
N PHE A 35 14.92 -21.15 7.49
CA PHE A 35 16.31 -20.96 7.02
C PHE A 35 17.22 -20.40 8.13
N PHE A 36 16.68 -19.46 8.93
CA PHE A 36 17.45 -18.80 10.00
C PHE A 36 17.80 -19.78 11.13
N GLU A 37 16.84 -20.66 11.48
CA GLU A 37 16.97 -21.63 12.57
C GLU A 37 17.90 -22.79 12.17
N LYS A 38 17.71 -23.26 10.93
CA LYS A 38 18.46 -24.42 10.37
C LYS A 38 19.88 -24.03 9.95
N PHE A 39 20.07 -22.74 9.62
CA PHE A 39 21.37 -22.19 9.19
C PHE A 39 21.68 -20.91 10.00
N PRO A 40 22.26 -21.06 11.25
CA PRO A 40 22.48 -19.90 12.17
C PRO A 40 23.63 -18.98 11.73
N ARG A 41 24.51 -19.45 10.83
CA ARG A 41 25.59 -18.63 10.26
C ARG A 41 25.17 -18.05 8.89
N LEU A 42 24.53 -18.90 8.06
CA LEU A 42 24.21 -18.58 6.66
C LEU A 42 23.07 -17.54 6.56
N LYS A 43 22.27 -17.46 7.63
CA LYS A 43 21.18 -16.46 7.77
C LYS A 43 21.70 -15.02 7.67
N ALA A 44 22.97 -14.80 8.10
CA ALA A 44 23.63 -13.48 8.12
C ALA A 44 23.61 -12.79 6.73
N ALA A 45 23.58 -13.62 5.66
CA ALA A 45 23.50 -13.14 4.26
C ALA A 45 22.14 -12.47 3.98
N ILE A 46 21.06 -13.20 4.28
CA ILE A 46 19.69 -12.77 3.96
C ILE A 46 19.16 -11.72 4.98
N THR A 47 19.76 -11.66 6.17
CA THR A 47 19.50 -10.57 7.14
C THR A 47 20.28 -9.28 6.74
N ASP A 48 21.36 -9.46 5.95
CA ASP A 48 22.16 -8.35 5.36
C ASP A 48 21.54 -7.88 4.02
N ASP A 49 20.63 -8.71 3.48
CA ASP A 49 19.95 -8.51 2.17
C ASP A 49 18.90 -7.35 2.18
N VAL A 50 18.86 -6.57 3.28
CA VAL A 50 17.91 -5.43 3.48
C VAL A 50 17.83 -4.44 2.25
N PRO A 51 18.97 -3.85 1.73
CA PRO A 51 18.91 -2.88 0.60
C PRO A 51 18.65 -3.53 -0.79
N ARG A 52 18.60 -4.87 -0.82
CA ARG A 52 18.30 -5.65 -2.04
C ARG A 52 16.77 -5.68 -2.26
N TRP A 53 16.00 -5.94 -1.17
CA TRP A 53 14.51 -5.88 -1.20
C TRP A 53 14.01 -4.47 -1.61
N ARG A 54 14.84 -3.44 -1.34
CA ARG A 54 14.57 -2.06 -1.80
C ARG A 54 14.33 -2.05 -3.32
N GLU A 55 15.32 -2.53 -4.09
CA GLU A 55 15.30 -2.51 -5.56
C GLU A 55 14.15 -3.35 -6.15
N ALA A 56 13.70 -4.36 -5.38
CA ALA A 56 12.57 -5.22 -5.76
C ALA A 56 11.26 -4.40 -5.81
N LEU A 57 10.97 -3.65 -4.72
CA LEU A 57 9.75 -2.81 -4.61
C LEU A 57 9.88 -1.51 -5.43
N ARG A 58 11.12 -1.02 -5.59
CA ARG A 58 11.42 0.21 -6.36
C ARG A 58 11.16 0.00 -7.85
N SER A 59 11.41 -1.21 -8.33
CA SER A 59 11.04 -1.62 -9.69
C SER A 59 9.54 -1.94 -9.75
N ARG A 60 9.03 -2.61 -8.69
CA ARG A 60 7.66 -3.15 -8.65
C ARG A 60 6.60 -2.04 -8.67
N LEU A 61 6.90 -0.85 -8.14
CA LEU A 61 5.94 0.28 -8.15
C LEU A 61 5.70 0.75 -9.61
N LYS A 62 6.73 0.62 -10.45
CA LYS A 62 6.69 1.00 -11.87
C LYS A 62 6.03 -0.11 -12.72
N ASP A 63 6.35 -1.38 -12.38
CA ASP A 63 5.89 -2.57 -13.14
C ASP A 63 4.43 -2.91 -12.82
N ALA A 64 4.17 -3.12 -11.51
CA ALA A 64 2.86 -3.55 -11.00
C ALA A 64 1.83 -2.42 -11.08
N ARG A 65 0.56 -2.83 -11.11
CA ARG A 65 -0.59 -1.93 -11.10
C ARG A 65 -1.13 -1.82 -9.67
N VAL A 66 -2.13 -0.96 -9.47
CA VAL A 66 -2.80 -0.81 -8.16
C VAL A 66 -3.75 -2.00 -7.87
N PRO A 67 -3.94 -2.40 -6.57
CA PRO A 67 -4.99 -3.37 -6.17
C PRO A 67 -6.41 -3.00 -6.72
N PRO A 68 -7.30 -4.02 -7.02
CA PRO A 68 -8.65 -3.78 -7.61
C PRO A 68 -9.53 -2.82 -6.77
N GLU A 69 -9.30 -2.86 -5.46
CA GLU A 69 -9.97 -1.97 -4.50
C GLU A 69 -9.46 -0.53 -4.71
N LEU A 70 -8.13 -0.40 -4.59
CA LEU A 70 -7.40 0.89 -4.67
C LEU A 70 -7.70 1.62 -5.99
N THR A 71 -7.99 0.84 -7.06
CA THR A 71 -8.31 1.37 -8.39
C THR A 71 -9.40 2.47 -8.33
N GLU A 72 -10.49 2.20 -7.59
CA GLU A 72 -11.61 3.14 -7.48
C GLU A 72 -11.30 4.28 -6.48
N GLU A 73 -10.42 4.03 -5.47
CA GLU A 73 -9.94 5.08 -4.53
C GLU A 73 -9.21 6.21 -5.29
N VAL A 74 -8.28 5.82 -6.17
CA VAL A 74 -7.49 6.75 -6.98
C VAL A 74 -8.31 7.33 -8.15
N MET A 75 -9.21 6.51 -8.74
CA MET A 75 -10.04 6.94 -9.88
C MET A 75 -11.10 7.98 -9.48
N CYS A 76 -11.76 7.78 -8.32
CA CYS A 76 -12.79 8.72 -7.82
C CYS A 76 -12.12 10.06 -7.41
N TYR A 77 -10.91 9.93 -6.83
CA TYR A 77 -10.04 11.07 -6.46
C TYR A 77 -9.73 11.93 -7.70
N GLN A 78 -9.11 11.31 -8.72
CA GLN A 78 -8.69 12.02 -9.95
C GLN A 78 -9.90 12.47 -10.80
N GLN A 79 -11.04 11.74 -10.66
CA GLN A 79 -12.28 12.06 -11.40
C GLN A 79 -12.90 13.37 -10.90
N SER A 80 -12.76 13.63 -9.58
CA SER A 80 -13.37 14.79 -8.92
C SER A 80 -12.80 16.13 -9.46
N GLN A 81 -11.51 16.12 -9.89
CA GLN A 81 -10.88 17.34 -10.47
C GLN A 81 -11.19 17.48 -11.98
N LEU A 82 -11.55 16.35 -12.64
CA LEU A 82 -12.06 16.35 -14.03
C LEU A 82 -13.57 16.72 -14.04
N LEU A 83 -14.24 16.47 -12.90
CA LEU A 83 -15.67 16.73 -12.73
C LEU A 83 -15.88 18.23 -12.44
N SER A 84 -16.23 18.99 -13.50
CA SER A 84 -16.39 20.46 -13.44
C SER A 84 -17.59 20.86 -12.57
N THR A 85 -17.56 22.12 -12.06
CA THR A 85 -18.50 22.62 -11.02
C THR A 85 -20.02 22.41 -11.35
N PRO A 86 -20.55 22.68 -12.61
CA PRO A 86 -21.99 22.40 -12.93
C PRO A 86 -22.32 20.90 -12.87
N GLN A 87 -21.38 20.08 -13.35
CA GLN A 87 -21.53 18.61 -13.41
C GLN A 87 -21.32 17.98 -12.02
N PHE A 88 -20.53 18.67 -11.18
CA PHE A 88 -20.13 18.19 -9.84
C PHE A 88 -21.32 18.22 -8.87
N ILE A 89 -22.18 19.24 -9.02
CA ILE A 89 -23.36 19.43 -8.16
C ILE A 89 -24.38 18.28 -8.35
N VAL A 90 -24.75 18.06 -9.62
CA VAL A 90 -25.79 17.07 -9.96
C VAL A 90 -25.26 15.61 -9.82
N GLN A 91 -23.96 15.39 -10.06
CA GLN A 91 -23.30 14.07 -9.86
C GLN A 91 -22.59 13.99 -8.50
N LEU A 92 -22.87 14.95 -7.59
CA LEU A 92 -22.36 14.92 -6.20
C LEU A 92 -22.85 13.66 -5.44
N PRO A 93 -24.20 13.40 -5.32
CA PRO A 93 -24.67 12.25 -4.50
C PRO A 93 -24.50 10.91 -5.24
N GLN A 94 -24.03 11.01 -6.51
CA GLN A 94 -23.74 9.85 -7.35
C GLN A 94 -22.32 9.34 -7.11
N ILE A 95 -21.34 10.27 -6.96
CA ILE A 95 -19.95 9.87 -6.58
C ILE A 95 -19.93 9.41 -5.11
N LEU A 96 -20.82 9.99 -4.28
CA LEU A 96 -21.07 9.55 -2.90
C LEU A 96 -21.66 8.12 -2.86
N ASP A 97 -22.57 7.84 -3.82
CA ASP A 97 -23.18 6.50 -4.02
C ASP A 97 -22.11 5.46 -4.43
N LEU A 98 -21.11 5.93 -5.20
CA LEU A 98 -19.98 5.08 -5.65
C LEU A 98 -19.12 4.66 -4.43
N LEU A 99 -18.86 5.63 -3.54
CA LEU A 99 -18.08 5.41 -2.30
C LEU A 99 -18.79 4.40 -1.38
N HIS A 100 -20.12 4.57 -1.28
CA HIS A 100 -21.00 3.69 -0.47
C HIS A 100 -21.08 2.27 -1.08
N ARG A 101 -21.00 2.20 -2.41
CA ARG A 101 -21.02 0.93 -3.17
C ARG A 101 -19.84 0.03 -2.77
N LEU A 102 -18.62 0.58 -2.84
CA LEU A 102 -17.38 -0.14 -2.50
C LEU A 102 -17.29 -0.38 -0.97
N ASN A 103 -17.98 0.51 -0.20
CA ASN A 103 -17.91 0.58 1.28
C ASN A 103 -16.54 1.16 1.70
N SER A 104 -16.01 2.09 0.87
CA SER A 104 -14.77 2.83 1.16
C SER A 104 -15.04 3.82 2.33
N PRO A 105 -14.05 4.06 3.25
CA PRO A 105 -14.26 4.90 4.48
C PRO A 105 -14.57 6.39 4.16
N TRP A 106 -14.24 6.81 2.92
CA TRP A 106 -14.51 8.17 2.42
C TRP A 106 -16.02 8.41 2.21
N ALA A 107 -16.82 7.32 2.14
CA ALA A 107 -18.29 7.39 2.03
C ALA A 107 -18.92 8.18 3.18
N GLU A 108 -18.54 7.81 4.41
CA GLU A 108 -19.09 8.39 5.66
C GLU A 108 -18.68 9.87 5.83
N GLN A 109 -17.37 10.13 5.62
CA GLN A 109 -16.77 11.46 5.82
C GLN A 109 -17.28 12.47 4.79
N ALA A 110 -17.28 12.06 3.50
CA ALA A 110 -17.73 12.91 2.39
C ALA A 110 -19.24 13.17 2.46
N ARG A 111 -20.00 12.19 3.03
CA ARG A 111 -21.45 12.34 3.23
C ARG A 111 -21.72 13.47 4.24
N GLN A 112 -21.06 13.38 5.41
CA GLN A 112 -21.17 14.40 6.46
C GLN A 112 -20.68 15.78 5.96
N LEU A 113 -19.67 15.74 5.08
CA LEU A 113 -19.06 16.94 4.48
C LEU A 113 -20.08 17.70 3.60
N VAL A 114 -20.83 16.96 2.77
CA VAL A 114 -21.84 17.54 1.86
C VAL A 114 -23.17 17.83 2.59
N ASP A 115 -23.38 17.18 3.75
CA ASP A 115 -24.50 17.49 4.66
C ASP A 115 -24.17 18.75 5.48
N ALA A 116 -22.85 19.03 5.65
CA ALA A 116 -22.37 20.25 6.31
C ALA A 116 -22.56 21.46 5.39
N ASN A 117 -22.34 21.26 4.08
CA ASN A 117 -22.51 22.31 3.06
C ASN A 117 -22.88 21.67 1.70
N SER A 118 -24.13 21.88 1.25
CA SER A 118 -24.59 21.47 -0.08
C SER A 118 -24.33 22.58 -1.13
N THR A 119 -24.05 23.80 -0.64
CA THR A 119 -23.74 24.97 -1.49
C THR A 119 -22.24 24.94 -1.86
N ILE A 120 -21.86 23.92 -2.65
CA ILE A 120 -20.49 23.73 -3.11
C ILE A 120 -20.20 24.70 -4.28
N THR A 121 -19.44 25.76 -3.98
CA THR A 121 -19.08 26.78 -4.96
C THR A 121 -17.61 26.58 -5.40
N SER A 122 -16.72 26.40 -4.41
CA SER A 122 -15.26 26.31 -4.64
C SER A 122 -14.56 25.65 -3.45
N ALA A 123 -14.85 26.17 -2.24
CA ALA A 123 -14.18 25.79 -0.98
C ALA A 123 -14.26 24.28 -0.69
N LEU A 124 -15.49 23.73 -0.71
CA LEU A 124 -15.72 22.31 -0.37
C LEU A 124 -15.09 21.39 -1.42
N HIS A 125 -15.14 21.79 -2.71
CA HIS A 125 -14.57 21.00 -3.81
C HIS A 125 -13.05 20.82 -3.61
N THR A 126 -12.38 21.91 -3.23
CA THR A 126 -10.94 21.91 -2.89
C THR A 126 -10.67 20.99 -1.67
N LEU A 127 -11.51 21.16 -0.63
CA LEU A 127 -11.41 20.41 0.63
C LEU A 127 -11.77 18.93 0.42
N PHE A 128 -12.57 18.63 -0.62
CA PHE A 128 -13.01 17.26 -0.95
C PHE A 128 -11.79 16.42 -1.39
N LEU A 129 -10.97 17.04 -2.25
CA LEU A 129 -9.73 16.42 -2.77
C LEU A 129 -8.66 16.33 -1.67
N GLN A 130 -8.53 17.38 -0.85
CA GLN A 130 -7.49 17.48 0.19
C GLN A 130 -7.76 16.55 1.38
N ARG A 131 -9.03 16.47 1.79
CA ARG A 131 -9.47 15.67 2.95
C ARG A 131 -9.31 14.17 2.64
N TRP A 132 -9.58 13.81 1.37
CA TRP A 132 -9.38 12.44 0.88
C TRP A 132 -7.89 12.15 0.68
N ARG A 133 -7.12 13.16 0.23
CA ARG A 133 -5.67 13.03 -0.04
C ARG A 133 -4.91 12.56 1.21
N LEU A 134 -5.14 13.27 2.32
CA LEU A 134 -4.49 12.97 3.62
C LEU A 134 -5.02 11.62 4.18
N SER A 135 -6.34 11.39 4.01
CA SER A 135 -7.03 10.16 4.47
C SER A 135 -6.56 8.94 3.66
N LEU A 136 -6.10 9.17 2.43
CA LEU A 136 -5.67 8.11 1.51
C LEU A 136 -4.24 7.66 1.86
N ILE A 137 -3.45 8.56 2.50
CA ILE A 137 -2.07 8.24 2.96
C ILE A 137 -2.13 7.17 4.08
N VAL A 138 -2.91 7.49 5.13
CA VAL A 138 -3.10 6.61 6.29
C VAL A 138 -3.90 5.34 5.91
N GLN A 139 -4.71 5.43 4.84
CA GLN A 139 -5.45 4.27 4.29
C GLN A 139 -4.51 3.40 3.43
N ALA A 140 -3.54 4.05 2.75
CA ALA A 140 -2.56 3.38 1.86
C ALA A 140 -1.60 2.51 2.68
N THR A 141 -1.50 2.82 3.98
CA THR A 141 -0.84 1.95 4.95
C THR A 141 -1.41 0.50 4.88
N THR A 142 -2.76 0.38 4.84
CA THR A 142 -3.45 -0.92 4.73
C THR A 142 -3.39 -1.48 3.29
N LEU A 143 -3.62 -0.59 2.29
CA LEU A 143 -3.67 -0.97 0.86
C LEU A 143 -2.33 -1.58 0.39
N ASN A 144 -1.24 -0.91 0.77
CA ASN A 144 0.15 -1.34 0.48
C ASN A 144 0.64 -2.43 1.47
N GLN A 145 -0.09 -2.62 2.59
CA GLN A 145 0.13 -3.76 3.52
C GLN A 145 -0.31 -5.07 2.84
N GLN A 146 -1.44 -4.99 2.11
CA GLN A 146 -1.97 -6.11 1.32
C GLN A 146 -1.02 -6.39 0.14
N LEU A 147 -0.47 -5.31 -0.44
CA LEU A 147 0.53 -5.38 -1.53
C LEU A 147 1.75 -6.18 -1.07
N LEU A 148 2.37 -5.78 0.07
CA LEU A 148 3.63 -6.39 0.54
C LEU A 148 3.45 -7.88 0.89
N GLU A 149 2.19 -8.29 1.13
CA GLU A 149 1.85 -9.72 1.38
C GLU A 149 1.83 -10.51 0.04
N GLU A 150 1.20 -9.92 -1.00
CA GLU A 150 1.10 -10.54 -2.34
C GLU A 150 2.50 -10.62 -3.00
N GLU A 151 3.15 -9.45 -3.07
CA GLU A 151 4.48 -9.29 -3.64
C GLU A 151 5.52 -10.13 -2.89
N ARG A 152 5.32 -10.32 -1.56
CA ARG A 152 6.19 -11.17 -0.73
C ARG A 152 6.36 -12.55 -1.36
N GLU A 153 5.23 -13.14 -1.79
CA GLU A 153 5.19 -14.46 -2.45
C GLU A 153 6.10 -14.50 -3.71
N GLN A 154 5.98 -13.48 -4.57
CA GLN A 154 6.73 -13.40 -5.84
C GLN A 154 8.25 -13.34 -5.55
N LEU A 155 8.66 -12.32 -4.79
CA LEU A 155 10.08 -12.15 -4.44
C LEU A 155 10.56 -13.21 -3.40
N LEU A 156 9.63 -13.99 -2.82
CA LEU A 156 9.97 -15.16 -1.96
C LEU A 156 10.66 -16.23 -2.81
N SER A 157 10.13 -16.49 -4.03
CA SER A 157 10.80 -17.41 -4.98
C SER A 157 12.15 -16.83 -5.43
N GLU A 158 12.19 -15.50 -5.57
CA GLU A 158 13.42 -14.74 -5.89
C GLU A 158 14.50 -14.84 -4.77
N VAL A 159 14.10 -14.78 -3.47
CA VAL A 159 15.07 -14.80 -2.34
C VAL A 159 15.56 -16.24 -2.02
N GLN A 160 14.71 -17.25 -2.26
CA GLN A 160 15.10 -18.67 -2.10
C GLN A 160 16.01 -19.09 -3.27
N GLU A 161 15.87 -18.39 -4.41
CA GLU A 161 16.77 -18.53 -5.57
C GLU A 161 18.18 -17.99 -5.22
N ARG A 162 18.23 -16.75 -4.68
CA ARG A 162 19.51 -16.09 -4.33
C ARG A 162 20.17 -16.79 -3.12
N MET A 163 19.37 -17.59 -2.37
CA MET A 163 19.84 -18.43 -1.23
C MET A 163 20.99 -19.39 -1.65
N THR A 164 21.21 -19.55 -2.97
CA THR A 164 22.37 -20.25 -3.52
C THR A 164 23.71 -19.66 -3.01
N LEU A 165 23.69 -18.39 -2.54
CA LEU A 165 24.91 -17.70 -2.06
C LEU A 165 25.46 -18.36 -0.77
N SER A 166 24.57 -19.06 -0.03
CA SER A 166 24.91 -19.75 1.22
C SER A 166 25.25 -21.24 0.98
N GLY A 167 25.18 -21.68 -0.30
CA GLY A 167 25.49 -23.05 -0.69
C GLY A 167 25.85 -23.10 -2.17
N GLN A 168 27.16 -23.01 -2.47
CA GLN A 168 27.71 -22.81 -3.84
C GLN A 168 27.38 -21.37 -4.31
N LEU A 169 28.19 -20.42 -3.83
CA LEU A 169 27.98 -18.99 -4.07
C LEU A 169 28.24 -18.65 -5.54
N GLU A 170 27.19 -18.15 -6.20
CA GLU A 170 27.26 -17.58 -7.55
C GLU A 170 26.53 -16.22 -7.50
N PRO A 171 27.26 -15.08 -7.71
CA PRO A 171 26.70 -13.73 -7.47
C PRO A 171 25.93 -13.14 -8.69
N ILE A 172 25.17 -12.07 -8.41
CA ILE A 172 24.41 -11.30 -9.40
C ILE A 172 24.62 -9.80 -9.13
N LEU A 173 24.36 -8.97 -10.15
CA LEU A 173 24.47 -7.50 -10.03
C LEU A 173 23.22 -6.90 -9.32
N ALA A 174 23.43 -5.77 -8.64
CA ALA A 174 22.37 -5.02 -7.93
C ALA A 174 22.85 -3.58 -7.67
N ASP A 175 21.89 -2.64 -7.63
CA ASP A 175 22.17 -1.21 -7.40
C ASP A 175 22.48 -0.94 -5.93
N ASN A 176 23.38 0.04 -5.68
CA ASN A 176 23.71 0.52 -4.34
C ASN A 176 23.25 1.98 -4.23
N ASN A 177 22.07 2.18 -3.61
CA ASN A 177 21.44 3.50 -3.45
C ASN A 177 21.48 3.92 -1.98
N THR A 178 22.48 4.73 -1.62
CA THR A 178 22.67 5.24 -0.25
C THR A 178 22.01 6.62 -0.10
N ALA A 179 20.98 6.71 0.76
CA ALA A 179 20.35 7.97 1.11
C ALA A 179 21.28 8.75 2.07
N ALA A 180 22.10 9.64 1.49
CA ALA A 180 23.09 10.45 2.22
C ALA A 180 22.43 11.74 2.72
N GLY A 181 22.30 11.85 4.05
CA GLY A 181 21.66 13.01 4.69
C GLY A 181 22.21 13.22 6.09
N ARG A 182 22.71 14.44 6.35
CA ARG A 182 23.26 14.85 7.66
C ARG A 182 23.46 16.36 7.69
N LEU A 183 23.21 16.96 8.86
CA LEU A 183 23.52 18.36 9.15
C LEU A 183 23.65 18.45 10.67
N TRP A 184 24.90 18.44 11.16
CA TRP A 184 25.20 18.65 12.56
C TRP A 184 25.20 20.15 12.87
N ASP A 185 24.64 20.50 14.01
CA ASP A 185 24.59 21.89 14.50
C ASP A 185 24.55 21.86 16.03
N MET A 186 25.20 22.84 16.67
CA MET A 186 25.24 22.94 18.14
C MET A 186 25.42 24.42 18.53
N SER A 187 24.60 25.29 17.91
CA SER A 187 24.60 26.73 18.19
C SER A 187 23.90 27.02 19.54
N ALA A 188 24.70 27.05 20.61
CA ALA A 188 24.21 27.28 21.99
C ALA A 188 25.20 28.18 22.75
N GLY A 189 24.69 28.85 23.79
CA GLY A 189 25.49 29.77 24.61
C GLY A 189 25.07 29.74 26.07
N GLN A 190 26.06 29.67 26.98
CA GLN A 190 25.84 29.59 28.44
C GLN A 190 26.96 30.34 29.15
N LEU A 191 26.59 31.19 30.12
CA LEU A 191 27.55 31.96 30.93
C LEU A 191 27.76 31.21 32.27
N MET A 1 -4.85 -1.76 -16.60
CA MET A 1 -4.87 -2.10 -15.16
C MET A 1 -4.03 -1.06 -14.41
N LEU A 2 -4.65 -0.39 -13.40
CA LEU A 2 -4.05 0.78 -12.71
C LEU A 2 -2.79 0.34 -11.93
N THR A 3 -1.67 1.04 -12.19
CA THR A 3 -0.33 0.67 -11.73
C THR A 3 -0.04 1.26 -10.34
N LEU A 4 0.83 0.56 -9.58
CA LEU A 4 1.11 0.83 -8.15
C LEU A 4 1.92 2.14 -7.94
N ASP A 5 2.66 2.59 -8.98
CA ASP A 5 3.52 3.80 -8.93
C ASP A 5 2.70 5.08 -8.58
N THR A 6 1.38 5.00 -8.84
CA THR A 6 0.43 6.08 -8.56
C THR A 6 0.35 6.45 -7.05
N LEU A 7 0.71 5.50 -6.17
CA LEU A 7 0.74 5.76 -4.71
C LEU A 7 1.83 6.79 -4.34
N ASN A 8 3.00 6.72 -5.00
CA ASN A 8 4.12 7.66 -4.74
C ASN A 8 3.80 9.08 -5.24
N VAL A 9 2.98 9.21 -6.29
CA VAL A 9 2.65 10.55 -6.85
C VAL A 9 1.43 11.19 -6.16
N MET A 10 0.43 10.37 -5.73
CA MET A 10 -0.79 10.89 -5.05
C MET A 10 -0.48 11.29 -3.60
N LEU A 11 0.43 10.53 -2.94
CA LEU A 11 0.78 10.71 -1.52
C LEU A 11 2.10 11.49 -1.38
N ALA A 12 2.95 11.43 -2.42
CA ALA A 12 4.31 12.06 -2.43
C ALA A 12 5.23 11.48 -1.34
N VAL A 13 4.87 10.28 -0.82
CA VAL A 13 5.58 9.61 0.29
C VAL A 13 6.82 8.87 -0.20
N SER A 14 7.70 8.55 0.75
CA SER A 14 8.94 7.80 0.51
C SER A 14 8.63 6.31 0.34
N GLU A 15 8.87 5.78 -0.88
CA GLU A 15 8.66 4.37 -1.22
C GLU A 15 9.51 3.45 -0.33
N GLU A 16 10.76 3.87 -0.06
CA GLU A 16 11.71 3.10 0.77
C GLU A 16 11.22 2.93 2.23
N GLY A 17 10.25 3.77 2.65
CA GLY A 17 9.55 3.58 3.93
C GLY A 17 8.65 2.34 3.93
N LEU A 18 7.98 2.11 2.78
CA LEU A 18 7.14 0.92 2.56
C LEU A 18 8.03 -0.32 2.33
N ILE A 19 9.13 -0.12 1.58
CA ILE A 19 10.15 -1.15 1.32
C ILE A 19 10.77 -1.64 2.64
N GLU A 20 10.98 -0.68 3.57
CA GLU A 20 11.51 -0.96 4.92
C GLU A 20 10.59 -1.94 5.67
N GLU A 21 9.28 -1.60 5.73
CA GLU A 21 8.25 -2.44 6.35
C GLU A 21 8.18 -3.83 5.66
N MET A 22 8.45 -3.85 4.34
CA MET A 22 8.43 -5.07 3.51
C MET A 22 9.67 -5.96 3.83
N ILE A 23 10.81 -5.31 4.19
CA ILE A 23 12.04 -6.04 4.64
C ILE A 23 11.73 -6.87 5.88
N ILE A 24 11.15 -6.21 6.90
CA ILE A 24 10.78 -6.87 8.16
C ILE A 24 9.79 -8.03 7.90
N ALA A 25 8.76 -7.76 7.06
CA ALA A 25 7.70 -8.74 6.72
C ALA A 25 8.26 -9.97 5.97
N LEU A 26 9.23 -9.75 5.06
CA LEU A 26 9.80 -10.80 4.21
C LEU A 26 10.74 -11.70 5.03
N LEU A 27 11.53 -11.07 5.91
CA LEU A 27 12.44 -11.79 6.83
C LEU A 27 11.66 -12.45 7.99
N ALA A 28 10.43 -11.93 8.24
CA ALA A 28 9.49 -12.51 9.24
C ALA A 28 8.72 -13.71 8.67
N SER A 29 8.85 -13.96 7.35
CA SER A 29 8.27 -15.16 6.70
C SER A 29 8.78 -16.43 7.40
N PRO A 30 7.87 -17.40 7.77
CA PRO A 30 8.22 -18.60 8.61
C PRO A 30 9.35 -19.45 8.00
N GLN A 31 9.49 -19.38 6.66
CA GLN A 31 10.55 -20.04 5.90
C GLN A 31 11.94 -19.46 6.24
N LEU A 32 12.05 -18.12 6.23
CA LEU A 32 13.31 -17.42 6.58
C LEU A 32 13.55 -17.46 8.08
N ALA A 33 12.45 -17.38 8.86
CA ALA A 33 12.48 -17.37 10.34
C ALA A 33 13.12 -18.66 10.89
N VAL A 34 12.77 -19.82 10.28
CA VAL A 34 13.37 -21.11 10.65
C VAL A 34 14.78 -21.25 10.02
N PHE A 35 14.99 -20.67 8.80
CA PHE A 35 16.29 -20.70 8.08
C PHE A 35 17.40 -20.07 8.94
N PHE A 36 17.02 -19.02 9.70
CA PHE A 36 17.94 -18.31 10.61
C PHE A 36 18.51 -19.24 11.70
N GLU A 37 17.68 -20.20 12.13
CA GLU A 37 18.02 -21.22 13.13
C GLU A 37 18.80 -22.39 12.48
N LYS A 38 18.36 -22.79 11.28
CA LYS A 38 18.92 -23.94 10.54
C LYS A 38 20.38 -23.70 10.14
N PHE A 39 20.65 -22.48 9.63
CA PHE A 39 21.96 -22.07 9.13
C PHE A 39 22.38 -20.76 9.85
N PRO A 40 23.26 -20.87 10.91
CA PRO A 40 23.58 -19.74 11.82
C PRO A 40 24.33 -18.57 11.14
N ARG A 41 25.11 -18.86 10.07
CA ARG A 41 25.87 -17.82 9.34
C ARG A 41 25.15 -17.35 8.07
N LEU A 42 24.45 -18.27 7.37
CA LEU A 42 23.82 -17.96 6.07
C LEU A 42 22.61 -17.01 6.22
N LYS A 43 22.09 -16.90 7.46
CA LYS A 43 21.07 -15.90 7.82
C LYS A 43 21.63 -14.47 7.64
N ALA A 44 22.95 -14.32 7.90
CA ALA A 44 23.66 -13.04 7.80
C ALA A 44 23.67 -12.52 6.36
N ALA A 45 23.80 -13.45 5.38
CA ALA A 45 23.76 -13.10 3.94
C ALA A 45 22.42 -12.42 3.56
N ILE A 46 21.30 -13.03 4.01
CA ILE A 46 19.94 -12.50 3.80
C ILE A 46 19.77 -11.11 4.46
N THR A 47 20.09 -11.05 5.77
CA THR A 47 19.91 -9.84 6.59
C THR A 47 20.84 -8.69 6.15
N ASP A 48 21.94 -9.05 5.45
CA ASP A 48 22.94 -8.08 4.95
C ASP A 48 22.49 -7.48 3.59
N ASP A 49 21.78 -8.31 2.81
CA ASP A 49 21.40 -8.06 1.41
C ASP A 49 20.13 -7.18 1.29
N VAL A 50 19.88 -6.32 2.31
CA VAL A 50 18.69 -5.44 2.43
C VAL A 50 18.42 -4.55 1.17
N PRO A 51 19.44 -3.78 0.59
CA PRO A 51 19.22 -2.92 -0.61
C PRO A 51 18.76 -3.68 -1.88
N ARG A 52 18.96 -5.01 -1.89
CA ARG A 52 18.55 -5.88 -3.01
C ARG A 52 17.03 -5.86 -3.19
N TRP A 53 16.30 -6.00 -2.06
CA TRP A 53 14.83 -5.93 -2.03
C TRP A 53 14.35 -4.56 -2.52
N ARG A 54 15.09 -3.50 -2.17
CA ARG A 54 14.78 -2.14 -2.60
C ARG A 54 14.82 -2.03 -4.14
N GLU A 55 15.90 -2.58 -4.75
CA GLU A 55 16.10 -2.57 -6.23
C GLU A 55 14.92 -3.27 -6.94
N ALA A 56 14.55 -4.44 -6.40
CA ALA A 56 13.45 -5.26 -6.92
C ALA A 56 12.13 -4.49 -6.88
N LEU A 57 11.80 -3.94 -5.69
CA LEU A 57 10.51 -3.24 -5.44
C LEU A 57 10.42 -1.90 -6.18
N ARG A 58 11.58 -1.25 -6.43
CA ARG A 58 11.67 0.00 -7.24
C ARG A 58 11.16 -0.27 -8.66
N SER A 59 11.64 -1.38 -9.24
CA SER A 59 11.20 -1.85 -10.57
C SER A 59 9.78 -2.44 -10.51
N ARG A 60 9.48 -3.15 -9.41
CA ARG A 60 8.26 -3.94 -9.26
C ARG A 60 7.06 -3.04 -8.89
N LEU A 61 7.30 -1.81 -8.44
CA LEU A 61 6.21 -0.86 -8.14
C LEU A 61 5.57 -0.38 -9.47
N LYS A 62 6.44 -0.17 -10.48
CA LYS A 62 6.04 0.24 -11.82
C LYS A 62 5.48 -0.97 -12.62
N ASP A 63 5.88 -2.19 -12.23
CA ASP A 63 5.37 -3.43 -12.83
C ASP A 63 4.01 -3.83 -12.25
N ALA A 64 3.92 -3.81 -10.91
CA ALA A 64 2.75 -4.29 -10.15
C ALA A 64 1.62 -3.25 -10.15
N ARG A 65 0.45 -3.66 -9.66
CA ARG A 65 -0.80 -2.88 -9.77
C ARG A 65 -1.36 -2.56 -8.37
N VAL A 66 -2.27 -1.58 -8.33
CA VAL A 66 -2.97 -1.19 -7.10
C VAL A 66 -4.10 -2.22 -6.78
N PRO A 67 -4.57 -2.29 -5.49
CA PRO A 67 -5.78 -3.08 -5.13
C PRO A 67 -7.00 -2.71 -6.03
N PRO A 68 -7.77 -3.72 -6.58
CA PRO A 68 -8.96 -3.50 -7.45
C PRO A 68 -10.01 -2.53 -6.86
N GLU A 69 -10.06 -2.42 -5.52
CA GLU A 69 -10.91 -1.45 -4.82
C GLU A 69 -10.37 -0.03 -5.05
N LEU A 70 -9.05 0.14 -4.75
CA LEU A 70 -8.34 1.42 -4.91
C LEU A 70 -8.29 1.84 -6.38
N THR A 71 -8.39 0.87 -7.30
CA THR A 71 -8.39 1.11 -8.76
C THR A 71 -9.49 2.12 -9.15
N GLU A 72 -10.72 1.83 -8.69
CA GLU A 72 -11.89 2.68 -8.99
C GLU A 72 -11.86 3.97 -8.14
N GLU A 73 -11.22 3.91 -6.95
CA GLU A 73 -11.12 5.05 -6.00
C GLU A 73 -10.16 6.14 -6.52
N VAL A 74 -9.05 5.72 -7.17
CA VAL A 74 -8.08 6.65 -7.79
C VAL A 74 -8.62 7.12 -9.15
N MET A 75 -9.34 6.23 -9.86
CA MET A 75 -10.03 6.59 -11.13
C MET A 75 -11.20 7.56 -10.86
N CYS A 76 -11.72 7.52 -9.62
CA CYS A 76 -12.72 8.48 -9.13
C CYS A 76 -12.03 9.78 -8.71
N TYR A 77 -10.87 9.67 -8.04
CA TYR A 77 -10.06 10.81 -7.57
C TYR A 77 -9.63 11.73 -8.74
N GLN A 78 -9.11 11.10 -9.81
CA GLN A 78 -8.55 11.82 -10.98
C GLN A 78 -9.65 12.55 -11.75
N GLN A 79 -10.83 11.92 -11.94
CA GLN A 79 -11.96 12.54 -12.66
C GLN A 79 -12.61 13.63 -11.81
N SER A 80 -12.49 13.51 -10.47
CA SER A 80 -13.05 14.49 -9.52
C SER A 80 -12.16 15.74 -9.39
N GLN A 81 -10.85 15.63 -9.67
CA GLN A 81 -9.95 16.81 -9.76
C GLN A 81 -9.91 17.38 -11.20
N LEU A 82 -10.44 16.60 -12.16
CA LEU A 82 -10.70 17.08 -13.54
C LEU A 82 -12.19 17.46 -13.70
N LEU A 83 -12.93 17.45 -12.58
CA LEU A 83 -14.38 17.71 -12.55
C LEU A 83 -14.65 19.21 -12.51
N SER A 84 -15.14 19.76 -13.63
CA SER A 84 -15.40 21.21 -13.79
C SER A 84 -16.44 21.69 -12.75
N THR A 85 -16.38 22.99 -12.39
CA THR A 85 -17.16 23.57 -11.28
C THR A 85 -18.73 23.47 -11.44
N PRO A 86 -19.36 23.57 -12.68
CA PRO A 86 -20.81 23.25 -12.83
C PRO A 86 -21.08 21.73 -12.71
N GLN A 87 -20.15 20.94 -13.27
CA GLN A 87 -20.24 19.45 -13.28
C GLN A 87 -20.05 18.89 -11.86
N PHE A 88 -19.38 19.65 -10.98
CA PHE A 88 -19.07 19.24 -9.60
C PHE A 88 -20.35 19.11 -8.76
N ILE A 89 -21.35 19.96 -9.06
CA ILE A 89 -22.63 19.98 -8.34
C ILE A 89 -23.48 18.75 -8.70
N VAL A 90 -23.66 18.49 -9.99
CA VAL A 90 -24.45 17.34 -10.48
C VAL A 90 -23.72 16.00 -10.24
N GLN A 91 -22.37 16.02 -10.22
CA GLN A 91 -21.53 14.84 -9.91
C GLN A 91 -21.14 14.78 -8.42
N LEU A 92 -21.69 15.71 -7.59
CA LEU A 92 -21.52 15.66 -6.12
C LEU A 92 -22.06 14.32 -5.55
N PRO A 93 -23.35 13.90 -5.79
CA PRO A 93 -23.87 12.62 -5.27
C PRO A 93 -23.40 11.41 -6.12
N GLN A 94 -22.78 11.68 -7.30
CA GLN A 94 -22.30 10.64 -8.23
C GLN A 94 -20.94 10.09 -7.80
N ILE A 95 -20.06 10.95 -7.24
CA ILE A 95 -18.76 10.49 -6.65
C ILE A 95 -19.05 9.68 -5.38
N LEU A 96 -20.04 10.14 -4.60
CA LEU A 96 -20.52 9.45 -3.38
C LEU A 96 -21.14 8.09 -3.75
N ASP A 97 -21.77 8.03 -4.93
CA ASP A 97 -22.35 6.80 -5.50
C ASP A 97 -21.24 5.81 -5.91
N LEU A 98 -20.15 6.34 -6.51
CA LEU A 98 -18.99 5.53 -6.95
C LEU A 98 -18.36 4.84 -5.71
N LEU A 99 -18.18 5.64 -4.65
CA LEU A 99 -17.63 5.19 -3.37
C LEU A 99 -18.62 4.25 -2.64
N HIS A 100 -19.93 4.41 -2.92
CA HIS A 100 -21.00 3.56 -2.33
C HIS A 100 -20.95 2.13 -2.90
N ARG A 101 -20.56 1.98 -4.19
CA ARG A 101 -20.52 0.68 -4.89
C ARG A 101 -19.46 -0.26 -4.26
N LEU A 102 -18.25 0.30 -4.06
CA LEU A 102 -17.12 -0.44 -3.46
C LEU A 102 -17.09 -0.29 -1.92
N ASN A 103 -17.98 0.58 -1.39
CA ASN A 103 -18.23 0.75 0.06
C ASN A 103 -16.98 1.35 0.79
N SER A 104 -16.42 2.42 0.19
CA SER A 104 -15.26 3.19 0.74
C SER A 104 -15.50 3.61 2.22
N PRO A 105 -14.43 3.57 3.09
CA PRO A 105 -14.54 4.01 4.51
C PRO A 105 -14.86 5.51 4.63
N TRP A 106 -14.34 6.30 3.66
CA TRP A 106 -14.51 7.76 3.64
C TRP A 106 -15.92 8.16 3.17
N ALA A 107 -16.67 7.22 2.55
CA ALA A 107 -18.06 7.46 2.09
C ALA A 107 -18.98 7.82 3.28
N GLU A 108 -18.64 7.30 4.48
CA GLU A 108 -19.31 7.65 5.75
C GLU A 108 -19.14 9.16 6.05
N GLN A 109 -17.88 9.61 6.04
CA GLN A 109 -17.50 10.99 6.39
C GLN A 109 -18.00 12.00 5.35
N ALA A 110 -17.93 11.57 4.08
CA ALA A 110 -18.33 12.38 2.92
C ALA A 110 -19.85 12.57 2.89
N ARG A 111 -20.59 11.55 3.34
CA ARG A 111 -22.05 11.60 3.50
C ARG A 111 -22.44 12.68 4.52
N GLN A 112 -21.86 12.55 5.74
CA GLN A 112 -22.11 13.50 6.86
C GLN A 112 -21.71 14.94 6.46
N LEU A 113 -20.64 15.04 5.66
CA LEU A 113 -20.07 16.31 5.19
C LEU A 113 -21.07 17.08 4.32
N VAL A 114 -21.65 16.38 3.34
CA VAL A 114 -22.54 16.99 2.33
C VAL A 114 -23.97 17.16 2.88
N ASP A 115 -24.32 16.37 3.91
CA ASP A 115 -25.62 16.50 4.62
C ASP A 115 -25.59 17.71 5.56
N ALA A 116 -24.43 17.94 6.19
CA ALA A 116 -24.21 19.09 7.08
C ALA A 116 -24.09 20.40 6.27
N ASN A 117 -23.55 20.29 5.04
CA ASN A 117 -23.40 21.45 4.14
C ASN A 117 -23.40 20.96 2.67
N SER A 118 -24.52 21.20 1.97
CA SER A 118 -24.69 20.88 0.55
C SER A 118 -24.39 22.11 -0.34
N THR A 119 -24.40 23.32 0.28
CA THR A 119 -24.08 24.59 -0.39
C THR A 119 -22.55 24.77 -0.49
N ILE A 120 -21.94 23.93 -1.34
CA ILE A 120 -20.49 23.93 -1.62
C ILE A 120 -20.11 25.25 -2.35
N THR A 121 -19.32 26.10 -1.69
CA THR A 121 -18.94 27.41 -2.22
C THR A 121 -17.50 27.37 -2.76
N SER A 122 -16.51 27.31 -1.86
CA SER A 122 -15.09 27.40 -2.23
C SER A 122 -14.23 26.55 -1.29
N ALA A 123 -14.36 26.83 0.02
CA ALA A 123 -13.57 26.15 1.07
C ALA A 123 -13.93 24.66 1.17
N LEU A 124 -15.23 24.35 1.07
CA LEU A 124 -15.73 22.97 1.11
C LEU A 124 -15.28 22.18 -0.14
N HIS A 125 -15.21 22.87 -1.30
CA HIS A 125 -14.70 22.29 -2.56
C HIS A 125 -13.22 21.89 -2.42
N THR A 126 -12.45 22.79 -1.78
CA THR A 126 -11.03 22.57 -1.50
C THR A 126 -10.84 21.34 -0.59
N LEU A 127 -11.62 21.31 0.51
CA LEU A 127 -11.58 20.22 1.51
C LEU A 127 -12.12 18.91 0.95
N PHE A 128 -13.03 18.95 -0.04
CA PHE A 128 -13.68 17.73 -0.57
C PHE A 128 -12.64 16.79 -1.22
N LEU A 129 -11.74 17.40 -2.01
CA LEU A 129 -10.66 16.67 -2.71
C LEU A 129 -9.50 16.34 -1.76
N GLN A 130 -9.09 17.34 -0.95
CA GLN A 130 -7.92 17.22 -0.05
C GLN A 130 -8.17 16.25 1.11
N ARG A 131 -9.43 16.16 1.58
CA ARG A 131 -9.80 15.31 2.73
C ARG A 131 -9.93 13.84 2.30
N TRP A 132 -10.18 13.61 1.00
CA TRP A 132 -10.08 12.29 0.39
C TRP A 132 -8.58 11.92 0.22
N ARG A 133 -7.79 12.91 -0.22
CA ARG A 133 -6.34 12.77 -0.49
C ARG A 133 -5.54 12.41 0.80
N LEU A 134 -5.91 13.01 1.94
CA LEU A 134 -5.25 12.72 3.24
C LEU A 134 -5.72 11.36 3.78
N SER A 135 -7.00 11.00 3.50
CA SER A 135 -7.57 9.68 3.87
C SER A 135 -6.87 8.56 3.09
N LEU A 136 -6.43 8.86 1.84
CA LEU A 136 -5.67 7.92 0.98
C LEU A 136 -4.35 7.47 1.65
N ILE A 137 -3.78 8.30 2.56
CA ILE A 137 -2.52 7.97 3.28
C ILE A 137 -2.75 6.84 4.30
N VAL A 138 -3.68 7.07 5.24
CA VAL A 138 -4.01 6.09 6.29
C VAL A 138 -4.71 4.86 5.70
N GLN A 139 -5.39 5.05 4.55
CA GLN A 139 -6.04 3.96 3.80
C GLN A 139 -4.98 3.11 3.07
N ALA A 140 -3.92 3.78 2.55
CA ALA A 140 -2.76 3.13 1.90
C ALA A 140 -2.01 2.23 2.88
N THR A 141 -2.11 2.56 4.17
CA THR A 141 -1.56 1.72 5.25
C THR A 141 -2.17 0.29 5.22
N THR A 142 -3.45 0.19 4.82
CA THR A 142 -4.14 -1.11 4.65
C THR A 142 -3.84 -1.72 3.27
N LEU A 143 -4.02 -0.90 2.22
CA LEU A 143 -3.91 -1.31 0.80
C LEU A 143 -2.54 -1.93 0.49
N ASN A 144 -1.48 -1.19 0.89
CA ASN A 144 -0.08 -1.58 0.67
C ASN A 144 0.41 -2.63 1.69
N GLN A 145 -0.34 -2.81 2.80
CA GLN A 145 -0.06 -3.89 3.79
C GLN A 145 -0.50 -5.25 3.21
N GLN A 146 -1.69 -5.24 2.59
CA GLN A 146 -2.23 -6.40 1.86
C GLN A 146 -1.34 -6.71 0.65
N LEU A 147 -0.81 -5.64 0.02
CA LEU A 147 0.09 -5.76 -1.13
C LEU A 147 1.39 -6.47 -0.72
N LEU A 148 2.09 -5.96 0.31
CA LEU A 148 3.40 -6.51 0.73
C LEU A 148 3.24 -7.96 1.22
N GLU A 149 2.01 -8.32 1.65
CA GLU A 149 1.65 -9.67 2.08
C GLU A 149 1.50 -10.61 0.85
N GLU A 150 0.79 -10.14 -0.19
CA GLU A 150 0.58 -10.91 -1.45
C GLU A 150 1.90 -11.08 -2.21
N GLU A 151 2.60 -9.96 -2.40
CA GLU A 151 3.91 -9.89 -3.06
C GLU A 151 4.92 -10.81 -2.36
N ARG A 152 4.89 -10.84 -1.01
CA ARG A 152 5.79 -11.66 -0.17
C ARG A 152 5.75 -13.17 -0.54
N GLU A 153 4.64 -13.64 -1.13
CA GLU A 153 4.52 -15.04 -1.63
C GLU A 153 5.48 -15.29 -2.82
N GLN A 154 5.36 -14.42 -3.85
CA GLN A 154 6.17 -14.53 -5.09
C GLN A 154 7.63 -14.13 -4.82
N LEU A 155 7.79 -13.25 -3.83
CA LEU A 155 9.08 -12.72 -3.37
C LEU A 155 9.78 -13.80 -2.52
N LEU A 156 8.97 -14.60 -1.79
CA LEU A 156 9.47 -15.77 -1.03
C LEU A 156 10.16 -16.74 -1.99
N SER A 157 9.50 -17.01 -3.14
CA SER A 157 10.09 -17.83 -4.23
C SER A 157 11.45 -17.25 -4.66
N GLU A 158 11.49 -15.92 -4.88
CA GLU A 158 12.71 -15.19 -5.32
C GLU A 158 13.87 -15.38 -4.33
N VAL A 159 13.59 -15.26 -3.02
CA VAL A 159 14.65 -15.36 -1.99
C VAL A 159 15.04 -16.83 -1.74
N GLN A 160 14.14 -17.79 -2.05
CA GLN A 160 14.48 -19.23 -2.07
C GLN A 160 15.56 -19.47 -3.13
N GLU A 161 15.41 -18.80 -4.29
CA GLU A 161 16.41 -18.79 -5.36
C GLU A 161 17.74 -18.15 -4.89
N ARG A 162 17.68 -16.99 -4.17
CA ARG A 162 18.90 -16.23 -3.81
C ARG A 162 19.78 -16.98 -2.78
N MET A 163 19.15 -17.83 -1.92
CA MET A 163 19.86 -18.56 -0.83
C MET A 163 20.84 -19.63 -1.35
N THR A 164 20.86 -19.86 -2.69
CA THR A 164 21.88 -20.69 -3.36
C THR A 164 23.31 -20.05 -3.23
N LEU A 165 23.38 -18.75 -2.80
CA LEU A 165 24.66 -18.01 -2.62
C LEU A 165 25.52 -18.60 -1.45
N SER A 166 25.01 -19.66 -0.81
CA SER A 166 25.73 -20.45 0.21
C SER A 166 27.08 -20.97 -0.33
N GLY A 167 27.10 -21.37 -1.61
CA GLY A 167 28.33 -21.85 -2.27
C GLY A 167 29.16 -20.73 -2.90
N GLN A 168 28.76 -19.47 -2.65
CA GLN A 168 29.41 -18.26 -3.20
C GLN A 168 30.02 -17.42 -2.06
N LEU A 169 30.63 -16.28 -2.41
CA LEU A 169 31.23 -15.34 -1.42
C LEU A 169 30.12 -14.45 -0.82
N GLU A 170 30.16 -14.32 0.51
CA GLU A 170 29.20 -13.53 1.29
C GLU A 170 29.45 -12.00 1.13
N PRO A 171 28.38 -11.15 1.07
CA PRO A 171 28.51 -9.67 1.13
C PRO A 171 28.62 -9.16 2.59
N ILE A 172 29.41 -8.08 2.81
CA ILE A 172 29.54 -7.42 4.13
C ILE A 172 29.24 -5.91 3.97
N LEU A 173 27.98 -5.54 4.22
CA LEU A 173 27.52 -4.14 4.37
C LEU A 173 27.34 -3.86 5.88
N ALA A 174 27.65 -2.62 6.30
CA ALA A 174 27.74 -2.28 7.75
C ALA A 174 26.87 -1.06 8.10
N ASP A 175 25.54 -1.19 7.91
CA ASP A 175 24.52 -0.23 8.38
C ASP A 175 23.11 -0.83 8.20
N ASN A 176 22.15 -0.30 8.97
CA ASN A 176 20.73 -0.75 8.94
C ASN A 176 19.82 0.34 9.54
N ASN A 177 18.53 0.30 9.17
CA ASN A 177 17.50 1.20 9.73
C ASN A 177 17.11 0.75 11.16
N THR A 178 16.84 1.73 12.04
CA THR A 178 16.39 1.50 13.44
C THR A 178 15.00 2.14 13.63
N ALA A 179 14.08 1.39 14.27
CA ALA A 179 12.70 1.86 14.51
C ALA A 179 12.59 2.59 15.85
N ALA A 180 11.89 3.74 15.84
CA ALA A 180 11.61 4.56 17.03
C ALA A 180 10.36 5.42 16.79
N GLY A 181 9.49 5.51 17.81
CA GLY A 181 8.23 6.28 17.70
C GLY A 181 7.02 5.39 17.95
N ARG A 182 6.55 5.37 19.22
CA ARG A 182 5.42 4.53 19.66
C ARG A 182 4.21 5.44 19.98
N LEU A 183 3.04 5.07 19.44
CA LEU A 183 1.78 5.79 19.67
C LEU A 183 1.33 5.62 21.13
N TRP A 184 1.53 6.67 21.95
CA TRP A 184 1.03 6.69 23.33
C TRP A 184 -0.44 7.16 23.32
N ASP A 185 -1.35 6.19 23.24
CA ASP A 185 -2.79 6.43 23.33
C ASP A 185 -3.19 6.51 24.82
N MET A 186 -3.64 7.70 25.27
CA MET A 186 -4.09 7.91 26.67
C MET A 186 -5.41 7.16 26.94
N SER A 187 -5.65 6.82 28.21
CA SER A 187 -6.89 6.12 28.64
C SER A 187 -7.96 7.14 29.08
N ALA A 188 -9.23 6.69 29.09
CA ALA A 188 -10.37 7.54 29.51
C ALA A 188 -11.55 6.69 29.99
N GLY A 189 -12.36 7.26 30.89
CA GLY A 189 -13.66 6.69 31.26
C GLY A 189 -14.77 7.23 30.38
N GLN A 190 -16.04 6.95 30.77
CA GLN A 190 -17.23 7.42 30.03
C GLN A 190 -18.24 8.06 31.01
N LEU A 191 -18.94 7.24 31.82
CA LEU A 191 -19.97 7.70 32.77
C LEU A 191 -20.44 6.46 33.54
N MET A 1 -4.79 -1.08 -18.65
CA MET A 1 -4.77 0.37 -18.92
C MET A 1 -3.81 1.09 -17.94
N LEU A 2 -4.14 1.01 -16.64
CA LEU A 2 -3.43 1.74 -15.58
C LEU A 2 -2.28 0.90 -15.00
N THR A 3 -1.16 1.57 -14.68
CA THR A 3 0.02 0.96 -14.04
C THR A 3 0.25 1.59 -12.65
N LEU A 4 0.88 0.81 -11.74
CA LEU A 4 1.02 1.16 -10.31
C LEU A 4 1.98 2.37 -10.10
N ASP A 5 2.86 2.65 -11.08
CA ASP A 5 3.77 3.82 -11.06
C ASP A 5 3.01 5.17 -11.17
N THR A 6 1.68 5.14 -11.41
CA THR A 6 0.81 6.33 -11.25
C THR A 6 0.75 6.80 -9.78
N LEU A 7 0.66 5.82 -8.86
CA LEU A 7 0.36 6.02 -7.44
C LEU A 7 1.40 6.91 -6.73
N ASN A 8 2.68 6.54 -6.84
CA ASN A 8 3.78 7.25 -6.14
C ASN A 8 3.92 8.71 -6.59
N VAL A 9 3.53 8.98 -7.86
CA VAL A 9 3.60 10.32 -8.45
C VAL A 9 2.44 11.20 -7.94
N MET A 10 1.19 10.70 -8.12
CA MET A 10 -0.03 11.47 -7.83
C MET A 10 -0.19 11.69 -6.30
N LEU A 11 0.17 10.67 -5.51
CA LEU A 11 0.08 10.70 -4.02
C LEU A 11 1.32 11.40 -3.42
N ALA A 12 2.38 11.54 -4.25
CA ALA A 12 3.69 12.15 -3.88
C ALA A 12 4.44 11.29 -2.83
N VAL A 13 4.08 9.99 -2.74
CA VAL A 13 4.70 9.05 -1.77
C VAL A 13 5.97 8.44 -2.37
N SER A 14 6.98 8.26 -1.53
CA SER A 14 8.25 7.61 -1.90
C SER A 14 8.14 6.10 -1.62
N GLU A 15 8.58 5.28 -2.58
CA GLU A 15 8.41 3.81 -2.54
C GLU A 15 9.11 3.20 -1.34
N GLU A 16 10.25 3.78 -0.95
CA GLU A 16 11.19 3.22 0.06
C GLU A 16 10.53 2.91 1.41
N GLY A 17 9.50 3.70 1.78
CA GLY A 17 8.72 3.44 2.99
C GLY A 17 7.84 2.20 2.88
N LEU A 18 7.25 2.01 1.69
CA LEU A 18 6.42 0.82 1.37
C LEU A 18 7.31 -0.43 1.17
N ILE A 19 8.54 -0.19 0.67
CA ILE A 19 9.56 -1.24 0.48
C ILE A 19 10.12 -1.68 1.83
N GLU A 20 10.17 -0.75 2.79
CA GLU A 20 10.57 -1.05 4.19
C GLU A 20 9.56 -2.03 4.82
N GLU A 21 8.27 -1.74 4.61
CA GLU A 21 7.16 -2.60 5.08
C GLU A 21 7.19 -3.97 4.38
N MET A 22 7.61 -3.94 3.09
CA MET A 22 7.82 -5.15 2.26
C MET A 22 8.91 -6.05 2.89
N ILE A 23 9.97 -5.42 3.47
CA ILE A 23 11.06 -6.14 4.18
C ILE A 23 10.46 -6.96 5.33
N ILE A 24 9.68 -6.26 6.19
CA ILE A 24 9.00 -6.87 7.36
C ILE A 24 8.16 -8.10 6.94
N ALA A 25 7.40 -7.94 5.85
CA ALA A 25 6.50 -8.98 5.32
C ALA A 25 7.27 -10.21 4.80
N LEU A 26 8.40 -9.97 4.11
CA LEU A 26 9.29 -11.04 3.59
C LEU A 26 9.95 -11.80 4.76
N LEU A 27 10.33 -11.06 5.80
CA LEU A 27 10.95 -11.62 7.02
C LEU A 27 9.90 -12.34 7.89
N ALA A 28 8.62 -11.97 7.70
CA ALA A 28 7.46 -12.61 8.37
C ALA A 28 6.90 -13.79 7.55
N SER A 29 7.50 -14.05 6.36
CA SER A 29 7.11 -15.18 5.50
C SER A 29 7.61 -16.52 6.12
N PRO A 30 6.77 -17.62 6.07
CA PRO A 30 7.10 -18.94 6.70
C PRO A 30 8.50 -19.51 6.34
N GLN A 31 8.97 -19.15 5.13
CA GLN A 31 10.32 -19.53 4.63
C GLN A 31 11.42 -18.98 5.53
N LEU A 32 11.35 -17.66 5.81
CA LEU A 32 12.32 -16.99 6.67
C LEU A 32 11.99 -17.21 8.15
N ALA A 33 10.70 -17.49 8.45
CA ALA A 33 10.24 -17.76 9.83
C ALA A 33 10.99 -18.98 10.40
N VAL A 34 11.01 -20.08 9.62
CA VAL A 34 11.71 -21.32 10.01
C VAL A 34 13.24 -21.11 9.98
N PHE A 35 13.73 -20.21 9.09
CA PHE A 35 15.17 -19.86 9.02
C PHE A 35 15.61 -19.13 10.31
N PHE A 36 14.71 -18.30 10.87
CA PHE A 36 14.96 -17.53 12.11
C PHE A 36 14.91 -18.48 13.33
N GLU A 37 14.12 -19.57 13.22
CA GLU A 37 14.03 -20.61 14.25
C GLU A 37 15.32 -21.45 14.32
N LYS A 38 15.72 -21.99 13.16
CA LYS A 38 16.86 -22.92 13.03
C LYS A 38 18.20 -22.18 13.12
N PHE A 39 18.20 -20.94 12.60
CA PHE A 39 19.40 -20.08 12.49
C PHE A 39 19.10 -18.67 13.09
N PRO A 40 18.96 -18.56 14.47
CA PRO A 40 18.57 -17.29 15.13
C PRO A 40 19.56 -16.12 14.94
N ARG A 41 20.86 -16.43 14.81
CA ARG A 41 21.90 -15.40 14.61
C ARG A 41 22.00 -15.00 13.13
N LEU A 42 21.74 -15.96 12.25
CA LEU A 42 21.97 -15.83 10.79
C LEU A 42 20.88 -14.97 10.12
N LYS A 43 19.76 -14.75 10.83
CA LYS A 43 18.70 -13.80 10.42
C LYS A 43 19.27 -12.38 10.23
N ALA A 44 20.31 -12.06 11.03
CA ALA A 44 20.98 -10.75 11.06
C ALA A 44 21.49 -10.34 9.67
N ALA A 45 21.90 -11.35 8.88
CA ALA A 45 22.37 -11.16 7.50
C ALA A 45 21.27 -10.51 6.62
N ILE A 46 20.07 -11.10 6.69
CA ILE A 46 18.89 -10.68 5.88
C ILE A 46 18.38 -9.29 6.35
N THR A 47 18.31 -9.12 7.68
CA THR A 47 17.81 -7.88 8.33
C THR A 47 18.78 -6.70 8.13
N ASP A 48 20.07 -7.03 7.87
CA ASP A 48 21.14 -6.04 7.62
C ASP A 48 21.13 -5.60 6.14
N ASP A 49 20.82 -6.55 5.25
CA ASP A 49 20.98 -6.40 3.79
C ASP A 49 19.69 -5.88 3.10
N VAL A 50 18.91 -5.08 3.85
CA VAL A 50 17.63 -4.42 3.44
C VAL A 50 17.66 -3.66 2.05
N PRO A 51 18.69 -2.76 1.74
CA PRO A 51 18.69 -1.90 0.50
C PRO A 51 18.55 -2.66 -0.86
N ARG A 52 18.77 -3.99 -0.84
CA ARG A 52 18.73 -4.84 -2.06
C ARG A 52 17.30 -4.97 -2.63
N TRP A 53 16.30 -5.09 -1.73
CA TRP A 53 14.87 -5.18 -2.12
C TRP A 53 14.38 -3.91 -2.85
N ARG A 54 15.03 -2.77 -2.59
CA ARG A 54 14.60 -1.47 -3.11
C ARG A 54 14.61 -1.44 -4.66
N GLU A 55 15.77 -1.78 -5.26
CA GLU A 55 15.94 -1.77 -6.74
C GLU A 55 14.95 -2.73 -7.44
N ALA A 56 14.61 -3.83 -6.73
CA ALA A 56 13.65 -4.83 -7.24
C ALA A 56 12.27 -4.18 -7.45
N LEU A 57 11.74 -3.55 -6.39
CA LEU A 57 10.42 -2.89 -6.40
C LEU A 57 10.42 -1.57 -7.21
N ARG A 58 11.59 -0.93 -7.35
CA ARG A 58 11.76 0.29 -8.17
C ARG A 58 11.45 0.00 -9.67
N SER A 59 12.04 -1.10 -10.18
CA SER A 59 11.81 -1.58 -11.55
C SER A 59 10.40 -2.23 -11.66
N ARG A 60 10.05 -3.01 -10.62
CA ARG A 60 8.79 -3.77 -10.55
C ARG A 60 7.60 -2.79 -10.55
N LEU A 61 7.77 -1.59 -9.96
CA LEU A 61 6.72 -0.54 -9.87
C LEU A 61 6.15 -0.19 -11.26
N LYS A 62 7.04 -0.18 -12.26
CA LYS A 62 6.70 0.10 -13.66
C LYS A 62 6.02 -1.12 -14.30
N ASP A 63 6.50 -2.32 -13.91
CA ASP A 63 5.90 -3.62 -14.36
C ASP A 63 4.64 -4.00 -13.53
N ALA A 64 4.35 -3.21 -12.47
CA ALA A 64 3.37 -3.58 -11.44
C ALA A 64 1.95 -3.33 -11.92
N ARG A 65 1.10 -4.34 -11.69
CA ARG A 65 -0.31 -4.33 -12.06
C ARG A 65 -1.11 -3.59 -10.99
N VAL A 66 -2.25 -3.06 -11.38
CA VAL A 66 -3.18 -2.39 -10.48
C VAL A 66 -4.30 -3.37 -10.09
N PRO A 67 -4.52 -3.62 -8.76
CA PRO A 67 -5.73 -4.35 -8.29
C PRO A 67 -7.02 -3.59 -8.72
N PRO A 68 -8.06 -4.30 -9.27
CA PRO A 68 -9.30 -3.64 -9.81
C PRO A 68 -10.02 -2.72 -8.80
N GLU A 69 -9.80 -2.97 -7.49
CA GLU A 69 -10.32 -2.11 -6.40
C GLU A 69 -9.63 -0.71 -6.41
N LEU A 70 -8.30 -0.71 -6.65
CA LEU A 70 -7.49 0.53 -6.77
C LEU A 70 -7.95 1.30 -8.01
N THR A 71 -8.18 0.57 -9.12
CA THR A 71 -8.57 1.16 -10.40
C THR A 71 -9.78 2.10 -10.24
N GLU A 72 -10.82 1.62 -9.56
CA GLU A 72 -12.06 2.40 -9.34
C GLU A 72 -11.82 3.61 -8.42
N GLU A 73 -10.94 3.42 -7.43
CA GLU A 73 -10.58 4.44 -6.41
C GLU A 73 -9.96 5.69 -7.09
N VAL A 74 -8.98 5.43 -7.99
CA VAL A 74 -8.24 6.49 -8.69
C VAL A 74 -9.08 7.10 -9.84
N MET A 75 -9.97 6.30 -10.47
CA MET A 75 -10.84 6.80 -11.56
C MET A 75 -11.86 7.83 -11.03
N CYS A 76 -12.29 7.64 -9.78
CA CYS A 76 -13.20 8.57 -9.10
C CYS A 76 -12.42 9.78 -8.52
N TYR A 77 -11.13 9.54 -8.16
CA TYR A 77 -10.19 10.60 -7.67
C TYR A 77 -9.91 11.64 -8.77
N GLN A 78 -9.56 11.16 -9.97
CA GLN A 78 -9.29 12.03 -11.13
C GLN A 78 -10.61 12.68 -11.63
N GLN A 79 -11.74 11.97 -11.42
CA GLN A 79 -13.08 12.48 -11.74
C GLN A 79 -13.46 13.66 -10.82
N SER A 80 -12.94 13.63 -9.56
CA SER A 80 -13.23 14.66 -8.55
C SER A 80 -12.81 16.07 -9.04
N GLN A 81 -11.61 16.16 -9.67
CA GLN A 81 -11.08 17.44 -10.20
C GLN A 81 -11.72 17.78 -11.57
N LEU A 82 -12.17 16.76 -12.32
CA LEU A 82 -12.91 16.96 -13.59
C LEU A 82 -14.36 17.43 -13.32
N LEU A 83 -14.86 17.12 -12.11
CA LEU A 83 -16.22 17.48 -11.68
C LEU A 83 -16.27 18.97 -11.32
N SER A 84 -16.84 19.78 -12.24
CA SER A 84 -16.92 21.26 -12.10
C SER A 84 -17.75 21.65 -10.86
N THR A 85 -17.57 22.90 -10.37
CA THR A 85 -18.12 23.38 -9.08
C THR A 85 -19.69 23.27 -8.94
N PRO A 86 -20.54 23.59 -9.99
CA PRO A 86 -22.01 23.32 -9.90
C PRO A 86 -22.33 21.81 -9.84
N GLN A 87 -21.53 21.03 -10.60
CA GLN A 87 -21.70 19.58 -10.72
C GLN A 87 -21.15 18.86 -9.48
N PHE A 88 -20.28 19.56 -8.73
CA PHE A 88 -19.66 19.03 -7.50
C PHE A 88 -20.72 18.82 -6.41
N ILE A 89 -21.76 19.68 -6.41
CA ILE A 89 -22.87 19.62 -5.44
C ILE A 89 -23.84 18.46 -5.77
N VAL A 90 -24.38 18.47 -7.00
CA VAL A 90 -25.40 17.50 -7.44
C VAL A 90 -24.82 16.05 -7.48
N GLN A 91 -23.54 15.93 -7.86
CA GLN A 91 -22.85 14.63 -8.00
C GLN A 91 -21.89 14.36 -6.82
N LEU A 92 -22.03 15.15 -5.74
CA LEU A 92 -21.34 14.90 -4.46
C LEU A 92 -21.70 13.51 -3.88
N PRO A 93 -23.02 13.17 -3.63
CA PRO A 93 -23.38 11.90 -2.96
C PRO A 93 -23.28 10.70 -3.92
N GLN A 94 -22.92 10.97 -5.19
CA GLN A 94 -22.66 9.96 -6.22
C GLN A 94 -21.22 9.49 -6.10
N ILE A 95 -20.34 10.47 -5.80
CA ILE A 95 -18.95 10.22 -5.39
C ILE A 95 -18.93 9.34 -4.12
N LEU A 96 -19.69 9.76 -3.08
CA LEU A 96 -19.78 9.02 -1.79
C LEU A 96 -20.48 7.65 -1.98
N ASP A 97 -21.39 7.58 -2.97
CA ASP A 97 -22.05 6.31 -3.34
C ASP A 97 -21.02 5.35 -3.98
N LEU A 98 -20.10 5.91 -4.78
CA LEU A 98 -19.03 5.13 -5.45
C LEU A 98 -18.05 4.60 -4.39
N LEU A 99 -17.78 5.42 -3.36
CA LEU A 99 -16.89 5.06 -2.25
C LEU A 99 -17.52 3.97 -1.36
N HIS A 100 -18.87 3.96 -1.28
CA HIS A 100 -19.63 2.87 -0.61
C HIS A 100 -19.73 1.63 -1.53
N ARG A 101 -19.79 1.89 -2.84
CA ARG A 101 -19.96 0.85 -3.89
C ARG A 101 -18.69 -0.01 -3.97
N LEU A 102 -17.56 0.68 -3.84
CA LEU A 102 -16.22 0.08 -3.79
C LEU A 102 -15.91 -0.43 -2.37
N ASN A 103 -16.64 0.16 -1.39
CA ASN A 103 -16.56 -0.20 0.05
C ASN A 103 -15.18 0.21 0.62
N SER A 104 -14.75 1.42 0.25
CA SER A 104 -13.53 2.05 0.77
C SER A 104 -13.72 2.36 2.29
N PRO A 105 -12.76 1.99 3.19
CA PRO A 105 -12.87 2.21 4.66
C PRO A 105 -12.88 3.71 5.04
N TRP A 106 -12.08 4.50 4.31
CA TRP A 106 -11.92 5.96 4.55
C TRP A 106 -13.16 6.76 4.06
N ALA A 107 -14.09 6.08 3.35
CA ALA A 107 -15.31 6.71 2.78
C ALA A 107 -16.20 7.33 3.87
N GLU A 108 -16.16 6.78 5.10
CA GLU A 108 -16.92 7.31 6.25
C GLU A 108 -16.36 8.68 6.69
N GLN A 109 -15.03 8.85 6.56
CA GLN A 109 -14.33 10.11 6.85
C GLN A 109 -14.68 11.19 5.81
N ALA A 110 -14.75 10.77 4.53
CA ALA A 110 -15.16 11.65 3.41
C ALA A 110 -16.66 12.04 3.56
N ARG A 111 -17.45 11.08 4.08
CA ARG A 111 -18.88 11.28 4.38
C ARG A 111 -19.04 12.22 5.57
N GLN A 112 -18.13 12.08 6.56
CA GLN A 112 -18.13 12.90 7.78
C GLN A 112 -17.87 14.38 7.42
N LEU A 113 -16.97 14.58 6.43
CA LEU A 113 -16.61 15.91 5.92
C LEU A 113 -17.85 16.62 5.32
N VAL A 114 -18.63 15.88 4.52
CA VAL A 114 -19.80 16.44 3.80
C VAL A 114 -21.05 16.51 4.69
N ASP A 115 -21.15 15.64 5.71
CA ASP A 115 -22.30 15.61 6.66
C ASP A 115 -22.13 16.68 7.74
N ALA A 116 -20.87 16.94 8.14
CA ALA A 116 -20.53 18.00 9.12
C ALA A 116 -20.63 19.38 8.44
N ASN A 117 -20.15 19.45 7.18
CA ASN A 117 -20.20 20.67 6.37
C ASN A 117 -20.93 20.38 5.04
N SER A 118 -22.26 20.43 5.08
CA SER A 118 -23.10 20.34 3.87
C SER A 118 -23.11 21.70 3.14
N THR A 119 -22.70 22.76 3.87
CA THR A 119 -22.56 24.13 3.35
C THR A 119 -21.24 24.27 2.55
N ILE A 120 -21.15 23.52 1.43
CA ILE A 120 -19.98 23.54 0.54
C ILE A 120 -20.04 24.81 -0.32
N THR A 121 -19.41 25.87 0.18
CA THR A 121 -19.40 27.18 -0.47
C THR A 121 -18.03 27.47 -1.13
N SER A 122 -16.94 27.14 -0.42
CA SER A 122 -15.57 27.45 -0.88
C SER A 122 -14.56 26.45 -0.28
N ALA A 123 -14.41 26.51 1.07
CA ALA A 123 -13.31 25.86 1.82
C ALA A 123 -13.24 24.34 1.64
N LEU A 124 -14.42 23.67 1.64
CA LEU A 124 -14.49 22.20 1.58
C LEU A 124 -13.90 21.66 0.27
N HIS A 125 -14.07 22.40 -0.84
CA HIS A 125 -13.62 21.99 -2.18
C HIS A 125 -12.09 21.74 -2.22
N THR A 126 -11.32 22.68 -1.64
CA THR A 126 -9.85 22.58 -1.51
C THR A 126 -9.46 21.41 -0.58
N LEU A 127 -10.19 21.31 0.55
CA LEU A 127 -9.94 20.28 1.57
C LEU A 127 -10.27 18.88 1.01
N PHE A 128 -11.27 18.81 0.11
CA PHE A 128 -11.86 17.53 -0.37
C PHE A 128 -10.87 16.76 -1.25
N LEU A 129 -10.24 17.48 -2.20
CA LEU A 129 -9.25 16.88 -3.13
C LEU A 129 -8.00 16.43 -2.34
N GLN A 130 -7.61 17.26 -1.35
CA GLN A 130 -6.48 16.96 -0.44
C GLN A 130 -6.81 15.70 0.39
N ARG A 131 -8.07 15.67 0.90
CA ARG A 131 -8.51 14.66 1.88
C ARG A 131 -8.63 13.29 1.21
N TRP A 132 -9.06 13.32 -0.06
CA TRP A 132 -9.15 12.13 -0.90
C TRP A 132 -7.76 11.52 -1.05
N ARG A 133 -6.82 12.37 -1.50
CA ARG A 133 -5.47 11.96 -1.88
C ARG A 133 -4.68 11.42 -0.69
N LEU A 134 -4.79 12.09 0.47
CA LEU A 134 -4.05 11.71 1.69
C LEU A 134 -4.63 10.41 2.27
N SER A 135 -5.97 10.27 2.19
CA SER A 135 -6.67 9.04 2.62
C SER A 135 -6.44 7.89 1.62
N LEU A 136 -6.12 8.26 0.36
CA LEU A 136 -5.79 7.30 -0.72
C LEU A 136 -4.37 6.74 -0.47
N ILE A 137 -3.51 7.50 0.26
CA ILE A 137 -2.16 7.03 0.68
C ILE A 137 -2.27 5.88 1.70
N VAL A 138 -3.01 6.14 2.79
CA VAL A 138 -3.28 5.15 3.84
C VAL A 138 -4.20 4.02 3.32
N GLN A 139 -4.98 4.32 2.26
CA GLN A 139 -5.75 3.30 1.52
C GLN A 139 -4.82 2.46 0.63
N ALA A 140 -3.78 3.11 0.07
CA ALA A 140 -2.78 2.43 -0.79
C ALA A 140 -1.98 1.39 -0.01
N THR A 141 -1.97 1.54 1.33
CA THR A 141 -1.54 0.47 2.25
C THR A 141 -2.30 -0.86 1.96
N THR A 142 -3.65 -0.76 1.92
CA THR A 142 -4.57 -1.90 1.73
C THR A 142 -4.56 -2.41 0.26
N LEU A 143 -4.40 -1.49 -0.69
CA LEU A 143 -4.37 -1.80 -2.14
C LEU A 143 -3.06 -2.54 -2.50
N ASN A 144 -1.93 -2.01 -1.98
CA ASN A 144 -0.59 -2.61 -2.12
C ASN A 144 -0.40 -3.80 -1.15
N GLN A 145 -1.35 -4.00 -0.20
CA GLN A 145 -1.42 -5.24 0.61
C GLN A 145 -1.85 -6.43 -0.27
N GLN A 146 -2.76 -6.17 -1.24
CA GLN A 146 -3.17 -7.18 -2.26
C GLN A 146 -1.96 -7.54 -3.14
N LEU A 147 -1.28 -6.46 -3.64
CA LEU A 147 0.02 -6.58 -4.34
C LEU A 147 0.97 -7.44 -3.51
N LEU A 148 1.08 -7.08 -2.22
CA LEU A 148 2.05 -7.68 -1.29
C LEU A 148 1.84 -9.19 -1.17
N GLU A 149 0.61 -9.64 -0.89
CA GLU A 149 0.31 -11.06 -0.68
C GLU A 149 0.73 -11.94 -1.88
N GLU A 150 0.47 -11.45 -3.10
CA GLU A 150 0.79 -12.19 -4.34
C GLU A 150 2.28 -12.08 -4.75
N GLU A 151 2.78 -10.83 -4.78
CA GLU A 151 4.14 -10.50 -5.24
C GLU A 151 5.20 -11.06 -4.29
N ARG A 152 4.93 -10.97 -2.99
CA ARG A 152 5.82 -11.47 -1.91
C ARG A 152 6.21 -12.93 -2.13
N GLU A 153 5.27 -13.73 -2.62
CA GLU A 153 5.48 -15.15 -2.94
C GLU A 153 6.60 -15.36 -4.01
N GLN A 154 6.48 -14.63 -5.14
CA GLN A 154 7.47 -14.67 -6.26
C GLN A 154 8.83 -14.10 -5.78
N LEU A 155 8.72 -12.98 -5.08
CA LEU A 155 9.86 -12.25 -4.51
C LEU A 155 10.58 -13.11 -3.46
N LEU A 156 9.80 -13.94 -2.74
CA LEU A 156 10.30 -14.87 -1.70
C LEU A 156 11.14 -15.98 -2.33
N SER A 157 10.76 -16.41 -3.55
CA SER A 157 11.57 -17.37 -4.34
C SER A 157 12.97 -16.80 -4.62
N GLU A 158 13.02 -15.48 -4.89
CA GLU A 158 14.28 -14.73 -5.05
C GLU A 158 15.04 -14.63 -3.70
N VAL A 159 14.28 -14.48 -2.60
CA VAL A 159 14.83 -14.44 -1.23
C VAL A 159 15.40 -15.84 -0.82
N GLN A 160 14.83 -16.92 -1.40
CA GLN A 160 15.32 -18.30 -1.18
C GLN A 160 16.71 -18.47 -1.79
N GLU A 161 16.88 -17.91 -3.00
CA GLU A 161 18.20 -17.81 -3.67
C GLU A 161 19.18 -16.99 -2.79
N ARG A 162 18.65 -15.92 -2.17
CA ARG A 162 19.41 -15.00 -1.29
C ARG A 162 19.93 -15.70 -0.02
N MET A 163 19.18 -16.72 0.48
CA MET A 163 19.46 -17.42 1.79
C MET A 163 20.88 -18.04 1.86
N THR A 164 21.60 -18.04 0.72
CA THR A 164 23.04 -18.36 0.63
C THR A 164 23.93 -17.35 1.42
N LEU A 165 23.36 -16.19 1.81
CA LEU A 165 24.11 -15.07 2.48
C LEU A 165 24.39 -15.37 3.98
N SER A 166 23.97 -16.54 4.47
CA SER A 166 24.05 -16.96 5.89
C SER A 166 25.51 -17.12 6.41
N GLY A 167 26.52 -16.83 5.57
CA GLY A 167 27.92 -16.75 6.01
C GLY A 167 28.24 -15.42 6.71
N GLN A 168 27.40 -15.06 7.71
CA GLN A 168 27.52 -13.83 8.53
C GLN A 168 27.26 -14.19 10.02
N LEU A 169 27.49 -13.25 10.96
CA LEU A 169 27.49 -13.59 12.41
C LEU A 169 27.18 -12.36 13.30
N GLU A 170 26.45 -11.37 12.74
CA GLU A 170 26.13 -10.10 13.46
C GLU A 170 25.28 -10.35 14.74
N PRO A 171 25.44 -9.49 15.81
CA PRO A 171 24.65 -9.60 17.07
C PRO A 171 23.13 -9.48 16.84
N ILE A 172 22.34 -10.20 17.65
CA ILE A 172 20.86 -10.29 17.50
C ILE A 172 20.14 -9.91 18.79
N LEU A 173 18.85 -9.63 18.63
CA LEU A 173 17.90 -9.36 19.72
C LEU A 173 16.67 -10.26 19.55
N ALA A 174 16.04 -10.62 20.67
CA ALA A 174 14.89 -11.53 20.70
C ALA A 174 14.02 -11.23 21.92
N ASP A 175 12.77 -10.83 21.67
CA ASP A 175 11.80 -10.47 22.72
C ASP A 175 10.50 -11.26 22.52
N ASN A 176 9.77 -11.48 23.62
CA ASN A 176 8.48 -12.18 23.62
C ASN A 176 7.63 -11.69 24.81
N ASN A 177 6.33 -11.48 24.59
CA ASN A 177 5.37 -11.11 25.66
C ASN A 177 4.38 -12.26 25.88
N THR A 178 3.46 -12.09 26.85
CA THR A 178 2.41 -13.08 27.16
C THR A 178 1.04 -12.38 27.27
N ALA A 179 0.01 -12.98 26.64
CA ALA A 179 -1.36 -12.46 26.65
C ALA A 179 -2.19 -13.15 27.74
N ALA A 180 -2.63 -12.38 28.75
CA ALA A 180 -3.43 -12.89 29.88
C ALA A 180 -4.63 -11.96 30.13
N GLY A 181 -5.76 -12.56 30.50
CA GLY A 181 -6.99 -11.82 30.80
C GLY A 181 -8.23 -12.64 30.47
N ARG A 182 -9.28 -12.53 31.32
CA ARG A 182 -10.57 -13.19 31.11
C ARG A 182 -11.68 -12.43 31.84
N LEU A 183 -12.90 -12.53 31.32
CA LEU A 183 -14.10 -11.90 31.92
C LEU A 183 -15.34 -12.55 31.27
N TRP A 184 -16.30 -12.95 32.10
CA TRP A 184 -17.54 -13.61 31.66
C TRP A 184 -18.73 -13.04 32.44
N ASP A 185 -19.96 -13.34 31.98
CA ASP A 185 -21.20 -12.95 32.65
C ASP A 185 -22.34 -13.90 32.25
N MET A 186 -23.29 -14.12 33.18
CA MET A 186 -24.41 -15.04 32.96
C MET A 186 -25.63 -14.56 33.77
N SER A 187 -26.08 -13.34 33.45
CA SER A 187 -27.32 -12.77 34.01
C SER A 187 -28.52 -13.36 33.23
N ALA A 188 -29.28 -14.23 33.90
CA ALA A 188 -30.46 -14.89 33.30
C ALA A 188 -31.69 -13.96 33.34
N GLY A 189 -32.53 -14.03 32.29
CA GLY A 189 -33.72 -13.20 32.16
C GLY A 189 -34.63 -13.71 31.05
N GLN A 190 -35.60 -14.55 31.42
CA GLN A 190 -36.54 -15.18 30.47
C GLN A 190 -37.77 -15.69 31.25
N LEU A 191 -38.97 -15.61 30.64
CA LEU A 191 -40.20 -16.20 31.22
C LEU A 191 -40.14 -17.74 30.98
N MET A 1 -5.01 1.56 -18.64
CA MET A 1 -4.39 0.61 -17.69
C MET A 1 -3.67 1.39 -16.59
N LEU A 2 -4.06 1.14 -15.31
CA LEU A 2 -3.37 1.69 -14.14
C LEU A 2 -2.22 0.76 -13.73
N THR A 3 -1.09 1.37 -13.35
CA THR A 3 0.12 0.66 -12.92
C THR A 3 0.50 1.18 -11.52
N LEU A 4 1.20 0.33 -10.74
CA LEU A 4 1.67 0.66 -9.35
C LEU A 4 2.54 1.95 -9.37
N ASP A 5 3.11 2.26 -10.55
CA ASP A 5 3.83 3.53 -10.84
C ASP A 5 3.05 4.78 -10.39
N THR A 6 1.71 4.75 -10.54
CA THR A 6 0.81 5.86 -10.15
C THR A 6 0.93 6.19 -8.65
N LEU A 7 1.05 5.15 -7.79
CA LEU A 7 0.93 5.28 -6.31
C LEU A 7 1.91 6.28 -5.68
N ASN A 8 3.21 6.09 -5.95
CA ASN A 8 4.26 6.96 -5.37
C ASN A 8 4.16 8.40 -5.96
N VAL A 9 3.59 8.53 -7.17
CA VAL A 9 3.43 9.81 -7.87
C VAL A 9 2.18 10.59 -7.36
N MET A 10 1.07 9.86 -7.15
CA MET A 10 -0.24 10.46 -6.78
C MET A 10 -0.23 10.87 -5.30
N LEU A 11 0.51 10.11 -4.48
CA LEU A 11 0.72 10.43 -3.06
C LEU A 11 1.97 11.32 -2.90
N ALA A 12 2.79 11.42 -3.99
CA ALA A 12 4.01 12.26 -4.06
C ALA A 12 5.08 11.82 -3.04
N VAL A 13 5.11 10.50 -2.75
CA VAL A 13 6.04 9.88 -1.79
C VAL A 13 7.15 9.12 -2.52
N SER A 14 8.21 8.76 -1.78
CA SER A 14 9.27 7.86 -2.26
C SER A 14 8.77 6.40 -2.16
N GLU A 15 9.27 5.54 -3.06
CA GLU A 15 8.89 4.10 -3.11
C GLU A 15 9.28 3.39 -1.79
N GLU A 16 10.39 3.84 -1.19
CA GLU A 16 11.06 3.19 -0.02
C GLU A 16 10.14 3.09 1.20
N GLY A 17 9.20 4.05 1.33
CA GLY A 17 8.19 4.03 2.40
C GLY A 17 7.26 2.83 2.31
N LEU A 18 6.90 2.46 1.06
CA LEU A 18 6.02 1.31 0.75
C LEU A 18 6.86 0.00 0.80
N ILE A 19 8.11 0.08 0.26
CA ILE A 19 9.03 -1.07 0.19
C ILE A 19 9.45 -1.55 1.60
N GLU A 20 9.50 -0.63 2.57
CA GLU A 20 9.85 -0.96 3.96
C GLU A 20 8.85 -1.98 4.55
N GLU A 21 7.56 -1.79 4.22
CA GLU A 21 6.49 -2.74 4.60
C GLU A 21 6.72 -4.12 3.92
N MET A 22 7.15 -4.07 2.65
CA MET A 22 7.49 -5.27 1.84
C MET A 22 8.69 -6.04 2.45
N ILE A 23 9.60 -5.30 3.11
CA ILE A 23 10.73 -5.89 3.86
C ILE A 23 10.15 -6.78 4.98
N ILE A 24 9.30 -6.18 5.84
CA ILE A 24 8.66 -6.89 6.98
C ILE A 24 7.93 -8.19 6.50
N ALA A 25 7.32 -8.11 5.30
CA ALA A 25 6.61 -9.25 4.67
C ALA A 25 7.56 -10.45 4.44
N LEU A 26 8.74 -10.19 3.86
CA LEU A 26 9.73 -11.22 3.51
C LEU A 26 10.51 -11.73 4.73
N LEU A 27 10.88 -10.82 5.62
CA LEU A 27 11.69 -11.13 6.81
C LEU A 27 10.86 -11.96 7.84
N ALA A 28 9.51 -11.88 7.72
CA ALA A 28 8.58 -12.69 8.53
C ALA A 28 7.98 -13.87 7.71
N SER A 29 8.33 -13.97 6.40
CA SER A 29 7.80 -15.01 5.48
C SER A 29 8.21 -16.43 5.97
N PRO A 30 7.27 -17.45 5.90
CA PRO A 30 7.41 -18.77 6.62
C PRO A 30 8.77 -19.48 6.42
N GLN A 31 9.36 -19.33 5.22
CA GLN A 31 10.64 -19.97 4.86
C GLN A 31 11.81 -19.34 5.66
N LEU A 32 11.83 -18.00 5.69
CA LEU A 32 12.86 -17.24 6.40
C LEU A 32 12.58 -17.22 7.92
N ALA A 33 11.29 -17.31 8.29
CA ALA A 33 10.83 -17.23 9.69
C ALA A 33 11.45 -18.35 10.55
N VAL A 34 11.51 -19.57 9.98
CA VAL A 34 12.12 -20.73 10.66
C VAL A 34 13.67 -20.64 10.62
N PHE A 35 14.20 -20.12 9.49
CA PHE A 35 15.65 -20.02 9.23
C PHE A 35 16.32 -19.02 10.19
N PHE A 36 15.59 -17.97 10.56
CA PHE A 36 16.10 -16.88 11.41
C PHE A 36 16.26 -17.31 12.88
N GLU A 37 15.30 -18.11 13.35
CA GLU A 37 15.24 -18.56 14.75
C GLU A 37 16.23 -19.71 15.01
N LYS A 38 16.44 -20.56 13.98
CA LYS A 38 17.36 -21.73 14.05
C LYS A 38 18.80 -21.34 13.70
N PHE A 39 18.93 -20.37 12.78
CA PHE A 39 20.23 -19.89 12.27
C PHE A 39 20.30 -18.35 12.42
N PRO A 40 20.58 -17.84 13.66
CA PRO A 40 20.59 -16.38 13.94
C PRO A 40 21.89 -15.69 13.46
N ARG A 41 22.89 -16.51 13.12
CA ARG A 41 24.18 -16.06 12.60
C ARG A 41 24.07 -15.84 11.09
N LEU A 42 23.40 -16.79 10.43
CA LEU A 42 23.28 -16.85 8.97
C LEU A 42 22.23 -15.84 8.46
N LYS A 43 21.18 -15.61 9.29
CA LYS A 43 20.08 -14.69 8.94
C LYS A 43 20.57 -13.25 8.73
N ALA A 44 21.68 -12.90 9.42
CA ALA A 44 22.22 -11.53 9.49
C ALA A 44 22.52 -10.96 8.09
N ALA A 45 22.88 -11.86 7.16
CA ALA A 45 23.03 -11.53 5.73
C ALA A 45 21.70 -11.00 5.15
N ILE A 46 20.65 -11.82 5.29
CA ILE A 46 19.31 -11.55 4.72
C ILE A 46 18.66 -10.30 5.35
N THR A 47 18.92 -10.09 6.66
CA THR A 47 18.42 -8.91 7.40
C THR A 47 19.15 -7.62 6.95
N ASP A 48 20.38 -7.79 6.41
CA ASP A 48 21.18 -6.69 5.83
C ASP A 48 20.84 -6.47 4.34
N ASP A 49 20.20 -7.48 3.70
CA ASP A 49 19.86 -7.47 2.25
C ASP A 49 18.61 -6.62 1.94
N VAL A 50 18.30 -5.64 2.80
CA VAL A 50 17.19 -4.66 2.60
C VAL A 50 17.25 -3.95 1.20
N PRO A 51 18.46 -3.46 0.68
CA PRO A 51 18.58 -2.83 -0.67
C PRO A 51 18.20 -3.78 -1.85
N ARG A 52 18.13 -5.10 -1.59
CA ARG A 52 17.84 -6.12 -2.62
C ARG A 52 16.34 -6.18 -2.96
N TRP A 53 15.48 -6.09 -1.92
CA TRP A 53 14.02 -5.95 -2.11
C TRP A 53 13.69 -4.55 -2.59
N ARG A 54 14.57 -3.58 -2.26
CA ARG A 54 14.40 -2.17 -2.64
C ARG A 54 14.44 -2.05 -4.18
N GLU A 55 15.56 -2.47 -4.77
CA GLU A 55 15.80 -2.40 -6.23
C GLU A 55 14.82 -3.31 -7.01
N ALA A 56 14.46 -4.46 -6.42
CA ALA A 56 13.52 -5.43 -7.01
C ALA A 56 12.12 -4.80 -7.14
N LEU A 57 11.66 -4.15 -6.04
CA LEU A 57 10.31 -3.54 -5.98
C LEU A 57 10.27 -2.26 -6.85
N ARG A 58 11.43 -1.58 -7.04
CA ARG A 58 11.55 -0.39 -7.94
C ARG A 58 11.19 -0.78 -9.39
N SER A 59 11.77 -1.89 -9.86
CA SER A 59 11.50 -2.44 -11.19
C SER A 59 10.06 -3.01 -11.25
N ARG A 60 9.68 -3.72 -10.18
CA ARG A 60 8.41 -4.45 -10.09
C ARG A 60 7.21 -3.49 -9.95
N LEU A 61 7.47 -2.27 -9.48
CA LEU A 61 6.45 -1.20 -9.40
C LEU A 61 5.98 -0.78 -10.82
N LYS A 62 6.87 -0.98 -11.80
CA LYS A 62 6.60 -0.68 -13.22
C LYS A 62 5.89 -1.86 -13.90
N ASP A 63 6.33 -3.10 -13.56
CA ASP A 63 5.74 -4.34 -14.12
C ASP A 63 4.32 -4.61 -13.56
N ALA A 64 4.16 -4.40 -12.25
CA ALA A 64 2.94 -4.74 -11.51
C ALA A 64 1.89 -3.66 -11.71
N ARG A 65 0.66 -4.09 -12.03
CA ARG A 65 -0.49 -3.22 -12.23
C ARG A 65 -1.20 -2.99 -10.88
N VAL A 66 -2.10 -2.01 -10.86
CA VAL A 66 -2.84 -1.61 -9.66
C VAL A 66 -3.92 -2.67 -9.28
N PRO A 67 -3.96 -3.11 -7.97
CA PRO A 67 -5.02 -4.02 -7.43
C PRO A 67 -6.48 -3.56 -7.75
N PRO A 68 -7.45 -4.52 -7.95
CA PRO A 68 -8.83 -4.21 -8.46
C PRO A 68 -9.63 -3.19 -7.61
N GLU A 69 -9.41 -3.24 -6.27
CA GLU A 69 -10.07 -2.29 -5.32
C GLU A 69 -9.49 -0.89 -5.51
N LEU A 70 -8.14 -0.85 -5.49
CA LEU A 70 -7.34 0.37 -5.67
C LEU A 70 -7.54 1.01 -7.06
N THR A 71 -8.01 0.20 -8.04
CA THR A 71 -8.30 0.68 -9.41
C THR A 71 -9.40 1.77 -9.39
N GLU A 72 -10.49 1.52 -8.64
CA GLU A 72 -11.59 2.50 -8.50
C GLU A 72 -11.21 3.63 -7.50
N GLU A 73 -10.29 3.34 -6.56
CA GLU A 73 -9.77 4.37 -5.62
C GLU A 73 -9.05 5.50 -6.37
N VAL A 74 -8.10 5.10 -7.24
CA VAL A 74 -7.34 6.05 -8.08
C VAL A 74 -8.24 6.72 -9.12
N MET A 75 -9.25 5.96 -9.65
CA MET A 75 -10.19 6.49 -10.66
C MET A 75 -11.13 7.57 -10.07
N CYS A 76 -11.58 7.34 -8.82
CA CYS A 76 -12.44 8.31 -8.08
C CYS A 76 -11.67 9.60 -7.79
N TYR A 77 -10.37 9.43 -7.51
CA TYR A 77 -9.45 10.53 -7.21
C TYR A 77 -9.13 11.37 -8.46
N GLN A 78 -8.81 10.68 -9.57
CA GLN A 78 -8.31 11.34 -10.80
C GLN A 78 -9.45 12.01 -11.61
N GLN A 79 -10.70 11.52 -11.46
CA GLN A 79 -11.88 12.14 -12.12
C GLN A 79 -12.28 13.44 -11.40
N SER A 80 -11.89 13.55 -10.11
CA SER A 80 -12.23 14.70 -9.26
C SER A 80 -11.58 16.00 -9.77
N GLN A 81 -10.41 15.88 -10.45
CA GLN A 81 -9.69 17.06 -11.01
C GLN A 81 -10.47 17.68 -12.19
N LEU A 82 -11.27 16.85 -12.88
CA LEU A 82 -12.16 17.31 -13.97
C LEU A 82 -13.43 17.95 -13.37
N LEU A 83 -13.80 17.48 -12.16
CA LEU A 83 -15.09 17.86 -11.53
C LEU A 83 -15.04 19.32 -11.06
N SER A 84 -15.49 20.21 -11.96
CA SER A 84 -15.54 21.67 -11.73
C SER A 84 -16.60 22.02 -10.67
N THR A 85 -16.46 23.18 -9.99
CA THR A 85 -17.31 23.59 -8.86
C THR A 85 -18.86 23.66 -9.17
N PRO A 86 -19.34 24.13 -10.38
CA PRO A 86 -20.77 24.02 -10.75
C PRO A 86 -21.24 22.56 -10.92
N GLN A 87 -20.39 21.77 -11.61
CA GLN A 87 -20.66 20.34 -11.91
C GLN A 87 -20.53 19.48 -10.63
N PHE A 88 -19.80 20.02 -9.64
CA PHE A 88 -19.49 19.32 -8.38
C PHE A 88 -20.78 19.08 -7.56
N ILE A 89 -21.68 20.07 -7.60
CA ILE A 89 -22.93 20.06 -6.81
C ILE A 89 -23.89 18.95 -7.32
N VAL A 90 -24.15 18.94 -8.63
CA VAL A 90 -25.05 17.96 -9.26
C VAL A 90 -24.46 16.52 -9.22
N GLN A 91 -23.12 16.41 -9.33
CA GLN A 91 -22.43 15.10 -9.31
C GLN A 91 -21.92 14.75 -7.90
N LEU A 92 -22.27 15.59 -6.88
CA LEU A 92 -21.90 15.32 -5.47
C LEU A 92 -22.46 13.98 -4.96
N PRO A 93 -23.82 13.71 -5.00
CA PRO A 93 -24.38 12.43 -4.49
C PRO A 93 -23.85 11.19 -5.29
N GLN A 94 -23.38 11.45 -6.54
CA GLN A 94 -22.82 10.40 -7.43
C GLN A 94 -21.36 10.05 -7.03
N ILE A 95 -20.55 11.08 -6.70
CA ILE A 95 -19.13 10.85 -6.32
C ILE A 95 -19.05 10.16 -4.94
N LEU A 96 -19.98 10.54 -4.01
CA LEU A 96 -20.10 9.90 -2.68
C LEU A 96 -20.48 8.40 -2.81
N ASP A 97 -21.33 8.12 -3.83
CA ASP A 97 -21.79 6.75 -4.19
C ASP A 97 -20.60 5.86 -4.56
N LEU A 98 -19.57 6.44 -5.20
CA LEU A 98 -18.38 5.69 -5.66
C LEU A 98 -17.65 5.07 -4.44
N LEU A 99 -17.48 5.87 -3.38
CA LEU A 99 -16.84 5.41 -2.13
C LEU A 99 -17.72 4.37 -1.41
N HIS A 100 -19.05 4.49 -1.57
CA HIS A 100 -20.04 3.58 -0.95
C HIS A 100 -19.98 2.17 -1.59
N ARG A 101 -20.07 2.11 -2.93
CA ARG A 101 -20.10 0.85 -3.69
C ARG A 101 -18.78 0.07 -3.62
N LEU A 102 -17.67 0.79 -3.43
CA LEU A 102 -16.34 0.18 -3.32
C LEU A 102 -16.01 -0.20 -1.86
N ASN A 103 -16.79 0.37 -0.90
CA ASN A 103 -16.61 0.18 0.56
C ASN A 103 -15.31 0.85 1.06
N SER A 104 -14.97 1.99 0.43
CA SER A 104 -13.87 2.85 0.83
C SER A 104 -14.15 3.43 2.26
N PRO A 105 -13.12 3.58 3.14
CA PRO A 105 -13.33 4.02 4.55
C PRO A 105 -13.79 5.50 4.63
N TRP A 106 -13.53 6.24 3.54
CA TRP A 106 -13.89 7.65 3.42
C TRP A 106 -15.38 7.85 3.12
N ALA A 107 -16.10 6.76 2.79
CA ALA A 107 -17.55 6.80 2.51
C ALA A 107 -18.34 7.42 3.69
N GLU A 108 -17.92 7.06 4.91
CA GLU A 108 -18.54 7.54 6.17
C GLU A 108 -18.16 8.99 6.48
N GLN A 109 -16.88 9.34 6.23
CA GLN A 109 -16.34 10.68 6.50
C GLN A 109 -16.91 11.72 5.50
N ALA A 110 -17.11 11.27 4.25
CA ALA A 110 -17.63 12.13 3.15
C ALA A 110 -19.13 12.37 3.33
N ARG A 111 -19.84 11.30 3.74
CA ARG A 111 -21.26 11.33 4.13
C ARG A 111 -21.47 12.34 5.28
N GLN A 112 -20.56 12.26 6.27
CA GLN A 112 -20.55 13.14 7.45
C GLN A 112 -20.22 14.59 7.04
N LEU A 113 -19.29 14.73 6.09
CA LEU A 113 -18.74 16.04 5.66
C LEU A 113 -19.84 16.92 5.01
N VAL A 114 -20.64 16.29 4.13
CA VAL A 114 -21.72 16.97 3.38
C VAL A 114 -23.00 17.13 4.26
N ASP A 115 -23.15 16.23 5.26
CA ASP A 115 -24.25 16.26 6.24
C ASP A 115 -24.05 17.45 7.20
N ALA A 116 -22.80 17.63 7.66
CA ALA A 116 -22.42 18.69 8.61
C ALA A 116 -22.25 20.04 7.90
N ASN A 117 -21.80 19.99 6.62
CA ASN A 117 -21.53 21.19 5.81
C ASN A 117 -22.09 20.96 4.38
N SER A 118 -23.18 21.64 4.01
CA SER A 118 -23.72 21.61 2.63
C SER A 118 -23.22 22.83 1.82
N THR A 119 -22.47 23.71 2.50
CA THR A 119 -22.02 25.00 1.95
C THR A 119 -20.72 24.85 1.15
N ILE A 120 -20.81 24.12 0.02
CA ILE A 120 -19.66 23.89 -0.89
C ILE A 120 -19.43 25.16 -1.73
N THR A 121 -18.51 26.02 -1.26
CA THR A 121 -18.19 27.29 -1.92
C THR A 121 -16.71 27.30 -2.35
N SER A 122 -15.80 27.26 -1.35
CA SER A 122 -14.34 27.33 -1.58
C SER A 122 -13.61 26.41 -0.59
N ALA A 123 -13.82 26.69 0.72
CA ALA A 123 -13.16 25.96 1.82
C ALA A 123 -13.49 24.46 1.79
N LEU A 124 -14.80 24.16 1.73
CA LEU A 124 -15.32 22.78 1.78
C LEU A 124 -14.92 21.97 0.53
N HIS A 125 -14.77 22.66 -0.61
CA HIS A 125 -14.36 22.02 -1.87
C HIS A 125 -12.90 21.52 -1.77
N THR A 126 -12.02 22.41 -1.27
CA THR A 126 -10.60 22.10 -1.04
C THR A 126 -10.45 21.01 0.04
N LEU A 127 -11.29 21.11 1.10
CA LEU A 127 -11.33 20.11 2.20
C LEU A 127 -11.74 18.75 1.68
N PHE A 128 -12.73 18.71 0.77
CA PHE A 128 -13.27 17.46 0.19
C PHE A 128 -12.13 16.65 -0.46
N LEU A 129 -11.24 17.38 -1.16
CA LEU A 129 -10.04 16.80 -1.78
C LEU A 129 -9.04 16.35 -0.68
N GLN A 130 -8.83 17.21 0.36
CA GLN A 130 -7.88 16.94 1.48
C GLN A 130 -8.29 15.70 2.30
N ARG A 131 -9.60 15.56 2.50
CA ARG A 131 -10.19 14.49 3.32
C ARG A 131 -10.00 13.14 2.62
N TRP A 132 -10.15 13.14 1.28
CA TRP A 132 -9.91 11.96 0.44
C TRP A 132 -8.41 11.73 0.23
N ARG A 133 -7.62 12.83 0.22
CA ARG A 133 -6.16 12.80 -0.01
C ARG A 133 -5.48 11.92 1.07
N LEU A 134 -5.74 12.27 2.33
CA LEU A 134 -5.14 11.58 3.49
C LEU A 134 -5.79 10.19 3.71
N SER A 135 -7.10 10.09 3.41
CA SER A 135 -7.87 8.83 3.59
C SER A 135 -7.44 7.77 2.55
N LEU A 136 -6.94 8.23 1.39
CA LEU A 136 -6.45 7.33 0.33
C LEU A 136 -5.10 6.73 0.78
N ILE A 137 -4.32 7.51 1.57
CA ILE A 137 -2.99 7.06 2.07
C ILE A 137 -3.15 5.92 3.09
N VAL A 138 -4.03 6.16 4.08
CA VAL A 138 -4.28 5.19 5.17
C VAL A 138 -4.97 3.91 4.65
N GLN A 139 -5.75 4.04 3.56
CA GLN A 139 -6.37 2.90 2.88
C GLN A 139 -5.35 2.20 1.95
N ALA A 140 -4.44 3.00 1.36
CA ALA A 140 -3.39 2.49 0.44
C ALA A 140 -2.47 1.51 1.18
N THR A 141 -2.37 1.67 2.51
CA THR A 141 -1.74 0.71 3.43
C THR A 141 -2.25 -0.74 3.16
N THR A 142 -3.58 -0.91 3.25
CA THR A 142 -4.26 -2.21 3.09
C THR A 142 -4.21 -2.70 1.62
N LEU A 143 -4.26 -1.73 0.68
CA LEU A 143 -4.26 -2.00 -0.77
C LEU A 143 -2.89 -2.54 -1.23
N ASN A 144 -1.79 -1.93 -0.72
CA ASN A 144 -0.41 -2.37 -1.03
C ASN A 144 -0.08 -3.62 -0.19
N GLN A 145 -0.79 -3.81 0.94
CA GLN A 145 -0.64 -5.00 1.80
C GLN A 145 -1.08 -6.27 1.05
N GLN A 146 -2.18 -6.16 0.27
CA GLN A 146 -2.66 -7.24 -0.63
C GLN A 146 -1.67 -7.47 -1.79
N LEU A 147 -1.11 -6.35 -2.32
CA LEU A 147 -0.08 -6.38 -3.38
C LEU A 147 1.09 -7.25 -2.91
N LEU A 148 1.72 -6.83 -1.79
CA LEU A 148 2.95 -7.46 -1.27
C LEU A 148 2.68 -8.83 -0.66
N GLU A 149 1.41 -9.13 -0.32
CA GLU A 149 0.99 -10.46 0.18
C GLU A 149 1.24 -11.53 -0.90
N GLU A 150 0.77 -11.23 -2.13
CA GLU A 150 0.93 -12.12 -3.30
C GLU A 150 2.34 -11.97 -3.93
N GLU A 151 2.87 -10.74 -3.88
CA GLU A 151 4.18 -10.38 -4.46
C GLU A 151 5.33 -11.06 -3.69
N ARG A 152 5.10 -11.23 -2.38
CA ARG A 152 6.04 -11.85 -1.44
C ARG A 152 6.47 -13.25 -1.91
N GLU A 153 5.53 -13.99 -2.53
CA GLU A 153 5.78 -15.36 -3.05
C GLU A 153 6.90 -15.35 -4.13
N GLN A 154 6.84 -14.33 -5.02
CA GLN A 154 7.83 -14.13 -6.09
C GLN A 154 9.21 -13.89 -5.46
N LEU A 155 9.24 -12.91 -4.55
CA LEU A 155 10.45 -12.52 -3.81
C LEU A 155 10.96 -13.65 -2.92
N LEU A 156 10.04 -14.49 -2.45
CA LEU A 156 10.34 -15.63 -1.56
C LEU A 156 11.24 -16.64 -2.28
N SER A 157 10.95 -16.94 -3.56
CA SER A 157 11.79 -17.81 -4.38
C SER A 157 13.15 -17.15 -4.69
N GLU A 158 13.14 -15.83 -4.97
CA GLU A 158 14.36 -15.04 -5.27
C GLU A 158 15.34 -15.06 -4.08
N VAL A 159 14.79 -14.88 -2.87
CA VAL A 159 15.60 -14.81 -1.64
C VAL A 159 15.99 -16.22 -1.15
N GLN A 160 15.13 -17.22 -1.43
CA GLN A 160 15.41 -18.64 -1.14
C GLN A 160 16.65 -19.08 -1.94
N GLU A 161 16.79 -18.51 -3.15
CA GLU A 161 17.95 -18.72 -4.02
C GLU A 161 19.18 -17.99 -3.44
N ARG A 162 18.97 -16.74 -2.94
CA ARG A 162 20.07 -15.91 -2.41
C ARG A 162 20.59 -16.42 -1.06
N MET A 163 19.79 -17.28 -0.36
CA MET A 163 20.14 -17.84 1.00
C MET A 163 21.52 -18.56 1.01
N THR A 164 22.06 -18.83 -0.19
CA THR A 164 23.42 -19.34 -0.37
C THR A 164 24.50 -18.41 0.27
N LEU A 165 24.24 -17.09 0.28
CA LEU A 165 25.20 -16.07 0.78
C LEU A 165 25.26 -16.06 2.32
N SER A 166 24.22 -16.62 2.96
CA SER A 166 24.00 -16.54 4.41
C SER A 166 25.05 -17.30 5.24
N GLY A 167 25.79 -18.24 4.60
CA GLY A 167 26.77 -19.09 5.29
C GLY A 167 28.04 -18.34 5.75
N GLN A 168 27.88 -17.46 6.76
CA GLN A 168 28.95 -16.56 7.25
C GLN A 168 28.99 -16.58 8.79
N LEU A 169 30.13 -16.12 9.35
CA LEU A 169 30.37 -16.06 10.80
C LEU A 169 30.05 -14.64 11.32
N GLU A 170 28.78 -14.26 11.15
CA GLU A 170 28.26 -12.91 11.50
C GLU A 170 27.82 -12.82 12.97
N PRO A 171 27.62 -11.57 13.52
CA PRO A 171 26.98 -11.39 14.85
C PRO A 171 25.49 -11.84 14.84
N ILE A 172 25.13 -12.70 15.82
CA ILE A 172 23.76 -13.22 15.97
C ILE A 172 22.83 -12.13 16.58
N LEU A 173 21.51 -12.30 16.42
CA LEU A 173 20.51 -11.41 17.03
C LEU A 173 19.30 -12.26 17.45
N ALA A 174 18.71 -11.94 18.61
CA ALA A 174 17.54 -12.64 19.15
C ALA A 174 16.96 -11.86 20.34
N ASP A 175 15.64 -11.73 20.36
CA ASP A 175 14.90 -11.07 21.46
C ASP A 175 13.56 -11.78 21.67
N ASN A 176 12.80 -11.33 22.68
CA ASN A 176 11.47 -11.86 23.00
C ASN A 176 10.46 -10.70 22.98
N ASN A 177 9.53 -10.72 22.02
CA ASN A 177 8.45 -9.73 21.90
C ASN A 177 7.21 -10.44 21.33
N THR A 178 6.08 -10.34 22.05
CA THR A 178 4.83 -11.05 21.71
C THR A 178 4.00 -10.28 20.66
N ALA A 179 3.26 -11.03 19.83
CA ALA A 179 2.38 -10.45 18.79
C ALA A 179 1.03 -10.03 19.41
N ALA A 180 0.90 -8.72 19.69
CA ALA A 180 -0.34 -8.11 20.24
C ALA A 180 -1.12 -7.38 19.13
N GLY A 181 -2.27 -6.78 19.50
CA GLY A 181 -3.16 -6.12 18.54
C GLY A 181 -4.34 -7.01 18.14
N ARG A 182 -5.37 -6.40 17.54
CA ARG A 182 -6.60 -7.11 17.13
C ARG A 182 -7.30 -6.32 16.03
N LEU A 183 -7.58 -7.00 14.90
CA LEU A 183 -8.31 -6.38 13.77
C LEU A 183 -9.82 -6.36 14.05
N TRP A 184 -10.47 -5.26 13.63
CA TRP A 184 -11.93 -5.10 13.69
C TRP A 184 -12.43 -4.54 12.35
N ASP A 185 -13.76 -4.63 12.15
CA ASP A 185 -14.49 -4.05 10.99
C ASP A 185 -14.10 -4.72 9.64
N MET A 186 -13.45 -5.89 9.71
CA MET A 186 -13.04 -6.65 8.54
C MET A 186 -14.12 -7.69 8.19
N SER A 187 -15.03 -7.31 7.27
CA SER A 187 -16.14 -8.16 6.81
C SER A 187 -16.11 -8.24 5.28
N ALA A 188 -16.20 -7.06 4.62
CA ALA A 188 -16.19 -6.93 3.16
C ALA A 188 -14.79 -6.52 2.67
N GLY A 189 -13.94 -7.55 2.44
CA GLY A 189 -12.59 -7.34 1.85
C GLY A 189 -12.64 -7.20 0.33
N GLN A 190 -13.78 -7.59 -0.25
CA GLN A 190 -14.04 -7.50 -1.70
C GLN A 190 -15.20 -6.53 -1.97
N LEU A 191 -15.13 -5.82 -3.11
CA LEU A 191 -16.20 -4.96 -3.61
C LEU A 191 -17.46 -5.78 -4.04
N MET A 1 -6.12 -1.61 -18.06
CA MET A 1 -5.23 -1.64 -16.89
C MET A 1 -4.65 -0.24 -16.61
N LEU A 2 -3.83 -0.15 -15.55
CA LEU A 2 -3.23 1.12 -15.09
C LEU A 2 -1.95 0.77 -14.30
N THR A 3 -0.89 1.57 -14.43
CA THR A 3 0.44 1.26 -13.82
C THR A 3 0.48 1.64 -12.33
N LEU A 4 1.29 0.89 -11.57
CA LEU A 4 1.48 1.09 -10.12
C LEU A 4 2.43 2.29 -9.88
N ASP A 5 3.18 2.71 -10.92
CA ASP A 5 4.06 3.91 -10.86
C ASP A 5 3.26 5.19 -10.51
N THR A 6 1.94 5.17 -10.80
CA THR A 6 1.00 6.26 -10.49
C THR A 6 1.05 6.64 -8.98
N LEU A 7 1.22 5.64 -8.08
CA LEU A 7 1.26 5.85 -6.60
C LEU A 7 2.31 6.89 -6.20
N ASN A 8 3.47 6.80 -6.88
CA ASN A 8 4.62 7.69 -6.65
C ASN A 8 4.29 9.15 -7.01
N VAL A 9 3.42 9.34 -8.01
CA VAL A 9 3.03 10.67 -8.52
C VAL A 9 1.80 11.24 -7.74
N MET A 10 0.68 10.50 -7.79
CA MET A 10 -0.64 10.94 -7.27
C MET A 10 -0.64 11.16 -5.74
N LEU A 11 0.09 10.30 -5.00
CA LEU A 11 0.17 10.36 -3.54
C LEU A 11 1.49 11.01 -3.09
N ALA A 12 2.51 10.96 -3.98
CA ALA A 12 3.85 11.57 -3.74
C ALA A 12 4.54 11.02 -2.48
N VAL A 13 4.19 9.76 -2.13
CA VAL A 13 4.68 9.08 -0.91
C VAL A 13 6.15 8.62 -1.07
N SER A 14 6.87 8.52 0.06
CA SER A 14 8.24 7.97 0.06
C SER A 14 8.17 6.48 -0.29
N GLU A 15 8.66 6.14 -1.49
CA GLU A 15 8.65 4.77 -2.02
C GLU A 15 9.38 3.80 -1.07
N GLU A 16 10.58 4.21 -0.62
CA GLU A 16 11.41 3.41 0.32
C GLU A 16 10.67 3.12 1.65
N GLY A 17 9.69 4.00 1.98
CA GLY A 17 8.81 3.81 3.13
C GLY A 17 7.94 2.56 3.04
N LEU A 18 7.29 2.35 1.88
CA LEU A 18 6.41 1.18 1.65
C LEU A 18 7.24 -0.08 1.34
N ILE A 19 8.46 0.13 0.80
CA ILE A 19 9.44 -0.95 0.55
C ILE A 19 9.98 -1.51 1.89
N GLU A 20 10.08 -0.63 2.91
CA GLU A 20 10.64 -1.01 4.23
C GLU A 20 9.82 -2.16 4.86
N GLU A 21 8.48 -2.06 4.80
CA GLU A 21 7.57 -3.10 5.33
C GLU A 21 7.62 -4.36 4.43
N MET A 22 7.91 -4.17 3.13
CA MET A 22 8.11 -5.28 2.17
C MET A 22 9.38 -6.10 2.53
N ILE A 23 10.43 -5.41 3.06
CA ILE A 23 11.66 -6.08 3.55
C ILE A 23 11.29 -7.01 4.72
N ILE A 24 10.57 -6.42 5.70
CA ILE A 24 10.09 -7.12 6.91
C ILE A 24 9.13 -8.27 6.54
N ALA A 25 8.36 -8.09 5.45
CA ALA A 25 7.41 -9.11 4.95
C ALA A 25 8.17 -10.35 4.45
N LEU A 26 9.30 -10.13 3.77
CA LEU A 26 10.19 -11.22 3.30
C LEU A 26 10.83 -11.94 4.51
N LEU A 27 11.26 -11.16 5.50
CA LEU A 27 11.83 -11.70 6.75
C LEU A 27 10.78 -12.50 7.55
N ALA A 28 9.50 -12.09 7.42
CA ALA A 28 8.37 -12.69 8.15
C ALA A 28 7.58 -13.69 7.29
N SER A 29 8.19 -14.14 6.16
CA SER A 29 7.56 -15.13 5.24
C SER A 29 7.42 -16.50 5.96
N PRO A 30 6.44 -17.39 5.55
CA PRO A 30 6.25 -18.75 6.17
C PRO A 30 7.54 -19.58 6.21
N GLN A 31 8.31 -19.45 5.12
CA GLN A 31 9.58 -20.15 4.93
C GLN A 31 10.66 -19.61 5.90
N LEU A 32 10.82 -18.28 5.94
CA LEU A 32 11.86 -17.63 6.78
C LEU A 32 11.43 -17.57 8.25
N ALA A 33 10.15 -17.84 8.53
CA ALA A 33 9.63 -17.94 9.91
C ALA A 33 10.29 -19.13 10.62
N VAL A 34 10.15 -20.32 9.99
CA VAL A 34 10.75 -21.56 10.50
C VAL A 34 12.28 -21.57 10.28
N PHE A 35 12.76 -20.88 9.22
CA PHE A 35 14.21 -20.81 8.92
C PHE A 35 14.97 -20.02 10.01
N PHE A 36 14.31 -19.03 10.63
CA PHE A 36 14.90 -18.25 11.74
C PHE A 36 14.76 -18.99 13.09
N GLU A 37 13.91 -20.04 13.12
CA GLU A 37 13.79 -20.96 14.26
C GLU A 37 14.91 -22.02 14.21
N LYS A 38 15.11 -22.56 12.99
CA LYS A 38 16.07 -23.66 12.73
C LYS A 38 17.50 -23.12 12.68
N PHE A 39 17.68 -21.97 12.01
CA PHE A 39 18.99 -21.31 11.82
C PHE A 39 18.86 -19.78 12.07
N PRO A 40 18.75 -19.34 13.37
CA PRO A 40 18.72 -17.89 13.73
C PRO A 40 20.09 -17.19 13.55
N ARG A 41 21.13 -17.94 13.13
CA ARG A 41 22.43 -17.36 12.76
C ARG A 41 22.41 -16.88 11.29
N LEU A 42 21.82 -17.73 10.45
CA LEU A 42 21.82 -17.54 8.99
C LEU A 42 20.87 -16.41 8.56
N LYS A 43 19.96 -16.00 9.47
CA LYS A 43 19.06 -14.86 9.27
C LYS A 43 19.85 -13.55 9.03
N ALA A 44 21.06 -13.46 9.65
CA ALA A 44 21.91 -12.25 9.66
C ALA A 44 22.19 -11.71 8.25
N ALA A 45 22.37 -12.64 7.29
CA ALA A 45 22.61 -12.29 5.88
C ALA A 45 21.37 -11.67 5.26
N ILE A 46 20.24 -12.38 5.36
CA ILE A 46 18.97 -12.00 4.71
C ILE A 46 18.40 -10.68 5.33
N THR A 47 18.67 -10.46 6.61
CA THR A 47 18.21 -9.24 7.31
C THR A 47 19.14 -8.04 6.97
N ASP A 48 20.40 -8.34 6.64
CA ASP A 48 21.39 -7.32 6.17
C ASP A 48 21.23 -7.07 4.65
N ASP A 49 20.49 -7.98 3.98
CA ASP A 49 20.32 -8.03 2.52
C ASP A 49 19.25 -7.01 2.00
N VAL A 50 18.89 -6.03 2.86
CA VAL A 50 17.86 -4.97 2.56
C VAL A 50 18.02 -4.27 1.17
N PRO A 51 19.27 -3.76 0.77
CA PRO A 51 19.46 -3.00 -0.51
C PRO A 51 19.13 -3.79 -1.78
N ARG A 52 19.01 -5.13 -1.67
CA ARG A 52 18.72 -6.01 -2.80
C ARG A 52 17.24 -5.94 -3.22
N TRP A 53 16.31 -6.06 -2.24
CA TRP A 53 14.86 -5.99 -2.50
C TRP A 53 14.46 -4.61 -3.00
N ARG A 54 14.98 -3.55 -2.34
CA ARG A 54 14.55 -2.17 -2.61
C ARG A 54 14.83 -1.75 -4.06
N GLU A 55 15.92 -2.27 -4.65
CA GLU A 55 16.25 -2.06 -6.07
C GLU A 55 15.21 -2.73 -6.99
N ALA A 56 14.88 -3.99 -6.67
CA ALA A 56 13.87 -4.79 -7.40
C ALA A 56 12.46 -4.17 -7.27
N LEU A 57 12.20 -3.50 -6.13
CA LEU A 57 10.90 -2.86 -5.81
C LEU A 57 10.79 -1.47 -6.48
N ARG A 58 11.94 -0.79 -6.71
CA ARG A 58 11.97 0.48 -7.47
C ARG A 58 11.62 0.22 -8.94
N SER A 59 12.06 -0.95 -9.43
CA SER A 59 11.68 -1.45 -10.75
C SER A 59 10.20 -1.88 -10.75
N ARG A 60 9.81 -2.61 -9.68
CA ARG A 60 8.49 -3.24 -9.55
C ARG A 60 7.36 -2.21 -9.55
N LEU A 61 7.63 -1.03 -8.99
CA LEU A 61 6.70 0.11 -8.98
C LEU A 61 6.19 0.41 -10.41
N LYS A 62 7.13 0.41 -11.35
CA LYS A 62 6.88 0.82 -12.75
C LYS A 62 6.34 -0.36 -13.58
N ASP A 63 6.84 -1.58 -13.31
CA ASP A 63 6.48 -2.82 -14.05
C ASP A 63 5.08 -3.33 -13.67
N ALA A 64 4.76 -3.25 -12.37
CA ALA A 64 3.50 -3.78 -11.82
C ALA A 64 2.30 -2.87 -12.16
N ARG A 65 1.09 -3.45 -12.09
CA ARG A 65 -0.18 -2.71 -12.32
C ARG A 65 -0.84 -2.40 -10.96
N VAL A 66 -1.85 -1.53 -10.98
CA VAL A 66 -2.60 -1.13 -9.77
C VAL A 66 -3.51 -2.27 -9.26
N PRO A 67 -3.71 -2.40 -7.91
CA PRO A 67 -4.74 -3.30 -7.32
C PRO A 67 -6.17 -2.95 -7.81
N PRO A 68 -7.10 -3.97 -7.88
CA PRO A 68 -8.52 -3.77 -8.32
C PRO A 68 -9.25 -2.67 -7.51
N GLU A 69 -8.90 -2.59 -6.22
CA GLU A 69 -9.46 -1.62 -5.27
C GLU A 69 -9.08 -0.20 -5.70
N LEU A 70 -7.77 -0.02 -5.94
CA LEU A 70 -7.19 1.28 -6.29
C LEU A 70 -7.73 1.80 -7.62
N THR A 71 -8.04 0.89 -8.57
CA THR A 71 -8.48 1.26 -9.92
C THR A 71 -9.71 2.20 -9.84
N GLU A 72 -10.64 1.88 -8.94
CA GLU A 72 -11.84 2.71 -8.71
C GLU A 72 -11.48 4.08 -8.12
N GLU A 73 -10.59 4.07 -7.09
CA GLU A 73 -10.22 5.28 -6.33
C GLU A 73 -9.41 6.28 -7.18
N VAL A 74 -8.53 5.77 -8.08
CA VAL A 74 -7.67 6.63 -8.92
C VAL A 74 -8.49 7.25 -10.08
N MET A 75 -9.50 6.50 -10.59
CA MET A 75 -10.44 7.04 -11.61
C MET A 75 -11.26 8.17 -10.99
N CYS A 76 -11.84 7.89 -9.82
CA CYS A 76 -12.69 8.84 -9.08
C CYS A 76 -11.86 10.04 -8.52
N TYR A 77 -10.55 9.83 -8.33
CA TYR A 77 -9.60 10.88 -7.92
C TYR A 77 -9.39 11.90 -9.04
N GLN A 78 -8.99 11.39 -10.21
CA GLN A 78 -8.69 12.22 -11.39
C GLN A 78 -9.96 12.88 -11.95
N GLN A 79 -11.13 12.27 -11.68
CA GLN A 79 -12.44 12.85 -12.03
C GLN A 79 -12.89 13.89 -11.00
N SER A 80 -12.48 13.74 -9.72
CA SER A 80 -12.86 14.68 -8.63
C SER A 80 -12.22 16.07 -8.81
N GLN A 81 -10.95 16.07 -9.24
CA GLN A 81 -10.19 17.30 -9.56
C GLN A 81 -10.67 17.95 -10.88
N LEU A 82 -11.38 17.16 -11.71
CA LEU A 82 -11.96 17.63 -13.01
C LEU A 82 -13.48 17.82 -12.89
N LEU A 83 -14.05 17.52 -11.71
CA LEU A 83 -15.50 17.51 -11.49
C LEU A 83 -16.02 18.96 -11.42
N SER A 84 -16.59 19.43 -12.56
CA SER A 84 -17.06 20.82 -12.71
C SER A 84 -18.19 21.11 -11.71
N THR A 85 -18.33 22.38 -11.30
CA THR A 85 -19.16 22.81 -10.16
C THR A 85 -20.70 22.48 -10.29
N PRO A 86 -21.39 22.55 -11.50
CA PRO A 86 -22.81 22.10 -11.60
C PRO A 86 -22.94 20.56 -11.46
N GLN A 87 -21.96 19.84 -12.02
CA GLN A 87 -21.90 18.37 -12.02
C GLN A 87 -21.50 17.84 -10.63
N PHE A 88 -20.72 18.66 -9.90
CA PHE A 88 -20.13 18.29 -8.60
C PHE A 88 -21.25 17.99 -7.58
N ILE A 89 -22.18 18.94 -7.47
CA ILE A 89 -23.27 18.90 -6.47
C ILE A 89 -24.27 17.77 -6.77
N VAL A 90 -24.67 17.62 -8.04
CA VAL A 90 -25.68 16.62 -8.43
C VAL A 90 -25.11 15.18 -8.34
N GLN A 91 -23.81 15.02 -8.67
CA GLN A 91 -23.12 13.71 -8.64
C GLN A 91 -22.41 13.51 -7.28
N LEU A 92 -22.57 14.48 -6.34
CA LEU A 92 -21.98 14.40 -4.99
C LEU A 92 -22.50 13.15 -4.20
N PRO A 93 -23.86 12.97 -3.95
CA PRO A 93 -24.36 11.79 -3.20
C PRO A 93 -24.12 10.46 -3.96
N GLN A 94 -23.95 10.57 -5.29
CA GLN A 94 -23.64 9.45 -6.19
C GLN A 94 -22.21 8.94 -5.91
N ILE A 95 -21.22 9.85 -5.95
CA ILE A 95 -19.78 9.48 -5.87
C ILE A 95 -19.42 8.96 -4.46
N LEU A 96 -20.20 9.38 -3.43
CA LEU A 96 -20.04 8.89 -2.05
C LEU A 96 -20.24 7.37 -1.96
N ASP A 97 -21.12 6.84 -2.83
CA ASP A 97 -21.39 5.38 -2.94
C ASP A 97 -20.11 4.61 -3.27
N LEU A 98 -19.22 5.19 -4.10
CA LEU A 98 -17.94 4.55 -4.50
C LEU A 98 -17.03 4.37 -3.28
N LEU A 99 -17.06 5.35 -2.37
CA LEU A 99 -16.29 5.29 -1.11
C LEU A 99 -16.81 4.15 -0.21
N HIS A 100 -18.15 4.00 -0.15
CA HIS A 100 -18.82 2.90 0.58
C HIS A 100 -18.61 1.55 -0.14
N ARG A 101 -18.49 1.60 -1.48
CA ARG A 101 -18.33 0.43 -2.37
C ARG A 101 -16.94 -0.19 -2.17
N LEU A 102 -15.97 0.68 -1.90
CA LEU A 102 -14.56 0.31 -1.65
C LEU A 102 -14.36 0.00 -0.15
N ASN A 103 -15.23 0.61 0.68
CA ASN A 103 -15.11 0.65 2.14
C ASN A 103 -13.86 1.50 2.53
N SER A 104 -13.59 2.51 1.70
CA SER A 104 -12.55 3.52 1.96
C SER A 104 -12.93 4.29 3.24
N PRO A 105 -11.95 4.60 4.15
CA PRO A 105 -12.26 5.21 5.49
C PRO A 105 -12.90 6.61 5.39
N TRP A 106 -12.73 7.24 4.21
CA TRP A 106 -13.27 8.57 3.91
C TRP A 106 -14.79 8.53 3.61
N ALA A 107 -15.36 7.31 3.53
CA ALA A 107 -16.81 7.09 3.29
C ALA A 107 -17.66 7.75 4.39
N GLU A 108 -17.27 7.50 5.65
CA GLU A 108 -17.95 8.05 6.84
C GLU A 108 -17.76 9.58 6.92
N GLN A 109 -16.50 10.02 6.72
CA GLN A 109 -16.14 11.44 6.85
C GLN A 109 -16.92 12.28 5.84
N ALA A 110 -16.80 11.94 4.55
CA ALA A 110 -17.41 12.70 3.44
C ALA A 110 -18.95 12.70 3.54
N ARG A 111 -19.50 11.57 4.01
CA ARG A 111 -20.96 11.39 4.25
C ARG A 111 -21.49 12.42 5.27
N GLN A 112 -20.80 12.48 6.43
CA GLN A 112 -21.17 13.37 7.55
C GLN A 112 -20.75 14.83 7.27
N LEU A 113 -19.72 14.99 6.41
CA LEU A 113 -19.11 16.29 6.07
C LEU A 113 -20.06 17.11 5.20
N VAL A 114 -20.62 16.47 4.16
CA VAL A 114 -21.56 17.11 3.23
C VAL A 114 -22.96 17.22 3.87
N ASP A 115 -23.23 16.37 4.88
CA ASP A 115 -24.44 16.46 5.71
C ASP A 115 -24.35 17.70 6.63
N ALA A 116 -23.14 17.94 7.15
CA ALA A 116 -22.84 19.08 8.04
C ALA A 116 -22.87 20.41 7.27
N ASN A 117 -22.48 20.37 5.98
CA ASN A 117 -22.48 21.55 5.10
C ASN A 117 -22.64 21.10 3.64
N SER A 118 -23.84 21.31 3.07
CA SER A 118 -24.14 20.96 1.67
C SER A 118 -23.76 22.11 0.70
N THR A 119 -23.46 23.29 1.26
CA THR A 119 -23.07 24.49 0.48
C THR A 119 -21.57 24.44 0.12
N ILE A 120 -21.22 23.43 -0.70
CA ILE A 120 -19.85 23.23 -1.20
C ILE A 120 -19.59 24.21 -2.37
N THR A 121 -18.69 25.18 -2.14
CA THR A 121 -18.44 26.29 -3.08
C THR A 121 -16.92 26.55 -3.23
N SER A 122 -16.25 26.90 -2.11
CA SER A 122 -14.85 27.33 -2.11
C SER A 122 -14.06 26.65 -0.97
N ALA A 123 -14.38 27.02 0.28
CA ALA A 123 -13.63 26.57 1.48
C ALA A 123 -13.72 25.05 1.67
N LEU A 124 -14.94 24.54 1.85
CA LEU A 124 -15.21 23.10 1.98
C LEU A 124 -14.87 22.35 0.67
N HIS A 125 -15.05 23.03 -0.49
CA HIS A 125 -14.73 22.43 -1.81
C HIS A 125 -13.25 22.03 -1.90
N THR A 126 -12.39 22.92 -1.39
CA THR A 126 -10.94 22.71 -1.31
C THR A 126 -10.64 21.58 -0.30
N LEU A 127 -11.20 21.71 0.92
CA LEU A 127 -10.99 20.76 2.04
C LEU A 127 -11.44 19.34 1.66
N PHE A 128 -12.51 19.25 0.84
CA PHE A 128 -13.14 17.98 0.42
C PHE A 128 -12.13 17.17 -0.42
N LEU A 129 -11.56 17.83 -1.44
CA LEU A 129 -10.56 17.23 -2.35
C LEU A 129 -9.29 16.86 -1.56
N GLN A 130 -8.81 17.79 -0.70
CA GLN A 130 -7.58 17.60 0.13
C GLN A 130 -7.70 16.37 1.03
N ARG A 131 -8.87 16.24 1.68
CA ARG A 131 -9.13 15.22 2.69
C ARG A 131 -9.28 13.84 2.04
N TRP A 132 -9.70 13.83 0.76
CA TRP A 132 -9.69 12.63 -0.08
C TRP A 132 -8.25 12.19 -0.39
N ARG A 133 -7.38 13.15 -0.78
CA ARG A 133 -5.99 12.86 -1.19
C ARG A 133 -5.20 12.18 -0.06
N LEU A 134 -5.38 12.68 1.19
CA LEU A 134 -4.68 12.15 2.37
C LEU A 134 -5.31 10.80 2.83
N SER A 135 -6.64 10.67 2.70
CA SER A 135 -7.37 9.45 3.10
C SER A 135 -7.14 8.30 2.09
N LEU A 136 -6.80 8.67 0.85
CA LEU A 136 -6.45 7.72 -0.21
C LEU A 136 -5.14 6.99 0.17
N ILE A 137 -4.27 7.69 0.94
CA ILE A 137 -2.95 7.16 1.38
C ILE A 137 -3.14 6.05 2.45
N VAL A 138 -4.00 6.32 3.45
CA VAL A 138 -4.27 5.37 4.55
C VAL A 138 -5.08 4.14 4.06
N GLN A 139 -5.85 4.31 2.97
CA GLN A 139 -6.49 3.17 2.27
C GLN A 139 -5.45 2.46 1.38
N ALA A 140 -4.52 3.24 0.79
CA ALA A 140 -3.44 2.73 -0.08
C ALA A 140 -2.51 1.77 0.68
N THR A 141 -2.51 1.88 2.03
CA THR A 141 -1.86 0.91 2.93
C THR A 141 -2.31 -0.54 2.60
N THR A 142 -3.63 -0.76 2.54
CA THR A 142 -4.25 -2.06 2.19
C THR A 142 -3.89 -2.48 0.75
N LEU A 143 -3.79 -1.48 -0.13
CA LEU A 143 -3.58 -1.68 -1.58
C LEU A 143 -2.13 -2.13 -1.88
N ASN A 144 -1.13 -1.47 -1.25
CA ASN A 144 0.30 -1.86 -1.41
C ASN A 144 0.58 -3.13 -0.60
N GLN A 145 -0.28 -3.42 0.40
CA GLN A 145 -0.27 -4.69 1.16
C GLN A 145 -0.61 -5.86 0.21
N GLN A 146 -1.60 -5.64 -0.69
CA GLN A 146 -1.97 -6.63 -1.73
C GLN A 146 -0.75 -6.95 -2.60
N LEU A 147 -0.12 -5.87 -3.13
CA LEU A 147 1.12 -5.97 -3.92
C LEU A 147 2.21 -6.74 -3.16
N LEU A 148 2.59 -6.21 -1.99
CA LEU A 148 3.84 -6.60 -1.35
C LEU A 148 3.78 -8.02 -0.84
N GLU A 149 2.56 -8.54 -0.50
CA GLU A 149 2.39 -9.93 0.00
C GLU A 149 2.29 -10.97 -1.16
N GLU A 150 1.67 -10.60 -2.30
CA GLU A 150 1.56 -11.52 -3.46
C GLU A 150 2.92 -11.61 -4.20
N GLU A 151 3.64 -10.49 -4.19
CA GLU A 151 4.96 -10.35 -4.83
C GLU A 151 6.06 -10.89 -3.90
N ARG A 152 5.79 -10.83 -2.58
CA ARG A 152 6.63 -11.41 -1.51
C ARG A 152 6.94 -12.88 -1.74
N GLU A 153 5.99 -13.59 -2.38
CA GLU A 153 6.12 -15.02 -2.72
C GLU A 153 7.16 -15.23 -3.85
N GLN A 154 7.18 -14.32 -4.83
CA GLN A 154 8.13 -14.34 -5.96
C GLN A 154 9.54 -13.93 -5.50
N LEU A 155 9.57 -12.93 -4.60
CA LEU A 155 10.81 -12.51 -3.92
C LEU A 155 11.29 -13.60 -2.95
N LEU A 156 10.34 -14.35 -2.40
CA LEU A 156 10.63 -15.50 -1.52
C LEU A 156 11.41 -16.59 -2.29
N SER A 157 11.09 -16.75 -3.58
CA SER A 157 11.86 -17.63 -4.50
C SER A 157 13.31 -17.07 -4.66
N GLU A 158 13.39 -15.73 -4.83
CA GLU A 158 14.66 -14.99 -4.93
C GLU A 158 15.51 -15.11 -3.64
N VAL A 159 14.86 -15.18 -2.45
CA VAL A 159 15.59 -15.29 -1.18
C VAL A 159 16.07 -16.73 -0.95
N GLN A 160 15.32 -17.71 -1.51
CA GLN A 160 15.72 -19.13 -1.44
C GLN A 160 16.98 -19.41 -2.26
N GLU A 161 17.22 -18.59 -3.30
CA GLU A 161 18.48 -18.63 -4.05
C GLU A 161 19.62 -17.99 -3.23
N ARG A 162 19.41 -16.73 -2.78
CA ARG A 162 20.47 -15.93 -2.14
C ARG A 162 20.90 -16.51 -0.79
N MET A 163 19.97 -17.18 -0.07
CA MET A 163 20.14 -17.61 1.36
C MET A 163 21.42 -18.43 1.61
N THR A 164 21.99 -19.00 0.54
CA THR A 164 23.23 -19.78 0.58
C THR A 164 24.47 -18.92 1.00
N LEU A 165 24.34 -17.58 0.94
CA LEU A 165 25.46 -16.63 1.21
C LEU A 165 25.63 -16.38 2.72
N SER A 166 24.70 -16.92 3.53
CA SER A 166 24.67 -16.70 4.99
C SER A 166 25.90 -17.31 5.68
N GLY A 167 26.06 -18.63 5.50
CA GLY A 167 27.27 -19.38 5.87
C GLY A 167 27.74 -19.21 7.31
N GLN A 168 28.49 -18.13 7.56
CA GLN A 168 29.35 -17.97 8.76
C GLN A 168 29.03 -16.69 9.56
N LEU A 169 27.96 -15.96 9.19
CA LEU A 169 27.65 -14.63 9.79
C LEU A 169 27.16 -14.73 11.26
N GLU A 170 26.82 -13.58 11.86
CA GLU A 170 26.55 -13.47 13.31
C GLU A 170 25.24 -14.17 13.74
N PRO A 171 25.23 -14.87 14.93
CA PRO A 171 24.00 -15.39 15.55
C PRO A 171 23.15 -14.25 16.14
N ILE A 172 22.02 -13.93 15.48
CA ILE A 172 21.14 -12.83 15.88
C ILE A 172 19.91 -13.40 16.62
N LEU A 173 19.76 -13.00 17.89
CA LEU A 173 18.69 -13.46 18.78
C LEU A 173 17.69 -12.31 19.02
N ALA A 174 16.46 -12.46 18.48
CA ALA A 174 15.37 -11.48 18.65
C ALA A 174 14.02 -12.22 18.68
N ASP A 175 13.23 -11.97 19.74
CA ASP A 175 11.92 -12.61 19.96
C ASP A 175 10.94 -11.62 20.60
N ASN A 176 9.75 -11.50 19.99
CA ASN A 176 8.64 -10.68 20.51
C ASN A 176 7.31 -11.13 19.89
N ASN A 177 6.20 -10.66 20.47
CA ASN A 177 4.83 -10.94 19.99
C ASN A 177 4.27 -9.72 19.26
N THR A 178 3.35 -9.96 18.32
CA THR A 178 2.67 -8.93 17.50
C THR A 178 1.24 -9.39 17.19
N ALA A 179 0.24 -8.56 17.57
CA ALA A 179 -1.19 -8.85 17.32
C ALA A 179 -1.69 -8.03 16.12
N ALA A 180 -2.10 -8.73 15.06
CA ALA A 180 -2.63 -8.10 13.83
C ALA A 180 -4.08 -7.62 14.05
N GLY A 181 -4.43 -6.50 13.39
CA GLY A 181 -5.77 -5.92 13.48
C GLY A 181 -6.80 -6.61 12.58
N ARG A 182 -7.62 -5.82 11.88
CA ARG A 182 -8.72 -6.33 11.03
C ARG A 182 -8.40 -6.12 9.55
N LEU A 183 -8.46 -7.23 8.78
CA LEU A 183 -8.24 -7.23 7.33
C LEU A 183 -9.48 -7.83 6.65
N TRP A 184 -9.97 -7.15 5.60
CA TRP A 184 -11.16 -7.59 4.86
C TRP A 184 -11.00 -7.19 3.39
N ASP A 185 -10.62 -8.17 2.55
CA ASP A 185 -10.33 -7.93 1.11
C ASP A 185 -11.64 -7.62 0.36
N MET A 186 -11.58 -6.62 -0.53
CA MET A 186 -12.73 -6.20 -1.35
C MET A 186 -12.23 -5.91 -2.77
N SER A 187 -12.05 -6.99 -3.56
CA SER A 187 -11.60 -6.90 -4.95
C SER A 187 -12.68 -6.22 -5.80
N ALA A 188 -12.49 -4.91 -6.02
CA ALA A 188 -13.38 -4.09 -6.85
C ALA A 188 -13.12 -4.37 -8.35
N GLY A 189 -13.88 -3.71 -9.23
CA GLY A 189 -13.74 -3.91 -10.67
C GLY A 189 -12.78 -2.90 -11.30
N GLN A 190 -13.14 -2.44 -12.50
CA GLN A 190 -12.47 -1.34 -13.19
C GLN A 190 -13.53 -0.40 -13.77
N LEU A 191 -13.09 0.79 -14.21
CA LEU A 191 -13.97 1.79 -14.85
C LEU A 191 -14.45 1.23 -16.22
N MET A 1 -5.27 0.09 -16.94
CA MET A 1 -3.82 -0.26 -16.95
C MET A 1 -3.11 0.42 -15.76
N LEU A 2 -3.30 -0.14 -14.55
CA LEU A 2 -2.72 0.44 -13.32
C LEU A 2 -1.61 -0.44 -12.75
N THR A 3 -0.47 0.20 -12.44
CA THR A 3 0.68 -0.43 -11.77
C THR A 3 0.85 0.20 -10.37
N LEU A 4 1.64 -0.42 -9.48
CA LEU A 4 1.88 0.09 -8.09
C LEU A 4 2.49 1.52 -8.14
N ASP A 5 3.16 1.84 -9.26
CA ASP A 5 3.74 3.18 -9.53
C ASP A 5 2.67 4.31 -9.44
N THR A 6 1.41 3.96 -9.78
CA THR A 6 0.25 4.87 -9.67
C THR A 6 0.17 5.50 -8.27
N LEU A 7 0.38 4.66 -7.23
CA LEU A 7 0.29 5.08 -5.81
C LEU A 7 1.22 6.26 -5.49
N ASN A 8 2.47 6.17 -6.00
CA ASN A 8 3.51 7.19 -5.73
C ASN A 8 3.14 8.53 -6.40
N VAL A 9 2.42 8.46 -7.54
CA VAL A 9 2.03 9.62 -8.35
C VAL A 9 0.72 10.26 -7.79
N MET A 10 -0.29 9.41 -7.51
CA MET A 10 -1.68 9.84 -7.19
C MET A 10 -1.79 10.38 -5.76
N LEU A 11 -0.87 9.93 -4.89
CA LEU A 11 -0.80 10.36 -3.49
C LEU A 11 0.33 11.39 -3.30
N ALA A 12 1.34 11.32 -4.21
CA ALA A 12 2.57 12.17 -4.16
C ALA A 12 3.39 11.88 -2.88
N VAL A 13 3.40 10.59 -2.47
CA VAL A 13 4.07 10.12 -1.24
C VAL A 13 5.25 9.20 -1.56
N SER A 14 6.08 8.96 -0.53
CA SER A 14 7.19 8.01 -0.57
C SER A 14 6.68 6.59 -0.23
N GLU A 15 7.03 5.61 -1.09
CA GLU A 15 6.65 4.19 -0.93
C GLU A 15 7.53 3.51 0.17
N GLU A 16 8.59 4.24 0.61
CA GLU A 16 9.63 3.73 1.55
C GLU A 16 9.05 3.19 2.89
N GLY A 17 7.92 3.78 3.32
CA GLY A 17 7.22 3.34 4.54
C GLY A 17 6.68 1.91 4.43
N LEU A 18 6.19 1.57 3.23
CA LEU A 18 5.68 0.22 2.93
C LEU A 18 6.84 -0.75 2.65
N ILE A 19 7.94 -0.21 2.06
CA ILE A 19 9.18 -0.99 1.80
C ILE A 19 9.79 -1.49 3.13
N GLU A 20 9.71 -0.63 4.16
CA GLU A 20 10.15 -0.97 5.54
C GLU A 20 9.41 -2.21 6.06
N GLU A 21 8.07 -2.14 6.02
CA GLU A 21 7.18 -3.24 6.47
C GLU A 21 7.38 -4.50 5.59
N MET A 22 7.79 -4.27 4.34
CA MET A 22 7.99 -5.34 3.34
C MET A 22 9.37 -6.04 3.53
N ILE A 23 10.33 -5.33 4.18
CA ILE A 23 11.59 -5.95 4.68
C ILE A 23 11.22 -6.99 5.75
N ILE A 24 10.45 -6.51 6.74
CA ILE A 24 9.93 -7.33 7.87
C ILE A 24 9.07 -8.49 7.32
N ALA A 25 8.30 -8.23 6.24
CA ALA A 25 7.44 -9.24 5.59
C ALA A 25 8.26 -10.43 5.08
N LEU A 26 9.38 -10.14 4.41
CA LEU A 26 10.30 -11.17 3.90
C LEU A 26 10.98 -11.92 5.06
N LEU A 27 11.48 -11.18 6.05
CA LEU A 27 12.20 -11.77 7.20
C LEU A 27 11.25 -12.56 8.13
N ALA A 28 9.92 -12.30 8.02
CA ALA A 28 8.89 -13.00 8.81
C ALA A 28 8.06 -13.97 7.93
N SER A 29 8.59 -14.28 6.72
CA SER A 29 7.98 -15.30 5.84
C SER A 29 8.24 -16.71 6.42
N PRO A 30 7.32 -17.71 6.24
CA PRO A 30 7.47 -19.08 6.84
C PRO A 30 8.76 -19.79 6.35
N GLN A 31 9.16 -19.47 5.12
CA GLN A 31 10.36 -20.05 4.48
C GLN A 31 11.65 -19.53 5.13
N LEU A 32 11.74 -18.22 5.40
CA LEU A 32 12.91 -17.63 6.07
C LEU A 32 12.89 -17.97 7.57
N ALA A 33 11.68 -18.15 8.14
CA ALA A 33 11.50 -18.53 9.56
C ALA A 33 12.17 -19.88 9.85
N VAL A 34 11.90 -20.89 9.00
CA VAL A 34 12.52 -22.22 9.15
C VAL A 34 14.04 -22.15 8.82
N PHE A 35 14.41 -21.26 7.88
CA PHE A 35 15.83 -21.06 7.48
C PHE A 35 16.68 -20.50 8.64
N PHE A 36 16.05 -19.70 9.53
CA PHE A 36 16.71 -19.14 10.74
C PHE A 36 17.09 -20.27 11.73
N GLU A 37 16.29 -21.35 11.72
CA GLU A 37 16.49 -22.50 12.62
C GLU A 37 17.49 -23.50 12.02
N LYS A 38 17.31 -23.81 10.72
CA LYS A 38 18.16 -24.74 9.95
C LYS A 38 19.60 -24.21 9.88
N PHE A 39 19.69 -22.90 9.56
CA PHE A 39 20.97 -22.19 9.38
C PHE A 39 20.93 -20.85 10.15
N PRO A 40 21.20 -20.89 11.51
CA PRO A 40 21.18 -19.70 12.39
C PRO A 40 22.28 -18.69 12.04
N ARG A 41 23.32 -19.14 11.32
CA ARG A 41 24.45 -18.31 10.92
C ARG A 41 24.24 -17.73 9.50
N LEU A 42 23.74 -18.57 8.56
CA LEU A 42 23.53 -18.16 7.14
C LEU A 42 22.35 -17.19 6.99
N LYS A 43 21.50 -17.10 8.04
CA LYS A 43 20.41 -16.10 8.10
C LYS A 43 20.98 -14.68 8.05
N ALA A 44 22.22 -14.52 8.59
CA ALA A 44 22.97 -13.23 8.62
C ALA A 44 23.06 -12.60 7.22
N ALA A 45 23.21 -13.47 6.21
CA ALA A 45 23.32 -13.06 4.81
C ALA A 45 22.11 -12.22 4.35
N ILE A 46 20.91 -12.78 4.59
CA ILE A 46 19.64 -12.19 4.13
C ILE A 46 19.28 -10.94 4.96
N THR A 47 19.57 -11.00 6.28
CA THR A 47 19.31 -9.89 7.23
C THR A 47 20.34 -8.74 7.06
N ASP A 48 21.51 -9.05 6.44
CA ASP A 48 22.54 -8.06 6.08
C ASP A 48 22.17 -7.38 4.74
N ASP A 49 21.48 -8.16 3.89
CA ASP A 49 21.18 -7.80 2.50
C ASP A 49 19.87 -6.97 2.38
N VAL A 50 19.53 -6.24 3.47
CA VAL A 50 18.38 -5.31 3.55
C VAL A 50 18.35 -4.23 2.41
N PRO A 51 19.48 -3.49 2.10
CA PRO A 51 19.49 -2.43 1.03
C PRO A 51 19.15 -2.94 -0.40
N ARG A 52 19.17 -4.27 -0.60
CA ARG A 52 18.88 -4.88 -1.91
C ARG A 52 17.37 -4.78 -2.24
N TRP A 53 16.51 -4.96 -1.22
CA TRP A 53 15.04 -4.80 -1.35
C TRP A 53 14.64 -3.36 -1.70
N ARG A 54 15.51 -2.38 -1.35
CA ARG A 54 15.28 -0.95 -1.70
C ARG A 54 15.17 -0.82 -3.23
N GLU A 55 16.23 -1.22 -3.95
CA GLU A 55 16.28 -1.14 -5.43
C GLU A 55 15.34 -2.16 -6.08
N ALA A 56 15.12 -3.30 -5.39
CA ALA A 56 14.19 -4.33 -5.84
C ALA A 56 12.78 -3.75 -5.98
N LEU A 57 12.26 -3.18 -4.88
CA LEU A 57 10.87 -2.71 -4.79
C LEU A 57 10.68 -1.38 -5.56
N ARG A 58 11.71 -0.50 -5.58
CA ARG A 58 11.63 0.79 -6.30
C ARG A 58 11.44 0.59 -7.82
N SER A 59 12.10 -0.44 -8.37
CA SER A 59 11.90 -0.87 -9.78
C SER A 59 10.60 -1.71 -9.89
N ARG A 60 10.40 -2.59 -8.89
CA ARG A 60 9.31 -3.57 -8.90
C ARG A 60 7.94 -2.88 -8.86
N LEU A 61 7.83 -1.68 -8.26
CA LEU A 61 6.53 -1.00 -8.13
C LEU A 61 6.01 -0.51 -9.50
N LYS A 62 6.91 -0.32 -10.49
CA LYS A 62 6.49 -0.10 -11.89
C LYS A 62 6.03 -1.42 -12.51
N ASP A 63 6.65 -2.54 -12.09
CA ASP A 63 6.31 -3.90 -12.60
C ASP A 63 5.25 -4.65 -11.75
N ALA A 64 4.77 -4.03 -10.65
CA ALA A 64 3.90 -4.71 -9.65
C ALA A 64 2.41 -4.43 -9.86
N ARG A 65 1.58 -5.19 -9.13
CA ARG A 65 0.10 -5.18 -9.27
C ARG A 65 -0.53 -4.11 -8.37
N VAL A 66 -1.83 -3.84 -8.62
CA VAL A 66 -2.67 -2.92 -7.82
C VAL A 66 -3.87 -3.69 -7.25
N PRO A 67 -4.24 -3.47 -5.93
CA PRO A 67 -5.46 -4.04 -5.33
C PRO A 67 -6.74 -3.57 -6.06
N PRO A 68 -7.79 -4.44 -6.21
CA PRO A 68 -8.98 -4.13 -7.04
C PRO A 68 -9.81 -2.95 -6.45
N GLU A 69 -9.62 -2.71 -5.14
CA GLU A 69 -10.20 -1.56 -4.42
C GLU A 69 -9.56 -0.26 -4.91
N LEU A 70 -8.21 -0.25 -4.94
CA LEU A 70 -7.43 0.93 -5.37
C LEU A 70 -7.63 1.18 -6.87
N THR A 71 -7.87 0.11 -7.65
CA THR A 71 -8.12 0.21 -9.10
C THR A 71 -9.37 1.07 -9.37
N GLU A 72 -10.45 0.80 -8.58
CA GLU A 72 -11.71 1.57 -8.66
C GLU A 72 -11.56 2.96 -8.03
N GLU A 73 -10.73 3.04 -6.97
CA GLU A 73 -10.50 4.28 -6.22
C GLU A 73 -9.76 5.33 -7.08
N VAL A 74 -8.77 4.87 -7.88
CA VAL A 74 -8.00 5.77 -8.77
C VAL A 74 -8.88 6.20 -9.96
N MET A 75 -9.77 5.31 -10.43
CA MET A 75 -10.75 5.62 -11.50
C MET A 75 -11.73 6.75 -11.07
N CYS A 76 -12.02 6.81 -9.76
CA CYS A 76 -12.90 7.85 -9.19
C CYS A 76 -12.10 9.10 -8.76
N TYR A 77 -10.82 8.91 -8.38
CA TYR A 77 -9.90 10.00 -7.98
C TYR A 77 -9.55 10.86 -9.21
N GLN A 78 -9.22 10.18 -10.32
CA GLN A 78 -8.85 10.84 -11.59
C GLN A 78 -10.08 11.59 -12.13
N GLN A 79 -11.26 10.99 -11.96
CA GLN A 79 -12.55 11.61 -12.30
C GLN A 79 -12.79 12.88 -11.46
N SER A 80 -12.45 12.80 -10.15
CA SER A 80 -12.68 13.89 -9.17
C SER A 80 -11.86 15.16 -9.53
N GLN A 81 -10.59 14.94 -9.96
CA GLN A 81 -9.68 16.05 -10.34
C GLN A 81 -9.96 16.56 -11.78
N LEU A 82 -10.75 15.78 -12.55
CA LEU A 82 -11.20 16.16 -13.91
C LEU A 82 -12.69 16.57 -13.92
N LEU A 83 -13.33 16.59 -12.73
CA LEU A 83 -14.76 16.88 -12.58
C LEU A 83 -14.96 18.41 -12.57
N SER A 84 -15.46 18.94 -13.71
CA SER A 84 -15.67 20.39 -13.91
C SER A 84 -16.68 20.95 -12.89
N THR A 85 -16.57 22.25 -12.57
CA THR A 85 -17.31 22.91 -11.47
C THR A 85 -18.86 22.72 -11.52
N PRO A 86 -19.59 22.87 -12.71
CA PRO A 86 -21.04 22.60 -12.77
C PRO A 86 -21.36 21.08 -12.60
N GLN A 87 -20.45 20.24 -13.13
CA GLN A 87 -20.57 18.78 -13.09
C GLN A 87 -20.23 18.23 -11.69
N PHE A 88 -19.45 19.02 -10.93
CA PHE A 88 -18.97 18.66 -9.59
C PHE A 88 -20.11 18.81 -8.58
N ILE A 89 -20.99 19.79 -8.82
CA ILE A 89 -22.15 20.06 -7.95
C ILE A 89 -23.24 18.98 -8.14
N VAL A 90 -23.59 18.72 -9.41
CA VAL A 90 -24.65 17.74 -9.77
C VAL A 90 -24.24 16.29 -9.39
N GLN A 91 -22.94 15.99 -9.54
CA GLN A 91 -22.39 14.64 -9.24
C GLN A 91 -21.62 14.63 -7.92
N LEU A 92 -21.85 15.65 -7.06
CA LEU A 92 -21.27 15.70 -5.71
C LEU A 92 -21.72 14.47 -4.86
N PRO A 93 -23.06 14.23 -4.61
CA PRO A 93 -23.49 13.11 -3.74
C PRO A 93 -23.43 11.74 -4.49
N GLN A 94 -23.12 11.81 -5.79
CA GLN A 94 -23.00 10.63 -6.66
C GLN A 94 -21.59 10.02 -6.59
N ILE A 95 -20.56 10.87 -6.40
CA ILE A 95 -19.15 10.45 -6.33
C ILE A 95 -18.85 9.86 -4.91
N LEU A 96 -19.68 10.24 -3.93
CA LEU A 96 -19.66 9.69 -2.55
C LEU A 96 -20.05 8.18 -2.54
N ASP A 97 -20.84 7.76 -3.55
CA ASP A 97 -21.30 6.36 -3.71
C ASP A 97 -20.10 5.39 -3.78
N LEU A 98 -19.04 5.81 -4.49
CA LEU A 98 -17.85 4.97 -4.75
C LEU A 98 -17.07 4.74 -3.42
N LEU A 99 -16.94 5.80 -2.60
CA LEU A 99 -16.31 5.71 -1.27
C LEU A 99 -17.12 4.77 -0.36
N HIS A 100 -18.46 4.94 -0.42
CA HIS A 100 -19.42 4.13 0.35
C HIS A 100 -19.41 2.65 -0.11
N ARG A 101 -19.03 2.44 -1.39
CA ARG A 101 -18.98 1.11 -2.03
C ARG A 101 -17.73 0.34 -1.59
N LEU A 102 -16.57 1.06 -1.59
CA LEU A 102 -15.27 0.50 -1.15
C LEU A 102 -15.18 0.40 0.38
N ASN A 103 -16.22 0.92 1.08
CA ASN A 103 -16.33 0.86 2.56
C ASN A 103 -15.19 1.69 3.21
N SER A 104 -14.88 2.83 2.57
CA SER A 104 -13.80 3.76 2.96
C SER A 104 -13.99 4.27 4.40
N PRO A 105 -12.88 4.37 5.22
CA PRO A 105 -12.94 4.92 6.60
C PRO A 105 -13.31 6.43 6.63
N TRP A 106 -13.19 7.10 5.48
CA TRP A 106 -13.54 8.53 5.34
C TRP A 106 -14.96 8.71 4.77
N ALA A 107 -15.52 7.64 4.15
CA ALA A 107 -16.81 7.67 3.42
C ALA A 107 -17.98 8.28 4.24
N GLU A 108 -18.01 7.94 5.54
CA GLU A 108 -19.12 8.31 6.45
C GLU A 108 -19.12 9.82 6.76
N GLN A 109 -17.94 10.36 7.11
CA GLN A 109 -17.79 11.80 7.45
C GLN A 109 -17.92 12.66 6.19
N ALA A 110 -17.38 12.16 5.06
CA ALA A 110 -17.45 12.87 3.76
C ALA A 110 -18.89 12.94 3.25
N ARG A 111 -19.68 11.87 3.53
CA ARG A 111 -21.12 11.81 3.23
C ARG A 111 -21.86 12.89 4.05
N GLN A 112 -21.58 12.90 5.37
CA GLN A 112 -22.19 13.87 6.32
C GLN A 112 -21.79 15.32 5.97
N LEU A 113 -20.57 15.48 5.45
CA LEU A 113 -19.97 16.78 5.12
C LEU A 113 -20.78 17.46 4.00
N VAL A 114 -21.03 16.69 2.93
CA VAL A 114 -21.76 17.16 1.74
C VAL A 114 -23.30 17.10 1.96
N ASP A 115 -23.74 16.29 2.94
CA ASP A 115 -25.16 16.17 3.32
C ASP A 115 -25.60 17.42 4.11
N ALA A 116 -24.68 17.90 4.96
CA ALA A 116 -24.87 19.12 5.78
C ALA A 116 -24.80 20.38 4.90
N ASN A 117 -23.79 20.39 3.99
CA ASN A 117 -23.53 21.50 3.05
C ASN A 117 -23.24 20.96 1.65
N SER A 118 -24.29 20.80 0.85
CA SER A 118 -24.19 20.45 -0.60
C SER A 118 -23.79 21.69 -1.42
N THR A 119 -24.03 22.88 -0.83
CA THR A 119 -23.64 24.17 -1.40
C THR A 119 -22.14 24.47 -1.11
N ILE A 120 -21.26 23.66 -1.75
CA ILE A 120 -19.81 23.83 -1.69
C ILE A 120 -19.38 25.20 -2.26
N THR A 121 -18.82 26.07 -1.38
CA THR A 121 -18.54 27.48 -1.69
C THR A 121 -17.05 27.70 -2.03
N SER A 122 -16.17 27.67 -1.01
CA SER A 122 -14.74 28.06 -1.17
C SER A 122 -13.85 27.21 -0.25
N ALA A 123 -13.99 27.39 1.08
CA ALA A 123 -13.19 26.64 2.09
C ALA A 123 -13.54 25.14 2.04
N LEU A 124 -14.85 24.86 1.90
CA LEU A 124 -15.39 23.50 1.81
C LEU A 124 -14.88 22.77 0.54
N HIS A 125 -14.64 23.55 -0.54
CA HIS A 125 -14.12 23.03 -1.82
C HIS A 125 -12.68 22.52 -1.64
N THR A 126 -11.81 23.42 -1.15
CA THR A 126 -10.38 23.15 -0.95
C THR A 126 -10.19 21.97 0.03
N LEU A 127 -10.98 22.00 1.13
CA LEU A 127 -10.95 20.96 2.18
C LEU A 127 -11.36 19.60 1.60
N PHE A 128 -12.44 19.56 0.79
CA PHE A 128 -12.99 18.30 0.22
C PHE A 128 -11.96 17.64 -0.72
N LEU A 129 -11.29 18.48 -1.57
CA LEU A 129 -10.25 18.02 -2.51
C LEU A 129 -9.05 17.43 -1.75
N GLN A 130 -8.62 18.16 -0.69
CA GLN A 130 -7.56 17.71 0.22
C GLN A 130 -7.91 16.34 0.80
N ARG A 131 -9.12 16.24 1.35
CA ARG A 131 -9.58 15.07 2.13
C ARG A 131 -9.73 13.81 1.27
N TRP A 132 -10.01 13.96 -0.03
CA TRP A 132 -10.12 12.80 -0.94
C TRP A 132 -8.74 12.12 -1.02
N ARG A 133 -7.74 12.88 -1.52
CA ARG A 133 -6.37 12.38 -1.76
C ARG A 133 -5.63 12.08 -0.42
N LEU A 134 -5.93 12.86 0.63
CA LEU A 134 -5.30 12.73 1.97
C LEU A 134 -5.67 11.40 2.63
N SER A 135 -6.98 11.18 2.78
CA SER A 135 -7.50 9.98 3.43
C SER A 135 -7.25 8.73 2.54
N LEU A 136 -7.11 8.98 1.22
CA LEU A 136 -6.76 7.95 0.22
C LEU A 136 -5.38 7.36 0.55
N ILE A 137 -4.45 8.19 1.07
CA ILE A 137 -3.07 7.75 1.39
C ILE A 137 -3.06 6.65 2.48
N VAL A 138 -3.69 6.96 3.64
CA VAL A 138 -3.72 6.02 4.80
C VAL A 138 -4.60 4.79 4.50
N GLN A 139 -5.59 4.94 3.60
CA GLN A 139 -6.39 3.82 3.08
C GLN A 139 -5.52 2.94 2.16
N ALA A 140 -4.76 3.62 1.29
CA ALA A 140 -3.88 2.99 0.28
C ALA A 140 -2.69 2.29 0.94
N THR A 141 -2.38 2.67 2.18
CA THR A 141 -1.38 2.01 3.02
C THR A 141 -1.82 0.56 3.34
N THR A 142 -3.12 0.40 3.67
CA THR A 142 -3.73 -0.90 3.95
C THR A 142 -3.89 -1.73 2.66
N LEU A 143 -4.18 -1.03 1.55
CA LEU A 143 -4.31 -1.64 0.21
C LEU A 143 -2.95 -2.16 -0.27
N ASN A 144 -1.91 -1.33 -0.10
CA ASN A 144 -0.54 -1.70 -0.43
C ASN A 144 -0.04 -2.81 0.51
N GLN A 145 -0.56 -2.84 1.76
CA GLN A 145 -0.26 -3.90 2.74
C GLN A 145 -0.79 -5.28 2.25
N GLN A 146 -1.93 -5.26 1.52
CA GLN A 146 -2.50 -6.46 0.88
C GLN A 146 -1.55 -7.01 -0.20
N LEU A 147 -1.06 -6.10 -1.07
CA LEU A 147 -0.11 -6.48 -2.14
C LEU A 147 1.27 -6.78 -1.56
N LEU A 148 1.61 -6.21 -0.38
CA LEU A 148 2.94 -6.47 0.26
C LEU A 148 3.04 -7.96 0.58
N GLU A 149 1.90 -8.57 0.93
CA GLU A 149 1.77 -10.02 1.13
C GLU A 149 1.98 -10.79 -0.19
N GLU A 150 1.17 -10.46 -1.21
CA GLU A 150 1.13 -11.23 -2.49
C GLU A 150 2.46 -11.10 -3.27
N GLU A 151 2.95 -9.86 -3.32
CA GLU A 151 4.20 -9.51 -4.01
C GLU A 151 5.41 -10.03 -3.22
N ARG A 152 5.27 -10.19 -1.87
CA ARG A 152 6.30 -10.85 -1.02
C ARG A 152 6.47 -12.32 -1.41
N GLU A 153 5.42 -12.95 -1.96
CA GLU A 153 5.46 -14.36 -2.38
C GLU A 153 6.31 -14.51 -3.67
N GLN A 154 6.13 -13.57 -4.61
CA GLN A 154 6.95 -13.49 -5.84
C GLN A 154 8.41 -13.15 -5.45
N LEU A 155 8.53 -12.24 -4.47
CA LEU A 155 9.82 -11.80 -3.90
C LEU A 155 10.45 -12.93 -3.08
N LEU A 156 9.61 -13.80 -2.52
CA LEU A 156 10.04 -14.98 -1.74
C LEU A 156 10.77 -15.96 -2.67
N SER A 157 10.20 -16.15 -3.87
CA SER A 157 10.84 -16.95 -4.94
C SER A 157 12.19 -16.32 -5.35
N GLU A 158 12.23 -14.97 -5.33
CA GLU A 158 13.42 -14.16 -5.65
C GLU A 158 14.49 -14.31 -4.53
N VAL A 159 14.08 -14.34 -3.24
CA VAL A 159 15.04 -14.44 -2.11
C VAL A 159 15.57 -15.88 -2.00
N GLN A 160 14.79 -16.85 -2.51
CA GLN A 160 15.24 -18.25 -2.67
C GLN A 160 16.35 -18.31 -3.74
N GLU A 161 16.20 -17.47 -4.79
CA GLU A 161 17.20 -17.35 -5.86
C GLU A 161 18.48 -16.64 -5.34
N ARG A 162 18.31 -15.62 -4.45
CA ARG A 162 19.45 -14.81 -3.96
C ARG A 162 20.25 -15.57 -2.87
N MET A 163 19.55 -16.43 -2.09
CA MET A 163 20.11 -17.08 -0.87
C MET A 163 21.23 -18.09 -1.20
N THR A 164 21.44 -18.35 -2.51
CA THR A 164 22.55 -19.19 -3.01
C THR A 164 23.93 -18.62 -2.59
N LEU A 165 23.99 -17.31 -2.26
CA LEU A 165 25.23 -16.63 -1.78
C LEU A 165 25.68 -17.13 -0.39
N SER A 166 24.90 -18.05 0.21
CA SER A 166 25.28 -18.77 1.43
C SER A 166 26.42 -19.80 1.14
N GLY A 167 26.69 -20.03 -0.17
CA GLY A 167 27.89 -20.77 -0.61
C GLY A 167 29.16 -19.97 -0.41
N GLN A 168 29.02 -18.63 -0.40
CA GLN A 168 30.10 -17.68 -0.06
C GLN A 168 30.23 -17.55 1.48
N LEU A 169 31.11 -16.66 1.97
CA LEU A 169 31.28 -16.45 3.42
C LEU A 169 30.20 -15.49 3.95
N GLU A 170 30.43 -14.17 3.76
CA GLU A 170 29.56 -13.09 4.27
C GLU A 170 29.36 -12.03 3.15
N PRO A 171 28.15 -11.41 3.02
CA PRO A 171 27.94 -10.28 2.09
C PRO A 171 28.61 -8.99 2.61
N ILE A 172 29.23 -8.21 1.72
CA ILE A 172 29.94 -6.97 2.09
C ILE A 172 28.93 -5.82 2.22
N LEU A 173 28.46 -5.60 3.46
CA LEU A 173 27.55 -4.50 3.82
C LEU A 173 27.60 -4.31 5.35
N ALA A 174 27.55 -3.05 5.81
CA ALA A 174 27.58 -2.71 7.24
C ALA A 174 26.59 -1.57 7.52
N ASP A 175 25.29 -1.93 7.57
CA ASP A 175 24.19 -0.97 7.78
C ASP A 175 22.87 -1.72 8.04
N ASN A 176 22.12 -1.30 9.07
CA ASN A 176 20.79 -1.86 9.38
C ASN A 176 19.95 -0.77 10.05
N ASN A 177 18.91 -0.31 9.35
CA ASN A 177 18.01 0.75 9.83
C ASN A 177 16.93 0.13 10.73
N THR A 178 17.23 0.06 12.03
CA THR A 178 16.35 -0.52 13.05
C THR A 178 15.23 0.48 13.42
N ALA A 179 14.00 0.19 12.94
CA ALA A 179 12.82 1.06 13.15
C ALA A 179 11.82 0.40 14.12
N ALA A 180 11.33 1.19 15.10
CA ALA A 180 10.30 0.74 16.06
C ALA A 180 9.26 1.85 16.26
N GLY A 181 8.03 1.46 16.62
CA GLY A 181 6.93 2.39 16.81
C GLY A 181 5.76 1.77 17.55
N ARG A 182 5.43 2.33 18.73
CA ARG A 182 4.31 1.87 19.57
C ARG A 182 3.46 3.10 19.93
N LEU A 183 2.46 3.38 19.07
CA LEU A 183 1.60 4.58 19.20
C LEU A 183 0.22 4.13 19.73
N TRP A 184 -0.20 4.69 20.88
CA TRP A 184 -1.50 4.40 21.48
C TRP A 184 -1.95 5.59 22.35
N ASP A 185 -3.16 6.09 22.04
CA ASP A 185 -3.84 7.15 22.81
C ASP A 185 -5.30 7.24 22.32
N MET A 186 -6.25 7.18 23.27
CA MET A 186 -7.69 7.22 22.96
C MET A 186 -8.19 8.67 22.96
N SER A 187 -8.87 9.06 21.86
CA SER A 187 -9.40 10.42 21.68
C SER A 187 -10.76 10.56 22.42
N ALA A 188 -10.68 10.97 23.70
CA ALA A 188 -11.87 11.17 24.55
C ALA A 188 -12.15 12.68 24.71
N GLY A 189 -13.13 13.17 23.93
CA GLY A 189 -13.56 14.58 23.98
C GLY A 189 -15.07 14.72 23.80
N GLN A 190 -15.57 15.97 23.88
CA GLN A 190 -17.01 16.31 23.80
C GLN A 190 -17.79 15.81 25.03
N LEU A 191 -18.51 16.72 25.70
CA LEU A 191 -19.34 16.44 26.88
C LEU A 191 -20.68 17.19 26.70
N MET A 1 -3.19 1.98 -19.41
CA MET A 1 -3.49 1.35 -18.10
C MET A 1 -2.95 2.20 -16.96
N LEU A 2 -3.67 2.21 -15.84
CA LEU A 2 -3.27 2.90 -14.62
C LEU A 2 -2.25 2.00 -13.90
N THR A 3 -1.00 2.45 -13.84
CA THR A 3 0.11 1.71 -13.20
C THR A 3 0.37 2.28 -11.79
N LEU A 4 0.88 1.40 -10.91
CA LEU A 4 0.94 1.63 -9.44
C LEU A 4 1.94 2.75 -9.03
N ASP A 5 2.85 3.13 -9.95
CA ASP A 5 3.83 4.23 -9.71
C ASP A 5 3.14 5.57 -9.30
N THR A 6 1.84 5.72 -9.65
CA THR A 6 0.99 6.86 -9.25
C THR A 6 1.01 7.03 -7.71
N LEU A 7 0.90 5.90 -7.00
CA LEU A 7 0.82 5.83 -5.52
C LEU A 7 2.07 6.43 -4.85
N ASN A 8 3.23 6.28 -5.50
CA ASN A 8 4.50 6.82 -5.02
C ASN A 8 4.44 8.37 -4.93
N VAL A 9 3.77 9.01 -5.90
CA VAL A 9 3.67 10.48 -6.01
C VAL A 9 2.47 11.05 -5.22
N MET A 10 1.29 10.43 -5.36
CA MET A 10 0.04 10.92 -4.72
C MET A 10 0.06 10.70 -3.19
N LEU A 11 0.96 9.81 -2.71
CA LEU A 11 1.28 9.68 -1.26
C LEU A 11 2.58 10.48 -0.95
N ALA A 12 3.40 10.73 -2.00
CA ALA A 12 4.69 11.48 -1.92
C ALA A 12 5.74 10.73 -1.07
N VAL A 13 5.53 9.40 -0.92
CA VAL A 13 6.38 8.52 -0.10
C VAL A 13 7.49 7.90 -0.97
N SER A 14 8.68 7.74 -0.37
CA SER A 14 9.79 7.01 -0.98
C SER A 14 9.54 5.52 -0.78
N GLU A 15 9.45 4.79 -1.90
CA GLU A 15 9.13 3.34 -1.92
C GLU A 15 10.10 2.52 -1.04
N GLU A 16 11.39 2.92 -1.03
CA GLU A 16 12.48 2.27 -0.25
C GLU A 16 12.20 2.23 1.27
N GLY A 17 11.39 3.19 1.75
CA GLY A 17 10.91 3.19 3.14
C GLY A 17 9.94 2.05 3.41
N LEU A 18 9.08 1.76 2.41
CA LEU A 18 8.10 0.64 2.47
C LEU A 18 8.80 -0.72 2.19
N ILE A 19 9.90 -0.67 1.41
CA ILE A 19 10.76 -1.84 1.14
C ILE A 19 11.42 -2.32 2.45
N GLU A 20 11.73 -1.37 3.35
CA GLU A 20 12.27 -1.68 4.69
C GLU A 20 11.32 -2.64 5.45
N GLU A 21 10.02 -2.30 5.45
CA GLU A 21 8.98 -3.13 6.09
C GLU A 21 8.86 -4.50 5.39
N MET A 22 9.11 -4.49 4.06
CA MET A 22 9.06 -5.69 3.21
C MET A 22 10.26 -6.64 3.50
N ILE A 23 11.40 -6.05 3.99
CA ILE A 23 12.56 -6.82 4.48
C ILE A 23 12.09 -7.66 5.68
N ILE A 24 11.54 -6.93 6.69
CA ILE A 24 11.03 -7.50 7.96
C ILE A 24 9.98 -8.62 7.68
N ALA A 25 9.15 -8.39 6.64
CA ALA A 25 8.11 -9.35 6.20
C ALA A 25 8.73 -10.72 5.84
N LEU A 26 9.79 -10.68 5.03
CA LEU A 26 10.51 -11.90 4.59
C LEU A 26 11.35 -12.52 5.72
N LEU A 27 11.89 -11.67 6.62
CA LEU A 27 12.66 -12.14 7.78
C LEU A 27 11.71 -12.84 8.80
N ALA A 28 10.43 -12.37 8.82
CA ALA A 28 9.36 -12.89 9.69
C ALA A 28 8.71 -14.14 9.08
N SER A 29 8.87 -14.32 7.74
CA SER A 29 8.33 -15.49 7.01
C SER A 29 8.92 -16.79 7.63
N PRO A 30 8.05 -17.77 8.05
CA PRO A 30 8.47 -18.99 8.80
C PRO A 30 9.69 -19.73 8.19
N GLN A 31 9.82 -19.66 6.85
CA GLN A 31 10.90 -20.31 6.09
C GLN A 31 12.28 -19.73 6.47
N LEU A 32 12.41 -18.40 6.44
CA LEU A 32 13.67 -17.72 6.81
C LEU A 32 13.84 -17.65 8.33
N ALA A 33 12.70 -17.61 9.05
CA ALA A 33 12.68 -17.56 10.54
C ALA A 33 13.39 -18.79 11.15
N VAL A 34 13.05 -19.99 10.61
CA VAL A 34 13.67 -21.26 11.04
C VAL A 34 15.12 -21.36 10.48
N PHE A 35 15.36 -20.79 9.29
CA PHE A 35 16.67 -20.77 8.63
C PHE A 35 17.69 -19.96 9.45
N PHE A 36 17.22 -18.92 10.18
CA PHE A 36 18.08 -18.08 11.03
C PHE A 36 18.57 -18.86 12.28
N GLU A 37 17.75 -19.84 12.71
CA GLU A 37 18.06 -20.69 13.88
C GLU A 37 19.06 -21.79 13.47
N LYS A 38 18.73 -22.48 12.37
CA LYS A 38 19.52 -23.62 11.86
C LYS A 38 20.86 -23.14 11.26
N PHE A 39 20.83 -21.93 10.67
CA PHE A 39 21.98 -21.29 10.00
C PHE A 39 22.18 -19.85 10.56
N PRO A 40 22.68 -19.72 11.84
CA PRO A 40 22.78 -18.42 12.53
C PRO A 40 23.96 -17.55 12.06
N ARG A 41 24.79 -18.10 11.17
CA ARG A 41 25.92 -17.37 10.54
C ARG A 41 25.49 -16.81 9.17
N LEU A 42 24.54 -17.50 8.51
CA LEU A 42 24.07 -17.15 7.14
C LEU A 42 23.04 -16.00 7.17
N LYS A 43 22.39 -15.81 8.32
CA LYS A 43 21.41 -14.71 8.51
C LYS A 43 22.07 -13.32 8.34
N ALA A 44 23.38 -13.24 8.67
CA ALA A 44 24.22 -12.02 8.48
C ALA A 44 24.18 -11.53 7.02
N ALA A 45 24.25 -12.50 6.08
CA ALA A 45 24.20 -12.23 4.64
C ALA A 45 22.81 -11.71 4.22
N ILE A 46 21.75 -12.35 4.76
CA ILE A 46 20.34 -12.04 4.42
C ILE A 46 19.91 -10.65 4.93
N THR A 47 20.43 -10.25 6.09
CA THR A 47 20.16 -8.92 6.70
C THR A 47 20.97 -7.81 6.00
N ASP A 48 22.09 -8.21 5.36
CA ASP A 48 22.91 -7.32 4.51
C ASP A 48 22.37 -7.28 3.05
N ASP A 49 21.48 -8.23 2.73
CA ASP A 49 20.90 -8.42 1.39
C ASP A 49 19.73 -7.43 1.10
N VAL A 50 19.55 -6.42 1.99
CA VAL A 50 18.48 -5.38 1.88
C VAL A 50 18.41 -4.67 0.47
N PRO A 51 19.57 -4.19 -0.14
CA PRO A 51 19.55 -3.56 -1.49
C PRO A 51 19.04 -4.48 -2.63
N ARG A 52 19.01 -5.81 -2.37
CA ARG A 52 18.54 -6.80 -3.36
C ARG A 52 16.99 -6.85 -3.40
N TRP A 53 16.35 -6.80 -2.22
CA TRP A 53 14.89 -6.55 -2.11
C TRP A 53 14.55 -5.23 -2.83
N ARG A 54 15.41 -4.23 -2.59
CA ARG A 54 15.22 -2.85 -3.06
C ARG A 54 15.10 -2.83 -4.59
N GLU A 55 16.12 -3.36 -5.30
CA GLU A 55 16.13 -3.39 -6.79
C GLU A 55 14.98 -4.25 -7.36
N ALA A 56 14.62 -5.34 -6.63
CA ALA A 56 13.55 -6.28 -7.03
C ALA A 56 12.18 -5.55 -7.10
N LEU A 57 11.88 -4.81 -6.02
CA LEU A 57 10.62 -4.06 -5.88
C LEU A 57 10.62 -2.80 -6.76
N ARG A 58 11.79 -2.16 -6.96
CA ARG A 58 11.92 -0.94 -7.80
C ARG A 58 11.55 -1.22 -9.27
N SER A 59 11.92 -2.41 -9.77
CA SER A 59 11.57 -2.86 -11.13
C SER A 59 10.07 -3.26 -11.18
N ARG A 60 9.62 -3.91 -10.08
CA ARG A 60 8.23 -4.33 -9.91
C ARG A 60 7.30 -3.11 -9.76
N LEU A 61 7.85 -1.95 -9.35
CA LEU A 61 7.09 -0.67 -9.19
C LEU A 61 6.47 -0.25 -10.55
N LYS A 62 7.24 -0.49 -11.63
CA LYS A 62 6.78 -0.25 -13.01
C LYS A 62 5.75 -1.32 -13.39
N ASP A 63 6.10 -2.57 -13.08
CA ASP A 63 5.34 -3.77 -13.49
C ASP A 63 4.11 -4.07 -12.56
N ALA A 64 3.93 -3.23 -11.52
CA ALA A 64 2.87 -3.41 -10.51
C ALA A 64 1.52 -2.89 -11.03
N ARG A 65 0.48 -3.68 -10.79
CA ARG A 65 -0.90 -3.38 -11.21
C ARG A 65 -1.68 -2.81 -10.02
N VAL A 66 -2.60 -1.87 -10.32
CA VAL A 66 -3.43 -1.19 -9.31
C VAL A 66 -4.64 -2.08 -8.93
N PRO A 67 -4.83 -2.44 -7.61
CA PRO A 67 -6.03 -3.18 -7.12
C PRO A 67 -7.36 -2.55 -7.59
N PRO A 68 -8.41 -3.38 -7.98
CA PRO A 68 -9.71 -2.88 -8.53
C PRO A 68 -10.39 -1.83 -7.64
N GLU A 69 -10.29 -2.03 -6.30
CA GLU A 69 -10.82 -1.10 -5.30
C GLU A 69 -10.07 0.24 -5.43
N LEU A 70 -8.73 0.16 -5.29
CA LEU A 70 -7.82 1.33 -5.38
C LEU A 70 -7.97 2.05 -6.73
N THR A 71 -8.38 1.32 -7.80
CA THR A 71 -8.62 1.92 -9.11
C THR A 71 -9.73 2.97 -9.01
N GLU A 72 -10.89 2.59 -8.43
CA GLU A 72 -12.04 3.51 -8.26
C GLU A 72 -11.74 4.60 -7.21
N GLU A 73 -10.85 4.29 -6.23
CA GLU A 73 -10.45 5.27 -5.18
C GLU A 73 -9.67 6.44 -5.79
N VAL A 74 -8.69 6.09 -6.67
CA VAL A 74 -7.85 7.10 -7.37
C VAL A 74 -8.61 7.71 -8.57
N MET A 75 -9.60 6.97 -9.14
CA MET A 75 -10.45 7.48 -10.24
C MET A 75 -11.36 8.58 -9.70
N CYS A 76 -12.15 8.27 -8.66
CA CYS A 76 -13.05 9.26 -8.01
C CYS A 76 -12.26 10.46 -7.44
N TYR A 77 -11.01 10.19 -6.99
CA TYR A 77 -10.06 11.23 -6.55
C TYR A 77 -9.71 12.21 -7.70
N GLN A 78 -9.25 11.64 -8.84
CA GLN A 78 -8.78 12.44 -9.99
C GLN A 78 -9.97 13.10 -10.71
N GLN A 79 -11.15 12.47 -10.62
CA GLN A 79 -12.38 13.00 -11.23
C GLN A 79 -13.01 14.08 -10.33
N SER A 80 -12.70 14.06 -9.02
CA SER A 80 -13.17 15.09 -8.06
C SER A 80 -12.45 16.43 -8.31
N GLN A 81 -11.13 16.34 -8.57
CA GLN A 81 -10.28 17.52 -8.86
C GLN A 81 -10.45 17.98 -10.33
N LEU A 82 -10.85 17.03 -11.20
CA LEU A 82 -11.17 17.32 -12.63
C LEU A 82 -12.70 17.57 -12.82
N LEU A 83 -13.46 17.58 -11.71
CA LEU A 83 -14.92 17.86 -11.73
C LEU A 83 -15.14 19.36 -11.94
N SER A 84 -15.59 19.73 -13.16
CA SER A 84 -15.91 21.12 -13.53
C SER A 84 -17.02 21.66 -12.62
N THR A 85 -17.00 22.97 -12.36
CA THR A 85 -17.78 23.60 -11.28
C THR A 85 -19.33 23.51 -11.46
N PRO A 86 -19.95 23.73 -12.68
CA PRO A 86 -21.43 23.54 -12.85
C PRO A 86 -21.82 22.06 -12.71
N GLN A 87 -20.88 21.17 -13.10
CA GLN A 87 -21.07 19.73 -13.07
C GLN A 87 -20.91 19.17 -11.65
N PHE A 88 -20.11 19.86 -10.78
CA PHE A 88 -19.80 19.37 -9.43
C PHE A 88 -21.09 19.23 -8.59
N ILE A 89 -22.02 20.18 -8.74
CA ILE A 89 -23.27 20.22 -7.97
C ILE A 89 -24.16 19.00 -8.33
N VAL A 90 -24.46 18.84 -9.63
CA VAL A 90 -25.34 17.77 -10.12
C VAL A 90 -24.69 16.37 -9.98
N GLN A 91 -23.37 16.29 -10.18
CA GLN A 91 -22.61 15.02 -10.11
C GLN A 91 -22.05 14.79 -8.68
N LEU A 92 -22.37 15.71 -7.73
CA LEU A 92 -21.99 15.55 -6.31
C LEU A 92 -22.52 14.21 -5.74
N PRO A 93 -23.87 13.91 -5.75
CA PRO A 93 -24.37 12.67 -5.15
C PRO A 93 -24.00 11.42 -6.00
N GLN A 94 -23.62 11.65 -7.27
CA GLN A 94 -23.23 10.59 -8.22
C GLN A 94 -21.83 10.06 -7.85
N ILE A 95 -20.90 10.99 -7.53
CA ILE A 95 -19.53 10.60 -7.12
C ILE A 95 -19.57 9.96 -5.72
N LEU A 96 -20.44 10.48 -4.82
CA LEU A 96 -20.67 9.89 -3.47
C LEU A 96 -21.22 8.45 -3.59
N ASP A 97 -22.09 8.27 -4.62
CA ASP A 97 -22.72 6.99 -4.97
C ASP A 97 -21.66 5.97 -5.43
N LEU A 98 -20.58 6.49 -6.07
CA LEU A 98 -19.44 5.67 -6.52
C LEU A 98 -18.68 5.14 -5.28
N LEU A 99 -18.40 6.02 -4.30
CA LEU A 99 -17.75 5.61 -3.04
C LEU A 99 -18.68 4.65 -2.23
N HIS A 100 -20.00 4.79 -2.41
CA HIS A 100 -21.01 3.98 -1.69
C HIS A 100 -21.04 2.53 -2.24
N ARG A 101 -20.99 2.39 -3.58
CA ARG A 101 -20.99 1.05 -4.24
C ARG A 101 -19.64 0.33 -4.05
N LEU A 102 -18.58 1.07 -3.68
CA LEU A 102 -17.30 0.46 -3.26
C LEU A 102 -17.34 0.17 -1.74
N ASN A 103 -18.16 0.98 -1.01
CA ASN A 103 -18.27 0.93 0.47
C ASN A 103 -16.94 1.40 1.10
N SER A 104 -16.42 2.51 0.53
CA SER A 104 -15.19 3.20 0.98
C SER A 104 -15.31 3.67 2.45
N PRO A 105 -14.19 3.78 3.23
CA PRO A 105 -14.22 4.18 4.66
C PRO A 105 -14.72 5.64 4.85
N TRP A 106 -14.58 6.45 3.80
CA TRP A 106 -14.96 7.87 3.82
C TRP A 106 -16.32 8.11 3.14
N ALA A 107 -16.91 7.05 2.51
CA ALA A 107 -18.14 7.15 1.68
C ALA A 107 -19.29 7.88 2.40
N GLU A 108 -19.63 7.38 3.60
CA GLU A 108 -20.73 7.92 4.42
C GLU A 108 -20.41 9.34 4.93
N GLN A 109 -19.12 9.59 5.25
CA GLN A 109 -18.68 10.85 5.86
C GLN A 109 -18.64 11.99 4.83
N ALA A 110 -18.29 11.65 3.58
CA ALA A 110 -18.26 12.62 2.45
C ALA A 110 -19.69 13.09 2.12
N ARG A 111 -20.63 12.13 2.19
CA ARG A 111 -22.07 12.37 2.07
C ARG A 111 -22.57 13.29 3.21
N GLN A 112 -22.25 12.90 4.46
CA GLN A 112 -22.67 13.59 5.69
C GLN A 112 -22.16 15.05 5.71
N LEU A 113 -20.96 15.22 5.17
CA LEU A 113 -20.25 16.51 5.08
C LEU A 113 -21.02 17.51 4.19
N VAL A 114 -21.34 17.08 2.97
CA VAL A 114 -21.99 17.93 1.94
C VAL A 114 -23.51 18.10 2.21
N ASP A 115 -24.08 17.15 2.97
CA ASP A 115 -25.50 17.19 3.36
C ASP A 115 -25.68 18.22 4.47
N ALA A 116 -24.75 18.18 5.45
CA ALA A 116 -24.73 19.12 6.59
C ALA A 116 -24.36 20.55 6.12
N ASN A 117 -23.53 20.61 5.08
CA ASN A 117 -23.02 21.88 4.50
C ASN A 117 -23.30 21.88 2.99
N SER A 118 -24.50 22.34 2.61
CA SER A 118 -24.95 22.38 1.19
C SER A 118 -24.47 23.68 0.49
N THR A 119 -23.74 24.52 1.23
CA THR A 119 -23.17 25.80 0.72
C THR A 119 -21.80 25.58 0.06
N ILE A 120 -21.73 24.58 -0.84
CA ILE A 120 -20.50 24.26 -1.58
C ILE A 120 -20.25 25.36 -2.63
N THR A 121 -19.44 26.35 -2.25
CA THR A 121 -19.11 27.50 -3.11
C THR A 121 -17.59 27.62 -3.30
N SER A 122 -16.83 27.58 -2.18
CA SER A 122 -15.36 27.79 -2.21
C SER A 122 -14.64 26.96 -1.12
N ALA A 123 -14.89 27.30 0.16
CA ALA A 123 -14.13 26.73 1.31
C ALA A 123 -14.25 25.19 1.40
N LEU A 124 -15.49 24.71 1.55
CA LEU A 124 -15.80 23.26 1.60
C LEU A 124 -15.40 22.57 0.28
N HIS A 125 -15.60 23.26 -0.86
CA HIS A 125 -15.31 22.69 -2.19
C HIS A 125 -13.82 22.24 -2.30
N THR A 126 -12.93 23.10 -1.80
CA THR A 126 -11.48 22.84 -1.74
C THR A 126 -11.17 21.76 -0.68
N LEU A 127 -11.78 21.92 0.51
CA LEU A 127 -11.52 21.06 1.69
C LEU A 127 -11.95 19.60 1.41
N PHE A 128 -13.00 19.43 0.57
CA PHE A 128 -13.62 18.13 0.24
C PHE A 128 -12.59 17.16 -0.37
N LEU A 129 -11.62 17.74 -1.10
CA LEU A 129 -10.52 17.00 -1.72
C LEU A 129 -9.55 16.48 -0.62
N GLN A 130 -9.19 17.38 0.31
CA GLN A 130 -8.30 17.06 1.46
C GLN A 130 -8.95 16.00 2.39
N ARG A 131 -10.29 16.04 2.48
CA ARG A 131 -11.10 15.10 3.28
C ARG A 131 -10.90 13.66 2.77
N TRP A 132 -10.96 13.52 1.45
CA TRP A 132 -10.77 12.22 0.78
C TRP A 132 -9.28 11.83 0.75
N ARG A 133 -8.39 12.85 0.62
CA ARG A 133 -6.93 12.65 0.48
C ARG A 133 -6.35 11.92 1.70
N LEU A 134 -6.65 12.44 2.91
CA LEU A 134 -6.17 11.87 4.18
C LEU A 134 -6.72 10.44 4.40
N SER A 135 -7.99 10.24 3.99
CA SER A 135 -8.68 8.95 4.12
C SER A 135 -8.11 7.93 3.13
N LEU A 136 -7.59 8.43 2.00
CA LEU A 136 -6.96 7.61 0.95
C LEU A 136 -5.57 7.16 1.45
N ILE A 137 -4.92 7.97 2.32
CA ILE A 137 -3.59 7.65 2.90
C ILE A 137 -3.70 6.47 3.88
N VAL A 138 -4.62 6.61 4.85
CA VAL A 138 -4.85 5.59 5.89
C VAL A 138 -5.45 4.29 5.30
N GLN A 139 -6.17 4.43 4.16
CA GLN A 139 -6.66 3.27 3.38
C GLN A 139 -5.52 2.67 2.53
N ALA A 140 -4.57 3.52 2.08
CA ALA A 140 -3.39 3.09 1.28
C ALA A 140 -2.51 2.13 2.10
N THR A 141 -2.54 2.29 3.43
CA THR A 141 -1.93 1.34 4.39
C THR A 141 -2.41 -0.12 4.14
N THR A 142 -3.75 -0.27 4.03
CA THR A 142 -4.42 -1.55 3.78
C THR A 142 -4.01 -2.12 2.39
N LEU A 143 -3.98 -1.22 1.40
CA LEU A 143 -3.70 -1.55 -0.01
C LEU A 143 -2.21 -1.97 -0.21
N ASN A 144 -1.32 -1.34 0.55
CA ASN A 144 0.14 -1.62 0.50
C ASN A 144 0.48 -2.88 1.32
N GLN A 145 -0.37 -3.19 2.33
CA GLN A 145 -0.23 -4.42 3.14
C GLN A 145 -0.51 -5.67 2.27
N GLN A 146 -1.65 -5.63 1.55
CA GLN A 146 -2.06 -6.71 0.65
C GLN A 146 -1.02 -6.91 -0.48
N LEU A 147 -0.49 -5.78 -1.01
CA LEU A 147 0.65 -5.80 -1.97
C LEU A 147 1.81 -6.60 -1.35
N LEU A 148 2.22 -6.17 -0.15
CA LEU A 148 3.41 -6.68 0.56
C LEU A 148 3.38 -8.22 0.72
N GLU A 149 2.22 -8.75 1.14
CA GLU A 149 2.07 -10.18 1.50
C GLU A 149 1.85 -11.09 0.27
N GLU A 150 1.20 -10.56 -0.78
CA GLU A 150 0.96 -11.31 -2.05
C GLU A 150 2.22 -11.34 -2.94
N GLU A 151 2.98 -10.22 -2.93
CA GLU A 151 4.27 -10.11 -3.63
C GLU A 151 5.37 -10.86 -2.87
N ARG A 152 5.16 -11.06 -1.56
CA ARG A 152 6.05 -11.85 -0.69
C ARG A 152 6.15 -13.32 -1.15
N GLU A 153 5.10 -13.82 -1.81
CA GLU A 153 5.10 -15.14 -2.48
C GLU A 153 6.13 -15.20 -3.64
N GLN A 154 6.13 -14.14 -4.47
CA GLN A 154 7.08 -14.00 -5.60
C GLN A 154 8.49 -13.68 -5.07
N LEU A 155 8.52 -13.06 -3.88
CA LEU A 155 9.75 -12.75 -3.16
C LEU A 155 10.27 -14.02 -2.47
N LEU A 156 9.34 -14.92 -2.12
CA LEU A 156 9.68 -16.25 -1.58
C LEU A 156 10.50 -17.04 -2.62
N SER A 157 10.13 -16.89 -3.91
CA SER A 157 10.94 -17.41 -5.04
C SER A 157 12.36 -16.78 -5.01
N GLU A 158 12.40 -15.44 -4.85
CA GLU A 158 13.64 -14.63 -4.77
C GLU A 158 14.54 -15.06 -3.57
N VAL A 159 13.94 -15.40 -2.40
CA VAL A 159 14.71 -15.78 -1.20
C VAL A 159 15.21 -17.23 -1.27
N GLN A 160 14.56 -18.06 -2.11
CA GLN A 160 15.03 -19.43 -2.42
C GLN A 160 16.23 -19.37 -3.37
N GLU A 161 16.18 -18.43 -4.33
CA GLU A 161 17.30 -18.07 -5.21
C GLU A 161 18.50 -17.52 -4.40
N ARG A 162 18.19 -16.90 -3.25
CA ARG A 162 19.21 -16.39 -2.33
C ARG A 162 19.85 -17.53 -1.52
N MET A 163 19.00 -18.26 -0.76
CA MET A 163 19.42 -19.17 0.33
C MET A 163 20.22 -20.39 -0.17
N THR A 164 20.31 -20.55 -1.51
CA THR A 164 21.20 -21.55 -2.15
C THR A 164 22.71 -21.27 -1.84
N LEU A 165 23.02 -20.02 -1.41
CA LEU A 165 24.40 -19.61 -1.05
C LEU A 165 24.92 -20.32 0.22
N SER A 166 24.00 -20.88 1.03
CA SER A 166 24.34 -21.60 2.27
C SER A 166 25.04 -22.94 1.96
N GLY A 167 24.77 -23.47 0.75
CA GLY A 167 25.28 -24.79 0.34
C GLY A 167 24.36 -25.90 0.80
N GLN A 168 24.23 -26.04 2.13
CA GLN A 168 23.25 -26.94 2.75
C GLN A 168 21.86 -26.29 2.73
N LEU A 169 21.01 -26.78 1.82
CA LEU A 169 19.62 -26.35 1.67
C LEU A 169 18.76 -27.63 1.68
N GLU A 170 17.61 -27.59 2.37
CA GLU A 170 16.65 -28.71 2.41
C GLU A 170 16.23 -29.14 0.98
N PRO A 171 16.05 -30.48 0.71
CA PRO A 171 15.97 -31.03 -0.69
C PRO A 171 14.65 -30.73 -1.46
N ILE A 172 13.91 -29.69 -1.04
CA ILE A 172 12.65 -29.27 -1.69
C ILE A 172 12.74 -27.80 -2.14
N LEU A 173 11.84 -27.41 -3.07
CA LEU A 173 11.73 -26.02 -3.60
C LEU A 173 10.23 -25.68 -3.81
N ALA A 174 9.76 -24.62 -3.13
CA ALA A 174 8.38 -24.10 -3.25
C ALA A 174 8.19 -23.32 -4.57
N ASP A 175 9.28 -22.75 -5.09
CA ASP A 175 9.27 -22.01 -6.37
C ASP A 175 9.11 -22.97 -7.56
N ASN A 176 8.42 -22.49 -8.62
CA ASN A 176 8.08 -23.27 -9.85
C ASN A 176 8.78 -22.65 -11.08
N ASN A 177 10.01 -22.13 -10.84
CA ASN A 177 10.79 -21.30 -11.78
C ASN A 177 9.92 -20.15 -12.35
N THR A 178 9.47 -19.28 -11.44
CA THR A 178 8.64 -18.10 -11.77
C THR A 178 9.41 -17.13 -12.69
N ALA A 179 8.71 -16.62 -13.73
CA ALA A 179 9.30 -15.75 -14.76
C ALA A 179 9.68 -14.38 -14.18
N ALA A 180 10.97 -14.24 -13.80
CA ALA A 180 11.53 -12.99 -13.26
C ALA A 180 11.93 -12.05 -14.42
N GLY A 181 12.64 -12.62 -15.42
CA GLY A 181 13.06 -11.88 -16.62
C GLY A 181 14.00 -10.73 -16.29
N ARG A 182 15.03 -11.02 -15.49
CA ARG A 182 16.01 -10.02 -15.03
C ARG A 182 17.07 -9.78 -16.13
N LEU A 183 16.71 -8.94 -17.11
CA LEU A 183 17.59 -8.63 -18.25
C LEU A 183 18.19 -7.22 -18.10
N TRP A 184 19.52 -7.17 -18.19
CA TRP A 184 20.29 -5.93 -18.26
C TRP A 184 21.66 -6.27 -18.87
N ASP A 185 22.19 -5.37 -19.70
CA ASP A 185 23.50 -5.53 -20.37
C ASP A 185 24.17 -4.17 -20.55
N MET A 186 25.46 -4.21 -20.93
CA MET A 186 26.27 -3.02 -21.24
C MET A 186 27.60 -3.48 -21.87
N SER A 187 27.79 -3.11 -23.15
CA SER A 187 29.03 -3.41 -23.89
C SER A 187 30.12 -2.38 -23.50
N ALA A 188 30.78 -2.64 -22.36
CA ALA A 188 31.81 -1.76 -21.78
C ALA A 188 33.22 -2.18 -22.26
N GLY A 189 34.06 -1.17 -22.56
CA GLY A 189 35.44 -1.38 -23.00
C GLY A 189 36.20 -0.05 -23.12
N GLN A 190 37.54 -0.12 -23.16
CA GLN A 190 38.42 1.06 -23.30
C GLN A 190 39.88 0.62 -23.55
N LEU A 191 40.74 1.58 -23.92
CA LEU A 191 42.19 1.35 -24.08
C LEU A 191 42.94 1.89 -22.84
N MET A 1 -3.31 0.44 -19.22
CA MET A 1 -2.88 -0.30 -18.02
C MET A 1 -2.33 0.66 -16.96
N LEU A 2 -2.85 0.54 -15.72
CA LEU A 2 -2.31 1.28 -14.56
C LEU A 2 -1.10 0.55 -13.98
N THR A 3 0.07 1.20 -14.07
CA THR A 3 1.31 0.74 -13.44
C THR A 3 1.37 1.25 -11.99
N LEU A 4 2.09 0.53 -11.12
CA LEU A 4 2.06 0.75 -9.67
C LEU A 4 2.87 2.02 -9.27
N ASP A 5 3.77 2.46 -10.16
CA ASP A 5 4.53 3.73 -9.98
C ASP A 5 3.62 4.99 -10.00
N THR A 6 2.31 4.80 -10.36
CA THR A 6 1.27 5.85 -10.22
C THR A 6 1.24 6.41 -8.78
N LEU A 7 1.35 5.49 -7.78
CA LEU A 7 1.26 5.81 -6.34
C LEU A 7 2.32 6.85 -5.90
N ASN A 8 3.51 6.75 -6.51
CA ASN A 8 4.64 7.68 -6.24
C ASN A 8 4.24 9.13 -6.57
N VAL A 9 3.59 9.33 -7.73
CA VAL A 9 3.24 10.67 -8.23
C VAL A 9 1.96 11.21 -7.56
N MET A 10 0.87 10.40 -7.62
CA MET A 10 -0.49 10.79 -7.16
C MET A 10 -0.51 11.17 -5.66
N LEU A 11 0.35 10.51 -4.86
CA LEU A 11 0.45 10.75 -3.42
C LEU A 11 1.68 11.61 -3.08
N ALA A 12 2.65 11.69 -4.04
CA ALA A 12 3.92 12.44 -3.86
C ALA A 12 4.77 11.83 -2.72
N VAL A 13 4.61 10.51 -2.49
CA VAL A 13 5.24 9.77 -1.38
C VAL A 13 6.47 8.97 -1.88
N SER A 14 7.25 8.50 -0.88
CA SER A 14 8.36 7.59 -1.09
C SER A 14 7.93 6.17 -0.68
N GLU A 15 8.23 5.19 -1.55
CA GLU A 15 7.82 3.78 -1.40
C GLU A 15 8.45 3.13 -0.17
N GLU A 16 9.56 3.72 0.34
CA GLU A 16 10.39 3.13 1.43
C GLU A 16 9.58 2.72 2.68
N GLY A 17 8.55 3.50 3.00
CA GLY A 17 7.66 3.20 4.13
C GLY A 17 6.86 1.92 3.93
N LEU A 18 6.34 1.74 2.70
CA LEU A 18 5.57 0.55 2.31
C LEU A 18 6.53 -0.66 2.11
N ILE A 19 7.77 -0.33 1.69
CA ILE A 19 8.85 -1.31 1.49
C ILE A 19 9.35 -1.85 2.85
N GLU A 20 9.24 -1.03 3.91
CA GLU A 20 9.62 -1.45 5.29
C GLU A 20 8.75 -2.64 5.76
N GLU A 21 7.42 -2.45 5.64
CA GLU A 21 6.44 -3.52 5.96
C GLU A 21 6.64 -4.74 5.04
N MET A 22 7.10 -4.44 3.80
CA MET A 22 7.38 -5.46 2.76
C MET A 22 8.66 -6.27 3.11
N ILE A 23 9.61 -5.64 3.87
CA ILE A 23 10.82 -6.34 4.38
C ILE A 23 10.36 -7.44 5.33
N ILE A 24 9.51 -7.05 6.30
CA ILE A 24 8.96 -7.98 7.33
C ILE A 24 8.13 -9.09 6.65
N ALA A 25 7.39 -8.73 5.59
CA ALA A 25 6.60 -9.69 4.79
C ALA A 25 7.48 -10.80 4.20
N LEU A 26 8.71 -10.43 3.80
CA LEU A 26 9.70 -11.37 3.23
C LEU A 26 10.44 -12.16 4.33
N LEU A 27 10.74 -11.51 5.46
CA LEU A 27 11.36 -12.18 6.63
C LEU A 27 10.39 -13.25 7.21
N ALA A 28 9.10 -13.00 7.03
CA ALA A 28 8.02 -13.85 7.52
C ALA A 28 7.37 -14.66 6.38
N SER A 29 7.99 -14.64 5.17
CA SER A 29 7.55 -15.50 4.05
C SER A 29 7.62 -16.97 4.48
N PRO A 30 6.60 -17.84 4.13
CA PRO A 30 6.51 -19.25 4.61
C PRO A 30 7.85 -20.02 4.59
N GLN A 31 8.67 -19.77 3.54
CA GLN A 31 9.97 -20.43 3.35
C GLN A 31 11.09 -19.78 4.20
N LEU A 32 11.08 -18.44 4.32
CA LEU A 32 12.09 -17.70 5.15
C LEU A 32 11.77 -17.80 6.64
N ALA A 33 10.48 -17.99 6.99
CA ALA A 33 10.01 -18.07 8.38
C ALA A 33 10.55 -19.36 9.02
N VAL A 34 10.44 -20.47 8.26
CA VAL A 34 11.00 -21.76 8.66
C VAL A 34 12.54 -21.75 8.53
N PHE A 35 13.08 -21.01 7.55
CA PHE A 35 14.55 -20.88 7.35
C PHE A 35 15.20 -20.22 8.58
N PHE A 36 14.48 -19.31 9.24
CA PHE A 36 14.96 -18.60 10.44
C PHE A 36 14.84 -19.51 11.69
N GLU A 37 14.00 -20.55 11.61
CA GLU A 37 13.88 -21.58 12.66
C GLU A 37 15.01 -22.63 12.51
N LYS A 38 15.31 -22.98 11.25
CA LYS A 38 16.34 -23.97 10.88
C LYS A 38 17.74 -23.37 11.07
N PHE A 39 17.88 -22.10 10.65
CA PHE A 39 19.15 -21.35 10.68
C PHE A 39 18.88 -19.92 11.22
N PRO A 40 18.75 -19.76 12.58
CA PRO A 40 18.55 -18.42 13.22
C PRO A 40 19.79 -17.53 13.10
N ARG A 41 20.94 -18.14 12.78
CA ARG A 41 22.21 -17.43 12.61
C ARG A 41 22.22 -16.68 11.26
N LEU A 42 21.82 -17.42 10.20
CA LEU A 42 21.90 -16.97 8.79
C LEU A 42 20.86 -15.87 8.46
N LYS A 43 19.82 -15.74 9.31
CA LYS A 43 18.79 -14.68 9.15
C LYS A 43 19.41 -13.27 9.22
N ALA A 44 20.50 -13.17 10.01
CA ALA A 44 21.19 -11.90 10.30
C ALA A 44 21.70 -11.20 9.03
N ALA A 45 22.10 -12.01 8.04
CA ALA A 45 22.53 -11.53 6.72
C ALA A 45 21.35 -10.89 5.95
N ILE A 46 20.22 -11.60 5.96
CA ILE A 46 18.98 -11.21 5.23
C ILE A 46 18.37 -9.93 5.82
N THR A 47 18.40 -9.83 7.15
CA THR A 47 17.92 -8.66 7.90
C THR A 47 18.90 -7.46 7.76
N ASP A 48 20.17 -7.76 7.40
CA ASP A 48 21.22 -6.74 7.19
C ASP A 48 21.11 -6.11 5.77
N ASP A 49 20.59 -6.87 4.79
CA ASP A 49 20.52 -6.43 3.38
C ASP A 49 19.17 -5.75 3.02
N VAL A 50 18.53 -5.10 4.02
CA VAL A 50 17.30 -4.29 3.82
C VAL A 50 17.34 -3.31 2.59
N PRO A 51 18.48 -2.52 2.33
CA PRO A 51 18.58 -1.61 1.15
C PRO A 51 18.44 -2.32 -0.24
N ARG A 52 18.57 -3.67 -0.25
CA ARG A 52 18.39 -4.49 -1.47
C ARG A 52 16.93 -4.36 -1.97
N TRP A 53 15.97 -4.63 -1.07
CA TRP A 53 14.52 -4.54 -1.38
C TRP A 53 14.11 -3.10 -1.71
N ARG A 54 14.81 -2.12 -1.10
CA ARG A 54 14.55 -0.68 -1.31
C ARG A 54 14.75 -0.30 -2.79
N GLU A 55 15.74 -0.94 -3.45
CA GLU A 55 16.05 -0.73 -4.88
C GLU A 55 15.23 -1.68 -5.77
N ALA A 56 15.10 -2.94 -5.31
CA ALA A 56 14.43 -4.03 -6.06
C ALA A 56 12.95 -3.73 -6.32
N LEU A 57 12.25 -3.32 -5.25
CA LEU A 57 10.81 -3.02 -5.28
C LEU A 57 10.50 -1.71 -6.03
N ARG A 58 11.44 -0.76 -6.04
CA ARG A 58 11.32 0.47 -6.84
C ARG A 58 11.30 0.14 -8.34
N SER A 59 12.15 -0.82 -8.74
CA SER A 59 12.18 -1.35 -10.11
C SER A 59 10.91 -2.21 -10.36
N ARG A 60 10.54 -3.01 -9.35
CA ARG A 60 9.43 -3.97 -9.45
C ARG A 60 8.08 -3.26 -9.64
N LEU A 61 7.89 -2.14 -8.93
CA LEU A 61 6.62 -1.35 -8.98
C LEU A 61 6.43 -0.65 -10.33
N LYS A 62 7.53 -0.46 -11.08
CA LYS A 62 7.49 0.01 -12.47
C LYS A 62 6.87 -1.08 -13.37
N ASP A 63 7.37 -2.33 -13.18
CA ASP A 63 6.92 -3.50 -13.97
C ASP A 63 5.54 -4.04 -13.49
N ALA A 64 5.22 -3.75 -12.22
CA ALA A 64 3.98 -4.23 -11.57
C ALA A 64 2.83 -3.24 -11.81
N ARG A 65 1.64 -3.66 -11.39
CA ARG A 65 0.37 -2.97 -11.71
C ARG A 65 -0.41 -2.67 -10.43
N VAL A 66 -1.27 -1.66 -10.52
CA VAL A 66 -2.17 -1.23 -9.45
C VAL A 66 -3.23 -2.33 -9.17
N PRO A 67 -3.39 -2.79 -7.87
CA PRO A 67 -4.40 -3.82 -7.50
C PRO A 67 -5.86 -3.34 -7.75
N PRO A 68 -6.84 -4.25 -8.08
CA PRO A 68 -8.23 -3.87 -8.53
C PRO A 68 -9.00 -3.01 -7.50
N GLU A 69 -8.69 -3.26 -6.21
CA GLU A 69 -9.21 -2.47 -5.06
C GLU A 69 -8.83 -0.98 -5.20
N LEU A 70 -7.55 -0.75 -5.55
CA LEU A 70 -6.96 0.59 -5.72
C LEU A 70 -7.35 1.16 -7.10
N THR A 71 -7.58 0.27 -8.09
CA THR A 71 -7.87 0.65 -9.50
C THR A 71 -9.16 1.47 -9.61
N GLU A 72 -10.24 0.95 -9.02
CA GLU A 72 -11.58 1.61 -9.03
C GLU A 72 -11.54 2.95 -8.26
N GLU A 73 -10.73 2.96 -7.18
CA GLU A 73 -10.49 4.15 -6.35
C GLU A 73 -9.82 5.27 -7.19
N VAL A 74 -8.62 4.97 -7.76
CA VAL A 74 -7.81 5.96 -8.49
C VAL A 74 -8.52 6.44 -9.76
N MET A 75 -9.36 5.57 -10.37
CA MET A 75 -10.20 5.95 -11.53
C MET A 75 -11.22 7.04 -11.14
N CYS A 76 -11.78 6.92 -9.92
CA CYS A 76 -12.72 7.91 -9.35
C CYS A 76 -11.97 9.17 -8.84
N TYR A 77 -10.71 8.98 -8.43
CA TYR A 77 -9.84 10.07 -7.94
C TYR A 77 -9.47 11.04 -9.07
N GLN A 78 -8.96 10.48 -10.17
CA GLN A 78 -8.57 11.23 -11.38
C GLN A 78 -9.81 11.79 -12.09
N GLN A 79 -10.97 11.13 -11.89
CA GLN A 79 -12.28 11.61 -12.37
C GLN A 79 -12.77 12.80 -11.54
N SER A 80 -12.46 12.81 -10.22
CA SER A 80 -12.97 13.83 -9.26
C SER A 80 -12.60 15.26 -9.68
N GLN A 81 -11.38 15.44 -10.21
CA GLN A 81 -10.90 16.73 -10.73
C GLN A 81 -11.53 17.04 -12.10
N LEU A 82 -11.85 15.99 -12.87
CA LEU A 82 -12.45 16.11 -14.22
C LEU A 82 -13.99 16.22 -14.14
N LEU A 83 -14.56 16.04 -12.93
CA LEU A 83 -15.97 16.32 -12.67
C LEU A 83 -16.17 17.83 -12.68
N SER A 84 -16.71 18.33 -13.80
CA SER A 84 -17.01 19.76 -13.99
C SER A 84 -18.07 20.24 -12.98
N THR A 85 -18.27 21.56 -12.90
CA THR A 85 -19.13 22.20 -11.89
C THR A 85 -20.57 21.57 -11.75
N PRO A 86 -21.33 21.23 -12.85
CA PRO A 86 -22.62 20.49 -12.71
C PRO A 86 -22.43 19.04 -12.20
N GLN A 87 -21.46 18.34 -12.82
CA GLN A 87 -21.21 16.89 -12.60
C GLN A 87 -20.70 16.59 -11.18
N PHE A 88 -19.94 17.53 -10.60
CA PHE A 88 -19.37 17.34 -9.25
C PHE A 88 -20.48 17.42 -8.18
N ILE A 89 -21.50 18.26 -8.44
CA ILE A 89 -22.61 18.47 -7.51
C ILE A 89 -23.60 17.29 -7.53
N VAL A 90 -24.02 16.86 -8.74
CA VAL A 90 -24.98 15.74 -8.88
C VAL A 90 -24.32 14.38 -8.54
N GLN A 91 -23.00 14.23 -8.80
CA GLN A 91 -22.24 13.02 -8.40
C GLN A 91 -21.58 13.19 -7.02
N LEU A 92 -21.88 14.30 -6.31
CA LEU A 92 -21.36 14.53 -4.94
C LEU A 92 -21.82 13.41 -3.95
N PRO A 93 -23.15 13.13 -3.78
CA PRO A 93 -23.59 12.07 -2.84
C PRO A 93 -23.27 10.64 -3.37
N GLN A 94 -23.01 10.55 -4.69
CA GLN A 94 -22.74 9.29 -5.40
C GLN A 94 -21.24 8.91 -5.33
N ILE A 95 -20.34 9.92 -5.23
CA ILE A 95 -18.88 9.69 -5.14
C ILE A 95 -18.52 9.17 -3.72
N LEU A 96 -19.33 9.62 -2.72
CA LEU A 96 -19.20 9.20 -1.30
C LEU A 96 -19.53 7.70 -1.14
N ASP A 97 -20.43 7.21 -2.02
CA ASP A 97 -20.87 5.81 -2.04
C ASP A 97 -19.69 4.85 -2.26
N LEU A 98 -18.69 5.27 -3.08
CA LEU A 98 -17.49 4.45 -3.35
C LEU A 98 -16.62 4.31 -2.08
N LEU A 99 -16.55 5.38 -1.27
CA LEU A 99 -15.83 5.35 0.03
C LEU A 99 -16.51 4.36 0.99
N HIS A 100 -17.84 4.24 0.87
CA HIS A 100 -18.65 3.29 1.65
C HIS A 100 -18.35 1.84 1.18
N ARG A 101 -18.09 1.68 -0.15
CA ARG A 101 -17.73 0.36 -0.74
C ARG A 101 -16.31 -0.06 -0.31
N LEU A 102 -15.43 0.94 -0.14
CA LEU A 102 -14.04 0.76 0.32
C LEU A 102 -13.93 0.84 1.85
N ASN A 103 -15.10 0.96 2.51
CA ASN A 103 -15.26 0.95 3.99
C ASN A 103 -14.34 1.98 4.72
N SER A 104 -14.05 3.08 4.01
CA SER A 104 -13.22 4.18 4.50
C SER A 104 -13.88 4.87 5.74
N PRO A 105 -13.10 5.20 6.82
CA PRO A 105 -13.64 5.92 7.99
C PRO A 105 -14.09 7.36 7.64
N TRP A 106 -13.48 7.91 6.56
CA TRP A 106 -13.82 9.24 6.04
C TRP A 106 -15.22 9.25 5.37
N ALA A 107 -15.76 8.06 5.00
CA ALA A 107 -17.12 7.95 4.39
C ALA A 107 -18.20 8.55 5.32
N GLU A 108 -18.02 8.33 6.62
CA GLU A 108 -18.91 8.84 7.68
C GLU A 108 -18.84 10.37 7.76
N GLN A 109 -17.61 10.88 7.91
CA GLN A 109 -17.35 12.32 8.10
C GLN A 109 -17.67 13.12 6.82
N ALA A 110 -17.46 12.49 5.65
CA ALA A 110 -17.69 13.14 4.34
C ALA A 110 -19.19 13.33 4.09
N ARG A 111 -19.96 12.31 4.49
CA ARG A 111 -21.44 12.32 4.41
C ARG A 111 -22.02 13.40 5.35
N GLN A 112 -21.37 13.57 6.52
CA GLN A 112 -21.72 14.59 7.54
C GLN A 112 -21.27 16.01 7.09
N LEU A 113 -20.14 16.05 6.36
CA LEU A 113 -19.48 17.29 5.90
C LEU A 113 -20.34 17.98 4.82
N VAL A 114 -20.80 17.16 3.85
CA VAL A 114 -21.62 17.64 2.75
C VAL A 114 -23.10 17.81 3.17
N ASP A 115 -23.47 17.20 4.32
CA ASP A 115 -24.77 17.44 4.96
C ASP A 115 -24.81 18.85 5.54
N ALA A 116 -23.70 19.23 6.18
CA ALA A 116 -23.52 20.57 6.75
C ALA A 116 -23.50 21.64 5.64
N ASN A 117 -22.53 21.49 4.74
CA ASN A 117 -22.32 22.41 3.61
C ASN A 117 -22.31 21.61 2.29
N SER A 118 -23.45 21.59 1.58
CA SER A 118 -23.56 20.96 0.24
C SER A 118 -23.16 21.95 -0.88
N THR A 119 -23.12 23.24 -0.53
CA THR A 119 -22.65 24.33 -1.41
C THR A 119 -21.10 24.36 -1.43
N ILE A 120 -20.51 23.31 -2.05
CA ILE A 120 -19.05 23.19 -2.21
C ILE A 120 -18.53 24.25 -3.19
N THR A 121 -17.90 25.31 -2.65
CA THR A 121 -17.50 26.49 -3.43
C THR A 121 -15.97 26.50 -3.71
N SER A 122 -15.16 26.77 -2.68
CA SER A 122 -13.71 26.99 -2.84
C SER A 122 -12.92 26.30 -1.72
N ALA A 123 -13.05 26.82 -0.47
CA ALA A 123 -12.29 26.33 0.70
C ALA A 123 -12.69 24.89 1.03
N LEU A 124 -14.00 24.62 0.96
CA LEU A 124 -14.57 23.29 1.20
C LEU A 124 -14.13 22.28 0.11
N HIS A 125 -13.94 22.78 -1.14
CA HIS A 125 -13.54 21.95 -2.30
C HIS A 125 -12.08 21.51 -2.17
N THR A 126 -11.22 22.47 -1.78
CA THR A 126 -9.79 22.24 -1.52
C THR A 126 -9.62 21.20 -0.39
N LEU A 127 -10.44 21.36 0.66
CA LEU A 127 -10.41 20.50 1.85
C LEU A 127 -10.97 19.10 1.51
N PHE A 128 -12.03 19.04 0.67
CA PHE A 128 -12.71 17.77 0.30
C PHE A 128 -11.73 16.85 -0.46
N LEU A 129 -11.06 17.45 -1.47
CA LEU A 129 -10.04 16.75 -2.28
C LEU A 129 -8.77 16.45 -1.46
N GLN A 130 -8.49 17.30 -0.43
CA GLN A 130 -7.37 17.07 0.52
C GLN A 130 -7.64 15.80 1.32
N ARG A 131 -8.88 15.67 1.83
CA ARG A 131 -9.32 14.55 2.66
C ARG A 131 -9.27 13.22 1.89
N TRP A 132 -9.57 13.29 0.57
CA TRP A 132 -9.47 12.14 -0.33
C TRP A 132 -8.00 11.68 -0.37
N ARG A 133 -7.12 12.60 -0.81
CA ARG A 133 -5.67 12.34 -1.01
C ARG A 133 -4.95 11.97 0.30
N LEU A 134 -5.49 12.48 1.42
CA LEU A 134 -4.94 12.25 2.77
C LEU A 134 -5.24 10.79 3.17
N SER A 135 -6.55 10.46 3.13
CA SER A 135 -7.05 9.13 3.47
C SER A 135 -6.54 8.08 2.46
N LEU A 136 -6.21 8.55 1.23
CA LEU A 136 -5.70 7.71 0.13
C LEU A 136 -4.35 7.09 0.52
N ILE A 137 -3.50 7.85 1.23
CA ILE A 137 -2.15 7.40 1.62
C ILE A 137 -2.24 6.22 2.62
N VAL A 138 -3.00 6.44 3.69
CA VAL A 138 -3.17 5.45 4.77
C VAL A 138 -4.05 4.26 4.30
N GLN A 139 -4.92 4.50 3.31
CA GLN A 139 -5.71 3.42 2.67
C GLN A 139 -4.82 2.61 1.72
N ALA A 140 -3.89 3.33 1.04
CA ALA A 140 -2.93 2.73 0.08
C ALA A 140 -1.99 1.76 0.79
N THR A 141 -1.80 1.94 2.10
CA THR A 141 -1.09 0.98 2.96
C THR A 141 -1.77 -0.42 2.90
N THR A 142 -3.10 -0.42 3.09
CA THR A 142 -3.93 -1.65 3.12
C THR A 142 -4.07 -2.26 1.71
N LEU A 143 -4.12 -1.39 0.68
CA LEU A 143 -4.21 -1.79 -0.73
C LEU A 143 -2.86 -2.38 -1.19
N ASN A 144 -1.75 -1.80 -0.68
CA ASN A 144 -0.38 -2.30 -0.91
C ASN A 144 -0.05 -3.47 0.03
N GLN A 145 -0.93 -3.74 1.02
CA GLN A 145 -0.82 -4.94 1.88
C GLN A 145 -1.26 -6.19 1.09
N GLN A 146 -2.31 -6.02 0.27
CA GLN A 146 -2.80 -7.08 -0.64
C GLN A 146 -1.75 -7.34 -1.73
N LEU A 147 -1.17 -6.21 -2.23
CA LEU A 147 0.00 -6.23 -3.13
C LEU A 147 1.12 -7.08 -2.51
N LEU A 148 1.60 -6.69 -1.30
CA LEU A 148 2.84 -7.25 -0.72
C LEU A 148 2.71 -8.74 -0.43
N GLU A 149 1.47 -9.25 -0.35
CA GLU A 149 1.20 -10.68 -0.17
C GLU A 149 1.49 -11.45 -1.48
N GLU A 150 0.89 -10.97 -2.60
CA GLU A 150 1.02 -11.61 -3.94
C GLU A 150 2.40 -11.33 -4.56
N GLU A 151 2.97 -10.18 -4.19
CA GLU A 151 4.27 -9.72 -4.66
C GLU A 151 5.38 -10.43 -3.89
N ARG A 152 5.08 -10.76 -2.61
CA ARG A 152 5.97 -11.54 -1.74
C ARG A 152 6.39 -12.84 -2.42
N GLU A 153 5.45 -13.43 -3.17
CA GLU A 153 5.63 -14.71 -3.89
C GLU A 153 6.76 -14.60 -4.96
N GLN A 154 6.65 -13.58 -5.83
CA GLN A 154 7.66 -13.28 -6.87
C GLN A 154 8.99 -12.88 -6.22
N LEU A 155 8.88 -12.11 -5.14
CA LEU A 155 10.03 -11.58 -4.40
C LEU A 155 10.67 -12.68 -3.51
N LEU A 156 9.92 -13.78 -3.28
CA LEU A 156 10.40 -14.93 -2.48
C LEU A 156 11.40 -15.72 -3.31
N SER A 157 11.04 -15.99 -4.58
CA SER A 157 11.97 -16.63 -5.53
C SER A 157 13.22 -15.76 -5.77
N GLU A 158 13.00 -14.41 -5.76
CA GLU A 158 14.08 -13.41 -5.86
C GLU A 158 15.07 -13.53 -4.69
N VAL A 159 14.53 -13.53 -3.44
CA VAL A 159 15.38 -13.57 -2.24
C VAL A 159 16.06 -14.93 -2.07
N GLN A 160 15.45 -16.00 -2.62
CA GLN A 160 16.07 -17.35 -2.67
C GLN A 160 17.38 -17.30 -3.48
N GLU A 161 17.35 -16.56 -4.61
CA GLU A 161 18.54 -16.33 -5.46
C GLU A 161 19.63 -15.57 -4.68
N ARG A 162 19.20 -14.69 -3.77
CA ARG A 162 20.11 -14.01 -2.83
C ARG A 162 20.65 -14.98 -1.74
N MET A 163 19.74 -15.80 -1.17
CA MET A 163 20.01 -16.59 0.06
C MET A 163 21.05 -17.70 -0.15
N THR A 164 21.45 -17.94 -1.42
CA THR A 164 22.54 -18.88 -1.76
C THR A 164 23.91 -18.40 -1.21
N LEU A 165 23.99 -17.09 -0.82
CA LEU A 165 25.22 -16.48 -0.23
C LEU A 165 25.58 -17.10 1.13
N SER A 166 24.55 -17.68 1.81
CA SER A 166 24.68 -18.16 3.20
C SER A 166 25.78 -19.24 3.33
N GLY A 167 25.67 -20.29 2.47
CA GLY A 167 26.69 -21.34 2.35
C GLY A 167 27.08 -21.99 3.68
N GLN A 168 28.22 -21.54 4.24
CA GLN A 168 28.70 -21.94 5.58
C GLN A 168 29.06 -20.69 6.43
N LEU A 169 28.87 -19.49 5.82
CA LEU A 169 29.19 -18.20 6.43
C LEU A 169 28.12 -17.83 7.47
N GLU A 170 28.35 -18.25 8.72
CA GLU A 170 27.45 -17.98 9.85
C GLU A 170 27.79 -16.59 10.45
N PRO A 171 26.82 -15.61 10.43
CA PRO A 171 27.00 -14.29 11.11
C PRO A 171 27.06 -14.44 12.65
N ILE A 172 27.06 -13.28 13.35
CA ILE A 172 27.18 -13.25 14.82
C ILE A 172 25.78 -13.16 15.46
N LEU A 173 25.07 -12.06 15.18
CA LEU A 173 23.77 -11.73 15.81
C LEU A 173 22.61 -12.57 15.24
N ALA A 174 21.44 -12.45 15.89
CA ALA A 174 20.20 -13.14 15.49
C ALA A 174 19.00 -12.46 16.20
N ASP A 175 18.24 -11.68 15.43
CA ASP A 175 17.10 -10.89 15.94
C ASP A 175 15.82 -11.72 16.05
N ASN A 176 14.76 -11.08 16.58
CA ASN A 176 13.41 -11.65 16.66
C ASN A 176 12.79 -11.77 15.25
N ASN A 177 11.87 -12.73 15.05
CA ASN A 177 11.09 -12.87 13.81
C ASN A 177 9.59 -12.83 14.14
N THR A 178 8.80 -12.19 13.27
CA THR A 178 7.36 -12.01 13.47
C THR A 178 6.62 -12.40 12.17
N ALA A 179 5.76 -13.44 12.28
CA ALA A 179 4.94 -13.94 11.15
C ALA A 179 3.97 -12.84 10.66
N ALA A 180 3.95 -12.62 9.33
CA ALA A 180 3.17 -11.55 8.70
C ALA A 180 1.72 -11.99 8.46
N GLY A 181 0.78 -11.26 9.08
CA GLY A 181 -0.64 -11.45 8.86
C GLY A 181 -1.08 -10.98 7.48
N ARG A 182 -2.00 -11.74 6.87
CA ARG A 182 -2.43 -11.50 5.48
C ARG A 182 -3.91 -11.93 5.30
N LEU A 183 -4.65 -11.14 4.51
CA LEU A 183 -6.04 -11.43 4.13
C LEU A 183 -6.42 -10.45 3.02
N TRP A 184 -6.79 -10.99 1.86
CA TRP A 184 -7.06 -10.23 0.64
C TRP A 184 -8.22 -10.86 -0.14
N ASP A 185 -8.61 -10.21 -1.25
CA ASP A 185 -9.63 -10.73 -2.17
C ASP A 185 -9.36 -10.15 -3.57
N MET A 186 -9.62 -10.98 -4.59
CA MET A 186 -9.43 -10.63 -6.00
C MET A 186 -10.77 -10.13 -6.58
N SER A 187 -10.97 -8.81 -6.54
CA SER A 187 -12.16 -8.17 -7.12
C SER A 187 -12.01 -8.07 -8.65
N ALA A 188 -13.16 -8.09 -9.35
CA ALA A 188 -13.22 -8.01 -10.82
C ALA A 188 -13.88 -6.69 -11.23
N GLY A 189 -13.13 -5.85 -11.96
CA GLY A 189 -13.59 -4.53 -12.40
C GLY A 189 -13.53 -4.39 -13.91
N GLN A 190 -14.67 -4.06 -14.54
CA GLN A 190 -14.78 -3.83 -15.99
C GLN A 190 -15.98 -2.92 -16.28
N LEU A 191 -15.92 -2.18 -17.40
CA LEU A 191 -16.98 -1.24 -17.79
C LEU A 191 -18.04 -1.99 -18.66
N MET A 1 -4.55 -0.37 -19.25
CA MET A 1 -5.25 0.06 -18.02
C MET A 1 -4.28 0.80 -17.08
N LEU A 2 -4.70 1.03 -15.82
CA LEU A 2 -3.87 1.71 -14.81
C LEU A 2 -2.73 0.79 -14.33
N THR A 3 -1.63 1.41 -13.85
CA THR A 3 -0.48 0.70 -13.25
C THR A 3 -0.16 1.33 -11.88
N LEU A 4 0.48 0.54 -10.99
CA LEU A 4 0.73 0.91 -9.57
C LEU A 4 1.61 2.19 -9.43
N ASP A 5 2.42 2.47 -10.47
CA ASP A 5 3.36 3.64 -10.49
C ASP A 5 2.63 4.98 -10.23
N THR A 6 1.31 5.02 -10.55
CA THR A 6 0.43 6.17 -10.27
C THR A 6 0.42 6.48 -8.76
N LEU A 7 0.13 5.43 -7.94
CA LEU A 7 -0.04 5.57 -6.46
C LEU A 7 1.22 6.19 -5.81
N ASN A 8 2.38 5.72 -6.28
CA ASN A 8 3.71 6.19 -5.82
C ASN A 8 3.87 7.72 -6.04
N VAL A 9 3.49 8.19 -7.24
CA VAL A 9 3.68 9.58 -7.68
C VAL A 9 2.59 10.54 -7.10
N MET A 10 1.33 10.10 -7.16
CA MET A 10 0.14 10.92 -6.81
C MET A 10 0.11 11.28 -5.31
N LEU A 11 0.64 10.37 -4.47
CA LEU A 11 0.73 10.59 -3.02
C LEU A 11 2.16 11.02 -2.60
N ALA A 12 3.07 11.11 -3.62
CA ALA A 12 4.47 11.60 -3.45
C ALA A 12 5.29 10.74 -2.45
N VAL A 13 4.84 9.50 -2.23
CA VAL A 13 5.41 8.60 -1.22
C VAL A 13 6.76 8.01 -1.68
N SER A 14 7.74 8.05 -0.76
CA SER A 14 9.05 7.45 -0.97
C SER A 14 8.93 5.92 -0.82
N GLU A 15 9.14 5.20 -1.93
CA GLU A 15 8.88 3.75 -2.02
C GLU A 15 9.75 2.95 -1.02
N GLU A 16 10.92 3.51 -0.65
CA GLU A 16 11.89 2.87 0.29
C GLU A 16 11.26 2.56 1.66
N GLY A 17 10.24 3.33 2.07
CA GLY A 17 9.51 3.07 3.31
C GLY A 17 8.69 1.78 3.24
N LEU A 18 8.07 1.58 2.07
CA LEU A 18 7.22 0.42 1.78
C LEU A 18 8.10 -0.84 1.55
N ILE A 19 9.24 -0.62 0.85
CA ILE A 19 10.27 -1.64 0.61
C ILE A 19 10.87 -2.11 1.95
N GLU A 20 11.07 -1.15 2.88
CA GLU A 20 11.62 -1.41 4.21
C GLU A 20 10.70 -2.35 5.01
N GLU A 21 9.38 -2.09 4.92
CA GLU A 21 8.36 -2.95 5.55
C GLU A 21 8.38 -4.36 4.92
N MET A 22 8.65 -4.40 3.59
CA MET A 22 8.74 -5.66 2.84
C MET A 22 10.02 -6.45 3.21
N ILE A 23 11.08 -5.73 3.68
CA ILE A 23 12.31 -6.38 4.21
C ILE A 23 11.92 -7.19 5.45
N ILE A 24 11.28 -6.50 6.41
CA ILE A 24 10.79 -7.09 7.67
C ILE A 24 9.83 -8.26 7.36
N ALA A 25 8.99 -8.09 6.33
CA ALA A 25 8.00 -9.11 5.91
C ALA A 25 8.68 -10.41 5.42
N LEU A 26 9.75 -10.28 4.61
CA LEU A 26 10.52 -11.43 4.08
C LEU A 26 11.33 -12.13 5.19
N LEU A 27 11.90 -11.32 6.09
CA LEU A 27 12.67 -11.82 7.25
C LEU A 27 11.72 -12.37 8.34
N ALA A 28 10.42 -12.03 8.24
CA ALA A 28 9.36 -12.55 9.11
C ALA A 28 8.60 -13.73 8.44
N SER A 29 8.93 -14.03 7.16
CA SER A 29 8.41 -15.23 6.48
C SER A 29 8.98 -16.49 7.16
N PRO A 30 8.13 -17.53 7.46
CA PRO A 30 8.50 -18.66 8.37
C PRO A 30 9.77 -19.43 7.94
N GLN A 31 10.06 -19.38 6.63
CA GLN A 31 11.28 -19.99 6.03
C GLN A 31 12.55 -19.33 6.58
N LEU A 32 12.61 -17.99 6.49
CA LEU A 32 13.78 -17.20 6.94
C LEU A 32 13.77 -17.05 8.46
N ALA A 33 12.55 -16.96 9.04
CA ALA A 33 12.34 -16.83 10.49
C ALA A 33 12.95 -18.01 11.25
N VAL A 34 12.76 -19.25 10.71
CA VAL A 34 13.36 -20.46 11.29
C VAL A 34 14.85 -20.56 10.91
N PHE A 35 15.23 -20.08 9.71
CA PHE A 35 16.63 -20.13 9.21
C PHE A 35 17.58 -19.32 10.12
N PHE A 36 17.06 -18.24 10.72
CA PHE A 36 17.83 -17.37 11.64
C PHE A 36 18.04 -18.07 13.01
N GLU A 37 17.16 -19.04 13.32
CA GLU A 37 17.27 -19.88 14.53
C GLU A 37 18.18 -21.09 14.29
N LYS A 38 18.09 -21.66 13.07
CA LYS A 38 18.82 -22.88 12.66
C LYS A 38 20.30 -22.57 12.42
N PHE A 39 20.54 -21.45 11.73
CA PHE A 39 21.88 -20.96 11.39
C PHE A 39 21.93 -19.43 11.65
N PRO A 40 22.10 -19.00 12.95
CA PRO A 40 22.18 -17.56 13.32
C PRO A 40 23.52 -16.91 12.89
N ARG A 41 24.43 -17.69 12.29
CA ARG A 41 25.64 -17.14 11.65
C ARG A 41 25.45 -17.00 10.11
N LEU A 42 24.75 -17.99 9.46
CA LEU A 42 24.50 -17.98 7.99
C LEU A 42 23.47 -16.90 7.59
N LYS A 43 22.68 -16.43 8.59
CA LYS A 43 21.69 -15.33 8.41
C LYS A 43 22.35 -14.06 7.84
N ALA A 44 23.66 -13.89 8.16
CA ALA A 44 24.50 -12.75 7.75
C ALA A 44 24.38 -12.41 6.26
N ALA A 45 24.24 -13.45 5.45
CA ALA A 45 24.06 -13.34 4.01
C ALA A 45 22.81 -12.52 3.66
N ILE A 46 21.65 -12.94 4.22
CA ILE A 46 20.33 -12.31 3.95
C ILE A 46 20.20 -10.94 4.65
N THR A 47 20.82 -10.78 5.83
CA THR A 47 20.79 -9.52 6.60
C THR A 47 21.73 -8.46 5.97
N ASP A 48 22.71 -8.92 5.20
CA ASP A 48 23.57 -8.04 4.36
C ASP A 48 22.89 -7.79 2.99
N ASP A 49 22.03 -8.75 2.59
CA ASP A 49 21.30 -8.74 1.31
C ASP A 49 20.06 -7.78 1.34
N VAL A 50 19.84 -7.10 2.48
CA VAL A 50 18.70 -6.16 2.69
C VAL A 50 18.46 -5.13 1.52
N PRO A 51 19.51 -4.45 0.94
CA PRO A 51 19.27 -3.48 -0.18
C PRO A 51 18.76 -4.11 -1.51
N ARG A 52 18.75 -5.46 -1.62
CA ARG A 52 18.43 -6.18 -2.89
C ARG A 52 16.94 -6.00 -3.29
N TRP A 53 16.04 -6.12 -2.29
CA TRP A 53 14.58 -5.97 -2.47
C TRP A 53 14.19 -4.59 -3.06
N ARG A 54 15.07 -3.58 -2.89
CA ARG A 54 14.86 -2.21 -3.38
C ARG A 54 14.68 -2.20 -4.91
N GLU A 55 15.60 -2.87 -5.64
CA GLU A 55 15.53 -2.97 -7.14
C GLU A 55 14.25 -3.69 -7.56
N ALA A 56 13.95 -4.77 -6.80
CA ALA A 56 12.81 -5.67 -7.08
C ALA A 56 11.47 -4.89 -7.13
N LEU A 57 11.16 -4.15 -6.04
CA LEU A 57 9.86 -3.45 -5.90
C LEU A 57 9.84 -2.19 -6.80
N ARG A 58 10.99 -1.50 -6.95
CA ARG A 58 11.10 -0.27 -7.79
C ARG A 58 10.81 -0.54 -9.27
N SER A 59 11.25 -1.70 -9.77
CA SER A 59 10.90 -2.15 -11.12
C SER A 59 9.44 -2.65 -11.11
N ARG A 60 9.10 -3.43 -10.06
CA ARG A 60 7.81 -4.12 -9.96
C ARG A 60 6.62 -3.17 -9.98
N LEU A 61 6.74 -1.98 -9.37
CA LEU A 61 5.60 -1.02 -9.30
C LEU A 61 5.20 -0.49 -10.70
N LYS A 62 6.17 -0.50 -11.63
CA LYS A 62 5.95 -0.15 -13.04
C LYS A 62 5.46 -1.38 -13.84
N ASP A 63 5.81 -2.59 -13.34
CA ASP A 63 5.44 -3.88 -13.97
C ASP A 63 4.30 -4.61 -13.21
N ALA A 64 3.66 -3.92 -12.25
CA ALA A 64 2.63 -4.51 -11.35
C ALA A 64 1.21 -4.28 -11.84
N ARG A 65 0.28 -4.81 -11.07
CA ARG A 65 -1.17 -4.66 -11.27
C ARG A 65 -1.77 -3.77 -10.19
N VAL A 66 -2.99 -3.29 -10.47
CA VAL A 66 -3.78 -2.46 -9.56
C VAL A 66 -4.99 -3.29 -9.05
N PRO A 67 -5.34 -3.20 -7.72
CA PRO A 67 -6.64 -3.70 -7.22
C PRO A 67 -7.81 -2.99 -7.95
N PRO A 68 -8.69 -3.73 -8.70
CA PRO A 68 -9.76 -3.12 -9.54
C PRO A 68 -10.77 -2.24 -8.76
N GLU A 69 -10.84 -2.47 -7.43
CA GLU A 69 -11.70 -1.67 -6.52
C GLU A 69 -11.02 -0.34 -6.18
N LEU A 70 -9.69 -0.38 -5.95
CA LEU A 70 -8.86 0.83 -5.76
C LEU A 70 -8.90 1.70 -7.03
N THR A 71 -9.00 1.03 -8.20
CA THR A 71 -9.08 1.72 -9.50
C THR A 71 -10.21 2.78 -9.51
N GLU A 72 -11.33 2.46 -8.85
CA GLU A 72 -12.49 3.37 -8.72
C GLU A 72 -12.12 4.67 -7.95
N GLU A 73 -11.33 4.51 -6.88
CA GLU A 73 -10.92 5.61 -5.98
C GLU A 73 -10.00 6.60 -6.70
N VAL A 74 -8.97 6.04 -7.34
CA VAL A 74 -7.98 6.82 -8.10
C VAL A 74 -8.61 7.39 -9.39
N MET A 75 -9.65 6.71 -9.95
CA MET A 75 -10.44 7.27 -11.09
C MET A 75 -11.13 8.56 -10.64
N CYS A 76 -11.88 8.47 -9.54
CA CYS A 76 -12.61 9.63 -8.97
C CYS A 76 -11.66 10.77 -8.58
N TYR A 77 -10.43 10.39 -8.14
CA TYR A 77 -9.40 11.33 -7.70
C TYR A 77 -8.75 12.08 -8.89
N GLN A 78 -8.39 11.33 -9.95
CA GLN A 78 -7.71 11.90 -11.14
C GLN A 78 -8.70 12.72 -11.97
N GLN A 79 -9.98 12.28 -12.00
CA GLN A 79 -11.08 13.00 -12.66
C GLN A 79 -11.47 14.25 -11.87
N SER A 80 -11.22 14.23 -10.54
CA SER A 80 -11.43 15.40 -9.65
C SER A 80 -10.45 16.54 -10.03
N GLN A 81 -9.30 16.18 -10.64
CA GLN A 81 -8.31 17.16 -11.13
C GLN A 81 -8.84 17.86 -12.40
N LEU A 82 -9.52 17.08 -13.27
CA LEU A 82 -10.13 17.58 -14.53
C LEU A 82 -11.61 17.97 -14.32
N LEU A 83 -12.10 17.88 -13.08
CA LEU A 83 -13.50 18.19 -12.73
C LEU A 83 -13.69 19.71 -12.72
N SER A 84 -14.35 20.24 -13.77
CA SER A 84 -14.66 21.68 -13.87
C SER A 84 -15.69 22.08 -12.77
N THR A 85 -15.58 23.34 -12.31
CA THR A 85 -16.37 23.88 -11.18
C THR A 85 -17.91 23.93 -11.45
N PRO A 86 -18.45 24.21 -12.71
CA PRO A 86 -19.93 24.12 -12.95
C PRO A 86 -20.45 22.68 -12.80
N GLN A 87 -19.63 21.72 -13.26
CA GLN A 87 -19.96 20.28 -13.23
C GLN A 87 -19.77 19.65 -11.83
N PHE A 88 -19.16 20.40 -10.89
CA PHE A 88 -18.89 19.89 -9.51
C PHE A 88 -20.20 19.59 -8.76
N ILE A 89 -21.16 20.52 -8.82
CA ILE A 89 -22.40 20.46 -8.00
C ILE A 89 -23.30 19.26 -8.40
N VAL A 90 -23.45 19.06 -9.72
CA VAL A 90 -24.24 17.91 -10.25
C VAL A 90 -23.53 16.57 -9.97
N GLN A 91 -22.19 16.61 -9.90
CA GLN A 91 -21.34 15.43 -9.62
C GLN A 91 -20.99 15.31 -8.13
N LEU A 92 -21.57 16.19 -7.29
CA LEU A 92 -21.45 16.10 -5.83
C LEU A 92 -22.07 14.76 -5.30
N PRO A 93 -23.36 14.40 -5.60
CA PRO A 93 -23.93 13.12 -5.12
C PRO A 93 -23.36 11.91 -5.90
N GLN A 94 -22.65 12.19 -7.01
CA GLN A 94 -22.02 11.15 -7.85
C GLN A 94 -20.68 10.67 -7.24
N ILE A 95 -19.96 11.57 -6.49
CA ILE A 95 -18.76 11.15 -5.74
C ILE A 95 -19.21 10.36 -4.48
N LEU A 96 -20.36 10.74 -3.88
CA LEU A 96 -20.98 9.97 -2.76
C LEU A 96 -21.34 8.53 -3.20
N ASP A 97 -21.69 8.38 -4.50
CA ASP A 97 -21.94 7.07 -5.13
C ASP A 97 -20.64 6.22 -5.14
N LEU A 98 -19.49 6.87 -5.39
CA LEU A 98 -18.18 6.18 -5.45
C LEU A 98 -17.79 5.66 -4.04
N LEU A 99 -18.07 6.48 -3.01
CA LEU A 99 -17.88 6.09 -1.59
C LEU A 99 -18.79 4.89 -1.25
N HIS A 100 -20.00 4.86 -1.84
CA HIS A 100 -20.97 3.76 -1.69
C HIS A 100 -20.47 2.47 -2.41
N ARG A 101 -19.80 2.66 -3.56
CA ARG A 101 -19.21 1.54 -4.36
C ARG A 101 -18.09 0.84 -3.57
N LEU A 102 -17.37 1.63 -2.77
CA LEU A 102 -16.23 1.16 -1.95
C LEU A 102 -16.71 0.65 -0.58
N ASN A 103 -17.98 0.96 -0.23
CA ASN A 103 -18.59 0.62 1.08
C ASN A 103 -17.82 1.34 2.22
N SER A 104 -17.36 2.57 1.91
CA SER A 104 -16.60 3.41 2.84
C SER A 104 -17.44 3.76 4.09
N PRO A 105 -16.89 3.63 5.34
CA PRO A 105 -17.64 3.97 6.58
C PRO A 105 -17.90 5.48 6.71
N TRP A 106 -17.03 6.29 6.05
CA TRP A 106 -17.14 7.76 6.03
C TRP A 106 -18.22 8.23 5.02
N ALA A 107 -18.74 7.29 4.19
CA ALA A 107 -19.79 7.61 3.18
C ALA A 107 -21.04 8.20 3.85
N GLU A 108 -21.36 7.70 5.06
CA GLU A 108 -22.52 8.16 5.85
C GLU A 108 -22.30 9.57 6.43
N GLN A 109 -21.07 9.83 6.91
CA GLN A 109 -20.68 11.14 7.47
C GLN A 109 -20.68 12.22 6.37
N ALA A 110 -20.14 11.86 5.20
CA ALA A 110 -20.08 12.73 4.01
C ALA A 110 -21.48 13.01 3.47
N ARG A 111 -22.34 11.98 3.56
CA ARG A 111 -23.76 12.04 3.17
C ARG A 111 -24.52 13.04 4.05
N GLN A 112 -24.20 13.03 5.36
CA GLN A 112 -24.75 13.97 6.35
C GLN A 112 -24.12 15.37 6.18
N LEU A 113 -22.83 15.39 5.79
CA LEU A 113 -22.00 16.63 5.71
C LEU A 113 -22.53 17.57 4.61
N VAL A 114 -22.76 16.98 3.42
CA VAL A 114 -23.27 17.71 2.25
C VAL A 114 -24.78 17.99 2.38
N ASP A 115 -25.46 17.23 3.27
CA ASP A 115 -26.91 17.38 3.54
C ASP A 115 -27.16 18.54 4.51
N ALA A 116 -26.34 18.59 5.58
CA ALA A 116 -26.46 19.59 6.63
C ALA A 116 -25.95 20.96 6.16
N ASN A 117 -25.00 20.93 5.21
CA ASN A 117 -24.48 22.13 4.56
C ASN A 117 -24.17 21.82 3.07
N SER A 118 -25.05 22.32 2.18
CA SER A 118 -24.90 22.18 0.72
C SER A 118 -24.13 23.38 0.11
N THR A 119 -23.81 24.39 0.96
CA THR A 119 -23.06 25.60 0.54
C THR A 119 -21.54 25.32 0.53
N ILE A 120 -21.13 24.44 -0.39
CA ILE A 120 -19.72 24.05 -0.59
C ILE A 120 -19.00 25.16 -1.37
N THR A 121 -18.43 26.14 -0.66
CA THR A 121 -17.80 27.34 -1.25
C THR A 121 -16.26 27.26 -1.16
N SER A 122 -15.71 27.30 0.07
CA SER A 122 -14.26 27.37 0.30
C SER A 122 -13.84 26.38 1.39
N ALA A 123 -14.31 26.61 2.63
CA ALA A 123 -13.94 25.81 3.81
C ALA A 123 -14.34 24.34 3.64
N LEU A 124 -15.62 24.13 3.29
CA LEU A 124 -16.18 22.78 3.09
C LEU A 124 -15.60 22.13 1.82
N HIS A 125 -15.25 22.95 0.82
CA HIS A 125 -14.73 22.43 -0.47
C HIS A 125 -13.34 21.79 -0.29
N THR A 126 -12.43 22.57 0.33
CA THR A 126 -11.04 22.16 0.61
C THR A 126 -11.00 20.96 1.57
N LEU A 127 -11.89 20.99 2.59
CA LEU A 127 -11.95 19.96 3.63
C LEU A 127 -12.47 18.64 3.04
N PHE A 128 -13.65 18.67 2.40
CA PHE A 128 -14.32 17.48 1.81
C PHE A 128 -13.39 16.76 0.81
N LEU A 129 -12.66 17.57 0.03
CA LEU A 129 -11.68 17.08 -0.96
C LEU A 129 -10.45 16.47 -0.26
N GLN A 130 -10.04 17.08 0.87
CA GLN A 130 -8.89 16.62 1.68
C GLN A 130 -9.12 15.20 2.20
N ARG A 131 -10.36 14.93 2.63
CA ARG A 131 -10.73 13.69 3.34
C ARG A 131 -10.54 12.46 2.44
N TRP A 132 -10.94 12.60 1.17
CA TRP A 132 -10.84 11.52 0.17
C TRP A 132 -9.37 11.20 -0.14
N ARG A 133 -8.52 12.25 -0.15
CA ARG A 133 -7.07 12.10 -0.39
C ARG A 133 -6.38 11.43 0.81
N LEU A 134 -6.64 11.93 2.03
CA LEU A 134 -5.93 11.47 3.25
C LEU A 134 -6.27 10.00 3.58
N SER A 135 -7.54 9.63 3.31
CA SER A 135 -8.01 8.25 3.49
C SER A 135 -7.33 7.32 2.48
N LEU A 136 -7.06 7.85 1.27
CA LEU A 136 -6.38 7.12 0.18
C LEU A 136 -4.89 6.87 0.57
N ILE A 137 -4.30 7.79 1.37
CA ILE A 137 -2.87 7.71 1.79
C ILE A 137 -2.69 6.59 2.85
N VAL A 138 -3.51 6.65 3.91
CA VAL A 138 -3.45 5.67 5.00
C VAL A 138 -3.92 4.29 4.54
N GLN A 139 -4.81 4.26 3.52
CA GLN A 139 -5.24 3.01 2.86
C GLN A 139 -4.18 2.55 1.86
N ALA A 140 -3.35 3.48 1.34
CA ALA A 140 -2.22 3.13 0.42
C ALA A 140 -1.19 2.26 1.12
N THR A 141 -1.07 2.45 2.45
CA THR A 141 -0.33 1.54 3.33
C THR A 141 -0.90 0.10 3.20
N THR A 142 -2.24 -0.03 3.24
CA THR A 142 -2.96 -1.33 3.12
C THR A 142 -2.82 -1.92 1.69
N LEU A 143 -2.92 -1.05 0.66
CA LEU A 143 -2.86 -1.44 -0.78
C LEU A 143 -1.51 -2.09 -1.09
N ASN A 144 -0.44 -1.39 -0.66
CA ASN A 144 0.95 -1.83 -0.85
C ASN A 144 1.27 -3.02 0.07
N GLN A 145 0.62 -3.08 1.26
CA GLN A 145 0.86 -4.16 2.25
C GLN A 145 0.30 -5.51 1.73
N GLN A 146 -0.90 -5.46 1.13
CA GLN A 146 -1.55 -6.61 0.49
C GLN A 146 -0.72 -7.07 -0.72
N LEU A 147 -0.21 -6.09 -1.50
CA LEU A 147 0.67 -6.36 -2.65
C LEU A 147 1.94 -7.05 -2.18
N LEU A 148 2.63 -6.46 -1.16
CA LEU A 148 3.94 -6.95 -0.71
C LEU A 148 3.81 -8.33 -0.08
N GLU A 149 2.58 -8.72 0.33
CA GLU A 149 2.27 -10.10 0.79
C GLU A 149 2.25 -11.10 -0.40
N GLU A 150 1.58 -10.70 -1.49
CA GLU A 150 1.48 -11.52 -2.73
C GLU A 150 2.86 -11.67 -3.37
N GLU A 151 3.60 -10.56 -3.40
CA GLU A 151 4.94 -10.48 -3.95
C GLU A 151 5.97 -11.03 -2.96
N ARG A 152 5.62 -11.07 -1.65
CA ARG A 152 6.50 -11.70 -0.63
C ARG A 152 6.63 -13.20 -0.90
N GLU A 153 5.53 -13.81 -1.36
CA GLU A 153 5.48 -15.21 -1.79
C GLU A 153 6.43 -15.47 -2.98
N GLN A 154 6.42 -14.54 -3.95
CA GLN A 154 7.27 -14.60 -5.15
C GLN A 154 8.75 -14.41 -4.76
N LEU A 155 8.97 -13.44 -3.87
CA LEU A 155 10.28 -13.12 -3.31
C LEU A 155 10.76 -14.22 -2.38
N LEU A 156 9.83 -14.96 -1.80
CA LEU A 156 10.15 -16.09 -0.91
C LEU A 156 10.87 -17.19 -1.69
N SER A 157 10.31 -17.56 -2.86
CA SER A 157 10.96 -18.53 -3.79
C SER A 157 12.37 -18.01 -4.20
N GLU A 158 12.43 -16.70 -4.45
CA GLU A 158 13.67 -15.97 -4.81
C GLU A 158 14.72 -16.02 -3.66
N VAL A 159 14.29 -15.80 -2.41
CA VAL A 159 15.23 -15.68 -1.27
C VAL A 159 15.67 -17.05 -0.74
N GLN A 160 14.86 -18.09 -1.01
CA GLN A 160 15.25 -19.50 -0.75
C GLN A 160 16.37 -19.90 -1.71
N GLU A 161 16.24 -19.43 -2.98
CA GLU A 161 17.23 -19.65 -4.03
C GLU A 161 18.56 -18.96 -3.69
N ARG A 162 18.51 -17.63 -3.43
CA ARG A 162 19.72 -16.82 -3.15
C ARG A 162 20.38 -17.26 -1.84
N MET A 163 19.62 -17.91 -0.93
CA MET A 163 20.13 -18.38 0.38
C MET A 163 21.28 -19.42 0.23
N THR A 164 21.54 -19.86 -1.02
CA THR A 164 22.71 -20.69 -1.37
C THR A 164 24.05 -19.98 -1.05
N LEU A 165 24.08 -18.61 -1.08
CA LEU A 165 25.29 -17.80 -0.75
C LEU A 165 25.51 -17.63 0.78
N SER A 166 24.76 -18.41 1.60
CA SER A 166 24.82 -18.39 3.09
C SER A 166 26.25 -18.62 3.69
N GLY A 167 27.27 -18.85 2.82
CA GLY A 167 28.69 -18.94 3.21
C GLY A 167 29.19 -17.78 4.09
N GLN A 168 28.51 -16.62 4.04
CA GLN A 168 28.74 -15.51 4.98
C GLN A 168 28.28 -15.98 6.39
N LEU A 169 29.24 -16.35 7.24
CA LEU A 169 29.00 -17.05 8.52
C LEU A 169 29.18 -16.12 9.74
N GLU A 170 28.93 -14.81 9.59
CA GLU A 170 29.05 -13.85 10.71
C GLU A 170 27.76 -13.88 11.57
N PRO A 171 27.85 -14.20 12.90
CA PRO A 171 26.67 -14.19 13.80
C PRO A 171 26.10 -12.76 14.00
N ILE A 172 25.17 -12.38 13.11
CA ILE A 172 24.44 -11.11 13.20
C ILE A 172 23.43 -11.19 14.36
N LEU A 173 23.53 -10.25 15.31
CA LEU A 173 22.64 -10.19 16.47
C LEU A 173 21.18 -10.01 16.01
N ALA A 174 20.25 -10.71 16.68
CA ALA A 174 18.81 -10.63 16.38
C ALA A 174 18.21 -9.35 16.99
N ASP A 175 16.97 -9.04 16.60
CA ASP A 175 16.21 -7.88 17.12
C ASP A 175 15.69 -8.15 18.55
N ASN A 176 14.86 -7.23 19.08
CA ASN A 176 14.26 -7.35 20.43
C ASN A 176 13.30 -8.57 20.51
N ASN A 177 12.32 -8.60 19.58
CA ASN A 177 11.30 -9.66 19.45
C ASN A 177 10.25 -9.17 18.44
N THR A 178 9.76 -10.06 17.56
CA THR A 178 8.68 -9.74 16.61
C THR A 178 7.32 -9.70 17.33
N ALA A 179 6.46 -8.74 16.96
CA ALA A 179 5.12 -8.58 17.57
C ALA A 179 4.03 -9.12 16.62
N ALA A 180 3.14 -9.97 17.16
CA ALA A 180 1.98 -10.50 16.42
C ALA A 180 0.71 -9.71 16.79
N GLY A 181 -0.36 -9.91 15.99
CA GLY A 181 -1.64 -9.23 16.20
C GLY A 181 -2.77 -9.91 15.46
N ARG A 182 -4.01 -9.51 15.77
CA ARG A 182 -5.23 -10.12 15.20
C ARG A 182 -5.77 -9.24 14.05
N LEU A 183 -5.60 -9.70 12.81
CA LEU A 183 -6.10 -9.00 11.60
C LEU A 183 -7.00 -9.94 10.77
N TRP A 184 -7.80 -9.35 9.88
CA TRP A 184 -8.68 -10.08 8.96
C TRP A 184 -8.40 -9.57 7.53
N ASP A 185 -7.89 -10.48 6.67
CA ASP A 185 -7.49 -10.15 5.29
C ASP A 185 -8.72 -9.81 4.43
N MET A 186 -9.01 -8.51 4.36
CA MET A 186 -10.10 -7.95 3.53
C MET A 186 -9.56 -7.66 2.12
N SER A 187 -9.35 -8.73 1.35
CA SER A 187 -8.89 -8.65 -0.05
C SER A 187 -10.07 -8.27 -0.97
N ALA A 188 -11.24 -8.85 -0.65
CA ALA A 188 -12.53 -8.60 -1.33
C ALA A 188 -12.51 -9.08 -2.80
N GLY A 189 -11.88 -8.29 -3.68
CA GLY A 189 -11.74 -8.63 -5.10
C GLY A 189 -10.38 -9.23 -5.43
N GLN A 190 -10.14 -9.46 -6.73
CA GLN A 190 -8.91 -10.09 -7.25
C GLN A 190 -8.63 -9.60 -8.69
N LEU A 191 -7.62 -10.21 -9.33
CA LEU A 191 -7.32 -10.01 -10.76
C LEU A 191 -8.16 -11.00 -11.61
N MET A 1 -7.02 -0.09 -16.84
CA MET A 1 -5.62 -0.31 -17.27
C MET A 1 -4.65 0.49 -16.38
N LEU A 2 -4.98 0.56 -15.08
CA LEU A 2 -4.19 1.22 -14.05
C LEU A 2 -2.92 0.40 -13.69
N THR A 3 -1.78 1.09 -13.66
CA THR A 3 -0.49 0.51 -13.26
C THR A 3 -0.08 1.05 -11.88
N LEU A 4 0.67 0.22 -11.12
CA LEU A 4 0.99 0.43 -9.69
C LEU A 4 1.82 1.73 -9.42
N ASP A 5 2.46 2.27 -10.48
CA ASP A 5 3.29 3.49 -10.38
C ASP A 5 2.45 4.74 -10.01
N THR A 6 1.12 4.67 -10.23
CA THR A 6 0.20 5.75 -9.89
C THR A 6 0.24 6.08 -8.37
N LEU A 7 0.49 5.04 -7.53
CA LEU A 7 0.54 5.16 -6.05
C LEU A 7 1.53 6.23 -5.58
N ASN A 8 2.82 6.07 -5.94
CA ASN A 8 3.90 6.95 -5.45
C ASN A 8 3.73 8.42 -5.94
N VAL A 9 3.02 8.59 -7.08
CA VAL A 9 2.80 9.91 -7.71
C VAL A 9 1.57 10.63 -7.07
N MET A 10 0.46 9.88 -6.92
CA MET A 10 -0.84 10.43 -6.43
C MET A 10 -0.79 10.75 -4.92
N LEU A 11 0.03 9.97 -4.19
CA LEU A 11 0.26 10.16 -2.75
C LEU A 11 1.47 11.10 -2.53
N ALA A 12 2.39 11.13 -3.54
CA ALA A 12 3.66 11.91 -3.51
C ALA A 12 4.65 11.37 -2.43
N VAL A 13 4.34 10.19 -1.88
CA VAL A 13 5.13 9.55 -0.82
C VAL A 13 6.27 8.72 -1.41
N SER A 14 7.31 8.45 -0.61
CA SER A 14 8.39 7.54 -0.99
C SER A 14 7.90 6.09 -0.94
N GLU A 15 8.42 5.28 -1.86
CA GLU A 15 7.98 3.90 -2.07
C GLU A 15 8.32 3.05 -0.84
N GLU A 16 9.48 3.37 -0.23
CA GLU A 16 10.07 2.63 0.91
C GLU A 16 9.12 2.61 2.14
N GLY A 17 8.18 3.56 2.22
CA GLY A 17 7.16 3.56 3.27
C GLY A 17 6.25 2.34 3.24
N LEU A 18 5.95 1.88 2.02
CA LEU A 18 5.14 0.68 1.76
C LEU A 18 6.04 -0.57 1.63
N ILE A 19 7.23 -0.39 0.99
CA ILE A 19 8.23 -1.47 0.79
C ILE A 19 8.74 -2.02 2.15
N GLU A 20 8.81 -1.13 3.16
CA GLU A 20 9.27 -1.50 4.52
C GLU A 20 8.40 -2.60 5.12
N GLU A 21 7.09 -2.52 4.86
CA GLU A 21 6.10 -3.53 5.29
C GLU A 21 6.39 -4.88 4.59
N MET A 22 6.83 -4.80 3.31
CA MET A 22 7.18 -5.99 2.52
C MET A 22 8.54 -6.60 2.94
N ILE A 23 9.43 -5.78 3.57
CA ILE A 23 10.69 -6.28 4.17
C ILE A 23 10.33 -7.28 5.28
N ILE A 24 9.49 -6.80 6.21
CA ILE A 24 8.96 -7.58 7.34
C ILE A 24 8.15 -8.80 6.83
N ALA A 25 7.46 -8.63 5.70
CA ALA A 25 6.64 -9.70 5.07
C ALA A 25 7.52 -10.85 4.54
N LEU A 26 8.67 -10.48 3.92
CA LEU A 26 9.65 -11.47 3.40
C LEU A 26 10.31 -12.22 4.56
N LEU A 27 10.62 -11.51 5.65
CA LEU A 27 11.23 -12.10 6.87
C LEU A 27 10.20 -13.00 7.60
N ALA A 28 8.90 -12.63 7.51
CA ALA A 28 7.79 -13.39 8.10
C ALA A 28 7.29 -14.51 7.14
N SER A 29 8.00 -14.72 6.03
CA SER A 29 7.73 -15.84 5.12
C SER A 29 8.16 -17.17 5.78
N PRO A 30 7.37 -18.29 5.62
CA PRO A 30 7.68 -19.60 6.25
C PRO A 30 9.08 -20.16 5.89
N GLN A 31 9.61 -19.71 4.73
CA GLN A 31 10.94 -20.15 4.24
C GLN A 31 12.06 -19.52 5.08
N LEU A 32 11.96 -18.21 5.35
CA LEU A 32 12.94 -17.49 6.18
C LEU A 32 12.69 -17.76 7.67
N ALA A 33 11.42 -18.06 8.04
CA ALA A 33 11.03 -18.37 9.42
C ALA A 33 11.80 -19.60 9.94
N VAL A 34 11.90 -20.65 9.09
CA VAL A 34 12.68 -21.86 9.42
C VAL A 34 14.19 -21.61 9.21
N PHE A 35 14.55 -20.69 8.29
CA PHE A 35 15.96 -20.33 8.04
C PHE A 35 16.57 -19.62 9.28
N PHE A 36 15.71 -18.97 10.09
CA PHE A 36 16.10 -18.35 11.37
C PHE A 36 16.54 -19.43 12.38
N GLU A 37 15.94 -20.62 12.28
CA GLU A 37 16.21 -21.75 13.19
C GLU A 37 17.42 -22.56 12.70
N LYS A 38 17.43 -22.89 11.40
CA LYS A 38 18.49 -23.70 10.76
C LYS A 38 19.83 -22.96 10.80
N PHE A 39 19.77 -21.67 10.38
CA PHE A 39 20.96 -20.81 10.29
C PHE A 39 20.66 -19.44 10.96
N PRO A 40 20.68 -19.39 12.34
CA PRO A 40 20.43 -18.14 13.11
C PRO A 40 21.56 -17.10 12.91
N ARG A 41 22.72 -17.57 12.45
CA ARG A 41 23.87 -16.73 12.10
C ARG A 41 23.59 -16.00 10.77
N LEU A 42 23.23 -16.80 9.76
CA LEU A 42 23.17 -16.40 8.35
C LEU A 42 21.93 -15.55 8.04
N LYS A 43 20.87 -15.75 8.85
CA LYS A 43 19.60 -14.99 8.72
C LYS A 43 19.83 -13.49 8.98
N ALA A 44 20.83 -13.21 9.84
CA ALA A 44 21.17 -11.84 10.28
C ALA A 44 21.62 -10.95 9.08
N ALA A 45 22.26 -11.58 8.08
CA ALA A 45 22.61 -10.91 6.81
C ALA A 45 21.35 -10.48 6.05
N ILE A 46 20.40 -11.41 5.93
CA ILE A 46 19.14 -11.22 5.21
C ILE A 46 18.26 -10.15 5.91
N THR A 47 18.26 -10.14 7.24
CA THR A 47 17.48 -9.16 8.04
C THR A 47 18.11 -7.75 7.98
N ASP A 48 19.44 -7.69 7.70
CA ASP A 48 20.18 -6.42 7.53
C ASP A 48 20.11 -5.93 6.06
N ASP A 49 19.72 -6.84 5.15
CA ASP A 49 19.70 -6.63 3.68
C ASP A 49 18.48 -5.76 3.20
N VAL A 50 17.90 -4.99 4.14
CA VAL A 50 16.67 -4.17 3.92
C VAL A 50 16.74 -3.23 2.66
N PRO A 51 17.79 -2.33 2.49
CA PRO A 51 17.81 -1.31 1.39
C PRO A 51 18.01 -1.92 -0.02
N ARG A 52 18.23 -3.24 -0.08
CA ARG A 52 18.41 -3.98 -1.34
C ARG A 52 17.06 -4.29 -2.00
N TRP A 53 16.11 -4.80 -1.19
CA TRP A 53 14.74 -5.16 -1.65
C TRP A 53 14.06 -4.01 -2.41
N ARG A 54 14.26 -2.76 -1.93
CA ARG A 54 13.48 -1.60 -2.37
C ARG A 54 13.65 -1.29 -3.87
N GLU A 55 14.85 -1.52 -4.43
CA GLU A 55 15.16 -1.18 -5.84
C GLU A 55 14.62 -2.26 -6.81
N ALA A 56 14.59 -3.52 -6.34
CA ALA A 56 13.97 -4.63 -7.07
C ALA A 56 12.46 -4.42 -7.18
N LEU A 57 11.86 -4.02 -6.04
CA LEU A 57 10.44 -3.71 -5.95
C LEU A 57 10.13 -2.41 -6.72
N ARG A 58 11.08 -1.45 -6.71
CA ARG A 58 10.92 -0.12 -7.38
C ARG A 58 10.79 -0.28 -8.91
N SER A 59 11.58 -1.22 -9.47
CA SER A 59 11.51 -1.60 -10.89
C SER A 59 10.14 -2.26 -11.17
N ARG A 60 9.78 -3.24 -10.31
CA ARG A 60 8.50 -3.95 -10.41
C ARG A 60 7.30 -3.00 -10.17
N LEU A 61 7.52 -1.90 -9.42
CA LEU A 61 6.44 -0.99 -8.99
C LEU A 61 5.87 -0.22 -10.18
N LYS A 62 6.77 0.24 -11.07
CA LYS A 62 6.35 0.93 -12.30
C LYS A 62 5.86 -0.07 -13.37
N ASP A 63 6.37 -1.31 -13.27
CA ASP A 63 6.04 -2.41 -14.19
C ASP A 63 4.65 -3.04 -13.90
N ALA A 64 4.29 -3.12 -12.61
CA ALA A 64 3.13 -3.90 -12.12
C ALA A 64 1.81 -3.12 -12.26
N ARG A 65 0.73 -3.71 -11.73
CA ARG A 65 -0.64 -3.21 -11.84
C ARG A 65 -1.19 -2.81 -10.46
N VAL A 66 -2.18 -1.90 -10.49
CA VAL A 66 -2.95 -1.46 -9.31
C VAL A 66 -3.87 -2.60 -8.81
N PRO A 67 -3.98 -2.81 -7.45
CA PRO A 67 -4.97 -3.78 -6.86
C PRO A 67 -6.43 -3.45 -7.27
N PRO A 68 -7.34 -4.48 -7.43
CA PRO A 68 -8.73 -4.28 -7.92
C PRO A 68 -9.59 -3.41 -6.98
N GLU A 69 -9.13 -3.28 -5.72
CA GLU A 69 -9.73 -2.40 -4.70
C GLU A 69 -9.58 -0.94 -5.15
N LEU A 70 -8.32 -0.55 -5.40
CA LEU A 70 -7.96 0.83 -5.71
C LEU A 70 -8.50 1.27 -7.07
N THR A 71 -8.78 0.34 -7.99
CA THR A 71 -9.22 0.66 -9.38
C THR A 71 -10.33 1.74 -9.41
N GLU A 72 -11.36 1.52 -8.58
CA GLU A 72 -12.50 2.43 -8.40
C GLU A 72 -12.05 3.73 -7.69
N GLU A 73 -11.23 3.54 -6.64
CA GLU A 73 -10.81 4.60 -5.72
C GLU A 73 -9.87 5.65 -6.39
N VAL A 74 -9.06 5.19 -7.37
CA VAL A 74 -8.12 6.03 -8.13
C VAL A 74 -8.86 6.77 -9.24
N MET A 75 -9.75 6.05 -9.99
CA MET A 75 -10.44 6.64 -11.15
C MET A 75 -11.45 7.71 -10.73
N CYS A 76 -12.04 7.57 -9.52
CA CYS A 76 -12.96 8.60 -8.96
C CYS A 76 -12.14 9.83 -8.50
N TYR A 77 -10.98 9.57 -7.88
CA TYR A 77 -10.05 10.61 -7.35
C TYR A 77 -9.49 11.49 -8.47
N GLN A 78 -9.10 10.88 -9.59
CA GLN A 78 -8.53 11.61 -10.75
C GLN A 78 -9.63 12.29 -11.58
N GLN A 79 -10.85 11.69 -11.60
CA GLN A 79 -12.00 12.20 -12.38
C GLN A 79 -12.54 13.53 -11.79
N SER A 80 -12.40 13.70 -10.46
CA SER A 80 -12.93 14.88 -9.73
C SER A 80 -12.36 16.21 -10.26
N GLN A 81 -11.13 16.15 -10.84
CA GLN A 81 -10.46 17.32 -11.45
C GLN A 81 -11.21 17.78 -12.71
N LEU A 82 -11.72 16.79 -13.46
CA LEU A 82 -12.51 17.02 -14.70
C LEU A 82 -13.99 17.26 -14.33
N LEU A 83 -14.41 16.70 -13.18
CA LEU A 83 -15.80 16.78 -12.69
C LEU A 83 -16.01 18.20 -12.11
N SER A 84 -16.51 19.09 -12.99
CA SER A 84 -16.67 20.53 -12.69
C SER A 84 -17.68 20.78 -11.57
N THR A 85 -17.47 21.89 -10.83
CA THR A 85 -18.20 22.23 -9.59
C THR A 85 -19.77 22.23 -9.76
N PRO A 86 -20.37 22.80 -10.87
CA PRO A 86 -21.83 22.64 -11.15
C PRO A 86 -22.27 21.15 -11.20
N GLN A 87 -21.54 20.33 -11.99
CA GLN A 87 -21.81 18.88 -12.12
C GLN A 87 -21.49 18.13 -10.81
N PHE A 88 -20.61 18.72 -9.97
CA PHE A 88 -20.18 18.13 -8.70
C PHE A 88 -21.29 18.22 -7.63
N ILE A 89 -22.15 19.26 -7.73
CA ILE A 89 -23.27 19.45 -6.78
C ILE A 89 -24.38 18.41 -7.03
N VAL A 90 -24.78 18.28 -8.30
CA VAL A 90 -25.84 17.33 -8.70
C VAL A 90 -25.35 15.85 -8.60
N GLN A 91 -24.06 15.60 -8.90
CA GLN A 91 -23.44 14.26 -8.74
C GLN A 91 -22.68 14.14 -7.40
N LEU A 92 -22.99 15.03 -6.43
CA LEU A 92 -22.35 15.01 -5.10
C LEU A 92 -22.57 13.66 -4.36
N PRO A 93 -23.83 13.17 -4.14
CA PRO A 93 -24.02 11.91 -3.40
C PRO A 93 -23.72 10.68 -4.30
N GLN A 94 -23.60 10.94 -5.62
CA GLN A 94 -23.29 9.92 -6.64
C GLN A 94 -21.79 9.56 -6.62
N ILE A 95 -20.93 10.58 -6.42
CA ILE A 95 -19.48 10.36 -6.29
C ILE A 95 -19.19 9.76 -4.89
N LEU A 96 -19.95 10.22 -3.87
CA LEU A 96 -19.88 9.67 -2.49
C LEU A 96 -20.36 8.21 -2.45
N ASP A 97 -21.24 7.82 -3.40
CA ASP A 97 -21.74 6.42 -3.56
C ASP A 97 -20.58 5.46 -3.85
N LEU A 98 -19.61 5.92 -4.67
CA LEU A 98 -18.41 5.14 -5.04
C LEU A 98 -17.63 4.78 -3.77
N LEU A 99 -17.35 5.79 -2.94
CA LEU A 99 -16.56 5.65 -1.71
C LEU A 99 -17.33 4.81 -0.66
N HIS A 100 -18.65 5.07 -0.55
CA HIS A 100 -19.54 4.36 0.39
C HIS A 100 -19.67 2.88 0.00
N ARG A 101 -19.48 2.60 -1.31
CA ARG A 101 -19.59 1.24 -1.87
C ARG A 101 -18.43 0.34 -1.38
N LEU A 102 -17.21 0.89 -1.41
CA LEU A 102 -16.00 0.17 -0.95
C LEU A 102 -15.70 0.45 0.53
N ASN A 103 -16.61 1.20 1.21
CA ASN A 103 -16.57 1.43 2.67
C ASN A 103 -15.27 2.21 3.06
N SER A 104 -15.00 3.28 2.29
CA SER A 104 -13.87 4.19 2.51
C SER A 104 -13.99 4.85 3.92
N PRO A 105 -12.86 4.98 4.70
CA PRO A 105 -12.89 5.45 6.11
C PRO A 105 -13.44 6.88 6.27
N TRP A 106 -13.13 7.74 5.29
CA TRP A 106 -13.50 9.18 5.33
C TRP A 106 -14.97 9.41 4.91
N ALA A 107 -15.59 8.41 4.22
CA ALA A 107 -16.88 8.59 3.48
C ALA A 107 -18.06 9.01 4.40
N GLU A 108 -17.99 8.58 5.66
CA GLU A 108 -18.98 8.92 6.69
C GLU A 108 -18.94 10.44 6.98
N GLN A 109 -17.72 10.95 7.23
CA GLN A 109 -17.48 12.37 7.52
C GLN A 109 -17.52 13.22 6.23
N ALA A 110 -17.29 12.57 5.07
CA ALA A 110 -17.32 13.23 3.75
C ALA A 110 -18.72 13.76 3.42
N ARG A 111 -19.73 12.93 3.78
CA ARG A 111 -21.13 13.30 3.64
C ARG A 111 -21.49 14.43 4.63
N GLN A 112 -20.98 14.33 5.88
CA GLN A 112 -21.24 15.35 6.94
C GLN A 112 -20.58 16.70 6.56
N LEU A 113 -19.43 16.61 5.86
CA LEU A 113 -18.66 17.78 5.39
C LEU A 113 -19.50 18.61 4.41
N VAL A 114 -20.03 17.92 3.38
CA VAL A 114 -20.80 18.54 2.30
C VAL A 114 -22.24 18.90 2.73
N ASP A 115 -22.70 18.21 3.79
CA ASP A 115 -24.02 18.47 4.42
C ASP A 115 -23.95 19.75 5.26
N ALA A 116 -22.76 20.00 5.86
CA ALA A 116 -22.49 21.20 6.66
C ALA A 116 -22.28 22.41 5.72
N ASN A 117 -21.13 22.43 5.01
CA ASN A 117 -20.83 23.47 4.03
C ASN A 117 -21.47 23.08 2.68
N SER A 118 -22.68 23.59 2.47
CA SER A 118 -23.45 23.34 1.24
C SER A 118 -22.94 24.22 0.06
N THR A 119 -22.19 25.28 0.40
CA THR A 119 -21.65 26.25 -0.57
C THR A 119 -20.29 25.77 -1.14
N ILE A 120 -20.31 24.58 -1.77
CA ILE A 120 -19.10 23.95 -2.33
C ILE A 120 -18.58 24.75 -3.54
N THR A 121 -17.42 25.39 -3.38
CA THR A 121 -16.77 26.16 -4.45
C THR A 121 -15.26 25.84 -4.46
N SER A 122 -14.59 26.20 -3.35
CA SER A 122 -13.13 26.06 -3.22
C SER A 122 -12.76 25.56 -1.82
N ALA A 123 -13.30 26.21 -0.77
CA ALA A 123 -12.94 25.95 0.65
C ALA A 123 -13.09 24.46 1.02
N LEU A 124 -14.32 23.95 0.84
CA LEU A 124 -14.65 22.54 1.09
C LEU A 124 -13.91 21.64 0.09
N HIS A 125 -13.96 22.02 -1.20
CA HIS A 125 -13.45 21.20 -2.33
C HIS A 125 -11.94 20.90 -2.18
N THR A 126 -11.22 21.86 -1.57
CA THR A 126 -9.80 21.71 -1.19
C THR A 126 -9.65 20.57 -0.16
N LEU A 127 -10.44 20.67 0.92
CA LEU A 127 -10.40 19.73 2.05
C LEU A 127 -10.97 18.36 1.63
N PHE A 128 -11.87 18.35 0.62
CA PHE A 128 -12.58 17.13 0.15
C PHE A 128 -11.56 16.14 -0.43
N LEU A 129 -10.73 16.65 -1.37
CA LEU A 129 -9.69 15.84 -2.04
C LEU A 129 -8.55 15.48 -1.05
N GLN A 130 -8.23 16.40 -0.12
CA GLN A 130 -7.19 16.18 0.92
C GLN A 130 -7.65 15.14 1.96
N ARG A 131 -8.96 15.11 2.24
CA ARG A 131 -9.56 14.22 3.25
C ARG A 131 -9.55 12.79 2.72
N TRP A 132 -9.78 12.66 1.40
CA TRP A 132 -9.66 11.40 0.69
C TRP A 132 -8.19 10.98 0.58
N ARG A 133 -7.30 11.93 0.27
CA ARG A 133 -5.89 11.64 -0.03
C ARG A 133 -5.15 11.06 1.21
N LEU A 134 -5.49 11.57 2.41
CA LEU A 134 -4.94 11.05 3.69
C LEU A 134 -5.56 9.67 4.03
N SER A 135 -6.87 9.53 3.74
CA SER A 135 -7.63 8.27 3.91
C SER A 135 -7.14 7.19 2.91
N LEU A 136 -6.55 7.66 1.82
CA LEU A 136 -6.02 6.82 0.74
C LEU A 136 -4.64 6.23 1.10
N ILE A 137 -3.90 6.93 2.01
CA ILE A 137 -2.57 6.46 2.49
C ILE A 137 -2.76 5.23 3.42
N VAL A 138 -3.66 5.40 4.41
CA VAL A 138 -4.00 4.32 5.36
C VAL A 138 -4.71 3.16 4.64
N GLN A 139 -5.38 3.45 3.50
CA GLN A 139 -5.97 2.42 2.63
C GLN A 139 -4.85 1.72 1.81
N ALA A 140 -3.84 2.50 1.39
CA ALA A 140 -2.70 2.00 0.59
C ALA A 140 -1.88 0.93 1.34
N THR A 141 -2.02 0.94 2.68
CA THR A 141 -1.53 -0.14 3.56
C THR A 141 -2.12 -1.54 3.15
N THR A 142 -3.45 -1.57 2.90
CA THR A 142 -4.19 -2.78 2.47
C THR A 142 -3.79 -3.19 1.03
N LEU A 143 -3.60 -2.17 0.18
CA LEU A 143 -3.21 -2.34 -1.23
C LEU A 143 -1.81 -2.99 -1.31
N ASN A 144 -0.89 -2.49 -0.45
CA ASN A 144 0.48 -2.99 -0.35
C ASN A 144 0.50 -4.37 0.33
N GLN A 145 -0.52 -4.65 1.16
CA GLN A 145 -0.67 -5.96 1.82
C GLN A 145 -0.87 -7.05 0.74
N GLN A 146 -1.78 -6.79 -0.22
CA GLN A 146 -2.09 -7.77 -1.29
C GLN A 146 -0.88 -7.91 -2.24
N LEU A 147 -0.17 -6.78 -2.43
CA LEU A 147 1.09 -6.69 -3.17
C LEU A 147 2.10 -7.71 -2.56
N LEU A 148 2.40 -7.55 -1.26
CA LEU A 148 3.42 -8.37 -0.59
C LEU A 148 2.98 -9.82 -0.37
N GLU A 149 1.66 -10.08 -0.23
CA GLU A 149 1.15 -11.46 -0.05
C GLU A 149 1.50 -12.34 -1.27
N GLU A 150 1.21 -11.80 -2.46
CA GLU A 150 1.42 -12.51 -3.74
C GLU A 150 2.88 -12.42 -4.23
N GLU A 151 3.38 -11.19 -4.36
CA GLU A 151 4.71 -10.91 -4.99
C GLU A 151 5.86 -11.55 -4.21
N ARG A 152 5.70 -11.68 -2.86
CA ARG A 152 6.67 -12.35 -1.98
C ARG A 152 6.99 -13.77 -2.46
N GLU A 153 6.03 -14.45 -3.09
CA GLU A 153 6.23 -15.80 -3.68
C GLU A 153 7.39 -15.79 -4.72
N GLN A 154 7.29 -14.89 -5.72
CA GLN A 154 8.29 -14.72 -6.80
C GLN A 154 9.62 -14.22 -6.20
N LEU A 155 9.46 -13.27 -5.27
CA LEU A 155 10.56 -12.62 -4.54
C LEU A 155 11.31 -13.67 -3.67
N LEU A 156 10.55 -14.64 -3.15
CA LEU A 156 11.05 -15.73 -2.27
C LEU A 156 12.05 -16.60 -3.06
N SER A 157 11.69 -16.91 -4.32
CA SER A 157 12.59 -17.64 -5.23
C SER A 157 13.93 -16.88 -5.41
N GLU A 158 13.83 -15.55 -5.57
CA GLU A 158 14.99 -14.64 -5.65
C GLU A 158 15.77 -14.60 -4.30
N VAL A 159 15.04 -14.72 -3.16
CA VAL A 159 15.62 -14.71 -1.81
C VAL A 159 16.38 -16.03 -1.51
N GLN A 160 15.93 -17.14 -2.12
CA GLN A 160 16.63 -18.44 -2.03
C GLN A 160 17.97 -18.37 -2.77
N GLU A 161 18.00 -17.60 -3.88
CA GLU A 161 19.24 -17.30 -4.60
C GLU A 161 20.12 -16.31 -3.79
N ARG A 162 19.44 -15.39 -3.06
CA ARG A 162 20.08 -14.36 -2.22
C ARG A 162 20.84 -14.98 -1.03
N MET A 163 20.38 -16.15 -0.53
CA MET A 163 20.93 -16.82 0.70
C MET A 163 22.47 -17.06 0.67
N THR A 164 23.06 -16.98 -0.53
CA THR A 164 24.53 -17.10 -0.73
C THR A 164 25.32 -15.89 -0.12
N LEU A 165 24.59 -14.79 0.21
CA LEU A 165 25.19 -13.53 0.73
C LEU A 165 25.66 -13.68 2.19
N SER A 166 25.21 -14.78 2.82
CA SER A 166 25.36 -15.08 4.26
C SER A 166 26.77 -14.74 4.79
N GLY A 167 27.80 -15.39 4.18
CA GLY A 167 29.22 -14.98 4.28
C GLY A 167 29.76 -14.86 5.71
N GLN A 168 29.49 -13.71 6.35
CA GLN A 168 30.05 -13.35 7.67
C GLN A 168 28.95 -13.45 8.78
N LEU A 169 29.29 -13.06 10.01
CA LEU A 169 28.40 -13.13 11.18
C LEU A 169 28.00 -11.70 11.62
N GLU A 170 26.72 -11.34 11.41
CA GLU A 170 26.17 -10.04 11.86
C GLU A 170 25.70 -10.19 13.32
N PRO A 171 26.36 -9.51 14.32
CA PRO A 171 26.01 -9.64 15.76
C PRO A 171 24.82 -8.76 16.20
N ILE A 172 23.84 -8.54 15.29
CA ILE A 172 22.60 -7.81 15.59
C ILE A 172 21.74 -8.58 16.61
N LEU A 173 20.98 -7.85 17.44
CA LEU A 173 20.24 -8.41 18.59
C LEU A 173 18.72 -8.41 18.36
N ALA A 174 18.03 -9.13 19.24
CA ALA A 174 16.56 -9.08 19.39
C ALA A 174 16.23 -8.33 20.69
N ASP A 175 14.97 -7.94 20.87
CA ASP A 175 14.52 -7.21 22.07
C ASP A 175 13.05 -7.54 22.39
N ASN A 176 12.76 -7.63 23.70
CA ASN A 176 11.43 -7.95 24.24
C ASN A 176 11.32 -7.44 25.70
N ASN A 177 10.10 -7.10 26.14
CA ASN A 177 9.87 -6.55 27.49
C ASN A 177 8.48 -6.94 28.01
N THR A 178 8.40 -7.18 29.33
CA THR A 178 7.17 -7.59 30.02
C THR A 178 6.32 -6.36 30.41
N ALA A 179 5.16 -6.18 29.75
CA ALA A 179 4.21 -5.11 30.04
C ALA A 179 3.08 -5.63 30.95
N ALA A 180 2.84 -4.91 32.06
CA ALA A 180 1.79 -5.25 33.04
C ALA A 180 1.26 -3.98 33.71
N GLY A 181 0.05 -4.05 34.26
CA GLY A 181 -0.61 -2.91 34.89
C GLY A 181 -1.58 -3.32 35.97
N ARG A 182 -2.04 -2.35 36.76
CA ARG A 182 -3.00 -2.55 37.86
C ARG A 182 -4.44 -2.56 37.34
N LEU A 183 -5.30 -3.33 38.02
CA LEU A 183 -6.76 -3.27 37.83
C LEU A 183 -7.36 -2.28 38.85
N TRP A 184 -8.64 -1.99 38.68
CA TRP A 184 -9.43 -1.14 39.60
C TRP A 184 -10.89 -1.57 39.55
N ASP A 185 -11.67 -1.05 40.49
CA ASP A 185 -13.13 -1.27 40.56
C ASP A 185 -13.77 -0.17 41.43
N MET A 186 -15.09 -0.05 41.31
CA MET A 186 -15.88 1.01 41.97
C MET A 186 -17.14 0.44 42.62
N SER A 187 -17.54 1.04 43.75
CA SER A 187 -18.77 0.68 44.47
C SER A 187 -19.82 1.77 44.25
N ALA A 188 -21.10 1.39 44.31
CA ALA A 188 -22.24 2.32 44.17
C ALA A 188 -23.26 2.05 45.29
N GLY A 189 -24.48 2.60 45.13
CA GLY A 189 -25.55 2.41 46.11
C GLY A 189 -26.94 2.40 45.50
N GLN A 190 -27.89 1.72 46.18
CA GLN A 190 -29.30 1.63 45.74
C GLN A 190 -30.09 2.83 46.30
N LEU A 191 -30.11 2.95 47.64
CA LEU A 191 -30.90 3.96 48.36
C LEU A 191 -30.07 4.54 49.52
N MET A 1 -2.02 -0.29 -19.51
CA MET A 1 -3.14 -0.12 -18.54
C MET A 1 -2.62 0.54 -17.26
N LEU A 2 -3.50 0.66 -16.24
CA LEU A 2 -3.13 1.23 -14.92
C LEU A 2 -2.02 0.38 -14.25
N THR A 3 -0.84 0.99 -14.09
CA THR A 3 0.33 0.39 -13.43
C THR A 3 0.40 0.88 -11.98
N LEU A 4 1.05 0.08 -11.11
CA LEU A 4 1.17 0.36 -9.66
C LEU A 4 2.01 1.65 -9.39
N ASP A 5 2.78 2.05 -10.42
CA ASP A 5 3.55 3.33 -10.44
C ASP A 5 2.67 4.57 -10.11
N THR A 6 1.37 4.51 -10.48
CA THR A 6 0.40 5.59 -10.20
C THR A 6 0.36 5.94 -8.69
N LEU A 7 0.54 4.91 -7.83
CA LEU A 7 0.44 5.02 -6.36
C LEU A 7 1.54 5.92 -5.76
N ASN A 8 2.82 5.71 -6.15
CA ASN A 8 3.95 6.50 -5.58
C ASN A 8 3.85 7.99 -6.00
N VAL A 9 3.18 8.23 -7.15
CA VAL A 9 2.96 9.58 -7.70
C VAL A 9 1.80 10.29 -6.94
N MET A 10 0.63 9.61 -6.89
CA MET A 10 -0.63 10.21 -6.38
C MET A 10 -0.61 10.41 -4.86
N LEU A 11 0.08 9.51 -4.14
CA LEU A 11 0.26 9.59 -2.68
C LEU A 11 1.49 10.46 -2.36
N ALA A 12 2.41 10.59 -3.35
CA ALA A 12 3.62 11.44 -3.27
C ALA A 12 4.54 11.01 -2.10
N VAL A 13 4.72 9.68 -1.97
CA VAL A 13 5.47 9.06 -0.86
C VAL A 13 6.83 8.50 -1.35
N SER A 14 7.79 8.38 -0.42
CA SER A 14 9.06 7.68 -0.66
C SER A 14 8.79 6.17 -0.72
N GLU A 15 9.17 5.54 -1.85
CA GLU A 15 8.85 4.11 -2.11
C GLU A 15 9.55 3.19 -1.09
N GLU A 16 10.75 3.64 -0.62
CA GLU A 16 11.58 2.95 0.40
C GLU A 16 10.81 2.67 1.71
N GLY A 17 9.82 3.54 2.03
CA GLY A 17 8.96 3.35 3.19
C GLY A 17 8.03 2.15 3.03
N LEU A 18 7.51 1.98 1.80
CA LEU A 18 6.64 0.84 1.45
C LEU A 18 7.47 -0.45 1.23
N ILE A 19 8.75 -0.25 0.86
CA ILE A 19 9.73 -1.35 0.72
C ILE A 19 10.12 -1.92 2.09
N GLU A 20 10.11 -1.05 3.11
CA GLU A 20 10.35 -1.47 4.50
C GLU A 20 9.24 -2.44 4.96
N GLU A 21 7.99 -2.15 4.53
CA GLU A 21 6.83 -3.04 4.77
C GLU A 21 7.06 -4.41 4.09
N MET A 22 7.71 -4.38 2.91
CA MET A 22 8.03 -5.60 2.12
C MET A 22 9.13 -6.44 2.81
N ILE A 23 10.00 -5.77 3.60
CA ILE A 23 11.00 -6.46 4.44
C ILE A 23 10.25 -7.30 5.48
N ILE A 24 9.32 -6.64 6.19
CA ILE A 24 8.46 -7.29 7.22
C ILE A 24 7.65 -8.45 6.60
N ALA A 25 7.20 -8.26 5.33
CA ALA A 25 6.43 -9.28 4.58
C ALA A 25 7.27 -10.56 4.39
N LEU A 26 8.45 -10.39 3.78
CA LEU A 26 9.37 -11.50 3.40
C LEU A 26 9.99 -12.16 4.65
N LEU A 27 10.24 -11.36 5.69
CA LEU A 27 10.83 -11.85 6.96
C LEU A 27 9.77 -12.62 7.78
N ALA A 28 8.48 -12.26 7.63
CA ALA A 28 7.35 -12.97 8.27
C ALA A 28 6.88 -14.18 7.43
N SER A 29 7.34 -14.23 6.15
CA SER A 29 7.06 -15.37 5.25
C SER A 29 7.66 -16.66 5.82
N PRO A 30 6.87 -17.80 5.85
CA PRO A 30 7.15 -19.00 6.67
C PRO A 30 8.59 -19.54 6.57
N GLN A 31 9.14 -19.61 5.34
CA GLN A 31 10.48 -20.16 5.05
C GLN A 31 11.62 -19.28 5.63
N LEU A 32 11.39 -17.95 5.70
CA LEU A 32 12.33 -17.01 6.36
C LEU A 32 12.10 -17.02 7.88
N ALA A 33 10.81 -17.04 8.29
CA ALA A 33 10.38 -17.03 9.71
C ALA A 33 11.02 -18.19 10.49
N VAL A 34 10.97 -19.39 9.87
CA VAL A 34 11.58 -20.59 10.43
C VAL A 34 13.11 -20.46 10.41
N PHE A 35 13.67 -19.95 9.30
CA PHE A 35 15.14 -19.84 9.10
C PHE A 35 15.80 -18.99 10.21
N PHE A 36 15.04 -18.02 10.76
CA PHE A 36 15.53 -17.11 11.80
C PHE A 36 15.58 -17.81 13.18
N GLU A 37 14.59 -18.68 13.47
CA GLU A 37 14.58 -19.43 14.74
C GLU A 37 15.39 -20.74 14.62
N LYS A 38 15.72 -21.14 13.38
CA LYS A 38 16.62 -22.27 13.08
C LYS A 38 18.09 -21.78 13.10
N PHE A 39 18.29 -20.54 12.60
CA PHE A 39 19.61 -19.91 12.47
C PHE A 39 19.52 -18.41 12.86
N PRO A 40 19.42 -18.08 14.20
CA PRO A 40 19.38 -16.66 14.70
C PRO A 40 20.67 -15.89 14.39
N ARG A 41 21.75 -16.65 14.16
CA ARG A 41 23.07 -16.13 13.77
C ARG A 41 22.98 -15.59 12.33
N LEU A 42 22.51 -16.46 11.43
CA LEU A 42 22.46 -16.22 9.97
C LEU A 42 21.38 -15.19 9.59
N LYS A 43 20.43 -14.97 10.52
CA LYS A 43 19.39 -13.92 10.42
C LYS A 43 20.02 -12.52 10.22
N ALA A 44 21.12 -12.27 10.96
CA ALA A 44 21.81 -10.95 11.01
C ALA A 44 22.24 -10.45 9.62
N ALA A 45 22.57 -11.40 8.72
CA ALA A 45 22.99 -11.11 7.34
C ALA A 45 21.81 -10.60 6.48
N ILE A 46 20.66 -11.25 6.67
CA ILE A 46 19.42 -10.98 5.89
C ILE A 46 18.78 -9.65 6.30
N THR A 47 18.77 -9.39 7.62
CA THR A 47 18.26 -8.14 8.20
C THR A 47 19.17 -6.94 7.84
N ASP A 48 20.45 -7.24 7.51
CA ASP A 48 21.42 -6.22 7.05
C ASP A 48 21.31 -5.98 5.52
N ASP A 49 20.83 -7.00 4.78
CA ASP A 49 20.81 -6.99 3.28
C ASP A 49 19.49 -6.36 2.73
N VAL A 50 18.87 -5.48 3.54
CA VAL A 50 17.62 -4.73 3.19
C VAL A 50 17.62 -4.11 1.75
N PRO A 51 18.73 -3.41 1.27
CA PRO A 51 18.79 -2.82 -0.12
C PRO A 51 18.49 -3.80 -1.29
N ARG A 52 18.52 -5.13 -1.03
CA ARG A 52 18.19 -6.18 -2.02
C ARG A 52 16.71 -6.04 -2.49
N TRP A 53 15.81 -5.95 -1.50
CA TRP A 53 14.36 -5.78 -1.71
C TRP A 53 14.04 -4.42 -2.35
N ARG A 54 14.95 -3.44 -2.12
CA ARG A 54 14.75 -2.04 -2.53
C ARG A 54 14.70 -1.94 -4.06
N GLU A 55 15.76 -2.46 -4.72
CA GLU A 55 15.86 -2.47 -6.21
C GLU A 55 14.74 -3.30 -6.86
N ALA A 56 14.33 -4.38 -6.14
CA ALA A 56 13.27 -5.31 -6.59
C ALA A 56 11.92 -4.59 -6.74
N LEU A 57 11.53 -3.79 -5.72
CA LEU A 57 10.27 -3.01 -5.75
C LEU A 57 10.37 -1.76 -6.65
N ARG A 58 11.59 -1.21 -6.80
CA ARG A 58 11.86 -0.11 -7.77
C ARG A 58 11.47 -0.54 -9.20
N SER A 59 11.78 -1.81 -9.53
CA SER A 59 11.34 -2.46 -10.78
C SER A 59 9.82 -2.72 -10.73
N ARG A 60 9.37 -3.28 -9.58
CA ARG A 60 8.00 -3.79 -9.40
C ARG A 60 6.95 -2.71 -9.67
N LEU A 61 7.20 -1.45 -9.22
CA LEU A 61 6.27 -0.32 -9.43
C LEU A 61 5.86 -0.17 -10.92
N LYS A 62 6.82 -0.45 -11.81
CA LYS A 62 6.62 -0.36 -13.26
C LYS A 62 5.83 -1.58 -13.80
N ASP A 63 6.34 -2.79 -13.51
CA ASP A 63 5.81 -4.05 -14.11
C ASP A 63 4.53 -4.55 -13.43
N ALA A 64 4.19 -3.97 -12.27
CA ALA A 64 3.00 -4.35 -11.48
C ALA A 64 1.75 -3.65 -12.01
N ARG A 65 0.61 -4.27 -11.70
CA ARG A 65 -0.72 -3.83 -12.15
C ARG A 65 -1.45 -3.21 -10.95
N VAL A 66 -2.45 -2.38 -11.25
CA VAL A 66 -3.35 -1.79 -10.25
C VAL A 66 -4.48 -2.81 -9.91
N PRO A 67 -4.77 -3.05 -8.58
CA PRO A 67 -5.90 -3.90 -8.13
C PRO A 67 -7.26 -3.44 -8.71
N PRO A 68 -8.13 -4.40 -9.20
CA PRO A 68 -9.50 -4.10 -9.75
C PRO A 68 -10.36 -3.16 -8.89
N GLU A 69 -10.22 -3.31 -7.55
CA GLU A 69 -10.94 -2.49 -6.55
C GLU A 69 -10.48 -1.01 -6.59
N LEU A 70 -9.14 -0.82 -6.72
CA LEU A 70 -8.53 0.53 -6.76
C LEU A 70 -8.88 1.26 -8.06
N THR A 71 -9.02 0.49 -9.17
CA THR A 71 -9.28 1.04 -10.52
C THR A 71 -10.46 2.07 -10.51
N GLU A 72 -11.54 1.73 -9.80
CA GLU A 72 -12.74 2.57 -9.68
C GLU A 72 -12.55 3.72 -8.65
N GLU A 73 -11.73 3.48 -7.61
CA GLU A 73 -11.40 4.48 -6.56
C GLU A 73 -10.57 5.66 -7.12
N VAL A 74 -9.57 5.31 -7.97
CA VAL A 74 -8.67 6.29 -8.61
C VAL A 74 -9.40 7.03 -9.75
N MET A 75 -10.36 6.33 -10.42
CA MET A 75 -11.23 6.96 -11.45
C MET A 75 -12.17 8.00 -10.83
N CYS A 76 -12.67 7.70 -9.61
CA CYS A 76 -13.52 8.62 -8.83
C CYS A 76 -12.70 9.85 -8.39
N TYR A 77 -11.45 9.59 -7.96
CA TYR A 77 -10.49 10.61 -7.49
C TYR A 77 -10.16 11.63 -8.61
N GLN A 78 -9.76 11.09 -9.78
CA GLN A 78 -9.34 11.91 -10.93
C GLN A 78 -10.56 12.58 -11.60
N GLN A 79 -11.77 12.00 -11.39
CA GLN A 79 -13.04 12.61 -11.85
C GLN A 79 -13.43 13.79 -10.93
N SER A 80 -13.13 13.65 -9.61
CA SER A 80 -13.53 14.63 -8.56
C SER A 80 -12.90 16.01 -8.79
N GLN A 81 -11.61 16.01 -9.21
CA GLN A 81 -10.87 17.25 -9.54
C GLN A 81 -11.42 17.90 -10.84
N LEU A 82 -11.97 17.08 -11.75
CA LEU A 82 -12.63 17.56 -13.00
C LEU A 82 -14.08 18.00 -12.72
N LEU A 83 -14.70 17.42 -11.67
CA LEU A 83 -16.08 17.70 -11.30
C LEU A 83 -16.14 19.09 -10.67
N SER A 84 -16.56 20.09 -11.49
CA SER A 84 -16.62 21.51 -11.08
C SER A 84 -17.60 21.68 -9.91
N THR A 85 -17.43 22.75 -9.12
CA THR A 85 -18.16 22.92 -7.83
C THR A 85 -19.72 22.91 -7.95
N PRO A 86 -20.40 23.55 -8.99
CA PRO A 86 -21.89 23.42 -9.15
C PRO A 86 -22.30 21.97 -9.53
N GLN A 87 -21.47 21.32 -10.37
CA GLN A 87 -21.63 19.90 -10.75
C GLN A 87 -21.41 18.99 -9.53
N PHE A 88 -20.55 19.46 -8.61
CA PHE A 88 -20.16 18.75 -7.40
C PHE A 88 -21.29 18.85 -6.34
N ILE A 89 -22.09 19.93 -6.41
CA ILE A 89 -23.27 20.11 -5.53
C ILE A 89 -24.39 19.11 -5.92
N VAL A 90 -24.76 19.10 -7.21
CA VAL A 90 -25.86 18.26 -7.73
C VAL A 90 -25.50 16.75 -7.72
N GLN A 91 -24.24 16.43 -8.05
CA GLN A 91 -23.71 15.05 -8.00
C GLN A 91 -22.98 14.77 -6.66
N LEU A 92 -23.26 15.59 -5.61
CA LEU A 92 -22.63 15.41 -4.29
C LEU A 92 -22.89 14.02 -3.67
N PRO A 93 -24.16 13.56 -3.45
CA PRO A 93 -24.40 12.26 -2.80
C PRO A 93 -24.26 11.08 -3.80
N GLN A 94 -23.93 11.42 -5.07
CA GLN A 94 -23.62 10.46 -6.14
C GLN A 94 -22.14 10.05 -6.10
N ILE A 95 -21.25 11.04 -5.84
CA ILE A 95 -19.81 10.76 -5.65
C ILE A 95 -19.59 10.12 -4.27
N LEU A 96 -20.38 10.57 -3.26
CA LEU A 96 -20.44 9.94 -1.91
C LEU A 96 -20.93 8.49 -1.98
N ASP A 97 -21.83 8.22 -2.95
CA ASP A 97 -22.38 6.87 -3.23
C ASP A 97 -21.28 5.89 -3.66
N LEU A 98 -20.22 6.42 -4.31
CA LEU A 98 -19.06 5.60 -4.75
C LEU A 98 -18.28 5.11 -3.52
N LEU A 99 -18.03 6.01 -2.56
CA LEU A 99 -17.33 5.67 -1.30
C LEU A 99 -18.20 4.73 -0.43
N HIS A 100 -19.53 4.90 -0.53
CA HIS A 100 -20.52 4.06 0.18
C HIS A 100 -20.64 2.66 -0.50
N ARG A 101 -20.36 2.63 -1.82
CA ARG A 101 -20.40 1.40 -2.65
C ARG A 101 -19.31 0.40 -2.18
N LEU A 102 -18.05 0.88 -2.15
CA LEU A 102 -16.89 0.06 -1.75
C LEU A 102 -16.79 -0.03 -0.21
N ASN A 103 -17.68 0.74 0.49
CA ASN A 103 -17.75 0.80 1.97
C ASN A 103 -16.42 1.36 2.55
N SER A 104 -15.78 2.25 1.76
CA SER A 104 -14.53 2.92 2.11
C SER A 104 -14.67 3.63 3.48
N PRO A 105 -13.67 3.50 4.42
CA PRO A 105 -13.80 4.01 5.82
C PRO A 105 -13.93 5.56 5.88
N TRP A 106 -13.56 6.23 4.77
CA TRP A 106 -13.62 7.69 4.66
C TRP A 106 -15.06 8.18 4.36
N ALA A 107 -15.95 7.29 3.87
CA ALA A 107 -17.35 7.65 3.46
C ALA A 107 -18.12 8.37 4.58
N GLU A 108 -17.86 7.97 5.83
CA GLU A 108 -18.46 8.55 7.04
C GLU A 108 -18.04 10.02 7.23
N GLN A 109 -16.72 10.26 7.17
CA GLN A 109 -16.11 11.59 7.40
C GLN A 109 -16.39 12.53 6.22
N ALA A 110 -16.41 11.96 5.00
CA ALA A 110 -16.67 12.69 3.76
C ALA A 110 -18.09 13.26 3.76
N ARG A 111 -19.03 12.42 4.21
CA ARG A 111 -20.45 12.78 4.35
C ARG A 111 -20.62 13.90 5.40
N GLN A 112 -19.97 13.74 6.55
CA GLN A 112 -19.98 14.71 7.66
C GLN A 112 -19.36 16.08 7.24
N LEU A 113 -18.34 15.99 6.36
CA LEU A 113 -17.64 17.16 5.81
C LEU A 113 -18.59 17.98 4.93
N VAL A 114 -19.31 17.28 4.04
CA VAL A 114 -20.20 17.91 3.04
C VAL A 114 -21.56 18.32 3.64
N ASP A 115 -21.92 17.70 4.79
CA ASP A 115 -23.07 18.13 5.62
C ASP A 115 -22.78 19.49 6.27
N ALA A 116 -21.52 19.65 6.71
CA ALA A 116 -21.05 20.87 7.39
C ALA A 116 -21.02 22.08 6.43
N ASN A 117 -20.51 21.85 5.21
CA ASN A 117 -20.39 22.89 4.18
C ASN A 117 -21.19 22.46 2.93
N SER A 118 -22.40 23.02 2.80
CA SER A 118 -23.26 22.83 1.61
C SER A 118 -22.80 23.75 0.46
N THR A 119 -22.24 24.93 0.83
CA THR A 119 -21.72 25.92 -0.12
C THR A 119 -20.25 25.60 -0.48
N ILE A 120 -20.08 24.46 -1.18
CA ILE A 120 -18.78 23.99 -1.67
C ILE A 120 -18.31 24.88 -2.85
N THR A 121 -17.46 25.86 -2.54
CA THR A 121 -16.96 26.86 -3.49
C THR A 121 -15.51 26.56 -3.91
N SER A 122 -14.68 26.17 -2.93
CA SER A 122 -13.24 25.95 -3.15
C SER A 122 -12.63 25.11 -2.01
N ALA A 123 -12.86 25.59 -0.76
CA ALA A 123 -12.24 25.07 0.47
C ALA A 123 -12.47 23.56 0.65
N LEU A 124 -13.75 23.16 0.59
CA LEU A 124 -14.15 21.75 0.76
C LEU A 124 -13.66 20.91 -0.44
N HIS A 125 -13.78 21.44 -1.66
CA HIS A 125 -13.50 20.70 -2.92
C HIS A 125 -12.03 20.22 -2.97
N THR A 126 -11.11 21.16 -2.66
CA THR A 126 -9.67 20.89 -2.56
C THR A 126 -9.37 19.92 -1.40
N LEU A 127 -10.03 20.17 -0.25
CA LEU A 127 -9.86 19.38 0.98
C LEU A 127 -10.41 17.95 0.78
N PHE A 128 -11.42 17.80 -0.10
CA PHE A 128 -12.12 16.53 -0.37
C PHE A 128 -11.15 15.56 -1.06
N LEU A 129 -10.37 16.14 -2.02
CA LEU A 129 -9.30 15.42 -2.74
C LEU A 129 -8.21 14.97 -1.75
N GLN A 130 -7.70 15.94 -0.95
CA GLN A 130 -6.59 15.71 0.02
C GLN A 130 -6.98 14.69 1.10
N ARG A 131 -8.24 14.77 1.55
CA ARG A 131 -8.77 13.95 2.64
C ARG A 131 -9.01 12.53 2.14
N TRP A 132 -9.33 12.42 0.84
CA TRP A 132 -9.42 11.14 0.14
C TRP A 132 -8.02 10.54 -0.07
N ARG A 133 -7.02 11.39 -0.38
CA ARG A 133 -5.62 10.95 -0.64
C ARG A 133 -4.99 10.30 0.60
N LEU A 134 -5.16 10.94 1.77
CA LEU A 134 -4.58 10.44 3.04
C LEU A 134 -5.28 9.13 3.48
N SER A 135 -6.61 9.07 3.26
CA SER A 135 -7.41 7.84 3.51
C SER A 135 -7.12 6.76 2.43
N LEU A 136 -6.63 7.21 1.25
CA LEU A 136 -6.22 6.33 0.15
C LEU A 136 -4.86 5.68 0.48
N ILE A 137 -4.05 6.34 1.34
CA ILE A 137 -2.76 5.77 1.82
C ILE A 137 -3.04 4.52 2.69
N VAL A 138 -3.97 4.67 3.65
CA VAL A 138 -4.37 3.56 4.55
C VAL A 138 -5.21 2.50 3.80
N GLN A 139 -5.89 2.92 2.70
CA GLN A 139 -6.55 1.99 1.74
C GLN A 139 -5.48 1.27 0.90
N ALA A 140 -4.38 2.00 0.58
CA ALA A 140 -3.27 1.50 -0.27
C ALA A 140 -2.53 0.37 0.43
N THR A 141 -2.61 0.34 1.76
CA THR A 141 -2.11 -0.78 2.59
C THR A 141 -2.70 -2.14 2.13
N THR A 142 -4.02 -2.15 1.84
CA THR A 142 -4.76 -3.34 1.38
C THR A 142 -4.38 -3.69 -0.07
N LEU A 143 -4.17 -2.64 -0.88
CA LEU A 143 -3.89 -2.75 -2.32
C LEU A 143 -2.48 -3.33 -2.55
N ASN A 144 -1.50 -2.81 -1.80
CA ASN A 144 -0.10 -3.27 -1.86
C ASN A 144 0.07 -4.55 -1.04
N GLN A 145 -0.93 -4.92 -0.21
CA GLN A 145 -0.95 -6.22 0.51
C GLN A 145 -1.09 -7.37 -0.49
N GLN A 146 -1.96 -7.15 -1.49
CA GLN A 146 -2.18 -8.10 -2.60
C GLN A 146 -0.95 -8.11 -3.53
N LEU A 147 -0.42 -6.89 -3.79
CA LEU A 147 0.77 -6.70 -4.63
C LEU A 147 1.99 -7.42 -4.05
N LEU A 148 2.25 -7.17 -2.74
CA LEU A 148 3.45 -7.69 -2.07
C LEU A 148 3.40 -9.20 -2.00
N GLU A 149 2.18 -9.76 -2.00
CA GLU A 149 1.95 -11.21 -2.00
C GLU A 149 2.40 -11.85 -3.34
N GLU A 150 2.04 -11.17 -4.47
CA GLU A 150 2.41 -11.61 -5.85
C GLU A 150 3.93 -11.57 -6.03
N GLU A 151 4.50 -10.39 -5.73
CA GLU A 151 5.94 -10.15 -5.84
C GLU A 151 6.71 -11.06 -4.88
N ARG A 152 6.17 -11.28 -3.66
CA ARG A 152 6.82 -12.11 -2.60
C ARG A 152 7.25 -13.50 -3.11
N GLU A 153 6.49 -14.03 -4.08
CA GLU A 153 6.78 -15.31 -4.76
C GLU A 153 8.07 -15.21 -5.64
N GLN A 154 8.11 -14.22 -6.56
CA GLN A 154 9.25 -13.98 -7.47
C GLN A 154 10.49 -13.52 -6.68
N LEU A 155 10.25 -12.52 -5.83
CA LEU A 155 11.21 -11.98 -4.87
C LEU A 155 11.66 -13.04 -3.84
N LEU A 156 10.87 -14.13 -3.64
CA LEU A 156 11.34 -15.29 -2.84
C LEU A 156 12.51 -15.95 -3.57
N SER A 157 12.33 -16.25 -4.88
CA SER A 157 13.42 -16.80 -5.72
C SER A 157 14.67 -15.89 -5.70
N GLU A 158 14.43 -14.56 -5.68
CA GLU A 158 15.48 -13.53 -5.61
C GLU A 158 16.25 -13.62 -4.28
N VAL A 159 15.50 -13.69 -3.16
CA VAL A 159 16.08 -13.72 -1.81
C VAL A 159 16.60 -15.13 -1.46
N GLN A 160 16.22 -16.15 -2.27
CA GLN A 160 16.78 -17.52 -2.16
C GLN A 160 18.22 -17.52 -2.68
N GLU A 161 18.45 -16.78 -3.77
CA GLU A 161 19.80 -16.53 -4.31
C GLU A 161 20.64 -15.75 -3.26
N ARG A 162 19.96 -14.80 -2.58
CA ARG A 162 20.56 -14.01 -1.48
C ARG A 162 21.01 -14.93 -0.31
N MET A 163 20.22 -15.99 0.02
CA MET A 163 20.42 -16.83 1.25
C MET A 163 21.86 -17.40 1.38
N THR A 164 22.61 -17.42 0.26
CA THR A 164 23.99 -17.92 0.22
C THR A 164 24.96 -17.04 1.07
N LEU A 165 24.56 -15.76 1.31
CA LEU A 165 25.38 -14.77 2.06
C LEU A 165 25.44 -15.11 3.57
N SER A 166 24.45 -15.90 4.04
CA SER A 166 24.20 -16.17 5.46
C SER A 166 25.42 -16.83 6.14
N GLY A 167 25.86 -17.99 5.61
CA GLY A 167 27.09 -18.67 6.04
C GLY A 167 27.05 -19.09 7.52
N GLN A 168 27.61 -18.23 8.38
CA GLN A 168 27.77 -18.48 9.83
C GLN A 168 28.17 -17.17 10.54
N LEU A 169 27.28 -16.65 11.41
CA LEU A 169 27.58 -15.48 12.27
C LEU A 169 27.64 -15.92 13.76
N GLU A 170 27.76 -14.93 14.65
CA GLU A 170 27.87 -15.15 16.12
C GLU A 170 26.51 -15.64 16.70
N PRO A 171 26.53 -16.65 17.64
CA PRO A 171 25.33 -17.06 18.42
C PRO A 171 24.77 -15.90 19.27
N ILE A 172 23.75 -15.20 18.74
CA ILE A 172 23.08 -14.08 19.43
C ILE A 172 21.88 -14.64 20.21
N LEU A 173 21.88 -14.38 21.55
CA LEU A 173 20.81 -14.84 22.46
C LEU A 173 19.49 -14.09 22.17
N ALA A 174 18.64 -14.71 21.31
CA ALA A 174 17.29 -14.22 21.03
C ALA A 174 16.32 -14.75 22.09
N ASP A 175 16.33 -14.10 23.27
CA ASP A 175 15.45 -14.44 24.39
C ASP A 175 14.13 -13.69 24.22
N ASN A 176 13.11 -14.38 23.68
CA ASN A 176 11.79 -13.77 23.36
C ASN A 176 10.65 -14.76 23.65
N ASN A 177 9.44 -14.19 23.86
CA ASN A 177 8.22 -14.95 24.24
C ASN A 177 6.98 -14.14 23.83
N THR A 178 6.01 -14.80 23.18
CA THR A 178 4.74 -14.15 22.74
C THR A 178 3.57 -15.16 22.84
N ALA A 179 2.75 -14.99 23.88
CA ALA A 179 1.48 -15.71 24.03
C ALA A 179 0.33 -14.77 23.63
N ALA A 180 -0.13 -14.92 22.37
CA ALA A 180 -1.21 -14.09 21.80
C ALA A 180 -1.79 -14.78 20.55
N GLY A 181 -2.83 -14.15 19.97
CA GLY A 181 -3.47 -14.63 18.74
C GLY A 181 -4.44 -15.80 19.01
N ARG A 182 -5.70 -15.45 19.31
CA ARG A 182 -6.76 -16.43 19.60
C ARG A 182 -7.65 -16.58 18.34
N LEU A 183 -7.35 -17.60 17.52
CA LEU A 183 -8.07 -17.87 16.26
C LEU A 183 -9.26 -18.82 16.52
N TRP A 184 -10.48 -18.29 16.38
CA TRP A 184 -11.73 -19.04 16.54
C TRP A 184 -12.86 -18.30 15.78
N ASP A 185 -13.35 -18.91 14.69
CA ASP A 185 -14.42 -18.35 13.84
C ASP A 185 -14.97 -19.43 12.89
N MET A 186 -16.22 -19.25 12.42
CA MET A 186 -16.86 -20.14 11.43
C MET A 186 -17.92 -19.33 10.66
N SER A 187 -17.75 -19.18 9.35
CA SER A 187 -18.68 -18.42 8.49
C SER A 187 -18.53 -18.87 7.03
N ALA A 188 -19.27 -19.93 6.67
CA ALA A 188 -19.31 -20.47 5.30
C ALA A 188 -20.76 -20.77 4.92
N GLY A 189 -21.24 -20.11 3.86
CA GLY A 189 -22.62 -20.25 3.38
C GLY A 189 -22.82 -19.50 2.09
N GLN A 190 -22.68 -20.20 0.95
CA GLN A 190 -22.84 -19.62 -0.40
C GLN A 190 -23.52 -20.64 -1.32
N LEU A 191 -24.65 -20.24 -1.91
CA LEU A 191 -25.38 -21.01 -2.93
C LEU A 191 -25.80 -20.02 -4.03
N MET A 1 -4.52 0.60 -16.44
CA MET A 1 -3.47 1.65 -16.46
C MET A 1 -3.27 2.20 -15.04
N LEU A 2 -3.02 1.29 -14.08
CA LEU A 2 -2.80 1.64 -12.67
C LEU A 2 -1.78 0.64 -12.06
N THR A 3 -0.60 1.17 -11.69
CA THR A 3 0.47 0.41 -11.02
C THR A 3 0.97 1.19 -9.79
N LEU A 4 1.96 0.59 -9.08
CA LEU A 4 2.46 1.08 -7.77
C LEU A 4 3.15 2.47 -7.91
N ASP A 5 3.58 2.82 -9.14
CA ASP A 5 4.28 4.11 -9.42
C ASP A 5 3.40 5.33 -9.09
N THR A 6 2.07 5.13 -9.14
CA THR A 6 1.06 6.16 -8.81
C THR A 6 1.05 6.47 -7.29
N LEU A 7 1.28 5.43 -6.46
CA LEU A 7 1.13 5.50 -4.97
C LEU A 7 2.01 6.59 -4.32
N ASN A 8 3.28 6.61 -4.69
CA ASN A 8 4.25 7.57 -4.13
C ASN A 8 3.96 9.01 -4.59
N VAL A 9 3.32 9.14 -5.78
CA VAL A 9 2.97 10.45 -6.38
C VAL A 9 1.68 11.02 -5.75
N MET A 10 0.69 10.13 -5.52
CA MET A 10 -0.64 10.51 -4.98
C MET A 10 -0.58 10.74 -3.46
N LEU A 11 0.38 10.08 -2.78
CA LEU A 11 0.72 10.34 -1.35
C LEU A 11 1.79 11.45 -1.24
N ALA A 12 2.49 11.73 -2.37
CA ALA A 12 3.53 12.79 -2.48
C ALA A 12 4.75 12.50 -1.58
N VAL A 13 4.93 11.21 -1.21
CA VAL A 13 6.04 10.74 -0.35
C VAL A 13 6.90 9.72 -1.13
N SER A 14 8.05 9.34 -0.55
CA SER A 14 8.89 8.25 -1.09
C SER A 14 8.30 6.89 -0.70
N GLU A 15 8.67 5.85 -1.45
CA GLU A 15 8.16 4.49 -1.24
C GLU A 15 8.79 3.85 0.02
N GLU A 16 9.93 4.43 0.44
CA GLU A 16 10.86 3.84 1.43
C GLU A 16 10.21 3.59 2.81
N GLY A 17 9.14 4.34 3.13
CA GLY A 17 8.34 4.10 4.33
C GLY A 17 7.63 2.75 4.28
N LEU A 18 7.06 2.44 3.10
CA LEU A 18 6.44 1.12 2.82
C LEU A 18 7.52 0.05 2.69
N ILE A 19 8.63 0.39 1.99
CA ILE A 19 9.75 -0.54 1.71
C ILE A 19 10.33 -1.12 3.02
N GLU A 20 10.37 -0.29 4.09
CA GLU A 20 10.82 -0.72 5.43
C GLU A 20 9.92 -1.84 6.02
N GLU A 21 8.60 -1.58 6.04
CA GLU A 21 7.58 -2.56 6.52
C GLU A 21 7.58 -3.81 5.61
N MET A 22 7.96 -3.60 4.35
CA MET A 22 7.99 -4.62 3.29
C MET A 22 9.26 -5.50 3.43
N ILE A 23 10.33 -4.95 4.09
CA ILE A 23 11.53 -5.74 4.52
C ILE A 23 11.05 -6.78 5.54
N ILE A 24 10.30 -6.28 6.53
CA ILE A 24 9.74 -7.09 7.64
C ILE A 24 8.82 -8.21 7.09
N ALA A 25 8.01 -7.84 6.08
CA ALA A 25 7.10 -8.78 5.38
C ALA A 25 7.90 -9.92 4.71
N LEU A 26 9.00 -9.55 4.02
CA LEU A 26 9.85 -10.51 3.32
C LEU A 26 10.58 -11.46 4.30
N LEU A 27 11.08 -10.91 5.41
CA LEU A 27 11.77 -11.72 6.44
C LEU A 27 10.78 -12.70 7.12
N ALA A 28 9.49 -12.29 7.17
CA ALA A 28 8.40 -13.09 7.75
C ALA A 28 7.83 -14.11 6.75
N SER A 29 8.31 -14.09 5.48
CA SER A 29 7.80 -15.00 4.41
C SER A 29 7.97 -16.48 4.80
N PRO A 30 6.90 -17.33 4.64
CA PRO A 30 6.86 -18.75 5.12
C PRO A 30 8.14 -19.61 4.86
N GLN A 31 8.67 -19.56 3.63
CA GLN A 31 9.84 -20.40 3.26
C GLN A 31 11.16 -19.82 3.77
N LEU A 32 11.17 -18.50 4.09
CA LEU A 32 12.30 -17.89 4.81
C LEU A 32 12.18 -18.20 6.31
N ALA A 33 10.93 -18.30 6.82
CA ALA A 33 10.65 -18.60 8.23
C ALA A 33 11.16 -20.00 8.60
N VAL A 34 10.98 -20.98 7.69
CA VAL A 34 11.50 -22.35 7.87
C VAL A 34 13.02 -22.40 7.57
N PHE A 35 13.50 -21.51 6.69
CA PHE A 35 14.97 -21.34 6.42
C PHE A 35 15.69 -20.87 7.69
N PHE A 36 14.99 -20.12 8.56
CA PHE A 36 15.51 -19.63 9.84
C PHE A 36 15.63 -20.80 10.86
N GLU A 37 14.72 -21.79 10.73
CA GLU A 37 14.71 -23.01 11.57
C GLU A 37 15.84 -23.96 11.13
N LYS A 38 15.96 -24.12 9.80
CA LYS A 38 16.86 -25.10 9.17
C LYS A 38 18.31 -24.59 9.12
N PHE A 39 18.46 -23.26 8.93
CA PHE A 39 19.78 -22.58 8.85
C PHE A 39 19.78 -21.33 9.76
N PRO A 40 19.94 -21.53 11.12
CA PRO A 40 19.95 -20.42 12.11
C PRO A 40 21.17 -19.49 12.00
N ARG A 41 22.19 -19.91 11.23
CA ARG A 41 23.39 -19.08 10.99
C ARG A 41 23.25 -18.29 9.68
N LEU A 42 22.82 -19.00 8.61
CA LEU A 42 22.71 -18.40 7.24
C LEU A 42 21.54 -17.42 7.12
N LYS A 43 20.60 -17.46 8.09
CA LYS A 43 19.50 -16.49 8.19
C LYS A 43 20.02 -15.04 8.33
N ALA A 44 21.21 -14.90 8.97
CA ALA A 44 21.85 -13.61 9.25
C ALA A 44 22.13 -12.82 7.95
N ALA A 45 22.43 -13.54 6.85
CA ALA A 45 22.66 -12.94 5.53
C ALA A 45 21.38 -12.28 4.99
N ILE A 46 20.29 -13.06 4.91
CA ILE A 46 19.00 -12.60 4.35
C ILE A 46 18.38 -11.46 5.18
N THR A 47 18.58 -11.49 6.50
CA THR A 47 18.12 -10.41 7.40
C THR A 47 19.01 -9.15 7.26
N ASP A 48 20.27 -9.35 6.85
CA ASP A 48 21.23 -8.25 6.56
C ASP A 48 21.02 -7.71 5.12
N ASP A 49 20.24 -8.46 4.31
CA ASP A 49 19.93 -8.11 2.90
C ASP A 49 18.81 -7.05 2.77
N VAL A 50 18.65 -6.22 3.83
CA VAL A 50 17.75 -5.04 3.82
C VAL A 50 18.03 -4.06 2.61
N PRO A 51 19.35 -3.64 2.33
CA PRO A 51 19.68 -2.74 1.19
C PRO A 51 19.28 -3.30 -0.19
N ARG A 52 19.15 -4.63 -0.27
CA ARG A 52 18.88 -5.35 -1.52
C ARG A 52 17.42 -5.17 -1.95
N TRP A 53 16.50 -5.18 -0.96
CA TRP A 53 15.07 -4.90 -1.19
C TRP A 53 14.82 -3.41 -1.41
N ARG A 54 15.69 -2.54 -0.84
CA ARG A 54 15.56 -1.06 -1.01
C ARG A 54 15.65 -0.72 -2.52
N GLU A 55 16.60 -1.38 -3.23
CA GLU A 55 16.80 -1.19 -4.69
C GLU A 55 15.80 -2.05 -5.52
N ALA A 56 15.51 -3.27 -5.01
CA ALA A 56 14.67 -4.27 -5.72
C ALA A 56 13.23 -3.77 -5.86
N LEU A 57 12.71 -3.13 -4.80
CA LEU A 57 11.35 -2.56 -4.79
C LEU A 57 11.26 -1.29 -5.67
N ARG A 58 12.39 -0.57 -5.84
CA ARG A 58 12.45 0.61 -6.75
C ARG A 58 12.20 0.18 -8.22
N SER A 59 12.72 -1.01 -8.58
CA SER A 59 12.46 -1.64 -9.88
C SER A 59 11.05 -2.30 -9.88
N ARG A 60 10.75 -3.02 -8.79
CA ARG A 60 9.56 -3.88 -8.69
C ARG A 60 8.28 -3.07 -8.71
N LEU A 61 8.29 -1.83 -8.17
CA LEU A 61 7.08 -0.97 -8.08
C LEU A 61 6.53 -0.65 -9.48
N LYS A 62 7.44 -0.65 -10.46
CA LYS A 62 7.11 -0.41 -11.88
C LYS A 62 6.53 -1.70 -12.48
N ASP A 63 7.10 -2.86 -12.08
CA ASP A 63 6.57 -4.20 -12.47
C ASP A 63 5.28 -4.58 -11.68
N ALA A 64 5.01 -3.85 -10.59
CA ALA A 64 4.05 -4.29 -9.54
C ALA A 64 2.58 -3.96 -9.87
N ARG A 65 1.69 -4.76 -9.27
CA ARG A 65 0.23 -4.53 -9.32
C ARG A 65 -0.21 -3.60 -8.18
N VAL A 66 -1.53 -3.39 -8.06
CA VAL A 66 -2.15 -2.58 -6.99
C VAL A 66 -3.43 -3.30 -6.49
N PRO A 67 -3.89 -3.04 -5.23
CA PRO A 67 -5.18 -3.56 -4.72
C PRO A 67 -6.37 -3.05 -5.58
N PRO A 68 -7.26 -3.98 -6.11
CA PRO A 68 -8.45 -3.62 -6.94
C PRO A 68 -9.38 -2.58 -6.27
N GLU A 69 -9.43 -2.62 -4.93
CA GLU A 69 -10.21 -1.67 -4.11
C GLU A 69 -9.71 -0.22 -4.31
N LEU A 70 -8.38 -0.05 -4.32
CA LEU A 70 -7.72 1.25 -4.57
C LEU A 70 -7.97 1.71 -6.01
N THR A 71 -7.95 0.75 -6.97
CA THR A 71 -8.08 1.04 -8.40
C THR A 71 -9.32 1.91 -8.71
N GLU A 72 -10.45 1.59 -8.07
CA GLU A 72 -11.72 2.34 -8.24
C GLU A 72 -11.62 3.73 -7.59
N GLU A 73 -11.01 3.76 -6.39
CA GLU A 73 -10.85 4.97 -5.55
C GLU A 73 -10.06 6.07 -6.32
N VAL A 74 -8.93 5.66 -6.92
CA VAL A 74 -8.03 6.55 -7.69
C VAL A 74 -8.57 6.85 -9.12
N MET A 75 -9.35 5.91 -9.70
CA MET A 75 -10.02 6.13 -11.02
C MET A 75 -11.11 7.21 -10.90
N CYS A 76 -11.77 7.27 -9.74
CA CYS A 76 -12.82 8.27 -9.47
C CYS A 76 -12.22 9.62 -9.01
N TYR A 77 -10.92 9.61 -8.68
CA TYR A 77 -10.14 10.83 -8.39
C TYR A 77 -9.85 11.62 -9.66
N GLN A 78 -9.32 10.93 -10.69
CA GLN A 78 -9.05 11.55 -12.00
C GLN A 78 -10.38 11.97 -12.66
N GLN A 79 -11.46 11.19 -12.42
CA GLN A 79 -12.82 11.53 -12.89
C GLN A 79 -13.37 12.79 -12.17
N SER A 80 -13.03 12.96 -10.87
CA SER A 80 -13.45 14.12 -10.05
C SER A 80 -12.89 15.44 -10.65
N GLN A 81 -11.79 15.32 -11.43
CA GLN A 81 -11.17 16.46 -12.14
C GLN A 81 -12.03 16.90 -13.33
N LEU A 82 -12.50 15.93 -14.15
CA LEU A 82 -13.38 16.20 -15.30
C LEU A 82 -14.82 16.51 -14.83
N LEU A 83 -15.15 16.04 -13.61
CA LEU A 83 -16.49 16.17 -13.02
C LEU A 83 -16.71 17.65 -12.60
N SER A 84 -17.28 18.43 -13.53
CA SER A 84 -17.47 19.89 -13.40
C SER A 84 -18.40 20.22 -12.22
N THR A 85 -18.30 21.45 -11.69
CA THR A 85 -18.98 21.86 -10.44
C THR A 85 -20.52 21.56 -10.39
N PRO A 86 -21.36 21.93 -11.44
CA PRO A 86 -22.82 21.58 -11.44
C PRO A 86 -23.04 20.06 -11.61
N GLN A 87 -22.14 19.44 -12.39
CA GLN A 87 -22.13 18.00 -12.68
C GLN A 87 -21.65 17.20 -11.44
N PHE A 88 -20.91 17.89 -10.55
CA PHE A 88 -20.35 17.32 -9.32
C PHE A 88 -21.44 17.22 -8.24
N ILE A 89 -22.41 18.17 -8.29
CA ILE A 89 -23.57 18.19 -7.37
C ILE A 89 -24.44 16.93 -7.58
N VAL A 90 -24.77 16.66 -8.84
CA VAL A 90 -25.64 15.53 -9.23
C VAL A 90 -24.88 14.18 -9.11
N GLN A 91 -23.54 14.19 -9.35
CA GLN A 91 -22.68 13.00 -9.16
C GLN A 91 -22.01 12.98 -7.76
N LEU A 92 -22.45 13.86 -6.85
CA LEU A 92 -21.95 13.88 -5.46
C LEU A 92 -22.23 12.54 -4.72
N PRO A 93 -23.51 12.05 -4.62
CA PRO A 93 -23.80 10.82 -3.86
C PRO A 93 -23.39 9.55 -4.64
N GLN A 94 -22.81 9.75 -5.84
CA GLN A 94 -22.26 8.67 -6.68
C GLN A 94 -20.80 8.37 -6.24
N ILE A 95 -19.99 9.43 -6.02
CA ILE A 95 -18.60 9.26 -5.52
C ILE A 95 -18.63 8.79 -4.04
N LEU A 96 -19.64 9.25 -3.27
CA LEU A 96 -19.89 8.78 -1.88
C LEU A 96 -20.27 7.27 -1.87
N ASP A 97 -21.00 6.83 -2.91
CA ASP A 97 -21.36 5.41 -3.12
C ASP A 97 -20.12 4.59 -3.50
N LEU A 98 -19.18 5.22 -4.25
CA LEU A 98 -17.92 4.58 -4.67
C LEU A 98 -17.05 4.30 -3.43
N LEU A 99 -17.02 5.28 -2.50
CA LEU A 99 -16.34 5.15 -1.19
C LEU A 99 -16.91 3.95 -0.38
N HIS A 100 -18.20 3.67 -0.58
CA HIS A 100 -18.90 2.54 0.05
C HIS A 100 -18.51 1.19 -0.62
N ARG A 101 -18.13 1.24 -1.92
CA ARG A 101 -17.77 0.01 -2.70
C ARG A 101 -16.50 -0.67 -2.14
N LEU A 102 -15.51 0.12 -1.72
CA LEU A 102 -14.25 -0.41 -1.15
C LEU A 102 -14.12 -0.12 0.35
N ASN A 103 -15.13 0.60 0.91
CA ASN A 103 -15.24 0.88 2.36
C ASN A 103 -14.11 1.83 2.85
N SER A 104 -13.89 2.92 2.09
CA SER A 104 -12.96 4.02 2.49
C SER A 104 -13.35 4.58 3.89
N PRO A 105 -12.37 4.80 4.83
CA PRO A 105 -12.66 5.40 6.17
C PRO A 105 -13.13 6.87 6.06
N TRP A 106 -12.85 7.48 4.89
CA TRP A 106 -13.26 8.86 4.58
C TRP A 106 -14.74 8.94 4.15
N ALA A 107 -15.41 7.77 3.94
CA ALA A 107 -16.83 7.73 3.51
C ALA A 107 -17.76 8.48 4.50
N GLU A 108 -17.39 8.43 5.78
CA GLU A 108 -18.15 9.05 6.88
C GLU A 108 -17.85 10.56 6.96
N GLN A 109 -16.56 10.92 6.80
CA GLN A 109 -16.11 12.33 6.89
C GLN A 109 -16.58 13.13 5.67
N ALA A 110 -16.57 12.49 4.50
CA ALA A 110 -17.04 13.08 3.23
C ALA A 110 -18.56 13.28 3.27
N ARG A 111 -19.26 12.28 3.85
CA ARG A 111 -20.72 12.37 4.11
C ARG A 111 -21.03 13.56 5.03
N GLN A 112 -20.22 13.72 6.09
CA GLN A 112 -20.37 14.82 7.07
C GLN A 112 -20.04 16.18 6.42
N LEU A 113 -19.05 16.17 5.52
CA LEU A 113 -18.54 17.36 4.82
C LEU A 113 -19.65 17.96 3.93
N VAL A 114 -20.32 17.06 3.20
CA VAL A 114 -21.40 17.41 2.26
C VAL A 114 -22.76 17.57 2.99
N ASP A 115 -22.86 17.03 4.22
CA ASP A 115 -24.05 17.16 5.09
C ASP A 115 -24.11 18.59 5.66
N ALA A 116 -22.96 19.07 6.14
CA ALA A 116 -22.82 20.43 6.70
C ALA A 116 -22.95 21.49 5.59
N ASN A 117 -22.21 21.25 4.49
CA ASN A 117 -22.20 22.13 3.31
C ASN A 117 -22.37 21.29 2.05
N SER A 118 -23.57 21.32 1.45
CA SER A 118 -23.84 20.68 0.14
C SER A 118 -23.60 21.68 -1.01
N THR A 119 -23.28 22.93 -0.64
CA THR A 119 -23.02 24.04 -1.57
C THR A 119 -21.59 23.96 -2.13
N ILE A 120 -21.33 22.90 -2.92
CA ILE A 120 -20.03 22.66 -3.54
C ILE A 120 -19.84 23.65 -4.71
N THR A 121 -19.18 24.78 -4.41
CA THR A 121 -18.97 25.88 -5.36
C THR A 121 -17.48 25.95 -5.77
N SER A 122 -16.60 26.26 -4.80
CA SER A 122 -15.17 26.47 -5.08
C SER A 122 -14.32 25.95 -3.91
N ALA A 123 -14.41 26.63 -2.74
CA ALA A 123 -13.58 26.36 -1.55
C ALA A 123 -13.77 24.93 -1.01
N LEU A 124 -15.04 24.50 -0.97
CA LEU A 124 -15.43 23.17 -0.49
C LEU A 124 -14.94 22.05 -1.45
N HIS A 125 -15.01 22.34 -2.77
CA HIS A 125 -14.61 21.39 -3.83
C HIS A 125 -13.08 21.14 -3.76
N THR A 126 -12.34 22.22 -3.49
CA THR A 126 -10.87 22.18 -3.33
C THR A 126 -10.50 21.36 -2.08
N LEU A 127 -11.18 21.66 -0.97
CA LEU A 127 -10.98 21.00 0.35
C LEU A 127 -11.34 19.49 0.26
N PHE A 128 -12.34 19.17 -0.59
CA PHE A 128 -12.85 17.79 -0.78
C PHE A 128 -11.73 16.86 -1.30
N LEU A 129 -11.00 17.34 -2.34
CA LEU A 129 -9.91 16.58 -2.99
C LEU A 129 -8.69 16.40 -2.04
N GLN A 130 -8.39 17.43 -1.23
CA GLN A 130 -7.29 17.37 -0.23
C GLN A 130 -7.66 16.46 0.95
N ARG A 131 -8.98 16.37 1.26
CA ARG A 131 -9.49 15.50 2.34
C ARG A 131 -9.44 14.03 1.91
N TRP A 132 -9.67 13.80 0.60
CA TRP A 132 -9.51 12.47 -0.03
C TRP A 132 -8.03 12.03 0.01
N ARG A 133 -7.15 12.92 -0.49
CA ARG A 133 -5.70 12.70 -0.56
C ARG A 133 -5.06 12.61 0.85
N LEU A 134 -5.68 13.28 1.83
CA LEU A 134 -5.28 13.19 3.25
C LEU A 134 -5.55 11.76 3.74
N SER A 135 -6.76 11.28 3.43
CA SER A 135 -7.23 9.96 3.83
C SER A 135 -6.46 8.83 3.14
N LEU A 136 -5.85 9.12 1.97
CA LEU A 136 -4.97 8.15 1.26
C LEU A 136 -3.87 7.60 2.17
N ILE A 137 -3.43 8.39 3.16
CA ILE A 137 -2.34 8.00 4.07
C ILE A 137 -2.86 6.95 5.09
N VAL A 138 -3.93 7.30 5.80
CA VAL A 138 -4.54 6.43 6.84
C VAL A 138 -5.17 5.17 6.19
N GLN A 139 -5.61 5.32 4.93
CA GLN A 139 -6.13 4.23 4.10
C GLN A 139 -4.98 3.44 3.44
N ALA A 140 -3.81 4.10 3.20
CA ALA A 140 -2.60 3.42 2.65
C ALA A 140 -2.18 2.27 3.56
N THR A 141 -2.37 2.45 4.87
CA THR A 141 -2.16 1.41 5.87
C THR A 141 -2.96 0.11 5.54
N THR A 142 -4.20 0.29 5.04
CA THR A 142 -5.11 -0.79 4.64
C THR A 142 -4.73 -1.38 3.27
N LEU A 143 -4.45 -0.47 2.32
CA LEU A 143 -4.19 -0.80 0.90
C LEU A 143 -2.86 -1.53 0.74
N ASN A 144 -1.83 -1.02 1.44
CA ASN A 144 -0.45 -1.54 1.34
C ASN A 144 -0.35 -2.91 2.02
N GLN A 145 -1.24 -3.16 3.00
CA GLN A 145 -1.30 -4.43 3.74
C GLN A 145 -1.64 -5.60 2.77
N GLN A 146 -2.47 -5.29 1.76
CA GLN A 146 -2.79 -6.20 0.63
C GLN A 146 -1.65 -6.19 -0.43
N LEU A 147 -1.18 -4.96 -0.74
CA LEU A 147 -0.16 -4.70 -1.80
C LEU A 147 1.10 -5.53 -1.54
N LEU A 148 1.70 -5.30 -0.35
CA LEU A 148 2.98 -5.91 0.00
C LEU A 148 2.89 -7.42 -0.01
N GLU A 149 1.68 -7.96 0.26
CA GLU A 149 1.44 -9.41 0.34
C GLU A 149 1.52 -10.06 -1.05
N GLU A 150 0.87 -9.43 -2.05
CA GLU A 150 0.85 -9.95 -3.44
C GLU A 150 2.19 -9.69 -4.16
N GLU A 151 2.88 -8.59 -3.80
CA GLU A 151 4.20 -8.24 -4.36
C GLU A 151 5.34 -8.98 -3.63
N ARG A 152 5.03 -9.50 -2.44
CA ARG A 152 5.92 -10.34 -1.61
C ARG A 152 6.26 -11.63 -2.34
N GLU A 153 5.33 -12.09 -3.19
CA GLU A 153 5.48 -13.28 -4.05
C GLU A 153 6.61 -13.06 -5.10
N GLN A 154 6.63 -11.85 -5.68
CA GLN A 154 7.64 -11.45 -6.67
C GLN A 154 9.02 -11.34 -6.00
N LEU A 155 9.07 -10.59 -4.89
CA LEU A 155 10.29 -10.43 -4.07
C LEU A 155 10.76 -11.76 -3.50
N LEU A 156 9.81 -12.65 -3.24
CA LEU A 156 10.09 -14.00 -2.78
C LEU A 156 10.96 -14.74 -3.80
N SER A 157 10.63 -14.58 -5.09
CA SER A 157 11.42 -15.13 -6.21
C SER A 157 12.88 -14.61 -6.18
N GLU A 158 13.04 -13.28 -5.95
CA GLU A 158 14.35 -12.64 -5.78
C GLU A 158 15.18 -13.30 -4.64
N VAL A 159 14.58 -13.34 -3.43
CA VAL A 159 15.29 -13.72 -2.20
C VAL A 159 15.49 -15.25 -2.08
N GLN A 160 14.60 -16.06 -2.69
CA GLN A 160 14.74 -17.52 -2.67
C GLN A 160 15.84 -17.97 -3.64
N GLU A 161 16.05 -17.18 -4.72
CA GLU A 161 17.17 -17.43 -5.64
C GLU A 161 18.49 -17.08 -4.94
N ARG A 162 18.53 -15.88 -4.28
CA ARG A 162 19.75 -15.41 -3.60
C ARG A 162 20.08 -16.30 -2.38
N MET A 163 19.05 -17.04 -1.86
CA MET A 163 19.20 -18.02 -0.74
C MET A 163 20.30 -19.07 -1.03
N THR A 164 20.68 -19.19 -2.31
CA THR A 164 21.78 -20.03 -2.80
C THR A 164 23.13 -19.74 -2.07
N LEU A 165 23.25 -18.54 -1.44
CA LEU A 165 24.43 -18.15 -0.63
C LEU A 165 24.57 -18.98 0.66
N SER A 166 23.53 -19.76 0.98
CA SER A 166 23.55 -20.71 2.11
C SER A 166 24.60 -21.81 1.85
N GLY A 167 24.77 -22.16 0.56
CA GLY A 167 25.87 -23.03 0.11
C GLY A 167 27.05 -22.21 -0.38
N GLN A 168 27.76 -22.73 -1.38
CA GLN A 168 28.89 -22.03 -2.05
C GLN A 168 28.45 -21.44 -3.41
N LEU A 169 27.15 -21.59 -3.72
CA LEU A 169 26.61 -21.35 -5.07
C LEU A 169 26.24 -19.87 -5.25
N GLU A 170 26.07 -19.44 -6.52
CA GLU A 170 25.84 -18.03 -6.90
C GLU A 170 24.44 -17.85 -7.55
N PRO A 171 23.79 -16.64 -7.43
CA PRO A 171 22.58 -16.30 -8.22
C PRO A 171 22.94 -16.06 -9.69
N ILE A 172 21.93 -16.09 -10.60
CA ILE A 172 22.18 -15.84 -12.04
C ILE A 172 22.31 -14.33 -12.32
N LEU A 173 21.78 -13.50 -11.39
CA LEU A 173 22.00 -12.03 -11.40
C LEU A 173 22.43 -11.55 -10.00
N ALA A 174 23.73 -11.72 -9.71
CA ALA A 174 24.34 -11.23 -8.47
C ALA A 174 24.93 -9.83 -8.71
N ASP A 175 24.12 -8.79 -8.46
CA ASP A 175 24.54 -7.37 -8.53
C ASP A 175 23.63 -6.54 -7.64
N ASN A 176 24.17 -6.06 -6.51
CA ASN A 176 23.41 -5.34 -5.47
C ASN A 176 24.25 -4.23 -4.83
N ASN A 177 23.57 -3.13 -4.44
CA ASN A 177 24.19 -1.96 -3.80
C ASN A 177 24.15 -2.11 -2.26
N THR A 178 25.01 -1.32 -1.58
CA THR A 178 25.09 -1.28 -0.12
C THR A 178 24.33 -0.05 0.44
N ALA A 179 24.05 -0.04 1.74
CA ALA A 179 23.47 1.11 2.46
C ALA A 179 24.55 1.82 3.29
N ALA A 180 24.34 3.11 3.58
CA ALA A 180 25.24 3.95 4.40
C ALA A 180 24.49 4.52 5.60
N GLY A 181 25.16 4.57 6.75
CA GLY A 181 24.59 5.09 8.00
C GLY A 181 24.98 6.55 8.21
N ARG A 182 24.18 7.26 9.00
CA ARG A 182 24.42 8.69 9.33
C ARG A 182 23.87 9.00 10.74
N LEU A 183 24.66 9.78 11.51
CA LEU A 183 24.26 10.30 12.83
C LEU A 183 23.83 11.77 12.71
N TRP A 184 23.30 12.30 13.81
CA TRP A 184 22.86 13.69 13.93
C TRP A 184 23.88 14.49 14.75
N ASP A 185 23.82 15.82 14.63
CA ASP A 185 24.57 16.76 15.50
C ASP A 185 23.64 17.21 16.63
N MET A 186 24.18 17.93 17.63
CA MET A 186 23.41 18.35 18.82
C MET A 186 24.03 19.59 19.46
N SER A 187 23.21 20.61 19.71
CA SER A 187 23.64 21.90 20.29
C SER A 187 24.06 21.74 21.77
N ALA A 188 25.11 22.47 22.16
CA ALA A 188 25.66 22.47 23.53
C ALA A 188 25.87 23.92 24.01
N GLY A 189 25.48 24.20 25.27
CA GLY A 189 25.69 25.52 25.88
C GLY A 189 27.10 25.63 26.44
N GLN A 190 27.97 26.38 25.72
CA GLN A 190 29.38 26.59 26.11
C GLN A 190 29.58 28.05 26.59
N LEU A 191 30.20 28.20 27.78
CA LEU A 191 30.50 29.52 28.37
C LEU A 191 31.63 30.22 27.58
N MET A 1 -4.58 -1.82 -16.89
CA MET A 1 -3.35 -1.54 -17.66
C MET A 1 -2.56 -0.36 -17.05
N LEU A 2 -3.08 0.22 -15.95
CA LEU A 2 -2.45 1.36 -15.26
C LEU A 2 -1.08 0.91 -14.69
N THR A 3 -0.01 1.68 -14.95
CA THR A 3 1.35 1.32 -14.52
C THR A 3 1.64 1.88 -13.12
N LEU A 4 2.48 1.16 -12.35
CA LEU A 4 2.67 1.34 -10.89
C LEU A 4 3.29 2.72 -10.53
N ASP A 5 3.94 3.37 -11.51
CA ASP A 5 4.61 4.70 -11.32
C ASP A 5 3.65 5.79 -10.78
N THR A 6 2.34 5.57 -10.96
CA THR A 6 1.29 6.48 -10.52
C THR A 6 1.24 6.66 -8.98
N LEU A 7 1.69 5.62 -8.22
CA LEU A 7 1.65 5.61 -6.72
C LEU A 7 2.33 6.87 -6.11
N ASN A 8 3.61 7.06 -6.44
CA ASN A 8 4.40 8.22 -5.94
C ASN A 8 3.86 9.56 -6.47
N VAL A 9 3.24 9.55 -7.66
CA VAL A 9 2.74 10.76 -8.31
C VAL A 9 1.47 11.28 -7.60
N MET A 10 0.49 10.38 -7.42
CA MET A 10 -0.83 10.71 -6.85
C MET A 10 -0.73 11.11 -5.37
N LEU A 11 0.12 10.39 -4.61
CA LEU A 11 0.24 10.55 -3.16
C LEU A 11 1.34 11.56 -2.78
N ALA A 12 2.24 11.86 -3.76
CA ALA A 12 3.42 12.74 -3.60
C ALA A 12 4.48 12.11 -2.65
N VAL A 13 4.36 10.79 -2.40
CA VAL A 13 5.25 10.03 -1.51
C VAL A 13 6.29 9.25 -2.34
N SER A 14 7.06 8.39 -1.67
CA SER A 14 7.89 7.36 -2.31
C SER A 14 7.27 5.98 -2.02
N GLU A 15 7.51 5.01 -2.92
CA GLU A 15 7.05 3.61 -2.76
C GLU A 15 7.57 3.03 -1.44
N GLU A 16 8.79 3.48 -1.04
CA GLU A 16 9.54 2.97 0.13
C GLU A 16 8.77 3.08 1.46
N GLY A 17 7.81 4.03 1.54
CA GLY A 17 6.92 4.15 2.70
C GLY A 17 6.02 2.93 2.86
N LEU A 18 5.53 2.41 1.72
CA LEU A 18 4.69 1.20 1.64
C LEU A 18 5.56 -0.07 1.57
N ILE A 19 6.80 0.07 1.03
CA ILE A 19 7.78 -1.03 0.94
C ILE A 19 8.25 -1.47 2.34
N GLU A 20 8.14 -0.55 3.32
CA GLU A 20 8.37 -0.87 4.75
C GLU A 20 7.57 -2.14 5.16
N GLU A 21 6.25 -2.11 4.85
CA GLU A 21 5.34 -3.25 5.13
C GLU A 21 5.68 -4.46 4.22
N MET A 22 6.23 -4.17 3.03
CA MET A 22 6.65 -5.21 2.05
C MET A 22 7.83 -6.04 2.60
N ILE A 23 8.73 -5.35 3.37
CA ILE A 23 9.86 -6.00 4.06
C ILE A 23 9.29 -7.00 5.09
N ILE A 24 8.38 -6.47 5.93
CA ILE A 24 7.68 -7.24 6.99
C ILE A 24 6.89 -8.43 6.38
N ALA A 25 6.37 -8.24 5.16
CA ALA A 25 5.59 -9.26 4.43
C ALA A 25 6.47 -10.47 4.05
N LEU A 26 7.73 -10.18 3.70
CA LEU A 26 8.72 -11.23 3.39
C LEU A 26 9.24 -11.88 4.66
N LEU A 27 9.33 -11.11 5.75
CA LEU A 27 9.69 -11.64 7.08
C LEU A 27 8.55 -12.53 7.63
N ALA A 28 7.32 -12.24 7.16
CA ALA A 28 6.09 -13.00 7.50
C ALA A 28 5.76 -14.04 6.42
N SER A 29 6.60 -14.14 5.35
CA SER A 29 6.47 -15.17 4.32
C SER A 29 6.83 -16.53 4.95
N PRO A 30 5.93 -17.57 4.89
CA PRO A 30 6.14 -18.91 5.55
C PRO A 30 7.52 -19.55 5.32
N GLN A 31 8.13 -19.24 4.16
CA GLN A 31 9.50 -19.67 3.80
C GLN A 31 10.54 -19.07 4.78
N LEU A 32 10.44 -17.75 5.02
CA LEU A 32 11.32 -17.01 5.96
C LEU A 32 10.85 -17.17 7.41
N ALA A 33 9.56 -17.49 7.61
CA ALA A 33 8.96 -17.65 8.94
C ALA A 33 9.61 -18.85 9.64
N VAL A 34 9.64 -19.99 8.93
CA VAL A 34 10.30 -21.20 9.41
C VAL A 34 11.83 -21.01 9.42
N PHE A 35 12.37 -20.19 8.50
CA PHE A 35 13.81 -19.87 8.45
C PHE A 35 14.26 -19.19 9.75
N PHE A 36 13.38 -18.36 10.35
CA PHE A 36 13.69 -17.64 11.61
C PHE A 36 13.49 -18.55 12.83
N GLU A 37 12.63 -19.57 12.69
CA GLU A 37 12.38 -20.58 13.76
C GLU A 37 13.54 -21.58 13.85
N LYS A 38 14.05 -21.97 12.68
CA LYS A 38 15.07 -23.03 12.54
C LYS A 38 16.48 -22.42 12.53
N PHE A 39 16.60 -21.17 12.02
CA PHE A 39 17.88 -20.43 11.91
C PHE A 39 17.68 -18.95 12.35
N PRO A 40 17.43 -18.66 13.67
CA PRO A 40 17.26 -17.26 14.19
C PRO A 40 18.57 -16.47 14.18
N ARG A 41 19.69 -17.17 13.97
CA ARG A 41 21.03 -16.60 13.90
C ARG A 41 21.34 -16.10 12.47
N LEU A 42 20.97 -16.95 11.49
CA LEU A 42 21.16 -16.65 10.05
C LEU A 42 20.12 -15.62 9.56
N LYS A 43 19.05 -15.46 10.36
CA LYS A 43 18.05 -14.36 10.22
C LYS A 43 18.72 -12.99 10.01
N ALA A 44 19.88 -12.81 10.70
CA ALA A 44 20.64 -11.55 10.75
C ALA A 44 20.82 -10.89 9.37
N ALA A 45 21.46 -11.64 8.44
CA ALA A 45 21.80 -11.12 7.09
C ALA A 45 20.53 -10.70 6.32
N ILE A 46 19.52 -11.58 6.36
CA ILE A 46 18.23 -11.39 5.66
C ILE A 46 17.47 -10.13 6.16
N THR A 47 17.49 -9.89 7.48
CA THR A 47 16.81 -8.74 8.11
C THR A 47 17.64 -7.44 7.99
N ASP A 48 18.97 -7.57 7.80
CA ASP A 48 19.86 -6.44 7.46
C ASP A 48 19.83 -6.14 5.94
N ASP A 49 19.22 -7.05 5.17
CA ASP A 49 19.14 -6.99 3.69
C ASP A 49 17.86 -6.25 3.20
N VAL A 50 17.36 -5.32 4.05
CA VAL A 50 16.24 -4.42 3.72
C VAL A 50 16.43 -3.63 2.37
N PRO A 51 17.62 -2.94 2.13
CA PRO A 51 17.85 -2.13 0.89
C PRO A 51 17.69 -2.93 -0.44
N ARG A 52 17.85 -4.25 -0.40
CA ARG A 52 17.73 -5.11 -1.61
C ARG A 52 16.30 -5.11 -2.15
N TRP A 53 15.32 -5.31 -1.24
CA TRP A 53 13.89 -5.35 -1.60
C TRP A 53 13.45 -4.03 -2.25
N ARG A 54 13.77 -2.88 -1.61
CA ARG A 54 13.31 -1.56 -2.09
C ARG A 54 13.84 -1.25 -3.50
N GLU A 55 15.11 -1.64 -3.81
CA GLU A 55 15.74 -1.43 -5.14
C GLU A 55 14.96 -2.20 -6.23
N ALA A 56 14.68 -3.48 -5.93
CA ALA A 56 13.92 -4.38 -6.81
C ALA A 56 12.50 -3.83 -7.09
N LEU A 57 11.91 -3.20 -6.06
CA LEU A 57 10.53 -2.70 -6.08
C LEU A 57 10.40 -1.31 -6.74
N ARG A 58 11.47 -0.48 -6.67
CA ARG A 58 11.50 0.82 -7.38
C ARG A 58 11.66 0.57 -8.89
N SER A 59 12.36 -0.53 -9.24
CA SER A 59 12.50 -1.01 -10.63
C SER A 59 11.20 -1.73 -11.07
N ARG A 60 10.55 -2.42 -10.10
CA ARG A 60 9.27 -3.13 -10.32
C ARG A 60 8.15 -2.13 -10.65
N LEU A 61 8.28 -0.90 -10.13
CA LEU A 61 7.38 0.22 -10.43
C LEU A 61 7.19 0.43 -11.94
N LYS A 62 8.29 0.26 -12.70
CA LYS A 62 8.30 0.36 -14.16
C LYS A 62 7.74 -0.93 -14.79
N ASP A 63 8.16 -2.07 -14.21
CA ASP A 63 7.87 -3.43 -14.74
C ASP A 63 6.42 -3.89 -14.47
N ALA A 64 5.79 -3.33 -13.44
CA ALA A 64 4.49 -3.82 -12.91
C ALA A 64 3.38 -2.78 -13.10
N ARG A 65 2.16 -3.20 -12.71
CA ARG A 65 0.94 -2.41 -12.84
C ARG A 65 0.42 -2.00 -11.46
N VAL A 66 -0.66 -1.23 -11.48
CA VAL A 66 -1.40 -0.79 -10.29
C VAL A 66 -2.41 -1.89 -9.89
N PRO A 67 -2.47 -2.28 -8.56
CA PRO A 67 -3.49 -3.23 -8.02
C PRO A 67 -4.94 -2.92 -8.53
N PRO A 68 -5.73 -3.96 -8.96
CA PRO A 68 -7.04 -3.76 -9.67
C PRO A 68 -8.07 -2.91 -8.88
N GLU A 69 -8.10 -3.06 -7.55
CA GLU A 69 -8.98 -2.26 -6.66
C GLU A 69 -8.49 -0.78 -6.59
N LEU A 70 -7.16 -0.61 -6.55
CA LEU A 70 -6.51 0.71 -6.55
C LEU A 70 -6.62 1.38 -7.95
N THR A 71 -6.81 0.57 -9.00
CA THR A 71 -7.01 1.10 -10.36
C THR A 71 -8.39 1.80 -10.46
N GLU A 72 -9.38 1.26 -9.73
CA GLU A 72 -10.72 1.89 -9.61
C GLU A 72 -10.62 3.21 -8.81
N GLU A 73 -9.67 3.25 -7.85
CA GLU A 73 -9.41 4.44 -7.01
C GLU A 73 -8.70 5.56 -7.81
N VAL A 74 -7.72 5.22 -8.67
CA VAL A 74 -6.99 6.24 -9.46
C VAL A 74 -7.92 6.88 -10.50
N MET A 75 -8.89 6.09 -11.00
CA MET A 75 -9.93 6.61 -11.90
C MET A 75 -10.81 7.64 -11.17
N CYS A 76 -11.41 7.24 -10.03
CA CYS A 76 -12.32 8.11 -9.26
C CYS A 76 -11.59 9.33 -8.65
N TYR A 77 -10.26 9.17 -8.43
CA TYR A 77 -9.36 10.22 -7.93
C TYR A 77 -9.20 11.35 -8.95
N GLN A 78 -8.88 10.97 -10.22
CA GLN A 78 -8.67 11.96 -11.29
C GLN A 78 -10.01 12.61 -11.69
N GLN A 79 -11.10 11.80 -11.74
CA GLN A 79 -12.44 12.28 -12.12
C GLN A 79 -12.97 13.33 -11.13
N SER A 80 -12.64 13.16 -9.83
CA SER A 80 -13.04 14.08 -8.74
C SER A 80 -12.51 15.51 -8.99
N GLN A 81 -11.40 15.61 -9.75
CA GLN A 81 -10.79 16.90 -10.15
C GLN A 81 -11.61 17.55 -11.27
N LEU A 82 -12.05 16.73 -12.25
CA LEU A 82 -12.84 17.21 -13.42
C LEU A 82 -14.31 17.45 -13.04
N LEU A 83 -14.71 17.04 -11.83
CA LEU A 83 -16.06 17.35 -11.30
C LEU A 83 -16.13 18.83 -10.93
N SER A 84 -16.78 19.62 -11.81
CA SER A 84 -17.12 21.03 -11.56
C SER A 84 -18.18 21.11 -10.44
N THR A 85 -18.53 22.33 -9.98
CA THR A 85 -19.41 22.55 -8.79
C THR A 85 -20.74 21.73 -8.84
N PRO A 86 -21.60 21.83 -9.95
CA PRO A 86 -22.85 21.02 -10.03
C PRO A 86 -22.58 19.53 -10.35
N GLN A 87 -21.48 19.26 -11.09
CA GLN A 87 -21.04 17.89 -11.45
C GLN A 87 -20.61 17.10 -10.21
N PHE A 88 -20.09 17.83 -9.22
CA PHE A 88 -19.61 17.25 -7.97
C PHE A 88 -20.79 16.85 -7.09
N ILE A 89 -21.85 17.69 -7.07
CA ILE A 89 -23.06 17.45 -6.25
C ILE A 89 -23.79 16.18 -6.72
N VAL A 90 -23.97 16.05 -8.04
CA VAL A 90 -24.70 14.91 -8.63
C VAL A 90 -23.90 13.59 -8.49
N GLN A 91 -22.56 13.67 -8.49
CA GLN A 91 -21.67 12.49 -8.35
C GLN A 91 -21.22 12.31 -6.87
N LEU A 92 -21.64 13.24 -5.98
CA LEU A 92 -21.19 13.28 -4.57
C LEU A 92 -21.48 11.97 -3.81
N PRO A 93 -22.77 11.49 -3.68
CA PRO A 93 -23.06 10.28 -2.88
C PRO A 93 -22.49 9.00 -3.53
N GLN A 94 -22.26 9.04 -4.87
CA GLN A 94 -21.68 7.91 -5.63
C GLN A 94 -20.21 7.68 -5.26
N ILE A 95 -19.40 8.76 -5.17
CA ILE A 95 -17.98 8.64 -4.75
C ILE A 95 -17.92 8.29 -3.24
N LEU A 96 -18.86 8.85 -2.43
CA LEU A 96 -19.00 8.51 -0.99
C LEU A 96 -19.38 7.04 -0.78
N ASP A 97 -20.06 6.44 -1.79
CA ASP A 97 -20.44 5.02 -1.75
C ASP A 97 -19.19 4.13 -1.82
N LEU A 98 -18.16 4.59 -2.60
CA LEU A 98 -16.83 3.93 -2.68
C LEU A 98 -16.03 4.11 -1.38
N LEU A 99 -16.15 5.31 -0.76
CA LEU A 99 -15.49 5.62 0.53
C LEU A 99 -15.96 4.63 1.62
N HIS A 100 -17.29 4.43 1.69
CA HIS A 100 -17.92 3.54 2.68
C HIS A 100 -17.72 2.05 2.29
N ARG A 101 -17.59 1.81 0.96
CA ARG A 101 -17.39 0.46 0.36
C ARG A 101 -16.08 -0.16 0.85
N LEU A 102 -15.02 0.65 0.83
CA LEU A 102 -13.67 0.23 1.24
C LEU A 102 -13.44 0.50 2.74
N ASN A 103 -14.40 1.24 3.36
CA ASN A 103 -14.39 1.59 4.80
C ASN A 103 -13.13 2.42 5.14
N SER A 104 -12.88 3.42 4.28
CA SER A 104 -11.75 4.35 4.40
C SER A 104 -11.77 5.05 5.79
N PRO A 105 -10.59 5.36 6.40
CA PRO A 105 -10.52 6.05 7.73
C PRO A 105 -11.12 7.47 7.68
N TRP A 106 -11.01 8.10 6.49
CA TRP A 106 -11.56 9.43 6.22
C TRP A 106 -13.04 9.35 5.78
N ALA A 107 -13.55 8.15 5.43
CA ALA A 107 -14.94 7.98 4.90
C ALA A 107 -16.02 8.52 5.85
N GLU A 108 -15.82 8.27 7.16
CA GLU A 108 -16.74 8.69 8.22
C GLU A 108 -16.67 10.24 8.41
N GLN A 109 -15.46 10.79 8.25
CA GLN A 109 -15.20 12.26 8.31
C GLN A 109 -15.78 12.95 7.05
N ALA A 110 -15.69 12.27 5.90
CA ALA A 110 -16.07 12.79 4.58
C ALA A 110 -17.59 12.92 4.48
N ARG A 111 -18.26 11.90 5.02
CA ARG A 111 -19.73 11.81 5.06
C ARG A 111 -20.30 12.96 5.91
N GLN A 112 -19.63 13.27 7.03
CA GLN A 112 -20.03 14.37 7.93
C GLN A 112 -19.59 15.74 7.37
N LEU A 113 -18.50 15.76 6.60
CA LEU A 113 -17.98 16.99 5.96
C LEU A 113 -19.04 17.54 4.98
N VAL A 114 -19.52 16.65 4.11
CA VAL A 114 -20.50 16.97 3.07
C VAL A 114 -21.92 17.11 3.64
N ASP A 115 -22.15 16.51 4.84
CA ASP A 115 -23.43 16.63 5.57
C ASP A 115 -23.50 17.98 6.31
N ALA A 116 -22.34 18.47 6.76
CA ALA A 116 -22.23 19.75 7.47
C ALA A 116 -22.48 20.91 6.48
N ASN A 117 -21.66 20.95 5.44
CA ASN A 117 -21.80 21.94 4.35
C ASN A 117 -22.35 21.23 3.10
N SER A 118 -23.68 21.09 3.04
CA SER A 118 -24.38 20.51 1.88
C SER A 118 -24.33 21.51 0.69
N THR A 119 -24.19 22.80 1.02
CA THR A 119 -23.93 23.89 0.05
C THR A 119 -22.42 23.91 -0.29
N ILE A 120 -21.97 22.87 -0.99
CA ILE A 120 -20.56 22.73 -1.42
C ILE A 120 -20.26 23.77 -2.52
N THR A 121 -19.51 24.82 -2.16
CA THR A 121 -19.20 25.93 -3.06
C THR A 121 -17.78 25.76 -3.61
N SER A 122 -16.76 25.95 -2.76
CA SER A 122 -15.35 25.82 -3.13
C SER A 122 -14.55 25.26 -1.95
N ALA A 123 -14.78 25.86 -0.76
CA ALA A 123 -14.05 25.54 0.50
C ALA A 123 -14.00 24.02 0.78
N LEU A 124 -15.19 23.38 0.72
CA LEU A 124 -15.32 21.94 0.96
C LEU A 124 -14.65 21.14 -0.18
N HIS A 125 -14.95 21.53 -1.43
CA HIS A 125 -14.48 20.82 -2.65
C HIS A 125 -12.94 20.76 -2.72
N THR A 126 -12.31 21.86 -2.27
CA THR A 126 -10.85 22.03 -2.28
C THR A 126 -10.20 21.07 -1.27
N LEU A 127 -10.75 21.01 -0.05
CA LEU A 127 -10.26 20.09 0.99
C LEU A 127 -10.50 18.64 0.58
N PHE A 128 -11.75 18.33 0.16
CA PHE A 128 -12.25 16.96 -0.13
C PHE A 128 -11.26 16.15 -0.98
N LEU A 129 -10.78 16.79 -2.06
CA LEU A 129 -9.85 16.17 -3.03
C LEU A 129 -8.49 15.84 -2.37
N GLN A 130 -7.94 16.80 -1.62
CA GLN A 130 -6.65 16.64 -0.92
C GLN A 130 -6.77 15.68 0.28
N ARG A 131 -7.98 15.60 0.86
CA ARG A 131 -8.27 14.73 2.01
C ARG A 131 -8.46 13.29 1.54
N TRP A 132 -8.96 13.12 0.30
CA TRP A 132 -9.01 11.81 -0.37
C TRP A 132 -7.60 11.37 -0.75
N ARG A 133 -6.75 12.34 -1.17
CA ARG A 133 -5.35 12.07 -1.54
C ARG A 133 -4.56 11.47 -0.36
N LEU A 134 -4.69 12.10 0.83
CA LEU A 134 -4.00 11.63 2.06
C LEU A 134 -4.65 10.34 2.61
N SER A 135 -5.99 10.22 2.44
CA SER A 135 -6.74 9.01 2.82
C SER A 135 -6.34 7.83 1.92
N LEU A 136 -5.95 8.15 0.68
CA LEU A 136 -5.53 7.18 -0.32
C LEU A 136 -4.13 6.64 0.06
N ILE A 137 -3.30 7.45 0.78
CA ILE A 137 -1.95 7.02 1.24
C ILE A 137 -2.08 5.89 2.28
N VAL A 138 -2.87 6.18 3.32
CA VAL A 138 -3.09 5.24 4.44
C VAL A 138 -3.92 4.01 4.01
N GLN A 139 -4.76 4.17 2.97
CA GLN A 139 -5.49 3.05 2.34
C GLN A 139 -4.56 2.30 1.36
N ALA A 140 -3.58 3.01 0.77
CA ALA A 140 -2.58 2.43 -0.17
C ALA A 140 -1.67 1.43 0.54
N THR A 141 -1.61 1.53 1.88
CA THR A 141 -1.08 0.46 2.75
C THR A 141 -1.77 -0.90 2.46
N THR A 142 -3.12 -0.91 2.50
CA THR A 142 -3.94 -2.12 2.28
C THR A 142 -3.88 -2.58 0.79
N LEU A 143 -3.77 -1.60 -0.11
CA LEU A 143 -3.70 -1.84 -1.58
C LEU A 143 -2.31 -2.38 -1.97
N ASN A 144 -1.29 -1.89 -1.24
CA ASN A 144 0.08 -2.39 -1.33
C ASN A 144 0.14 -3.78 -0.72
N GLN A 145 -0.71 -4.05 0.28
CA GLN A 145 -0.79 -5.35 0.97
C GLN A 145 -1.30 -6.46 0.00
N GLN A 146 -2.07 -6.03 -1.02
CA GLN A 146 -2.46 -6.89 -2.15
C GLN A 146 -1.24 -7.16 -3.06
N LEU A 147 -0.61 -6.04 -3.50
CA LEU A 147 0.52 -6.05 -4.45
C LEU A 147 1.70 -6.86 -3.90
N LEU A 148 1.99 -6.69 -2.59
CA LEU A 148 3.19 -7.24 -1.95
C LEU A 148 3.10 -8.74 -1.84
N GLU A 149 1.88 -9.29 -1.82
CA GLU A 149 1.64 -10.74 -1.67
C GLU A 149 1.85 -11.43 -3.02
N GLU A 150 1.38 -10.76 -4.09
CA GLU A 150 1.55 -11.24 -5.48
C GLU A 150 3.03 -11.14 -5.90
N GLU A 151 3.66 -10.03 -5.51
CA GLU A 151 5.07 -9.75 -5.77
C GLU A 151 5.97 -10.56 -4.83
N ARG A 152 5.44 -10.90 -3.63
CA ARG A 152 6.15 -11.71 -2.61
C ARG A 152 6.67 -12.99 -3.25
N GLU A 153 5.78 -13.64 -4.01
CA GLU A 153 6.05 -14.91 -4.71
C GLU A 153 7.27 -14.80 -5.67
N GLN A 154 7.28 -13.72 -6.46
CA GLN A 154 8.31 -13.48 -7.51
C GLN A 154 9.70 -13.22 -6.88
N LEU A 155 9.79 -12.21 -6.00
CA LEU A 155 11.05 -11.90 -5.32
C LEU A 155 11.36 -12.90 -4.17
N LEU A 156 10.40 -13.77 -3.80
CA LEU A 156 10.67 -14.91 -2.88
C LEU A 156 11.60 -15.90 -3.58
N SER A 157 11.37 -16.11 -4.90
CA SER A 157 12.28 -16.88 -5.77
C SER A 157 13.68 -16.24 -5.78
N GLU A 158 13.69 -14.88 -5.85
CA GLU A 158 14.95 -14.08 -5.69
C GLU A 158 15.59 -14.30 -4.29
N VAL A 159 14.74 -14.43 -3.25
CA VAL A 159 15.17 -14.61 -1.85
C VAL A 159 15.69 -16.05 -1.59
N GLN A 160 15.18 -17.02 -2.36
CA GLN A 160 15.65 -18.43 -2.32
C GLN A 160 17.09 -18.48 -2.84
N GLU A 161 17.34 -17.76 -3.95
CA GLU A 161 18.69 -17.52 -4.48
C GLU A 161 19.55 -16.77 -3.44
N ARG A 162 18.97 -15.69 -2.88
CA ARG A 162 19.62 -14.79 -1.91
C ARG A 162 20.13 -15.52 -0.67
N MET A 163 19.44 -16.61 -0.30
CA MET A 163 19.74 -17.38 0.93
C MET A 163 21.19 -17.98 0.90
N THR A 164 21.90 -17.83 -0.24
CA THR A 164 23.32 -18.16 -0.38
C THR A 164 24.25 -17.24 0.47
N LEU A 165 23.77 -16.01 0.86
CA LEU A 165 24.54 -15.09 1.75
C LEU A 165 24.28 -15.37 3.25
N SER A 166 23.42 -16.37 3.52
CA SER A 166 23.00 -16.72 4.90
C SER A 166 24.20 -17.18 5.76
N GLY A 167 25.21 -17.76 5.09
CA GLY A 167 26.42 -18.28 5.75
C GLY A 167 27.37 -17.20 6.29
N GLN A 168 26.98 -15.91 6.12
CA GLN A 168 27.70 -14.77 6.73
C GLN A 168 27.69 -14.92 8.27
N LEU A 169 26.46 -14.92 8.84
CA LEU A 169 26.20 -15.06 10.28
C LEU A 169 26.77 -13.85 11.06
N GLU A 170 25.87 -12.97 11.53
CA GLU A 170 26.21 -11.89 12.47
C GLU A 170 25.75 -12.27 13.88
N PRO A 171 26.61 -12.04 14.95
CA PRO A 171 26.28 -12.40 16.34
C PRO A 171 25.20 -11.47 16.93
N ILE A 172 23.93 -11.89 16.79
CA ILE A 172 22.76 -11.15 17.30
C ILE A 172 21.83 -12.09 18.06
N LEU A 173 20.94 -11.50 18.88
CA LEU A 173 19.88 -12.23 19.58
C LEU A 173 18.53 -11.92 18.90
N ALA A 174 17.71 -12.95 18.69
CA ALA A 174 16.38 -12.83 18.07
C ALA A 174 15.31 -13.06 19.15
N ASP A 175 14.84 -11.97 19.76
CA ASP A 175 13.87 -12.02 20.87
C ASP A 175 12.84 -10.88 20.75
N ASN A 176 11.74 -11.19 20.06
CA ASN A 176 10.58 -10.30 19.88
C ASN A 176 9.50 -11.06 19.08
N ASN A 177 8.22 -10.76 19.34
CA ASN A 177 7.09 -11.42 18.66
C ASN A 177 5.89 -10.45 18.62
N THR A 178 5.40 -10.17 17.41
CA THR A 178 4.24 -9.27 17.19
C THR A 178 2.91 -10.08 17.27
N ALA A 179 1.80 -9.36 17.46
CA ALA A 179 0.44 -9.93 17.47
C ALA A 179 -0.40 -9.36 16.32
N ALA A 180 -1.26 -10.22 15.73
CA ALA A 180 -2.16 -9.83 14.62
C ALA A 180 -3.50 -10.58 14.77
N GLY A 181 -4.57 -9.83 15.10
CA GLY A 181 -5.90 -10.42 15.38
C GLY A 181 -7.02 -9.67 14.69
N ARG A 182 -6.99 -9.68 13.34
CA ARG A 182 -7.99 -9.01 12.49
C ARG A 182 -7.86 -9.50 11.04
N LEU A 183 -8.98 -9.49 10.30
CA LEU A 183 -9.04 -9.91 8.89
C LEU A 183 -10.22 -9.20 8.19
N TRP A 184 -9.95 -8.61 7.01
CA TRP A 184 -10.98 -7.96 6.17
C TRP A 184 -10.52 -7.95 4.70
N ASP A 185 -11.39 -8.45 3.82
CA ASP A 185 -11.17 -8.45 2.36
C ASP A 185 -12.05 -7.37 1.70
N MET A 186 -11.67 -6.96 0.48
CA MET A 186 -12.38 -5.94 -0.31
C MET A 186 -12.62 -6.45 -1.73
N SER A 187 -13.39 -5.70 -2.52
CA SER A 187 -13.70 -6.05 -3.92
C SER A 187 -12.69 -5.37 -4.88
N ALA A 188 -12.19 -6.15 -5.84
CA ALA A 188 -11.25 -5.67 -6.88
C ALA A 188 -11.82 -5.95 -8.27
N GLY A 189 -11.89 -4.91 -9.12
CA GLY A 189 -12.30 -5.05 -10.51
C GLY A 189 -11.13 -5.48 -11.39
N GLN A 190 -11.05 -4.92 -12.60
CA GLN A 190 -9.91 -5.13 -13.52
C GLN A 190 -10.04 -4.14 -14.68
N LEU A 191 -9.31 -3.04 -14.59
CA LEU A 191 -9.21 -2.02 -15.66
C LEU A 191 -7.75 -2.02 -16.15
N MET A 1 -3.91 0.30 -16.91
CA MET A 1 -3.45 1.69 -17.16
C MET A 1 -2.72 2.23 -15.92
N LEU A 2 -3.39 2.14 -14.76
CA LEU A 2 -2.84 2.62 -13.47
C LEU A 2 -1.62 1.79 -13.04
N THR A 3 -0.60 2.48 -12.57
CA THR A 3 0.68 1.90 -12.14
C THR A 3 1.02 2.43 -10.74
N LEU A 4 1.79 1.63 -9.98
CA LEU A 4 2.14 1.89 -8.56
C LEU A 4 2.99 3.20 -8.43
N ASP A 5 3.60 3.65 -9.55
CA ASP A 5 4.42 4.88 -9.62
C ASP A 5 3.68 6.12 -9.07
N THR A 6 2.36 6.18 -9.35
CA THR A 6 1.51 7.31 -8.96
C THR A 6 1.25 7.32 -7.45
N LEU A 7 1.09 6.13 -6.86
CA LEU A 7 0.78 5.96 -5.42
C LEU A 7 1.90 6.60 -4.56
N ASN A 8 3.15 6.36 -4.96
CA ASN A 8 4.34 6.87 -4.26
C ASN A 8 4.39 8.41 -4.32
N VAL A 9 4.22 8.97 -5.53
CA VAL A 9 4.41 10.41 -5.80
C VAL A 9 3.24 11.29 -5.27
N MET A 10 2.00 10.76 -5.29
CA MET A 10 0.79 11.54 -4.88
C MET A 10 0.63 11.54 -3.35
N LEU A 11 1.11 10.47 -2.68
CA LEU A 11 1.17 10.40 -1.21
C LEU A 11 2.43 11.13 -0.69
N ALA A 12 3.32 11.53 -1.64
CA ALA A 12 4.55 12.31 -1.38
C ALA A 12 5.55 11.55 -0.49
N VAL A 13 5.42 10.21 -0.49
CA VAL A 13 6.26 9.31 0.33
C VAL A 13 7.58 8.99 -0.40
N SER A 14 8.61 8.72 0.40
CA SER A 14 9.87 8.15 -0.09
C SER A 14 9.67 6.64 -0.32
N GLU A 15 10.29 6.13 -1.41
CA GLU A 15 10.24 4.69 -1.73
C GLU A 15 10.80 3.90 -0.54
N GLU A 16 11.93 4.40 -0.01
CA GLU A 16 12.75 3.74 1.02
C GLU A 16 11.97 3.34 2.29
N GLY A 17 10.95 4.14 2.63
CA GLY A 17 10.09 3.87 3.79
C GLY A 17 9.14 2.69 3.56
N LEU A 18 8.53 2.65 2.36
CA LEU A 18 7.61 1.57 1.94
C LEU A 18 8.40 0.27 1.68
N ILE A 19 9.62 0.45 1.15
CA ILE A 19 10.58 -0.61 0.88
C ILE A 19 11.02 -1.29 2.18
N GLU A 20 11.23 -0.49 3.25
CA GLU A 20 11.64 -1.00 4.56
C GLU A 20 10.60 -1.98 5.13
N GLU A 21 9.32 -1.56 5.10
CA GLU A 21 8.19 -2.39 5.54
C GLU A 21 8.11 -3.70 4.70
N MET A 22 8.49 -3.57 3.42
CA MET A 22 8.50 -4.68 2.45
C MET A 22 9.61 -5.71 2.81
N ILE A 23 10.75 -5.21 3.36
CA ILE A 23 11.86 -6.08 3.85
C ILE A 23 11.30 -7.03 4.93
N ILE A 24 10.60 -6.43 5.92
CA ILE A 24 10.00 -7.16 7.06
C ILE A 24 9.01 -8.25 6.56
N ALA A 25 8.24 -7.93 5.51
CA ALA A 25 7.26 -8.86 4.89
C ALA A 25 7.95 -10.15 4.40
N LEU A 26 9.14 -10.00 3.80
CA LEU A 26 9.94 -11.12 3.31
C LEU A 26 10.63 -11.87 4.44
N LEU A 27 11.01 -11.15 5.49
CA LEU A 27 11.57 -11.77 6.71
C LEU A 27 10.45 -12.51 7.49
N ALA A 28 9.18 -12.19 7.15
CA ALA A 28 7.97 -12.83 7.71
C ALA A 28 7.37 -13.87 6.74
N SER A 29 8.07 -14.16 5.61
CA SER A 29 7.58 -15.14 4.62
C SER A 29 7.59 -16.56 5.24
N PRO A 30 6.55 -17.42 5.00
CA PRO A 30 6.44 -18.79 5.62
C PRO A 30 7.73 -19.64 5.55
N GLN A 31 8.52 -19.43 4.48
CA GLN A 31 9.79 -20.13 4.26
C GLN A 31 10.96 -19.50 5.05
N LEU A 32 11.09 -18.14 5.04
CA LEU A 32 12.23 -17.43 5.71
C LEU A 32 12.04 -17.40 7.24
N ALA A 33 10.80 -17.16 7.70
CA ALA A 33 10.42 -17.09 9.13
C ALA A 33 10.92 -18.32 9.90
N VAL A 34 10.61 -19.50 9.35
CA VAL A 34 11.06 -20.78 9.92
C VAL A 34 12.56 -21.01 9.66
N PHE A 35 13.06 -20.57 8.47
CA PHE A 35 14.46 -20.78 8.03
C PHE A 35 15.46 -20.13 9.00
N PHE A 36 15.06 -19.00 9.59
CA PHE A 36 15.90 -18.26 10.55
C PHE A 36 16.09 -19.06 11.85
N GLU A 37 15.11 -19.91 12.16
CA GLU A 37 15.12 -20.78 13.36
C GLU A 37 15.83 -22.11 13.05
N LYS A 38 15.63 -22.61 11.81
CA LYS A 38 16.17 -23.89 11.32
C LYS A 38 17.67 -23.78 11.02
N PHE A 39 18.05 -22.61 10.49
CA PHE A 39 19.43 -22.27 10.10
C PHE A 39 19.76 -20.84 10.62
N PRO A 40 20.01 -20.69 11.96
CA PRO A 40 20.17 -19.37 12.63
C PRO A 40 21.34 -18.52 12.13
N ARG A 41 22.44 -19.15 11.73
CA ARG A 41 23.66 -18.42 11.28
C ARG A 41 23.58 -18.09 9.78
N LEU A 42 22.68 -18.78 9.08
CA LEU A 42 22.46 -18.60 7.62
C LEU A 42 21.49 -17.43 7.35
N LYS A 43 20.75 -17.00 8.39
CA LYS A 43 19.84 -15.83 8.32
C LYS A 43 20.62 -14.55 7.99
N ALA A 44 21.91 -14.52 8.42
CA ALA A 44 22.79 -13.34 8.37
C ALA A 44 22.97 -12.79 6.93
N ALA A 45 23.07 -13.69 5.93
CA ALA A 45 23.18 -13.29 4.51
C ALA A 45 21.90 -12.56 4.05
N ILE A 46 20.75 -13.18 4.37
CA ILE A 46 19.43 -12.68 3.97
C ILE A 46 19.10 -11.31 4.63
N THR A 47 19.55 -11.13 5.88
CA THR A 47 19.37 -9.86 6.62
C THR A 47 20.36 -8.79 6.12
N ASP A 48 21.47 -9.24 5.50
CA ASP A 48 22.44 -8.36 4.82
C ASP A 48 21.91 -7.98 3.41
N ASP A 49 20.92 -8.76 2.91
CA ASP A 49 20.32 -8.58 1.56
C ASP A 49 19.18 -7.53 1.54
N VAL A 50 19.15 -6.61 2.52
CA VAL A 50 18.22 -5.46 2.51
C VAL A 50 18.38 -4.58 1.21
N PRO A 51 19.65 -4.22 0.73
CA PRO A 51 19.88 -3.48 -0.55
C PRO A 51 19.25 -4.17 -1.80
N ARG A 52 19.04 -5.50 -1.73
CA ARG A 52 18.55 -6.29 -2.89
C ARG A 52 17.07 -5.99 -3.16
N TRP A 53 16.23 -6.12 -2.10
CA TRP A 53 14.79 -5.76 -2.17
C TRP A 53 14.63 -4.25 -2.40
N ARG A 54 15.61 -3.47 -1.92
CA ARG A 54 15.61 -2.00 -2.02
C ARG A 54 15.61 -1.58 -3.50
N GLU A 55 16.61 -2.05 -4.26
CA GLU A 55 16.77 -1.71 -5.69
C GLU A 55 15.73 -2.43 -6.56
N ALA A 56 15.40 -3.68 -6.18
CA ALA A 56 14.45 -4.54 -6.92
C ALA A 56 13.06 -3.90 -6.92
N LEU A 57 12.52 -3.66 -5.71
CA LEU A 57 11.17 -3.08 -5.53
C LEU A 57 11.09 -1.65 -6.08
N ARG A 58 12.22 -0.92 -6.06
CA ARG A 58 12.27 0.48 -6.50
C ARG A 58 11.98 0.59 -8.01
N SER A 59 12.60 -0.30 -8.81
CA SER A 59 12.37 -0.36 -10.26
C SER A 59 11.01 -1.05 -10.55
N ARG A 60 10.75 -2.12 -9.78
CA ARG A 60 9.49 -2.89 -9.84
C ARG A 60 8.28 -2.02 -9.45
N LEU A 61 8.52 -0.92 -8.72
CA LEU A 61 7.46 0.04 -8.31
C LEU A 61 6.87 0.72 -9.57
N LYS A 62 7.73 0.92 -10.58
CA LYS A 62 7.34 1.50 -11.88
C LYS A 62 6.75 0.40 -12.80
N ASP A 63 7.13 -0.87 -12.55
CA ASP A 63 6.60 -2.04 -13.32
C ASP A 63 5.30 -2.62 -12.71
N ALA A 64 5.04 -2.34 -11.42
CA ALA A 64 3.96 -2.99 -10.66
C ALA A 64 2.62 -2.29 -10.91
N ARG A 65 1.55 -3.07 -10.77
CA ARG A 65 0.17 -2.59 -10.91
C ARG A 65 -0.45 -2.38 -9.53
N VAL A 66 -1.56 -1.63 -9.53
CA VAL A 66 -2.25 -1.20 -8.31
C VAL A 66 -3.25 -2.29 -7.85
N PRO A 67 -3.36 -2.59 -6.51
CA PRO A 67 -4.38 -3.54 -5.96
C PRO A 67 -5.80 -3.24 -6.46
N PRO A 68 -6.67 -4.27 -6.76
CA PRO A 68 -7.99 -4.08 -7.45
C PRO A 68 -8.89 -3.01 -6.78
N GLU A 69 -8.86 -3.01 -5.44
CA GLU A 69 -9.61 -2.07 -4.58
C GLU A 69 -9.05 -0.65 -4.75
N LEU A 70 -7.73 -0.55 -4.56
CA LEU A 70 -6.98 0.72 -4.60
C LEU A 70 -6.95 1.31 -6.03
N THR A 71 -7.12 0.46 -7.07
CA THR A 71 -7.12 0.88 -8.50
C THR A 71 -8.28 1.85 -8.75
N GLU A 72 -9.45 1.50 -8.19
CA GLU A 72 -10.67 2.28 -8.32
C GLU A 72 -10.58 3.60 -7.53
N GLU A 73 -9.88 3.55 -6.38
CA GLU A 73 -9.75 4.71 -5.47
C GLU A 73 -8.64 5.71 -5.90
N VAL A 74 -7.58 5.21 -6.58
CA VAL A 74 -6.51 6.08 -7.11
C VAL A 74 -6.99 6.78 -8.39
N MET A 75 -7.81 6.07 -9.21
CA MET A 75 -8.45 6.68 -10.38
C MET A 75 -9.63 7.58 -9.94
N CYS A 76 -10.19 7.29 -8.72
CA CYS A 76 -11.21 8.16 -8.09
C CYS A 76 -10.58 9.51 -7.65
N TYR A 77 -9.29 9.45 -7.28
CA TYR A 77 -8.51 10.65 -6.92
C TYR A 77 -8.26 11.53 -8.16
N GLN A 78 -7.71 10.92 -9.22
CA GLN A 78 -7.31 11.64 -10.45
C GLN A 78 -8.54 12.16 -11.23
N GLN A 79 -9.71 11.48 -11.09
CA GLN A 79 -10.95 11.96 -11.73
C GLN A 79 -11.53 13.15 -10.95
N SER A 80 -11.29 13.18 -9.61
CA SER A 80 -11.86 14.22 -8.72
C SER A 80 -11.31 15.63 -9.04
N GLN A 81 -10.03 15.68 -9.48
CA GLN A 81 -9.38 16.95 -9.90
C GLN A 81 -9.77 17.32 -11.36
N LEU A 82 -10.21 16.32 -12.14
CA LEU A 82 -10.66 16.51 -13.54
C LEU A 82 -12.19 16.54 -13.63
N LEU A 83 -12.87 16.44 -12.47
CA LEU A 83 -14.33 16.38 -12.36
C LEU A 83 -14.88 17.81 -12.46
N SER A 84 -15.40 18.15 -13.66
CA SER A 84 -15.88 19.50 -14.01
C SER A 84 -17.08 19.91 -13.12
N THR A 85 -17.42 21.21 -13.14
CA THR A 85 -18.48 21.79 -12.27
C THR A 85 -19.89 21.11 -12.44
N PRO A 86 -20.41 20.82 -13.70
CA PRO A 86 -21.70 20.07 -13.85
C PRO A 86 -21.55 18.57 -13.51
N GLN A 87 -20.33 18.05 -13.69
CA GLN A 87 -20.00 16.64 -13.47
C GLN A 87 -19.87 16.34 -11.97
N PHE A 88 -19.39 17.32 -11.18
CA PHE A 88 -19.11 17.14 -9.75
C PHE A 88 -20.40 16.90 -8.96
N ILE A 89 -21.48 17.58 -9.39
CA ILE A 89 -22.78 17.54 -8.70
C ILE A 89 -23.52 16.21 -8.97
N VAL A 90 -23.54 15.77 -10.24
CA VAL A 90 -24.21 14.50 -10.62
C VAL A 90 -23.43 13.28 -10.10
N GLN A 91 -22.09 13.38 -10.12
CA GLN A 91 -21.17 12.32 -9.67
C GLN A 91 -20.93 12.44 -8.15
N LEU A 92 -21.54 13.48 -7.49
CA LEU A 92 -21.39 13.69 -6.03
C LEU A 92 -21.94 12.47 -5.23
N PRO A 93 -23.26 12.10 -5.30
CA PRO A 93 -23.79 11.00 -4.46
C PRO A 93 -23.33 9.61 -4.95
N GLN A 94 -22.68 9.61 -6.14
CA GLN A 94 -22.07 8.43 -6.75
C GLN A 94 -20.71 8.14 -6.08
N ILE A 95 -19.85 9.18 -5.97
CA ILE A 95 -18.51 9.05 -5.35
C ILE A 95 -18.67 8.79 -3.84
N LEU A 96 -19.72 9.41 -3.23
CA LEU A 96 -20.09 9.18 -1.81
C LEU A 96 -20.42 7.70 -1.56
N ASP A 97 -21.16 7.09 -2.52
CA ASP A 97 -21.54 5.67 -2.46
C ASP A 97 -20.30 4.77 -2.58
N LEU A 98 -19.32 5.18 -3.41
CA LEU A 98 -18.03 4.46 -3.60
C LEU A 98 -17.22 4.48 -2.28
N LEU A 99 -17.24 5.63 -1.60
CA LEU A 99 -16.54 5.82 -0.30
C LEU A 99 -17.12 4.86 0.76
N HIS A 100 -18.45 4.76 0.77
CA HIS A 100 -19.18 3.92 1.74
C HIS A 100 -19.11 2.43 1.33
N ARG A 101 -18.92 2.19 0.01
CA ARG A 101 -18.89 0.85 -0.61
C ARG A 101 -17.74 0.00 -0.01
N LEU A 102 -16.53 0.56 -0.05
CA LEU A 102 -15.32 -0.11 0.51
C LEU A 102 -15.10 0.31 1.99
N ASN A 103 -15.95 1.23 2.49
CA ASN A 103 -15.99 1.64 3.92
C ASN A 103 -14.74 2.46 4.31
N SER A 104 -14.39 3.45 3.46
CA SER A 104 -13.34 4.46 3.75
C SER A 104 -13.64 5.18 5.09
N PRO A 105 -12.59 5.60 5.88
CA PRO A 105 -12.77 6.11 7.28
C PRO A 105 -13.58 7.43 7.36
N TRP A 106 -13.58 8.20 6.26
CA TRP A 106 -14.25 9.51 6.19
C TRP A 106 -15.61 9.42 5.47
N ALA A 107 -16.08 8.19 5.12
CA ALA A 107 -17.33 7.97 4.34
C ALA A 107 -18.55 8.68 4.97
N GLU A 108 -18.61 8.69 6.32
CA GLU A 108 -19.64 9.38 7.11
C GLU A 108 -19.47 10.91 7.02
N GLN A 109 -18.20 11.38 7.11
CA GLN A 109 -17.85 12.83 7.12
C GLN A 109 -18.21 13.48 5.78
N ALA A 110 -17.96 12.73 4.69
CA ALA A 110 -18.27 13.16 3.31
C ALA A 110 -19.78 13.33 3.12
N ARG A 111 -20.51 12.33 3.63
CA ARG A 111 -21.97 12.26 3.57
C ARG A 111 -22.61 13.33 4.48
N GLN A 112 -21.91 13.66 5.57
CA GLN A 112 -22.34 14.70 6.53
C GLN A 112 -22.07 16.11 5.97
N LEU A 113 -20.96 16.23 5.21
CA LEU A 113 -20.52 17.50 4.60
C LEU A 113 -21.55 18.01 3.59
N VAL A 114 -22.06 17.07 2.78
CA VAL A 114 -23.04 17.37 1.72
C VAL A 114 -24.48 17.47 2.28
N ASP A 115 -24.71 16.83 3.46
CA ASP A 115 -26.03 16.83 4.12
C ASP A 115 -26.25 18.17 4.84
N ALA A 116 -25.18 18.68 5.44
CA ALA A 116 -25.19 19.98 6.13
C ALA A 116 -25.09 21.13 5.13
N ASN A 117 -24.20 20.97 4.12
CA ASN A 117 -24.01 21.95 3.02
C ASN A 117 -24.16 21.24 1.67
N SER A 118 -25.39 21.22 1.13
CA SER A 118 -25.67 20.76 -0.25
C SER A 118 -25.30 21.85 -1.26
N THR A 119 -25.18 23.09 -0.77
CA THR A 119 -24.89 24.29 -1.54
C THR A 119 -23.38 24.41 -1.88
N ILE A 120 -22.90 23.48 -2.73
CA ILE A 120 -21.51 23.42 -3.17
C ILE A 120 -21.24 24.57 -4.15
N THR A 121 -20.42 25.54 -3.72
CA THR A 121 -20.07 26.71 -4.54
C THR A 121 -18.64 26.54 -5.08
N SER A 122 -17.65 26.49 -4.17
CA SER A 122 -16.22 26.49 -4.53
C SER A 122 -15.37 25.82 -3.43
N ALA A 123 -15.54 26.31 -2.19
CA ALA A 123 -14.70 25.89 -1.03
C ALA A 123 -14.88 24.41 -0.68
N LEU A 124 -16.11 23.89 -0.82
CA LEU A 124 -16.46 22.52 -0.43
C LEU A 124 -15.68 21.49 -1.28
N HIS A 125 -15.45 21.81 -2.58
CA HIS A 125 -14.68 20.96 -3.51
C HIS A 125 -13.24 20.78 -3.00
N THR A 126 -12.66 21.87 -2.48
CA THR A 126 -11.29 21.88 -1.93
C THR A 126 -11.18 21.00 -0.69
N LEU A 127 -12.10 21.19 0.28
CA LEU A 127 -12.15 20.39 1.53
C LEU A 127 -12.44 18.91 1.22
N PHE A 128 -13.26 18.66 0.19
CA PHE A 128 -13.64 17.29 -0.22
C PHE A 128 -12.39 16.53 -0.75
N LEU A 129 -11.59 17.24 -1.56
CA LEU A 129 -10.35 16.71 -2.15
C LEU A 129 -9.33 16.41 -1.03
N GLN A 130 -9.18 17.37 -0.10
CA GLN A 130 -8.19 17.29 1.00
C GLN A 130 -8.53 16.19 2.00
N ARG A 131 -9.83 16.05 2.30
CA ARG A 131 -10.36 14.99 3.18
C ARG A 131 -10.06 13.62 2.56
N TRP A 132 -10.29 13.49 1.25
CA TRP A 132 -10.00 12.26 0.50
C TRP A 132 -8.49 11.97 0.49
N ARG A 133 -7.68 13.03 0.33
CA ARG A 133 -6.22 12.92 0.16
C ARG A 133 -5.54 12.39 1.43
N LEU A 134 -5.96 12.90 2.61
CA LEU A 134 -5.40 12.46 3.91
C LEU A 134 -5.91 11.05 4.29
N SER A 135 -7.20 10.79 3.99
CA SER A 135 -7.85 9.49 4.27
C SER A 135 -7.26 8.39 3.39
N LEU A 136 -6.82 8.77 2.17
CA LEU A 136 -6.22 7.85 1.20
C LEU A 136 -4.92 7.27 1.77
N ILE A 137 -4.18 8.08 2.57
CA ILE A 137 -2.89 7.66 3.17
C ILE A 137 -3.10 6.59 4.25
N VAL A 138 -4.02 6.89 5.19
CA VAL A 138 -4.26 6.05 6.37
C VAL A 138 -4.88 4.69 5.97
N GLN A 139 -5.77 4.71 4.95
CA GLN A 139 -6.36 3.48 4.38
C GLN A 139 -5.40 2.81 3.40
N ALA A 140 -4.41 3.57 2.84
CA ALA A 140 -3.35 2.99 1.97
C ALA A 140 -2.46 2.02 2.76
N THR A 141 -2.43 2.17 4.08
CA THR A 141 -1.84 1.15 4.98
C THR A 141 -2.55 -0.23 4.79
N THR A 142 -3.87 -0.19 4.55
CA THR A 142 -4.72 -1.38 4.29
C THR A 142 -4.65 -1.82 2.80
N LEU A 143 -4.61 -0.85 1.90
CA LEU A 143 -4.67 -1.07 0.43
C LEU A 143 -3.30 -1.56 -0.11
N ASN A 144 -2.24 -0.88 0.32
CA ASN A 144 -0.84 -1.30 0.05
C ASN A 144 -0.44 -2.51 0.90
N GLN A 145 -1.29 -2.93 1.87
CA GLN A 145 -1.14 -4.24 2.56
C GLN A 145 -1.52 -5.37 1.59
N GLN A 146 -2.54 -5.13 0.74
CA GLN A 146 -2.93 -6.03 -0.37
C GLN A 146 -1.78 -6.11 -1.39
N LEU A 147 -1.22 -4.93 -1.75
CA LEU A 147 -0.03 -4.82 -2.61
C LEU A 147 1.12 -5.60 -1.98
N LEU A 148 1.32 -5.39 -0.67
CA LEU A 148 2.45 -5.95 0.09
C LEU A 148 2.43 -7.47 0.06
N GLU A 149 1.23 -8.06 0.14
CA GLU A 149 1.04 -9.52 0.22
C GLU A 149 1.23 -10.19 -1.16
N GLU A 150 0.68 -9.57 -2.22
CA GLU A 150 0.76 -10.11 -3.61
C GLU A 150 2.19 -9.99 -4.17
N GLU A 151 2.75 -8.78 -4.03
CA GLU A 151 4.09 -8.44 -4.53
C GLU A 151 5.18 -9.24 -3.80
N ARG A 152 4.92 -9.49 -2.50
CA ARG A 152 5.75 -10.34 -1.63
C ARG A 152 6.05 -11.67 -2.31
N GLU A 153 4.99 -12.30 -2.88
CA GLU A 153 5.07 -13.63 -3.50
C GLU A 153 5.90 -13.65 -4.80
N GLN A 154 5.90 -12.52 -5.53
CA GLN A 154 6.62 -12.38 -6.81
C GLN A 154 8.16 -12.37 -6.56
N LEU A 155 8.60 -11.42 -5.73
CA LEU A 155 10.01 -11.32 -5.33
C LEU A 155 10.38 -12.39 -4.27
N LEU A 156 9.36 -13.08 -3.70
CA LEU A 156 9.57 -14.30 -2.87
C LEU A 156 10.12 -15.42 -3.77
N SER A 157 9.65 -15.46 -5.04
CA SER A 157 10.21 -16.39 -6.06
C SER A 157 11.69 -16.04 -6.33
N GLU A 158 11.97 -14.72 -6.43
CA GLU A 158 13.36 -14.21 -6.54
C GLU A 158 14.24 -14.67 -5.35
N VAL A 159 13.71 -14.58 -4.11
CA VAL A 159 14.49 -14.96 -2.91
C VAL A 159 14.57 -16.48 -2.74
N GLN A 160 13.60 -17.24 -3.32
CA GLN A 160 13.62 -18.73 -3.33
C GLN A 160 14.88 -19.23 -4.04
N GLU A 161 15.26 -18.52 -5.12
CA GLU A 161 16.53 -18.74 -5.81
C GLU A 161 17.72 -18.31 -4.90
N ARG A 162 17.61 -17.12 -4.28
CA ARG A 162 18.71 -16.51 -3.49
C ARG A 162 19.00 -17.29 -2.18
N MET A 163 18.09 -18.20 -1.76
CA MET A 163 18.26 -19.00 -0.52
C MET A 163 19.58 -19.82 -0.53
N THR A 164 20.11 -20.09 -1.73
CA THR A 164 21.38 -20.84 -1.90
C THR A 164 22.61 -20.02 -1.43
N LEU A 165 22.45 -18.68 -1.36
CA LEU A 165 23.47 -17.74 -0.82
C LEU A 165 23.63 -17.88 0.71
N SER A 166 22.50 -18.16 1.39
CA SER A 166 22.36 -18.00 2.86
C SER A 166 23.46 -18.74 3.68
N GLY A 167 24.00 -19.85 3.11
CA GLY A 167 25.04 -20.67 3.75
C GLY A 167 26.24 -19.85 4.25
N GLN A 168 26.20 -19.49 5.54
CA GLN A 168 27.18 -18.56 6.14
C GLN A 168 27.28 -18.82 7.67
N LEU A 169 28.47 -18.54 8.23
CA LEU A 169 28.83 -18.82 9.63
C LEU A 169 28.76 -17.55 10.52
N GLU A 170 28.20 -16.46 9.98
CA GLU A 170 28.06 -15.18 10.72
C GLU A 170 27.01 -15.32 11.85
N PRO A 171 27.15 -14.59 13.00
CA PRO A 171 26.22 -14.70 14.15
C PRO A 171 24.77 -14.26 13.81
N ILE A 172 23.83 -14.59 14.71
CA ILE A 172 22.39 -14.36 14.52
C ILE A 172 22.03 -12.87 14.65
N LEU A 173 20.76 -12.56 14.43
CA LEU A 173 20.23 -11.19 14.51
C LEU A 173 18.75 -11.29 14.91
N ALA A 174 18.35 -10.47 15.90
CA ALA A 174 16.96 -10.39 16.39
C ALA A 174 16.03 -9.92 15.25
N ASP A 175 15.28 -10.88 14.68
CA ASP A 175 14.53 -10.69 13.43
C ASP A 175 13.54 -11.85 13.23
N ASN A 176 12.26 -11.55 13.49
CA ASN A 176 11.13 -12.47 13.31
C ASN A 176 9.84 -11.65 13.23
N ASN A 177 8.92 -12.07 12.38
CA ASN A 177 7.62 -11.42 12.22
C ASN A 177 6.59 -12.45 11.71
N THR A 178 5.33 -12.26 12.10
CA THR A 178 4.23 -13.15 11.73
C THR A 178 3.16 -12.34 10.96
N ALA A 179 2.63 -12.94 9.88
CA ALA A 179 1.56 -12.33 9.06
C ALA A 179 0.19 -12.45 9.75
N ALA A 180 -0.69 -11.48 9.48
CA ALA A 180 -2.08 -11.46 10.00
C ALA A 180 -3.08 -11.82 8.88
N GLY A 181 -4.18 -12.49 9.27
CA GLY A 181 -5.25 -12.88 8.34
C GLY A 181 -6.39 -11.86 8.30
N ARG A 182 -7.40 -12.14 7.45
CA ARG A 182 -8.58 -11.27 7.29
C ARG A 182 -9.77 -12.09 6.77
N LEU A 183 -10.89 -12.03 7.52
CA LEU A 183 -12.13 -12.74 7.17
C LEU A 183 -13.11 -11.78 6.46
N TRP A 184 -13.99 -12.36 5.65
CA TRP A 184 -15.06 -11.66 4.92
C TRP A 184 -16.26 -12.61 4.77
N ASP A 185 -17.48 -12.08 4.98
CA ASP A 185 -18.73 -12.87 4.88
C ASP A 185 -19.37 -12.69 3.50
N MET A 186 -20.17 -11.60 3.34
CA MET A 186 -21.03 -11.37 2.17
C MET A 186 -21.14 -9.86 1.86
N SER A 187 -21.75 -9.56 0.71
CA SER A 187 -22.07 -8.19 0.25
C SER A 187 -23.40 -8.23 -0.51
N ALA A 188 -24.49 -7.85 0.18
CA ALA A 188 -25.83 -7.76 -0.41
C ALA A 188 -25.96 -6.51 -1.29
N GLY A 189 -26.70 -6.62 -2.39
CA GLY A 189 -26.92 -5.50 -3.32
C GLY A 189 -28.03 -5.81 -4.30
N GLN A 190 -29.15 -5.08 -4.18
CA GLN A 190 -30.34 -5.25 -5.04
C GLN A 190 -30.43 -4.09 -6.04
N LEU A 191 -30.96 -2.94 -5.58
CA LEU A 191 -31.18 -1.73 -6.41
C LEU A 191 -31.34 -0.49 -5.50
N MET A 1 -4.69 -0.05 -17.55
CA MET A 1 -4.26 1.35 -17.75
C MET A 1 -3.17 1.74 -16.74
N LEU A 2 -3.56 1.83 -15.45
CA LEU A 2 -2.68 2.31 -14.37
C LEU A 2 -1.61 1.29 -13.96
N THR A 3 -0.34 1.76 -14.00
CA THR A 3 0.80 1.03 -13.44
C THR A 3 0.95 1.40 -11.97
N LEU A 4 1.54 0.52 -11.16
CA LEU A 4 1.69 0.69 -9.71
C LEU A 4 2.62 1.91 -9.39
N ASP A 5 3.42 2.30 -10.40
CA ASP A 5 4.25 3.52 -10.40
C ASP A 5 3.42 4.80 -10.09
N THR A 6 2.11 4.77 -10.42
CA THR A 6 1.14 5.84 -10.12
C THR A 6 1.15 6.19 -8.61
N LEU A 7 1.27 5.18 -7.74
CA LEU A 7 1.20 5.35 -6.27
C LEU A 7 2.26 6.33 -5.73
N ASN A 8 3.44 6.31 -6.34
CA ASN A 8 4.56 7.22 -5.98
C ASN A 8 4.20 8.68 -6.28
N VAL A 9 3.40 8.88 -7.35
CA VAL A 9 2.99 10.21 -7.83
C VAL A 9 1.75 10.73 -7.05
N MET A 10 0.66 9.94 -7.08
CA MET A 10 -0.68 10.30 -6.56
C MET A 10 -0.68 10.50 -5.02
N LEU A 11 0.12 9.70 -4.31
CA LEU A 11 0.26 9.80 -2.85
C LEU A 11 1.45 10.73 -2.49
N ALA A 12 2.33 10.97 -3.50
CA ALA A 12 3.55 11.81 -3.39
C ALA A 12 4.60 11.18 -2.42
N VAL A 13 4.44 9.87 -2.14
CA VAL A 13 5.30 9.13 -1.20
C VAL A 13 6.49 8.49 -1.93
N SER A 14 7.60 8.35 -1.19
CA SER A 14 8.80 7.64 -1.66
C SER A 14 8.58 6.12 -1.56
N GLU A 15 9.32 5.36 -2.38
CA GLU A 15 9.20 3.90 -2.47
C GLU A 15 9.49 3.25 -1.11
N GLU A 16 10.65 3.60 -0.53
CA GLU A 16 11.21 2.93 0.68
C GLU A 16 10.26 3.02 1.91
N GLY A 17 9.35 4.01 1.88
CA GLY A 17 8.32 4.16 2.91
C GLY A 17 7.40 2.95 3.04
N LEU A 18 6.88 2.49 1.89
CA LEU A 18 5.99 1.30 1.83
C LEU A 18 6.82 -0.01 1.80
N ILE A 19 8.11 0.10 1.39
CA ILE A 19 9.05 -1.04 1.31
C ILE A 19 9.47 -1.51 2.71
N GLU A 20 9.48 -0.58 3.69
CA GLU A 20 9.84 -0.90 5.10
C GLU A 20 8.99 -2.09 5.63
N GLU A 21 7.66 -1.93 5.51
CA GLU A 21 6.70 -2.97 5.91
C GLU A 21 6.86 -4.25 5.04
N MET A 22 7.26 -4.05 3.77
CA MET A 22 7.46 -5.14 2.79
C MET A 22 8.69 -6.01 3.17
N ILE A 23 9.71 -5.37 3.81
CA ILE A 23 10.89 -6.08 4.37
C ILE A 23 10.38 -7.07 5.42
N ILE A 24 9.56 -6.54 6.33
CA ILE A 24 8.98 -7.28 7.48
C ILE A 24 8.10 -8.46 6.98
N ALA A 25 7.43 -8.25 5.83
CA ALA A 25 6.62 -9.30 5.17
C ALA A 25 7.49 -10.51 4.79
N LEU A 26 8.67 -10.23 4.22
CA LEU A 26 9.63 -11.27 3.79
C LEU A 26 10.32 -11.94 4.98
N LEU A 27 10.60 -11.17 6.04
CA LEU A 27 11.20 -11.70 7.28
C LEU A 27 10.21 -12.66 7.98
N ALA A 28 8.91 -12.30 7.92
CA ALA A 28 7.80 -13.07 8.51
C ALA A 28 7.31 -14.19 7.56
N SER A 29 7.79 -14.18 6.29
CA SER A 29 7.50 -15.23 5.31
C SER A 29 8.09 -16.56 5.81
N PRO A 30 7.26 -17.67 5.90
CA PRO A 30 7.64 -18.97 6.55
C PRO A 30 9.06 -19.46 6.24
N GLN A 31 9.49 -19.20 4.99
CA GLN A 31 10.82 -19.60 4.49
C GLN A 31 11.96 -18.95 5.31
N LEU A 32 11.91 -17.61 5.44
CA LEU A 32 12.91 -16.83 6.19
C LEU A 32 12.64 -16.92 7.71
N ALA A 33 11.35 -17.01 8.09
CA ALA A 33 10.91 -17.10 9.50
C ALA A 33 11.59 -18.27 10.20
N VAL A 34 11.54 -19.45 9.55
CA VAL A 34 12.17 -20.66 10.07
C VAL A 34 13.70 -20.63 9.85
N PHE A 35 14.16 -20.01 8.75
CA PHE A 35 15.61 -19.93 8.40
C PHE A 35 16.41 -19.18 9.48
N PHE A 36 15.77 -18.17 10.09
CA PHE A 36 16.39 -17.31 11.12
C PHE A 36 16.60 -18.08 12.43
N GLU A 37 15.72 -19.07 12.67
CA GLU A 37 15.74 -19.93 13.86
C GLU A 37 16.71 -21.12 13.67
N LYS A 38 16.53 -21.83 12.54
CA LYS A 38 17.29 -23.05 12.20
C LYS A 38 18.74 -22.72 11.82
N PHE A 39 18.94 -21.54 11.19
CA PHE A 39 20.28 -21.04 10.77
C PHE A 39 20.52 -19.65 11.43
N PRO A 40 20.88 -19.62 12.76
CA PRO A 40 21.00 -18.35 13.52
C PRO A 40 22.14 -17.43 13.04
N ARG A 41 23.17 -17.99 12.39
CA ARG A 41 24.33 -17.20 11.89
C ARG A 41 24.16 -16.79 10.42
N LEU A 42 23.49 -17.66 9.63
CA LEU A 42 23.32 -17.43 8.18
C LEU A 42 22.21 -16.39 7.91
N LYS A 43 21.34 -16.18 8.91
CA LYS A 43 20.27 -15.16 8.85
C LYS A 43 20.86 -13.74 8.75
N ALA A 44 22.06 -13.56 9.34
CA ALA A 44 22.72 -12.25 9.49
C ALA A 44 22.96 -11.54 8.13
N ALA A 45 23.24 -12.34 7.08
CA ALA A 45 23.41 -11.81 5.72
C ALA A 45 22.07 -11.26 5.18
N ILE A 46 21.01 -12.05 5.38
CA ILE A 46 19.65 -11.75 4.89
C ILE A 46 19.05 -10.49 5.58
N THR A 47 19.35 -10.34 6.88
CA THR A 47 18.89 -9.19 7.67
C THR A 47 19.61 -7.89 7.22
N ASP A 48 20.84 -8.04 6.68
CA ASP A 48 21.61 -6.93 6.08
C ASP A 48 21.15 -6.64 4.64
N ASP A 49 20.40 -7.59 4.04
CA ASP A 49 19.88 -7.47 2.65
C ASP A 49 18.55 -6.68 2.56
N VAL A 50 18.31 -5.79 3.52
CA VAL A 50 17.17 -4.83 3.48
C VAL A 50 17.21 -3.91 2.20
N PRO A 51 18.39 -3.26 1.82
CA PRO A 51 18.47 -2.44 0.58
C PRO A 51 18.28 -3.25 -0.73
N ARG A 52 18.41 -4.59 -0.63
CA ARG A 52 18.21 -5.51 -1.78
C ARG A 52 16.74 -5.59 -2.15
N TRP A 53 15.88 -5.77 -1.11
CA TRP A 53 14.42 -5.75 -1.27
C TRP A 53 13.94 -4.35 -1.69
N ARG A 54 14.68 -3.28 -1.32
CA ARG A 54 14.34 -1.92 -1.77
C ARG A 54 14.30 -1.88 -3.31
N GLU A 55 15.43 -2.21 -3.95
CA GLU A 55 15.57 -2.12 -5.42
C GLU A 55 14.70 -3.17 -6.15
N ALA A 56 14.39 -4.28 -5.44
CA ALA A 56 13.42 -5.28 -5.92
C ALA A 56 12.03 -4.64 -6.06
N LEU A 57 11.59 -3.96 -4.99
CA LEU A 57 10.26 -3.30 -4.94
C LEU A 57 10.23 -2.02 -5.79
N ARG A 58 11.37 -1.32 -5.92
CA ARG A 58 11.45 -0.06 -6.70
C ARG A 58 11.17 -0.35 -8.19
N SER A 59 11.74 -1.48 -8.67
CA SER A 59 11.49 -1.99 -10.03
C SER A 59 10.07 -2.61 -10.15
N ARG A 60 9.65 -3.27 -9.05
CA ARG A 60 8.34 -3.97 -8.96
C ARG A 60 7.17 -3.00 -9.18
N LEU A 61 7.26 -1.78 -8.61
CA LEU A 61 6.20 -0.75 -8.73
C LEU A 61 6.02 -0.31 -10.19
N LYS A 62 7.13 -0.21 -10.93
CA LYS A 62 7.11 0.22 -12.35
C LYS A 62 6.48 -0.86 -13.24
N ASP A 63 6.92 -2.11 -13.04
CA ASP A 63 6.57 -3.24 -13.92
C ASP A 63 5.16 -3.80 -13.60
N ALA A 64 4.76 -3.72 -12.33
CA ALA A 64 3.43 -4.20 -11.87
C ALA A 64 2.36 -3.12 -12.09
N ARG A 65 1.09 -3.53 -11.94
CA ARG A 65 -0.09 -2.65 -12.11
C ARG A 65 -0.76 -2.38 -10.76
N VAL A 66 -1.57 -1.32 -10.72
CA VAL A 66 -2.35 -0.92 -9.53
C VAL A 66 -3.43 -1.99 -9.21
N PRO A 67 -3.62 -2.39 -7.90
CA PRO A 67 -4.74 -3.27 -7.48
C PRO A 67 -6.11 -2.73 -7.98
N PRO A 68 -7.01 -3.62 -8.54
CA PRO A 68 -8.26 -3.19 -9.26
C PRO A 68 -9.19 -2.29 -8.39
N GLU A 69 -9.13 -2.50 -7.07
CA GLU A 69 -9.90 -1.72 -6.07
C GLU A 69 -9.40 -0.27 -6.04
N LEU A 70 -8.07 -0.13 -5.95
CA LEU A 70 -7.37 1.17 -5.90
C LEU A 70 -7.48 1.88 -7.27
N THR A 71 -7.62 1.08 -8.35
CA THR A 71 -7.77 1.61 -9.74
C THR A 71 -9.02 2.51 -9.84
N GLU A 72 -10.10 2.13 -9.14
CA GLU A 72 -11.32 2.94 -9.06
C GLU A 72 -11.07 4.24 -8.28
N GLU A 73 -10.30 4.13 -7.17
CA GLU A 73 -9.99 5.27 -6.29
C GLU A 73 -9.11 6.32 -6.97
N VAL A 74 -8.12 5.88 -7.77
CA VAL A 74 -7.22 6.79 -8.51
C VAL A 74 -8.00 7.45 -9.68
N MET A 75 -8.94 6.70 -10.29
CA MET A 75 -9.82 7.22 -11.35
C MET A 75 -10.83 8.24 -10.78
N CYS A 76 -11.25 8.01 -9.53
CA CYS A 76 -12.17 8.90 -8.79
C CYS A 76 -11.42 10.15 -8.26
N TYR A 77 -10.12 9.96 -7.99
CA TYR A 77 -9.20 11.00 -7.50
C TYR A 77 -8.98 12.07 -8.58
N GLN A 78 -8.63 11.60 -9.78
CA GLN A 78 -8.39 12.46 -10.95
C GLN A 78 -9.72 12.96 -11.54
N GLN A 79 -10.84 12.22 -11.30
CA GLN A 79 -12.19 12.63 -11.75
C GLN A 79 -12.60 14.01 -11.20
N SER A 80 -11.99 14.40 -10.07
CA SER A 80 -12.22 15.70 -9.44
C SER A 80 -11.89 16.89 -10.36
N GLN A 81 -10.85 16.74 -11.23
CA GLN A 81 -10.45 17.80 -12.20
C GLN A 81 -11.27 17.71 -13.50
N LEU A 82 -11.94 16.55 -13.73
CA LEU A 82 -12.90 16.38 -14.84
C LEU A 82 -14.23 17.08 -14.48
N LEU A 83 -14.64 16.91 -13.21
CA LEU A 83 -15.88 17.49 -12.67
C LEU A 83 -15.71 19.01 -12.48
N SER A 84 -16.31 19.79 -13.39
CA SER A 84 -16.50 21.23 -13.19
C SER A 84 -17.47 21.44 -12.02
N THR A 85 -17.46 22.64 -11.40
CA THR A 85 -18.18 22.93 -10.15
C THR A 85 -19.71 22.55 -10.20
N PRO A 86 -20.52 22.93 -11.27
CA PRO A 86 -21.94 22.50 -11.37
C PRO A 86 -22.11 20.96 -11.43
N GLN A 87 -21.14 20.29 -12.10
CA GLN A 87 -21.10 18.82 -12.22
C GLN A 87 -20.68 18.19 -10.89
N PHE A 88 -19.90 18.93 -10.09
CA PHE A 88 -19.46 18.48 -8.76
C PHE A 88 -20.64 18.49 -7.78
N ILE A 89 -21.60 19.42 -7.98
CA ILE A 89 -22.79 19.56 -7.10
C ILE A 89 -23.74 18.35 -7.29
N VAL A 90 -24.06 18.04 -8.56
CA VAL A 90 -24.95 16.90 -8.89
C VAL A 90 -24.26 15.54 -8.62
N GLN A 91 -22.94 15.46 -8.89
CA GLN A 91 -22.12 14.25 -8.60
C GLN A 91 -21.59 14.25 -7.16
N LEU A 92 -21.98 15.26 -6.34
CA LEU A 92 -21.56 15.35 -4.92
C LEU A 92 -22.01 14.10 -4.12
N PRO A 93 -23.33 13.71 -4.06
CA PRO A 93 -23.75 12.55 -3.29
C PRO A 93 -23.57 11.23 -4.09
N GLN A 94 -23.16 11.36 -5.37
CA GLN A 94 -22.94 10.24 -6.29
C GLN A 94 -21.52 9.67 -6.14
N ILE A 95 -20.54 10.53 -5.76
CA ILE A 95 -19.15 10.07 -5.50
C ILE A 95 -19.10 9.32 -4.14
N LEU A 96 -20.02 9.69 -3.22
CA LEU A 96 -20.20 9.00 -1.92
C LEU A 96 -20.73 7.56 -2.11
N ASP A 97 -21.40 7.30 -3.24
CA ASP A 97 -21.81 5.93 -3.67
C ASP A 97 -20.56 5.03 -3.83
N LEU A 98 -19.50 5.59 -4.47
CA LEU A 98 -18.22 4.88 -4.69
C LEU A 98 -17.58 4.56 -3.33
N LEU A 99 -17.60 5.54 -2.41
CA LEU A 99 -17.04 5.40 -1.04
C LEU A 99 -17.79 4.32 -0.23
N HIS A 100 -19.09 4.17 -0.48
CA HIS A 100 -19.95 3.17 0.17
C HIS A 100 -19.62 1.75 -0.36
N ARG A 101 -19.39 1.67 -1.70
CA ARG A 101 -18.96 0.42 -2.38
C ARG A 101 -17.54 0.03 -1.92
N LEU A 102 -16.73 1.06 -1.64
CA LEU A 102 -15.34 0.90 -1.20
C LEU A 102 -15.31 0.39 0.26
N ASN A 103 -16.38 0.73 1.02
CA ASN A 103 -16.59 0.31 2.42
C ASN A 103 -15.51 0.92 3.35
N SER A 104 -14.96 2.08 2.92
CA SER A 104 -13.95 2.84 3.67
C SER A 104 -14.59 3.46 4.94
N PRO A 105 -13.90 3.43 6.12
CA PRO A 105 -14.40 4.08 7.37
C PRO A 105 -14.46 5.61 7.25
N TRP A 106 -13.74 6.18 6.26
CA TRP A 106 -13.75 7.62 5.95
C TRP A 106 -15.06 8.03 5.25
N ALA A 107 -15.80 7.05 4.69
CA ALA A 107 -17.06 7.30 3.95
C ALA A 107 -18.10 8.02 4.83
N GLU A 108 -18.04 7.81 6.16
CA GLU A 108 -18.97 8.45 7.11
C GLU A 108 -18.55 9.91 7.41
N GLN A 109 -17.22 10.18 7.39
CA GLN A 109 -16.68 11.54 7.62
C GLN A 109 -16.94 12.43 6.39
N ALA A 110 -16.70 11.84 5.21
CA ALA A 110 -16.96 12.48 3.91
C ALA A 110 -18.45 12.77 3.75
N ARG A 111 -19.29 11.80 4.18
CA ARG A 111 -20.75 11.92 4.10
C ARG A 111 -21.25 13.00 5.07
N GLN A 112 -20.63 13.06 6.26
CA GLN A 112 -20.94 14.07 7.30
C GLN A 112 -20.62 15.49 6.77
N LEU A 113 -19.48 15.60 6.08
CA LEU A 113 -19.00 16.86 5.48
C LEU A 113 -20.00 17.41 4.46
N VAL A 114 -20.40 16.54 3.52
CA VAL A 114 -21.21 16.93 2.35
C VAL A 114 -22.70 17.07 2.71
N ASP A 115 -23.13 16.39 3.78
CA ASP A 115 -24.54 16.41 4.26
C ASP A 115 -24.77 17.66 5.13
N ALA A 116 -23.89 17.86 6.12
CA ALA A 116 -23.95 19.01 7.04
C ALA A 116 -23.66 20.33 6.29
N ASN A 117 -22.70 20.26 5.37
CA ASN A 117 -22.27 21.42 4.56
C ASN A 117 -22.53 21.09 3.08
N SER A 118 -23.80 21.21 2.67
CA SER A 118 -24.22 21.10 1.26
C SER A 118 -24.06 22.45 0.53
N THR A 119 -23.74 23.49 1.31
CA THR A 119 -23.34 24.82 0.84
C THR A 119 -21.87 24.77 0.35
N ILE A 120 -21.67 24.06 -0.77
CA ILE A 120 -20.33 23.84 -1.35
C ILE A 120 -19.82 25.17 -1.92
N THR A 121 -18.83 25.78 -1.23
CA THR A 121 -18.38 27.15 -1.52
C THR A 121 -17.06 27.14 -2.32
N SER A 122 -15.94 26.85 -1.64
CA SER A 122 -14.59 26.87 -2.25
C SER A 122 -13.64 26.10 -1.32
N ALA A 123 -13.70 26.46 -0.03
CA ALA A 123 -12.96 25.80 1.06
C ALA A 123 -13.23 24.28 1.07
N LEU A 124 -14.50 23.90 0.84
CA LEU A 124 -14.94 22.50 0.86
C LEU A 124 -14.39 21.75 -0.37
N HIS A 125 -14.33 22.42 -1.54
CA HIS A 125 -13.77 21.84 -2.79
C HIS A 125 -12.32 21.37 -2.56
N THR A 126 -11.48 22.31 -2.12
CA THR A 126 -10.05 22.06 -1.85
C THR A 126 -9.87 21.00 -0.75
N LEU A 127 -10.67 21.12 0.33
CA LEU A 127 -10.62 20.23 1.50
C LEU A 127 -11.03 18.80 1.10
N PHE A 128 -12.00 18.68 0.17
CA PHE A 128 -12.55 17.39 -0.28
C PHE A 128 -11.44 16.54 -0.93
N LEU A 129 -10.67 17.21 -1.79
CA LEU A 129 -9.54 16.60 -2.54
C LEU A 129 -8.36 16.28 -1.61
N GLN A 130 -8.08 17.18 -0.65
CA GLN A 130 -7.01 17.00 0.38
C GLN A 130 -7.34 15.81 1.29
N ARG A 131 -8.61 15.73 1.69
CA ARG A 131 -9.13 14.73 2.64
C ARG A 131 -9.17 13.36 1.96
N TRP A 132 -9.49 13.37 0.65
CA TRP A 132 -9.57 12.16 -0.17
C TRP A 132 -8.18 11.56 -0.39
N ARG A 133 -7.18 12.38 -0.78
CA ARG A 133 -5.82 11.87 -1.11
C ARG A 133 -5.11 11.29 0.12
N LEU A 134 -5.31 11.91 1.31
CA LEU A 134 -4.69 11.42 2.56
C LEU A 134 -5.40 10.13 3.04
N SER A 135 -6.75 10.10 2.85
CA SER A 135 -7.57 8.91 3.13
C SER A 135 -7.22 7.78 2.16
N LEU A 136 -6.79 8.16 0.94
CA LEU A 136 -6.43 7.22 -0.12
C LEU A 136 -5.07 6.58 0.22
N ILE A 137 -4.21 7.28 1.01
CA ILE A 137 -2.91 6.72 1.46
C ILE A 137 -3.15 5.59 2.48
N VAL A 138 -3.96 5.91 3.51
CA VAL A 138 -4.24 4.98 4.63
C VAL A 138 -5.15 3.81 4.19
N GLN A 139 -5.95 4.03 3.13
CA GLN A 139 -6.74 2.96 2.50
C GLN A 139 -5.84 2.11 1.58
N ALA A 140 -4.95 2.80 0.83
CA ALA A 140 -3.95 2.15 -0.06
C ALA A 140 -2.99 1.26 0.73
N THR A 141 -2.90 1.49 2.05
CA THR A 141 -2.16 0.60 2.96
C THR A 141 -2.66 -0.86 2.86
N THR A 142 -4.01 -1.03 2.88
CA THR A 142 -4.68 -2.35 2.82
C THR A 142 -4.66 -2.94 1.38
N LEU A 143 -4.77 -2.05 0.38
CA LEU A 143 -4.81 -2.44 -1.05
C LEU A 143 -3.42 -2.84 -1.56
N ASN A 144 -2.42 -2.08 -1.11
CA ASN A 144 -1.01 -2.36 -1.36
C ASN A 144 -0.50 -3.45 -0.39
N GLN A 145 -1.32 -3.81 0.63
CA GLN A 145 -1.08 -5.01 1.46
C GLN A 145 -1.45 -6.27 0.64
N GLN A 146 -2.49 -6.15 -0.22
CA GLN A 146 -2.85 -7.21 -1.19
C GLN A 146 -1.65 -7.44 -2.12
N LEU A 147 -1.14 -6.33 -2.70
CA LEU A 147 0.15 -6.29 -3.44
C LEU A 147 1.27 -6.95 -2.61
N LEU A 148 1.42 -6.47 -1.37
CA LEU A 148 2.57 -6.74 -0.51
C LEU A 148 2.75 -8.24 -0.29
N GLU A 149 1.62 -8.93 -0.05
CA GLU A 149 1.59 -10.36 0.29
C GLU A 149 1.66 -11.28 -0.96
N GLU A 150 1.21 -10.82 -2.14
CA GLU A 150 1.31 -11.60 -3.39
C GLU A 150 2.73 -11.53 -3.96
N GLU A 151 3.18 -10.29 -4.25
CA GLU A 151 4.55 -10.01 -4.73
C GLU A 151 5.63 -10.49 -3.75
N ARG A 152 5.25 -10.58 -2.45
CA ARG A 152 6.06 -11.21 -1.37
C ARG A 152 6.62 -12.56 -1.80
N GLU A 153 5.71 -13.47 -2.21
CA GLU A 153 6.04 -14.85 -2.58
C GLU A 153 6.79 -14.95 -3.94
N GLN A 154 6.59 -13.96 -4.81
CA GLN A 154 7.27 -13.90 -6.14
C GLN A 154 8.77 -13.59 -5.95
N LEU A 155 9.06 -12.45 -5.30
CA LEU A 155 10.42 -12.05 -4.98
C LEU A 155 10.98 -12.84 -3.78
N LEU A 156 10.09 -13.59 -3.07
CA LEU A 156 10.53 -14.62 -2.11
C LEU A 156 11.37 -15.66 -2.84
N SER A 157 10.82 -16.19 -3.95
CA SER A 157 11.52 -17.18 -4.80
C SER A 157 12.86 -16.61 -5.31
N GLU A 158 12.85 -15.30 -5.66
CA GLU A 158 14.07 -14.57 -6.07
C GLU A 158 15.12 -14.61 -4.93
N VAL A 159 14.67 -14.21 -3.72
CA VAL A 159 15.56 -14.13 -2.55
C VAL A 159 15.80 -15.51 -1.91
N GLN A 160 15.07 -16.56 -2.38
CA GLN A 160 15.32 -17.97 -1.99
C GLN A 160 16.53 -18.51 -2.76
N GLU A 161 16.71 -18.01 -4.00
CA GLU A 161 17.93 -18.27 -4.78
C GLU A 161 19.13 -17.58 -4.10
N ARG A 162 18.89 -16.37 -3.57
CA ARG A 162 19.86 -15.64 -2.72
C ARG A 162 20.23 -16.45 -1.45
N MET A 163 19.24 -17.17 -0.86
CA MET A 163 19.42 -17.92 0.42
C MET A 163 20.48 -19.05 0.34
N THR A 164 21.02 -19.29 -0.89
CA THR A 164 22.23 -20.13 -1.11
C THR A 164 23.45 -19.63 -0.29
N LEU A 165 23.36 -18.36 0.22
CA LEU A 165 24.34 -17.77 1.16
C LEU A 165 24.53 -18.59 2.46
N SER A 166 23.61 -19.55 2.69
CA SER A 166 23.68 -20.52 3.79
C SER A 166 24.97 -21.37 3.73
N GLY A 167 25.58 -21.44 2.54
CA GLY A 167 26.89 -22.05 2.35
C GLY A 167 28.01 -21.21 2.99
N GLN A 168 28.31 -20.04 2.38
CA GLN A 168 29.39 -19.15 2.87
C GLN A 168 29.16 -17.67 2.39
N LEU A 169 28.71 -16.81 3.32
CA LEU A 169 28.59 -15.35 3.10
C LEU A 169 28.58 -14.65 4.47
N GLU A 170 29.70 -13.97 4.78
CA GLU A 170 29.87 -13.22 6.03
C GLU A 170 29.41 -11.76 5.80
N PRO A 171 28.32 -11.27 6.48
CA PRO A 171 27.85 -9.87 6.33
C PRO A 171 28.87 -8.86 6.88
N ILE A 172 28.75 -7.60 6.43
CA ILE A 172 29.76 -6.55 6.71
C ILE A 172 29.14 -5.43 7.58
N LEU A 173 28.09 -4.76 7.07
CA LEU A 173 27.39 -3.66 7.74
C LEU A 173 26.16 -3.26 6.91
N ALA A 174 25.02 -3.06 7.58
CA ALA A 174 23.78 -2.54 6.99
C ALA A 174 22.76 -2.31 8.11
N ASP A 175 22.68 -1.05 8.58
CA ASP A 175 21.73 -0.65 9.64
C ASP A 175 20.29 -0.72 9.11
N ASN A 176 19.46 -1.53 9.77
CA ASN A 176 18.07 -1.79 9.38
C ASN A 176 17.09 -1.26 10.44
N ASN A 177 15.83 -1.11 10.04
CA ASN A 177 14.75 -0.58 10.88
C ASN A 177 13.45 -1.36 10.64
N THR A 178 13.02 -2.13 11.67
CA THR A 178 11.78 -2.91 11.65
C THR A 178 10.55 -1.97 11.77
N ALA A 179 9.53 -2.22 10.94
CA ALA A 179 8.29 -1.44 10.93
C ALA A 179 7.53 -1.65 12.25
N ALA A 180 7.58 -0.63 13.13
CA ALA A 180 6.90 -0.66 14.44
C ALA A 180 5.41 -0.32 14.28
N GLY A 181 4.61 -0.68 15.29
CA GLY A 181 3.16 -0.47 15.29
C GLY A 181 2.79 1.02 15.27
N ARG A 182 1.76 1.37 14.49
CA ARG A 182 1.32 2.76 14.32
C ARG A 182 -0.20 2.84 14.17
N LEU A 183 -0.76 3.99 14.54
CA LEU A 183 -2.20 4.25 14.50
C LEU A 183 -2.44 5.72 14.16
N TRP A 184 -3.70 6.06 13.85
CA TRP A 184 -4.10 7.44 13.52
C TRP A 184 -4.87 8.05 14.69
N ASP A 185 -4.50 9.28 15.04
CA ASP A 185 -5.17 10.07 16.09
C ASP A 185 -5.94 11.23 15.45
N MET A 186 -7.19 11.42 15.89
CA MET A 186 -8.09 12.46 15.37
C MET A 186 -8.10 13.68 16.30
N SER A 187 -8.28 14.88 15.71
CA SER A 187 -8.41 16.15 16.45
C SER A 187 -9.89 16.40 16.79
N ALA A 188 -10.13 17.24 17.81
CA ALA A 188 -11.49 17.54 18.31
C ALA A 188 -11.93 18.96 17.92
N GLY A 189 -13.25 19.18 17.94
CA GLY A 189 -13.86 20.46 17.55
C GLY A 189 -15.09 20.80 18.39
N GLN A 190 -15.74 21.92 18.07
CA GLN A 190 -16.86 22.46 18.85
C GLN A 190 -17.81 23.31 17.97
N LEU A 191 -18.86 23.86 18.60
CA LEU A 191 -19.83 24.75 17.96
C LEU A 191 -19.60 26.20 18.46
N MET A 1 -4.21 0.89 -18.82
CA MET A 1 -4.17 0.28 -17.47
C MET A 1 -3.17 1.05 -16.61
N LEU A 2 -3.69 1.66 -15.51
CA LEU A 2 -2.88 2.39 -14.51
C LEU A 2 -1.71 1.53 -14.01
N THR A 3 -0.50 2.11 -14.05
CA THR A 3 0.73 1.46 -13.56
C THR A 3 0.98 1.87 -12.11
N LEU A 4 1.69 1.02 -11.37
CA LEU A 4 2.00 1.23 -9.92
C LEU A 4 2.81 2.53 -9.73
N ASP A 5 3.55 2.92 -10.79
CA ASP A 5 4.30 4.18 -10.88
C ASP A 5 3.42 5.42 -10.53
N THR A 6 2.11 5.34 -10.85
CA THR A 6 1.12 6.40 -10.57
C THR A 6 1.09 6.76 -9.07
N LEU A 7 1.23 5.73 -8.17
CA LEU A 7 1.16 5.91 -6.69
C LEU A 7 2.12 7.00 -6.19
N ASN A 8 3.38 6.93 -6.64
CA ASN A 8 4.44 7.86 -6.21
C ASN A 8 4.21 9.30 -6.72
N VAL A 9 3.44 9.44 -7.81
CA VAL A 9 3.11 10.75 -8.42
C VAL A 9 1.89 11.38 -7.70
N MET A 10 0.81 10.60 -7.59
CA MET A 10 -0.51 11.06 -7.06
C MET A 10 -0.49 11.23 -5.53
N LEU A 11 0.45 10.55 -4.85
CA LEU A 11 0.73 10.74 -3.41
C LEU A 11 1.92 11.70 -3.19
N ALA A 12 2.79 11.82 -4.22
CA ALA A 12 4.03 12.64 -4.17
C ALA A 12 5.05 12.08 -3.15
N VAL A 13 4.82 10.83 -2.70
CA VAL A 13 5.73 10.12 -1.75
C VAL A 13 6.52 9.06 -2.53
N SER A 14 7.63 8.59 -1.96
CA SER A 14 8.46 7.54 -2.57
C SER A 14 7.99 6.16 -2.08
N GLU A 15 8.21 5.15 -2.94
CA GLU A 15 7.83 3.75 -2.68
C GLU A 15 8.78 3.09 -1.64
N GLU A 16 9.98 3.70 -1.46
CA GLU A 16 11.10 3.15 -0.67
C GLU A 16 10.70 2.74 0.78
N GLY A 17 9.86 3.58 1.42
CA GLY A 17 9.39 3.31 2.79
C GLY A 17 8.44 2.12 2.87
N LEU A 18 7.67 1.92 1.79
CA LEU A 18 6.69 0.83 1.67
C LEU A 18 7.43 -0.49 1.30
N ILE A 19 8.58 -0.34 0.59
CA ILE A 19 9.51 -1.45 0.31
C ILE A 19 10.16 -1.96 1.61
N GLU A 20 10.38 -1.02 2.56
CA GLU A 20 10.95 -1.33 3.88
C GLU A 20 9.98 -2.22 4.68
N GLU A 21 8.67 -1.91 4.59
CA GLU A 21 7.62 -2.74 5.21
C GLU A 21 7.65 -4.17 4.61
N MET A 22 7.94 -4.23 3.29
CA MET A 22 8.03 -5.50 2.54
C MET A 22 9.27 -6.32 2.96
N ILE A 23 10.34 -5.65 3.47
CA ILE A 23 11.49 -6.35 4.09
C ILE A 23 10.97 -7.16 5.29
N ILE A 24 10.32 -6.42 6.21
CA ILE A 24 9.75 -6.98 7.45
C ILE A 24 8.71 -8.08 7.12
N ALA A 25 8.00 -7.92 6.01
CA ALA A 25 6.91 -8.84 5.58
C ALA A 25 7.45 -10.15 4.97
N LEU A 26 8.57 -10.06 4.22
CA LEU A 26 9.30 -11.26 3.73
C LEU A 26 9.84 -12.06 4.92
N LEU A 27 10.35 -11.32 5.90
CA LEU A 27 10.89 -11.85 7.15
C LEU A 27 9.75 -12.36 8.08
N ALA A 28 8.53 -11.85 7.86
CA ALA A 28 7.31 -12.28 8.59
C ALA A 28 6.68 -13.52 7.94
N SER A 29 7.08 -13.84 6.68
CA SER A 29 6.57 -15.01 5.93
C SER A 29 6.91 -16.30 6.70
N PRO A 30 5.93 -17.25 6.89
CA PRO A 30 6.10 -18.47 7.73
C PRO A 30 7.40 -19.29 7.47
N GLN A 31 7.89 -19.26 6.21
CA GLN A 31 9.13 -19.94 5.80
C GLN A 31 10.36 -19.29 6.47
N LEU A 32 10.42 -17.95 6.44
CA LEU A 32 11.52 -17.20 7.08
C LEU A 32 11.30 -17.14 8.60
N ALA A 33 10.03 -17.22 9.04
CA ALA A 33 9.65 -17.17 10.46
C ALA A 33 10.21 -18.38 11.23
N VAL A 34 10.14 -19.58 10.61
CA VAL A 34 10.76 -20.81 11.15
C VAL A 34 12.28 -20.77 10.94
N PHE A 35 12.73 -20.14 9.82
CA PHE A 35 14.17 -20.02 9.48
C PHE A 35 14.94 -19.27 10.58
N PHE A 36 14.25 -18.36 11.29
CA PHE A 36 14.85 -17.54 12.37
C PHE A 36 14.93 -18.33 13.69
N GLU A 37 14.13 -19.40 13.81
CA GLU A 37 14.14 -20.29 14.99
C GLU A 37 15.21 -21.38 14.83
N LYS A 38 15.23 -22.00 13.65
CA LYS A 38 16.19 -23.09 13.33
C LYS A 38 17.59 -22.51 13.07
N PHE A 39 17.65 -21.28 12.53
CA PHE A 39 18.92 -20.58 12.24
C PHE A 39 18.81 -19.08 12.66
N PRO A 40 18.92 -18.79 14.00
CA PRO A 40 18.87 -17.39 14.53
C PRO A 40 20.15 -16.58 14.24
N ARG A 41 21.18 -17.25 13.70
CA ARG A 41 22.44 -16.61 13.27
C ARG A 41 22.44 -16.33 11.75
N LEU A 42 21.92 -17.29 10.96
CA LEU A 42 21.95 -17.22 9.47
C LEU A 42 20.94 -16.19 8.94
N LYS A 43 19.97 -15.81 9.79
CA LYS A 43 19.00 -14.74 9.49
C LYS A 43 19.70 -13.39 9.25
N ALA A 44 20.87 -13.20 9.92
CA ALA A 44 21.67 -11.97 9.86
C ALA A 44 22.07 -11.61 8.42
N ALA A 45 22.21 -12.63 7.56
CA ALA A 45 22.52 -12.44 6.13
C ALA A 45 21.35 -11.74 5.40
N ILE A 46 20.13 -12.28 5.58
CA ILE A 46 18.91 -11.80 4.90
C ILE A 46 18.50 -10.40 5.42
N THR A 47 18.62 -10.21 6.76
CA THR A 47 18.26 -8.95 7.43
C THR A 47 19.24 -7.82 7.07
N ASP A 48 20.47 -8.19 6.68
CA ASP A 48 21.51 -7.24 6.24
C ASP A 48 21.35 -6.89 4.76
N ASP A 49 20.85 -7.88 3.97
CA ASP A 49 20.84 -7.83 2.49
C ASP A 49 19.61 -7.06 1.93
N VAL A 50 19.11 -6.10 2.75
CA VAL A 50 17.96 -5.19 2.45
C VAL A 50 18.00 -4.53 1.01
N PRO A 51 19.16 -3.93 0.53
CA PRO A 51 19.23 -3.22 -0.79
C PRO A 51 18.85 -4.06 -2.04
N ARG A 52 18.62 -5.38 -1.88
CA ARG A 52 18.16 -6.25 -2.99
C ARG A 52 16.68 -6.01 -3.30
N TRP A 53 15.86 -6.00 -2.24
CA TRP A 53 14.41 -5.70 -2.33
C TRP A 53 14.19 -4.27 -2.85
N ARG A 54 15.13 -3.37 -2.52
CA ARG A 54 15.14 -1.98 -3.01
C ARG A 54 15.11 -1.97 -4.55
N GLU A 55 16.09 -2.65 -5.17
CA GLU A 55 16.18 -2.76 -6.64
C GLU A 55 14.98 -3.51 -7.25
N ALA A 56 14.48 -4.52 -6.52
CA ALA A 56 13.37 -5.39 -6.98
C ALA A 56 12.07 -4.59 -7.17
N LEU A 57 11.65 -3.89 -6.11
CA LEU A 57 10.35 -3.18 -6.05
C LEU A 57 10.40 -1.81 -6.76
N ARG A 58 11.58 -1.18 -6.81
CA ARG A 58 11.78 0.10 -7.57
C ARG A 58 11.62 -0.14 -9.08
N SER A 59 12.15 -1.28 -9.54
CA SER A 59 12.02 -1.71 -10.94
C SER A 59 10.57 -2.19 -11.19
N ARG A 60 10.00 -2.89 -10.19
CA ARG A 60 8.62 -3.44 -10.23
C ARG A 60 7.57 -2.32 -10.08
N LEU A 61 7.97 -1.15 -9.59
CA LEU A 61 7.09 0.04 -9.48
C LEU A 61 6.68 0.52 -10.89
N LYS A 62 7.70 0.64 -11.75
CA LYS A 62 7.54 1.07 -13.14
C LYS A 62 6.94 -0.05 -14.01
N ASP A 63 7.32 -1.29 -13.68
CA ASP A 63 6.96 -2.50 -14.45
C ASP A 63 5.51 -2.94 -14.19
N ALA A 64 5.12 -2.99 -12.91
CA ALA A 64 3.81 -3.52 -12.48
C ALA A 64 2.69 -2.50 -12.67
N ARG A 65 1.46 -3.01 -12.61
CA ARG A 65 0.23 -2.21 -12.61
C ARG A 65 -0.18 -1.90 -11.17
N VAL A 66 -1.17 -1.01 -11.01
CA VAL A 66 -1.77 -0.71 -9.70
C VAL A 66 -2.58 -1.91 -9.22
N PRO A 67 -2.67 -2.15 -7.87
CA PRO A 67 -3.62 -3.11 -7.29
C PRO A 67 -5.06 -2.83 -7.80
N PRO A 68 -5.83 -3.89 -8.23
CA PRO A 68 -7.21 -3.75 -8.80
C PRO A 68 -8.16 -2.81 -8.02
N GLU A 69 -7.89 -2.66 -6.71
CA GLU A 69 -8.70 -1.83 -5.79
C GLU A 69 -8.58 -0.31 -6.12
N LEU A 70 -7.38 0.13 -6.52
CA LEU A 70 -7.13 1.56 -6.81
C LEU A 70 -7.84 2.01 -8.09
N THR A 71 -7.98 1.11 -9.08
CA THR A 71 -8.40 1.45 -10.46
C THR A 71 -9.65 2.41 -10.51
N GLU A 72 -10.70 2.08 -9.74
CA GLU A 72 -11.92 2.94 -9.64
C GLU A 72 -11.65 4.23 -8.84
N GLU A 73 -10.88 4.11 -7.74
CA GLU A 73 -10.57 5.23 -6.81
C GLU A 73 -9.69 6.32 -7.48
N VAL A 74 -8.76 5.91 -8.36
CA VAL A 74 -7.87 6.84 -9.10
C VAL A 74 -8.66 7.50 -10.24
N MET A 75 -9.57 6.73 -10.89
CA MET A 75 -10.46 7.26 -11.94
C MET A 75 -11.45 8.28 -11.34
N CYS A 76 -11.82 8.07 -10.06
CA CYS A 76 -12.71 8.97 -9.30
C CYS A 76 -11.93 10.21 -8.82
N TYR A 77 -10.66 9.99 -8.42
CA TYR A 77 -9.75 11.04 -7.91
C TYR A 77 -9.48 12.11 -8.99
N GLN A 78 -9.12 11.63 -10.20
CA GLN A 78 -8.86 12.50 -11.36
C GLN A 78 -10.18 13.14 -11.86
N GLN A 79 -11.30 12.41 -11.73
CA GLN A 79 -12.65 12.90 -12.11
C GLN A 79 -13.07 14.09 -11.23
N SER A 80 -12.69 14.05 -9.94
CA SER A 80 -13.00 15.11 -8.95
C SER A 80 -12.34 16.46 -9.32
N GLN A 81 -11.27 16.39 -10.13
CA GLN A 81 -10.59 17.57 -10.68
C GLN A 81 -11.49 18.24 -11.74
N LEU A 82 -12.15 17.42 -12.58
CA LEU A 82 -13.05 17.90 -13.66
C LEU A 82 -14.51 17.95 -13.18
N LEU A 83 -14.75 17.56 -11.92
CA LEU A 83 -16.09 17.57 -11.32
C LEU A 83 -16.48 19.02 -11.00
N SER A 84 -17.27 19.62 -11.91
CA SER A 84 -17.66 21.04 -11.85
C SER A 84 -18.59 21.32 -10.66
N THR A 85 -18.76 22.62 -10.33
CA THR A 85 -19.56 23.09 -9.19
C THR A 85 -21.05 22.58 -9.19
N PRO A 86 -21.82 22.58 -10.36
CA PRO A 86 -23.17 21.95 -10.39
C PRO A 86 -23.10 20.42 -10.26
N GLN A 87 -22.08 19.84 -10.93
CA GLN A 87 -21.88 18.37 -11.02
C GLN A 87 -21.50 17.80 -9.66
N PHE A 88 -20.80 18.59 -8.85
CA PHE A 88 -20.24 18.15 -7.56
C PHE A 88 -21.39 17.88 -6.57
N ILE A 89 -22.44 18.71 -6.63
CA ILE A 89 -23.60 18.62 -5.74
C ILE A 89 -24.56 17.48 -6.17
N VAL A 90 -24.91 17.44 -7.47
CA VAL A 90 -25.88 16.43 -7.99
C VAL A 90 -25.26 15.00 -7.98
N GLN A 91 -23.96 14.92 -8.25
CA GLN A 91 -23.21 13.64 -8.26
C GLN A 91 -22.56 13.39 -6.88
N LEU A 92 -22.84 14.26 -5.87
CA LEU A 92 -22.31 14.09 -4.50
C LEU A 92 -22.68 12.71 -3.90
N PRO A 93 -23.99 12.31 -3.78
CA PRO A 93 -24.34 11.02 -3.14
C PRO A 93 -23.96 9.81 -4.05
N GLN A 94 -23.77 10.11 -5.35
CA GLN A 94 -23.37 9.11 -6.37
C GLN A 94 -21.87 8.78 -6.25
N ILE A 95 -21.05 9.81 -5.98
CA ILE A 95 -19.58 9.65 -5.87
C ILE A 95 -19.23 9.02 -4.50
N LEU A 96 -20.08 9.28 -3.48
CA LEU A 96 -19.99 8.61 -2.17
C LEU A 96 -20.25 7.09 -2.32
N ASP A 97 -21.21 6.75 -3.20
CA ASP A 97 -21.56 5.36 -3.54
C ASP A 97 -20.41 4.66 -4.32
N LEU A 98 -19.66 5.46 -5.09
CA LEU A 98 -18.47 4.97 -5.84
C LEU A 98 -17.35 4.64 -4.83
N LEU A 99 -17.23 5.45 -3.77
CA LEU A 99 -16.28 5.22 -2.65
C LEU A 99 -16.69 3.96 -1.85
N HIS A 100 -18.02 3.67 -1.83
CA HIS A 100 -18.60 2.48 -1.17
C HIS A 100 -18.24 1.19 -1.96
N ARG A 101 -17.98 1.32 -3.28
CA ARG A 101 -17.54 0.19 -4.16
C ARG A 101 -16.35 -0.56 -3.54
N LEU A 102 -15.28 0.18 -3.21
CA LEU A 102 -14.08 -0.39 -2.56
C LEU A 102 -14.20 -0.34 -1.03
N ASN A 103 -15.19 0.45 -0.54
CA ASN A 103 -15.46 0.61 0.90
C ASN A 103 -14.24 1.25 1.60
N SER A 104 -13.71 2.30 0.95
CA SER A 104 -12.58 3.08 1.48
C SER A 104 -12.97 3.79 2.80
N PRO A 105 -11.99 4.12 3.70
CA PRO A 105 -12.29 4.91 4.93
C PRO A 105 -12.78 6.34 4.60
N TRP A 106 -12.47 6.77 3.36
CA TRP A 106 -12.89 8.05 2.81
C TRP A 106 -14.39 8.02 2.40
N ALA A 107 -14.97 6.82 2.21
CA ALA A 107 -16.43 6.68 1.99
C ALA A 107 -17.21 7.13 3.24
N GLU A 108 -16.63 6.80 4.40
CA GLU A 108 -17.19 7.10 5.72
C GLU A 108 -16.95 8.57 6.11
N GLN A 109 -15.69 9.03 5.88
CA GLN A 109 -15.24 10.39 6.24
C GLN A 109 -15.94 11.46 5.39
N ALA A 110 -16.08 11.18 4.07
CA ALA A 110 -16.73 12.10 3.11
C ALA A 110 -18.22 12.22 3.39
N ARG A 111 -18.85 11.08 3.76
CA ARG A 111 -20.27 11.04 4.13
C ARG A 111 -20.53 11.94 5.37
N GLN A 112 -19.66 11.80 6.40
CA GLN A 112 -19.76 12.60 7.65
C GLN A 112 -19.46 14.08 7.38
N LEU A 113 -18.55 14.34 6.43
CA LEU A 113 -18.10 15.69 6.08
C LEU A 113 -19.28 16.47 5.45
N VAL A 114 -20.00 15.80 4.52
CA VAL A 114 -21.17 16.40 3.86
C VAL A 114 -22.47 16.26 4.71
N ASP A 115 -22.41 15.44 5.76
CA ASP A 115 -23.50 15.34 6.77
C ASP A 115 -23.39 16.53 7.76
N ALA A 116 -22.14 16.95 8.05
CA ALA A 116 -21.86 18.10 8.91
C ALA A 116 -22.24 19.41 8.18
N ASN A 117 -21.65 19.60 7.00
CA ASN A 117 -21.94 20.75 6.12
C ASN A 117 -22.15 20.22 4.69
N SER A 118 -23.30 20.53 4.09
CA SER A 118 -23.58 20.21 2.66
C SER A 118 -23.28 21.43 1.77
N THR A 119 -22.85 22.54 2.40
CA THR A 119 -22.61 23.83 1.74
C THR A 119 -21.22 23.83 1.04
N ILE A 120 -21.11 23.00 0.00
CA ILE A 120 -19.87 22.87 -0.80
C ILE A 120 -19.75 24.08 -1.75
N THR A 121 -19.24 25.19 -1.20
CA THR A 121 -19.15 26.49 -1.90
C THR A 121 -17.69 26.77 -2.30
N SER A 122 -16.80 26.87 -1.29
CA SER A 122 -15.37 27.17 -1.52
C SER A 122 -14.50 26.48 -0.46
N ALA A 123 -14.76 26.79 0.83
CA ALA A 123 -13.96 26.28 1.97
C ALA A 123 -14.06 24.75 2.07
N LEU A 124 -15.31 24.26 2.13
CA LEU A 124 -15.62 22.82 2.22
C LEU A 124 -15.21 22.08 0.93
N HIS A 125 -15.26 22.77 -0.21
CA HIS A 125 -14.84 22.20 -1.53
C HIS A 125 -13.32 21.90 -1.51
N THR A 126 -12.56 22.89 -1.00
CA THR A 126 -11.10 22.79 -0.81
C THR A 126 -10.76 21.65 0.16
N LEU A 127 -11.44 21.66 1.32
CA LEU A 127 -11.21 20.68 2.40
C LEU A 127 -11.58 19.28 1.98
N PHE A 128 -12.62 19.12 1.14
CA PHE A 128 -13.07 17.79 0.64
C PHE A 128 -11.92 17.12 -0.14
N LEU A 129 -11.22 17.93 -0.94
CA LEU A 129 -10.08 17.48 -1.76
C LEU A 129 -8.85 17.14 -0.87
N GLN A 130 -8.64 17.92 0.20
CA GLN A 130 -7.54 17.67 1.16
C GLN A 130 -7.78 16.40 1.97
N ARG A 131 -9.04 16.20 2.42
CA ARG A 131 -9.43 15.01 3.21
C ARG A 131 -9.42 13.76 2.31
N TRP A 132 -9.52 13.98 0.97
CA TRP A 132 -9.37 12.92 -0.03
C TRP A 132 -7.90 12.45 -0.06
N ARG A 133 -6.98 13.38 -0.37
CA ARG A 133 -5.57 13.05 -0.66
C ARG A 133 -4.80 12.51 0.57
N LEU A 134 -5.20 12.91 1.80
CA LEU A 134 -4.61 12.34 3.05
C LEU A 134 -5.13 10.91 3.30
N SER A 135 -6.42 10.68 2.97
CA SER A 135 -7.04 9.35 3.07
C SER A 135 -6.53 8.43 1.93
N LEU A 136 -6.06 9.05 0.85
CA LEU A 136 -5.42 8.37 -0.28
C LEU A 136 -4.05 7.78 0.14
N ILE A 137 -3.40 8.42 1.17
CA ILE A 137 -2.08 7.97 1.70
C ILE A 137 -2.25 6.63 2.46
N VAL A 138 -3.21 6.62 3.40
CA VAL A 138 -3.53 5.42 4.20
C VAL A 138 -4.18 4.32 3.32
N GLN A 139 -4.83 4.76 2.22
CA GLN A 139 -5.33 3.83 1.18
C GLN A 139 -4.16 3.20 0.42
N ALA A 140 -3.14 4.03 0.09
CA ALA A 140 -1.93 3.60 -0.65
C ALA A 140 -1.13 2.54 0.14
N THR A 141 -1.26 2.60 1.47
CA THR A 141 -0.75 1.58 2.39
C THR A 141 -1.45 0.22 2.18
N THR A 142 -2.80 0.27 2.09
CA THR A 142 -3.65 -0.93 1.87
C THR A 142 -3.45 -1.49 0.44
N LEU A 143 -3.15 -0.59 -0.50
CA LEU A 143 -2.87 -0.93 -1.91
C LEU A 143 -1.52 -1.66 -1.99
N ASN A 144 -0.52 -1.10 -1.32
CA ASN A 144 0.82 -1.71 -1.22
C ASN A 144 0.73 -3.06 -0.52
N GLN A 145 -0.23 -3.20 0.43
CA GLN A 145 -0.47 -4.47 1.15
C GLN A 145 -0.96 -5.58 0.19
N GLN A 146 -1.77 -5.18 -0.81
CA GLN A 146 -2.26 -6.11 -1.87
C GLN A 146 -1.11 -6.53 -2.79
N LEU A 147 -0.36 -5.51 -3.28
CA LEU A 147 0.91 -5.68 -4.03
C LEU A 147 1.83 -6.67 -3.31
N LEU A 148 2.03 -6.36 -2.02
CA LEU A 148 3.00 -7.01 -1.16
C LEU A 148 2.63 -8.48 -1.03
N GLU A 149 1.40 -8.76 -0.59
CA GLU A 149 0.93 -10.13 -0.31
C GLU A 149 1.14 -11.07 -1.51
N GLU A 150 0.84 -10.58 -2.71
CA GLU A 150 0.96 -11.38 -3.95
C GLU A 150 2.42 -11.53 -4.40
N GLU A 151 3.11 -10.40 -4.61
CA GLU A 151 4.50 -10.39 -5.13
C GLU A 151 5.49 -11.03 -4.16
N ARG A 152 5.23 -10.89 -2.85
CA ARG A 152 6.04 -11.47 -1.76
C ARG A 152 6.20 -12.98 -1.95
N GLU A 153 5.15 -13.64 -2.47
CA GLU A 153 5.15 -15.09 -2.69
C GLU A 153 6.22 -15.52 -3.74
N GLN A 154 6.20 -14.83 -4.89
CA GLN A 154 7.17 -15.07 -6.00
C GLN A 154 8.59 -14.68 -5.56
N LEU A 155 8.63 -13.56 -4.84
CA LEU A 155 9.85 -12.96 -4.29
C LEU A 155 10.43 -13.86 -3.17
N LEU A 156 9.54 -14.57 -2.48
CA LEU A 156 9.89 -15.54 -1.41
C LEU A 156 10.72 -16.67 -2.02
N SER A 157 10.27 -17.18 -3.18
CA SER A 157 11.04 -18.19 -3.95
C SER A 157 12.46 -17.66 -4.27
N GLU A 158 12.53 -16.37 -4.66
CA GLU A 158 13.79 -15.68 -4.95
C GLU A 158 14.70 -15.58 -3.69
N VAL A 159 14.10 -15.34 -2.49
CA VAL A 159 14.90 -15.21 -1.25
C VAL A 159 15.37 -16.58 -0.74
N GLN A 160 14.70 -17.68 -1.18
CA GLN A 160 15.15 -19.05 -0.90
C GLN A 160 16.46 -19.32 -1.65
N GLU A 161 16.54 -18.80 -2.89
CA GLU A 161 17.78 -18.81 -3.68
C GLU A 161 18.86 -17.95 -2.99
N ARG A 162 18.43 -16.83 -2.40
CA ARG A 162 19.30 -15.87 -1.67
C ARG A 162 19.86 -16.45 -0.34
N MET A 163 19.18 -17.46 0.24
CA MET A 163 19.56 -18.05 1.55
C MET A 163 20.96 -18.72 1.54
N THR A 164 21.51 -18.98 0.34
CA THR A 164 22.87 -19.53 0.18
C THR A 164 23.97 -18.52 0.60
N LEU A 165 23.58 -17.23 0.73
CA LEU A 165 24.48 -16.11 1.12
C LEU A 165 25.07 -16.34 2.54
N SER A 166 24.37 -17.17 3.35
CA SER A 166 24.77 -17.53 4.73
C SER A 166 26.26 -17.96 4.79
N GLY A 167 26.62 -18.96 3.95
CA GLY A 167 28.00 -19.38 3.73
C GLY A 167 28.75 -19.77 5.01
N GLN A 168 29.41 -18.76 5.62
CA GLN A 168 30.22 -18.92 6.83
C GLN A 168 29.49 -18.27 8.03
N LEU A 169 29.66 -18.86 9.22
CA LEU A 169 28.92 -18.47 10.43
C LEU A 169 29.82 -18.60 11.68
N GLU A 170 29.85 -17.56 12.52
CA GLU A 170 30.76 -17.49 13.69
C GLU A 170 29.91 -17.66 14.99
N PRO A 171 30.36 -18.50 15.99
CA PRO A 171 29.70 -18.65 17.31
C PRO A 171 29.41 -17.31 18.02
N ILE A 172 28.12 -16.91 18.04
CA ILE A 172 27.63 -15.69 18.72
C ILE A 172 26.48 -16.07 19.69
N LEU A 173 26.21 -15.20 20.67
CA LEU A 173 25.16 -15.42 21.68
C LEU A 173 23.82 -14.83 21.18
N ALA A 174 22.84 -15.71 20.97
CA ALA A 174 21.43 -15.33 20.72
C ALA A 174 20.63 -15.49 22.02
N ASP A 175 19.52 -14.74 22.13
CA ASP A 175 18.63 -14.78 23.31
C ASP A 175 17.64 -15.96 23.21
N ASN A 176 16.64 -16.00 24.12
CA ASN A 176 15.60 -17.05 24.16
C ASN A 176 14.19 -16.46 24.12
N ASN A 177 13.23 -17.32 23.76
CA ASN A 177 11.79 -17.04 23.77
C ASN A 177 11.07 -18.34 24.18
N THR A 178 10.05 -18.24 25.03
CA THR A 178 9.24 -19.38 25.47
C THR A 178 7.81 -19.25 24.90
N ALA A 179 7.24 -20.37 24.42
CA ALA A 179 5.89 -20.39 23.81
C ALA A 179 4.83 -20.76 24.87
N ALA A 180 3.59 -20.29 24.66
CA ALA A 180 2.45 -20.54 25.57
C ALA A 180 1.30 -21.22 24.82
N GLY A 181 0.31 -21.73 25.57
CA GLY A 181 -0.90 -22.32 25.00
C GLY A 181 -2.02 -21.31 24.82
N ARG A 182 -3.24 -21.81 24.52
CA ARG A 182 -4.44 -20.97 24.32
C ARG A 182 -5.71 -21.81 24.52
N LEU A 183 -6.75 -21.21 25.13
CA LEU A 183 -8.05 -21.88 25.38
C LEU A 183 -8.80 -22.08 24.05
N TRP A 184 -8.76 -23.32 23.52
CA TRP A 184 -9.41 -23.67 22.24
C TRP A 184 -10.90 -23.98 22.48
N ASP A 185 -11.73 -22.93 22.42
CA ASP A 185 -13.19 -23.02 22.56
C ASP A 185 -13.81 -23.81 21.38
N MET A 186 -14.90 -24.55 21.65
CA MET A 186 -15.59 -25.33 20.60
C MET A 186 -17.12 -25.34 20.84
N SER A 187 -17.87 -25.20 19.75
CA SER A 187 -19.33 -25.33 19.72
C SER A 187 -19.70 -26.69 19.09
N ALA A 188 -20.85 -27.25 19.52
CA ALA A 188 -21.40 -28.50 18.96
C ALA A 188 -21.91 -28.27 17.52
N GLY A 189 -21.48 -29.15 16.59
CA GLY A 189 -21.75 -28.98 15.15
C GLY A 189 -23.22 -29.15 14.79
N GLN A 190 -23.78 -30.33 15.13
CA GLN A 190 -25.20 -30.70 14.90
C GLN A 190 -25.55 -30.83 13.40
N LEU A 191 -25.98 -32.03 13.00
CA LEU A 191 -26.42 -32.36 11.64
C LEU A 191 -27.39 -33.56 11.76
N MET A 1 -4.45 2.65 -17.99
CA MET A 1 -4.19 1.56 -17.00
C MET A 1 -3.19 2.05 -15.96
N LEU A 2 -3.46 1.76 -14.67
CA LEU A 2 -2.69 2.33 -13.55
C LEU A 2 -1.63 1.33 -13.04
N THR A 3 -0.36 1.79 -13.01
CA THR A 3 0.77 1.03 -12.44
C THR A 3 1.01 1.40 -10.95
N LEU A 4 1.90 0.63 -10.29
CA LEU A 4 2.27 0.80 -8.85
C LEU A 4 2.97 2.17 -8.64
N ASP A 5 3.52 2.71 -9.74
CA ASP A 5 4.23 4.00 -9.81
C ASP A 5 3.41 5.21 -9.24
N THR A 6 2.09 5.00 -9.05
CA THR A 6 1.15 6.03 -8.56
C THR A 6 1.31 6.33 -7.04
N LEU A 7 1.68 5.31 -6.23
CA LEU A 7 1.64 5.40 -4.73
C LEU A 7 2.47 6.58 -4.17
N ASN A 8 3.74 6.65 -4.56
CA ASN A 8 4.66 7.72 -4.09
C ASN A 8 4.26 9.11 -4.66
N VAL A 9 3.54 9.11 -5.79
CA VAL A 9 3.09 10.34 -6.46
C VAL A 9 1.82 10.93 -5.77
N MET A 10 0.82 10.06 -5.52
CA MET A 10 -0.50 10.47 -4.98
C MET A 10 -0.39 10.97 -3.53
N LEU A 11 0.55 10.39 -2.76
CA LEU A 11 0.82 10.77 -1.37
C LEU A 11 1.93 11.83 -1.30
N ALA A 12 2.70 11.98 -2.41
CA ALA A 12 3.83 12.94 -2.54
C ALA A 12 4.93 12.62 -1.49
N VAL A 13 5.28 11.32 -1.43
CA VAL A 13 6.26 10.77 -0.47
C VAL A 13 7.34 9.95 -1.23
N SER A 14 8.39 9.52 -0.50
CA SER A 14 9.37 8.54 -1.00
C SER A 14 8.77 7.13 -0.84
N GLU A 15 8.75 6.37 -1.94
CA GLU A 15 8.27 4.97 -1.97
C GLU A 15 9.08 4.06 -1.02
N GLU A 16 10.32 4.48 -0.67
CA GLU A 16 11.20 3.76 0.27
C GLU A 16 10.58 3.57 1.68
N GLY A 17 9.67 4.49 2.06
CA GLY A 17 8.91 4.35 3.33
C GLY A 17 7.99 3.13 3.32
N LEU A 18 7.52 2.75 2.13
CA LEU A 18 6.66 1.58 1.89
C LEU A 18 7.54 0.33 1.60
N ILE A 19 8.75 0.57 1.02
CA ILE A 19 9.73 -0.47 0.70
C ILE A 19 10.33 -1.11 1.96
N GLU A 20 10.65 -0.28 2.98
CA GLU A 20 11.27 -0.77 4.25
C GLU A 20 10.32 -1.72 5.00
N GLU A 21 9.01 -1.42 4.92
CA GLU A 21 7.94 -2.28 5.46
C GLU A 21 7.95 -3.66 4.75
N MET A 22 8.21 -3.59 3.43
CA MET A 22 8.21 -4.74 2.53
C MET A 22 9.46 -5.63 2.75
N ILE A 23 10.59 -5.00 3.18
CA ILE A 23 11.83 -5.71 3.56
C ILE A 23 11.52 -6.64 4.75
N ILE A 24 10.87 -6.07 5.77
CA ILE A 24 10.44 -6.77 6.99
C ILE A 24 9.45 -7.92 6.63
N ALA A 25 8.60 -7.68 5.62
CA ALA A 25 7.64 -8.69 5.11
C ALA A 25 8.36 -9.96 4.60
N LEU A 26 9.54 -9.77 3.99
CA LEU A 26 10.39 -10.88 3.52
C LEU A 26 11.11 -11.56 4.71
N LEU A 27 11.66 -10.75 5.62
CA LEU A 27 12.38 -11.27 6.81
C LEU A 27 11.40 -12.01 7.78
N ALA A 28 10.10 -11.68 7.66
CA ALA A 28 9.02 -12.27 8.47
C ALA A 28 8.26 -13.37 7.69
N SER A 29 8.80 -13.77 6.52
CA SER A 29 8.23 -14.88 5.73
C SER A 29 8.29 -16.18 6.56
N PRO A 30 7.24 -17.08 6.50
CA PRO A 30 7.19 -18.36 7.26
C PRO A 30 8.46 -19.22 7.08
N GLN A 31 9.03 -19.19 5.87
CA GLN A 31 10.27 -19.94 5.53
C GLN A 31 11.48 -19.33 6.26
N LEU A 32 11.57 -17.98 6.30
CA LEU A 32 12.67 -17.27 6.96
C LEU A 32 12.45 -17.18 8.48
N ALA A 33 11.20 -17.44 8.93
CA ALA A 33 10.85 -17.50 10.35
C ALA A 33 11.55 -18.69 11.00
N VAL A 34 11.41 -19.87 10.36
CA VAL A 34 12.11 -21.10 10.80
C VAL A 34 13.60 -21.06 10.43
N PHE A 35 13.95 -20.40 9.30
CA PHE A 35 15.35 -20.35 8.81
C PHE A 35 16.26 -19.58 9.78
N PHE A 36 15.74 -18.49 10.36
CA PHE A 36 16.48 -17.67 11.36
C PHE A 36 16.67 -18.45 12.69
N GLU A 37 15.84 -19.49 12.91
CA GLU A 37 15.94 -20.37 14.09
C GLU A 37 17.00 -21.47 13.84
N LYS A 38 16.78 -22.23 12.75
CA LYS A 38 17.57 -23.43 12.37
C LYS A 38 19.00 -23.03 11.97
N PHE A 39 19.13 -21.85 11.35
CA PHE A 39 20.41 -21.29 10.89
C PHE A 39 20.49 -19.80 11.32
N PRO A 40 20.76 -19.51 12.64
CA PRO A 40 20.71 -18.14 13.19
C PRO A 40 21.89 -17.24 12.75
N ARG A 41 22.98 -17.89 12.31
CA ARG A 41 24.19 -17.20 11.83
C ARG A 41 24.16 -17.06 10.29
N LEU A 42 23.51 -18.02 9.61
CA LEU A 42 23.46 -18.09 8.13
C LEU A 42 22.40 -17.13 7.56
N LYS A 43 21.50 -16.65 8.45
CA LYS A 43 20.49 -15.62 8.11
C LYS A 43 21.15 -14.33 7.59
N ALA A 44 22.38 -14.08 8.10
CA ALA A 44 23.14 -12.82 7.90
C ALA A 44 23.30 -12.42 6.42
N ALA A 45 23.35 -13.42 5.52
CA ALA A 45 23.42 -13.17 4.07
C ALA A 45 22.14 -12.46 3.59
N ILE A 46 20.99 -13.08 3.89
CA ILE A 46 19.65 -12.60 3.50
C ILE A 46 19.28 -11.29 4.23
N THR A 47 19.72 -11.19 5.49
CA THR A 47 19.42 -10.04 6.38
C THR A 47 20.28 -8.81 6.00
N ASP A 48 21.46 -9.06 5.38
CA ASP A 48 22.33 -8.00 4.81
C ASP A 48 21.92 -7.68 3.36
N ASP A 49 21.14 -8.60 2.75
CA ASP A 49 20.68 -8.50 1.33
C ASP A 49 19.41 -7.60 1.21
N VAL A 50 19.26 -6.65 2.15
CA VAL A 50 18.22 -5.61 2.11
C VAL A 50 18.29 -4.71 0.84
N PRO A 51 19.52 -4.20 0.40
CA PRO A 51 19.68 -3.44 -0.88
C PRO A 51 19.18 -4.19 -2.14
N ARG A 52 18.94 -5.51 -2.03
CA ARG A 52 18.38 -6.32 -3.12
C ARG A 52 16.91 -5.98 -3.37
N TRP A 53 16.08 -6.16 -2.31
CA TRP A 53 14.62 -5.99 -2.41
C TRP A 53 14.24 -4.55 -2.75
N ARG A 54 15.02 -3.56 -2.28
CA ARG A 54 14.73 -2.14 -2.56
C ARG A 54 14.94 -1.82 -4.05
N GLU A 55 15.96 -2.45 -4.67
CA GLU A 55 16.21 -2.34 -6.12
C GLU A 55 15.09 -3.06 -6.92
N ALA A 56 14.67 -4.22 -6.39
CA ALA A 56 13.59 -5.04 -6.96
C ALA A 56 12.28 -4.24 -7.02
N LEU A 57 11.97 -3.57 -5.90
CA LEU A 57 10.72 -2.78 -5.71
C LEU A 57 10.77 -1.44 -6.46
N ARG A 58 11.99 -0.90 -6.68
CA ARG A 58 12.20 0.30 -7.52
C ARG A 58 11.87 -0.01 -9.01
N SER A 59 12.27 -1.21 -9.45
CA SER A 59 11.98 -1.72 -10.81
C SER A 59 10.49 -2.10 -10.93
N ARG A 60 9.97 -2.77 -9.89
CA ARG A 60 8.58 -3.27 -9.82
C ARG A 60 7.59 -2.13 -9.49
N LEU A 61 8.09 -0.98 -9.02
CA LEU A 61 7.27 0.25 -8.88
C LEU A 61 6.75 0.65 -10.28
N LYS A 62 7.66 0.53 -11.26
CA LYS A 62 7.39 0.87 -12.66
C LYS A 62 6.68 -0.29 -13.39
N ASP A 63 7.08 -1.52 -13.07
CA ASP A 63 6.67 -2.74 -13.82
C ASP A 63 5.32 -3.31 -13.32
N ALA A 64 5.16 -3.37 -11.99
CA ALA A 64 3.93 -3.90 -11.35
C ALA A 64 2.78 -2.88 -11.40
N ARG A 65 1.61 -3.30 -10.87
CA ARG A 65 0.40 -2.46 -10.79
C ARG A 65 -0.12 -2.41 -9.35
N VAL A 66 -1.16 -1.59 -9.14
CA VAL A 66 -1.76 -1.34 -7.82
C VAL A 66 -2.82 -2.42 -7.45
N PRO A 67 -3.21 -2.55 -6.14
CA PRO A 67 -4.38 -3.36 -5.73
C PRO A 67 -5.71 -2.84 -6.38
N PRO A 68 -6.66 -3.76 -6.76
CA PRO A 68 -7.96 -3.36 -7.40
C PRO A 68 -8.81 -2.40 -6.53
N GLU A 69 -8.61 -2.48 -5.21
CA GLU A 69 -9.28 -1.62 -4.22
C GLU A 69 -8.79 -0.17 -4.36
N LEU A 70 -7.45 0.00 -4.43
CA LEU A 70 -6.80 1.31 -4.62
C LEU A 70 -7.21 1.92 -5.97
N THR A 71 -7.40 1.05 -6.99
CA THR A 71 -7.78 1.47 -8.35
C THR A 71 -9.11 2.27 -8.33
N GLU A 72 -10.12 1.76 -7.59
CA GLU A 72 -11.43 2.43 -7.45
C GLU A 72 -11.30 3.81 -6.79
N GLU A 73 -10.42 3.86 -5.78
CA GLU A 73 -10.27 5.01 -4.87
C GLU A 73 -9.41 6.14 -5.48
N VAL A 74 -8.49 5.76 -6.38
CA VAL A 74 -7.69 6.75 -7.13
C VAL A 74 -8.53 7.32 -8.29
N MET A 75 -9.46 6.50 -8.84
CA MET A 75 -10.38 6.94 -9.91
C MET A 75 -11.32 8.03 -9.38
N CYS A 76 -11.96 7.76 -8.23
CA CYS A 76 -12.90 8.71 -7.60
C CYS A 76 -12.14 9.98 -7.12
N TYR A 77 -10.87 9.80 -6.71
CA TYR A 77 -9.97 10.89 -6.29
C TYR A 77 -9.62 11.84 -7.47
N GLN A 78 -9.15 11.27 -8.59
CA GLN A 78 -8.69 12.02 -9.77
C GLN A 78 -9.90 12.66 -10.48
N GLN A 79 -11.05 11.97 -10.43
CA GLN A 79 -12.31 12.48 -10.98
C GLN A 79 -12.79 13.67 -10.15
N SER A 80 -12.69 13.60 -8.79
CA SER A 80 -13.10 14.71 -7.88
C SER A 80 -12.39 16.04 -8.23
N GLN A 81 -11.13 15.92 -8.69
CA GLN A 81 -10.30 17.04 -9.12
C GLN A 81 -10.70 17.52 -10.55
N LEU A 82 -10.88 16.57 -11.47
CA LEU A 82 -11.23 16.86 -12.89
C LEU A 82 -12.76 17.01 -13.11
N LEU A 83 -13.53 16.98 -12.01
CA LEU A 83 -15.00 17.14 -12.03
C LEU A 83 -15.32 18.61 -11.82
N SER A 84 -15.71 19.29 -12.92
CA SER A 84 -15.93 20.75 -12.94
C SER A 84 -17.04 21.15 -11.95
N THR A 85 -16.97 22.39 -11.44
CA THR A 85 -17.86 22.90 -10.37
C THR A 85 -19.40 22.73 -10.66
N PRO A 86 -19.94 22.95 -11.92
CA PRO A 86 -21.36 22.62 -12.23
C PRO A 86 -21.63 21.10 -12.17
N GLN A 87 -20.69 20.33 -12.72
CA GLN A 87 -20.77 18.87 -12.84
C GLN A 87 -20.49 18.17 -11.50
N PHE A 88 -19.85 18.88 -10.55
CA PHE A 88 -19.51 18.33 -9.23
C PHE A 88 -20.78 18.20 -8.37
N ILE A 89 -21.77 19.07 -8.64
CA ILE A 89 -23.05 19.08 -7.90
C ILE A 89 -23.95 17.91 -8.35
N VAL A 90 -24.08 17.74 -9.68
CA VAL A 90 -24.95 16.70 -10.27
C VAL A 90 -24.30 15.29 -10.13
N GLN A 91 -22.95 15.22 -10.15
CA GLN A 91 -22.20 13.96 -9.90
C GLN A 91 -21.74 13.87 -8.42
N LEU A 92 -22.26 14.76 -7.55
CA LEU A 92 -21.97 14.71 -6.09
C LEU A 92 -22.42 13.37 -5.47
N PRO A 93 -23.74 12.96 -5.54
CA PRO A 93 -24.19 11.73 -4.88
C PRO A 93 -23.76 10.46 -5.66
N GLN A 94 -23.11 10.67 -6.84
CA GLN A 94 -22.51 9.60 -7.65
C GLN A 94 -21.14 9.19 -7.11
N ILE A 95 -20.31 10.19 -6.74
CA ILE A 95 -18.98 9.91 -6.13
C ILE A 95 -19.17 9.35 -4.71
N LEU A 96 -20.23 9.83 -4.00
CA LEU A 96 -20.64 9.29 -2.68
C LEU A 96 -21.12 7.82 -2.82
N ASP A 97 -21.82 7.54 -3.95
CA ASP A 97 -22.29 6.19 -4.30
C ASP A 97 -21.10 5.24 -4.53
N LEU A 98 -20.02 5.78 -5.14
CA LEU A 98 -18.79 4.99 -5.41
C LEU A 98 -18.07 4.68 -4.08
N LEU A 99 -18.07 5.65 -3.14
CA LEU A 99 -17.48 5.47 -1.79
C LEU A 99 -18.25 4.39 -1.01
N HIS A 100 -19.58 4.31 -1.26
CA HIS A 100 -20.45 3.26 -0.65
C HIS A 100 -20.25 1.90 -1.39
N ARG A 101 -19.96 1.99 -2.70
CA ARG A 101 -19.77 0.80 -3.58
C ARG A 101 -18.49 0.04 -3.17
N LEU A 102 -17.45 0.83 -2.86
CA LEU A 102 -16.15 0.30 -2.38
C LEU A 102 -16.26 -0.05 -0.87
N ASN A 103 -17.19 0.64 -0.17
CA ASN A 103 -17.35 0.56 1.31
C ASN A 103 -16.14 1.23 2.00
N SER A 104 -15.75 2.39 1.43
CA SER A 104 -14.72 3.27 1.97
C SER A 104 -15.14 3.81 3.36
N PRO A 105 -14.16 3.96 4.33
CA PRO A 105 -14.45 4.38 5.73
C PRO A 105 -14.88 5.86 5.85
N TRP A 106 -14.64 6.65 4.79
CA TRP A 106 -14.97 8.10 4.74
C TRP A 106 -16.35 8.33 4.08
N ALA A 107 -17.07 7.24 3.68
CA ALA A 107 -18.34 7.34 2.91
C ALA A 107 -19.44 8.13 3.67
N GLU A 108 -19.63 7.78 4.97
CA GLU A 108 -20.66 8.40 5.84
C GLU A 108 -20.34 9.88 6.14
N GLN A 109 -19.05 10.16 6.34
CA GLN A 109 -18.57 11.52 6.63
C GLN A 109 -18.64 12.42 5.39
N ALA A 110 -18.42 11.81 4.20
CA ALA A 110 -18.51 12.52 2.91
C ALA A 110 -19.96 12.94 2.63
N ARG A 111 -20.89 12.01 2.95
CA ARG A 111 -22.34 12.26 2.91
C ARG A 111 -22.71 13.41 3.87
N GLN A 112 -22.25 13.28 5.13
CA GLN A 112 -22.57 14.24 6.22
C GLN A 112 -22.06 15.65 5.89
N LEU A 113 -20.85 15.71 5.31
CA LEU A 113 -20.15 16.97 4.97
C LEU A 113 -20.99 17.81 3.97
N VAL A 114 -21.42 17.14 2.89
CA VAL A 114 -22.11 17.80 1.75
C VAL A 114 -23.62 18.00 2.01
N ASP A 115 -24.18 17.19 2.93
CA ASP A 115 -25.62 17.21 3.29
C ASP A 115 -25.88 18.34 4.29
N ALA A 116 -24.98 18.46 5.28
CA ALA A 116 -25.03 19.52 6.30
C ALA A 116 -24.61 20.87 5.69
N ASN A 117 -23.61 20.83 4.79
CA ASN A 117 -23.10 22.02 4.07
C ASN A 117 -23.26 21.79 2.56
N SER A 118 -24.42 22.16 2.00
CA SER A 118 -24.72 22.01 0.56
C SER A 118 -24.19 23.19 -0.28
N THR A 119 -23.47 24.12 0.38
CA THR A 119 -22.95 25.35 -0.23
C THR A 119 -21.56 25.09 -0.86
N ILE A 120 -21.49 24.11 -1.77
CA ILE A 120 -20.24 23.71 -2.44
C ILE A 120 -19.90 24.71 -3.57
N THR A 121 -19.10 25.72 -3.23
CA THR A 121 -18.62 26.73 -4.19
C THR A 121 -17.14 26.44 -4.54
N SER A 122 -16.32 26.34 -3.47
CA SER A 122 -14.85 26.19 -3.60
C SER A 122 -14.27 25.54 -2.32
N ALA A 123 -14.67 26.09 -1.15
CA ALA A 123 -14.18 25.65 0.19
C ALA A 123 -14.33 24.13 0.38
N LEU A 124 -15.59 23.64 0.31
CA LEU A 124 -15.89 22.22 0.54
C LEU A 124 -15.17 21.31 -0.47
N HIS A 125 -15.11 21.76 -1.76
CA HIS A 125 -14.48 20.99 -2.86
C HIS A 125 -13.02 20.65 -2.54
N THR A 126 -12.29 21.64 -1.98
CA THR A 126 -10.88 21.50 -1.59
C THR A 126 -10.75 20.50 -0.40
N LEU A 127 -11.62 20.68 0.62
CA LEU A 127 -11.65 19.81 1.82
C LEU A 127 -12.14 18.40 1.48
N PHE A 128 -12.89 18.25 0.37
CA PHE A 128 -13.46 16.97 -0.05
C PHE A 128 -12.33 16.02 -0.50
N LEU A 129 -11.59 16.47 -1.54
CA LEU A 129 -10.48 15.70 -2.13
C LEU A 129 -9.28 15.59 -1.14
N GLN A 130 -9.17 16.55 -0.20
CA GLN A 130 -8.08 16.57 0.81
C GLN A 130 -8.36 15.53 1.91
N ARG A 131 -9.62 15.49 2.40
CA ARG A 131 -10.06 14.51 3.44
C ARG A 131 -10.00 13.08 2.88
N TRP A 132 -10.26 12.97 1.58
CA TRP A 132 -10.14 11.69 0.87
C TRP A 132 -8.66 11.28 0.73
N ARG A 133 -7.79 12.27 0.38
CA ARG A 133 -6.33 12.04 0.20
C ARG A 133 -5.64 11.66 1.52
N LEU A 134 -6.01 12.34 2.61
CA LEU A 134 -5.35 12.15 3.92
C LEU A 134 -5.75 10.78 4.52
N SER A 135 -7.04 10.41 4.33
CA SER A 135 -7.55 9.07 4.67
C SER A 135 -6.92 7.99 3.77
N LEU A 136 -6.58 8.39 2.53
CA LEU A 136 -5.95 7.51 1.54
C LEU A 136 -4.49 7.18 1.95
N ILE A 137 -3.82 8.08 2.73
CA ILE A 137 -2.41 7.86 3.17
C ILE A 137 -2.33 6.67 4.14
N VAL A 138 -3.08 6.80 5.25
CA VAL A 138 -3.10 5.81 6.34
C VAL A 138 -3.67 4.47 5.84
N GLN A 139 -4.60 4.54 4.89
CA GLN A 139 -5.20 3.35 4.25
C GLN A 139 -4.27 2.77 3.18
N ALA A 140 -3.42 3.62 2.56
CA ALA A 140 -2.42 3.16 1.54
C ALA A 140 -1.35 2.26 2.17
N THR A 141 -1.18 2.37 3.50
CA THR A 141 -0.39 1.41 4.29
C THR A 141 -1.02 -0.01 4.22
N THR A 142 -2.36 -0.07 4.39
CA THR A 142 -3.14 -1.33 4.29
C THR A 142 -3.13 -1.87 2.85
N LEU A 143 -3.25 -0.94 1.89
CA LEU A 143 -3.26 -1.26 0.45
C LEU A 143 -1.86 -1.65 -0.02
N ASN A 144 -0.82 -1.13 0.67
CA ASN A 144 0.58 -1.51 0.42
C ASN A 144 0.84 -2.91 0.98
N GLN A 145 0.16 -3.22 2.10
CA GLN A 145 0.21 -4.56 2.73
C GLN A 145 -0.36 -5.62 1.76
N GLN A 146 -1.41 -5.22 1.01
CA GLN A 146 -2.07 -6.09 0.03
C GLN A 146 -1.17 -6.27 -1.22
N LEU A 147 -0.55 -5.17 -1.71
CA LEU A 147 0.33 -5.26 -2.91
C LEU A 147 1.55 -6.10 -2.58
N LEU A 148 2.13 -5.91 -1.36
CA LEU A 148 3.35 -6.64 -0.96
C LEU A 148 3.04 -8.09 -0.63
N GLU A 149 1.76 -8.40 -0.34
CA GLU A 149 1.33 -9.78 -0.11
C GLU A 149 1.41 -10.57 -1.44
N GLU A 150 1.02 -9.90 -2.54
CA GLU A 150 1.09 -10.48 -3.91
C GLU A 150 2.52 -10.41 -4.51
N GLU A 151 3.19 -9.28 -4.25
CA GLU A 151 4.52 -8.97 -4.78
C GLU A 151 5.57 -9.87 -4.12
N ARG A 152 5.38 -10.11 -2.80
CA ARG A 152 6.28 -10.94 -2.00
C ARG A 152 6.45 -12.29 -2.65
N GLU A 153 5.31 -12.93 -2.98
CA GLU A 153 5.20 -14.28 -3.56
C GLU A 153 6.21 -14.50 -4.71
N GLN A 154 6.23 -13.53 -5.64
CA GLN A 154 7.11 -13.58 -6.83
C GLN A 154 8.59 -13.56 -6.44
N LEU A 155 9.02 -12.49 -5.73
CA LEU A 155 10.44 -12.31 -5.36
C LEU A 155 10.88 -13.22 -4.18
N LEU A 156 9.89 -13.83 -3.51
CA LEU A 156 10.10 -14.80 -2.40
C LEU A 156 10.58 -16.11 -2.99
N SER A 157 9.91 -16.52 -4.08
CA SER A 157 10.30 -17.70 -4.86
C SER A 157 11.76 -17.52 -5.33
N GLU A 158 12.07 -16.30 -5.81
CA GLU A 158 13.43 -15.92 -6.25
C GLU A 158 14.46 -15.98 -5.09
N VAL A 159 14.07 -15.51 -3.86
CA VAL A 159 15.00 -15.57 -2.70
C VAL A 159 15.15 -17.00 -2.16
N GLN A 160 14.27 -17.93 -2.58
CA GLN A 160 14.44 -19.38 -2.31
C GLN A 160 15.59 -19.95 -3.15
N GLU A 161 15.78 -19.41 -4.36
CA GLU A 161 16.97 -19.71 -5.18
C GLU A 161 18.26 -19.20 -4.50
N ARG A 162 18.26 -17.95 -4.00
CA ARG A 162 19.49 -17.36 -3.43
C ARG A 162 19.85 -17.96 -2.05
N MET A 163 18.83 -18.42 -1.28
CA MET A 163 19.02 -18.92 0.11
C MET A 163 19.67 -20.33 0.13
N THR A 164 19.82 -20.95 -1.06
CA THR A 164 20.42 -22.29 -1.19
C THR A 164 21.93 -22.28 -0.80
N LEU A 165 22.54 -21.07 -0.71
CA LEU A 165 23.95 -20.91 -0.25
C LEU A 165 24.12 -21.45 1.20
N SER A 166 23.05 -21.31 1.99
CA SER A 166 22.98 -21.76 3.39
C SER A 166 22.49 -23.22 3.50
N GLY A 167 22.00 -23.75 2.36
CA GLY A 167 21.39 -25.06 2.32
C GLY A 167 19.87 -24.96 2.42
N GLN A 168 19.17 -25.28 1.31
CA GLN A 168 17.70 -25.30 1.26
C GLN A 168 17.16 -26.45 2.15
N LEU A 169 16.90 -26.13 3.42
CA LEU A 169 16.48 -27.11 4.44
C LEU A 169 15.03 -26.79 4.84
N GLU A 170 14.12 -27.78 4.61
CA GLU A 170 12.67 -27.67 4.95
C GLU A 170 12.46 -27.37 6.45
N PRO A 171 11.33 -26.64 6.83
CA PRO A 171 11.05 -26.22 8.23
C PRO A 171 11.13 -27.37 9.24
N ILE A 172 10.29 -28.39 9.02
CA ILE A 172 10.23 -29.62 9.82
C ILE A 172 9.84 -30.81 8.92
N LEU A 173 10.01 -32.02 9.44
CA LEU A 173 9.53 -33.25 8.79
C LEU A 173 8.17 -33.62 9.40
N ALA A 174 7.13 -33.64 8.55
CA ALA A 174 5.75 -34.01 8.93
C ALA A 174 4.93 -34.29 7.66
N ASP A 175 4.02 -35.28 7.72
CA ASP A 175 3.16 -35.67 6.59
C ASP A 175 2.20 -34.50 6.24
N ASN A 176 2.38 -33.96 5.02
CA ASN A 176 1.66 -32.77 4.55
C ASN A 176 1.54 -32.84 3.01
N ASN A 177 0.36 -33.22 2.53
CA ASN A 177 0.09 -33.38 1.09
C ASN A 177 0.01 -32.01 0.38
N THR A 178 1.15 -31.60 -0.19
CA THR A 178 1.26 -30.36 -0.96
C THR A 178 1.00 -30.65 -2.45
N ALA A 179 -0.21 -30.31 -2.94
CA ALA A 179 -0.57 -30.46 -4.36
C ALA A 179 0.21 -29.45 -5.21
N ALA A 180 1.30 -29.91 -5.84
CA ALA A 180 2.20 -29.09 -6.65
C ALA A 180 2.66 -29.90 -7.88
N GLY A 181 2.40 -29.38 -9.08
CA GLY A 181 2.78 -30.05 -10.33
C GLY A 181 2.68 -29.12 -11.53
N ARG A 182 3.45 -29.44 -12.58
CA ARG A 182 3.47 -28.68 -13.83
C ARG A 182 3.96 -29.58 -14.96
N LEU A 183 3.07 -29.88 -15.92
CA LEU A 183 3.41 -30.65 -17.12
C LEU A 183 4.04 -29.72 -18.17
N TRP A 184 5.17 -30.16 -18.77
CA TRP A 184 5.89 -29.42 -19.82
C TRP A 184 6.88 -30.35 -20.52
N ASP A 185 7.35 -29.93 -21.69
CA ASP A 185 8.27 -30.72 -22.53
C ASP A 185 9.22 -29.78 -23.28
N MET A 186 10.30 -30.33 -23.86
CA MET A 186 11.30 -29.57 -24.63
C MET A 186 11.49 -30.19 -26.01
N SER A 187 11.83 -29.33 -27.00
CA SER A 187 12.03 -29.76 -28.39
C SER A 187 13.38 -30.50 -28.54
N ALA A 188 13.33 -31.68 -29.16
CA ALA A 188 14.53 -32.48 -29.49
C ALA A 188 15.26 -31.83 -30.70
N GLY A 189 16.32 -31.07 -30.40
CA GLY A 189 17.05 -30.29 -31.42
C GLY A 189 17.84 -31.17 -32.38
N GLN A 190 17.71 -30.87 -33.69
CA GLN A 190 18.41 -31.60 -34.76
C GLN A 190 18.82 -30.61 -35.87
N LEU A 191 19.99 -30.84 -36.48
CA LEU A 191 20.53 -30.00 -37.58
C LEU A 191 20.05 -30.53 -38.96
N MET A 1 -3.64 -1.25 -17.23
CA MET A 1 -3.53 0.18 -17.60
C MET A 1 -2.53 0.90 -16.68
N LEU A 2 -2.96 1.18 -15.44
CA LEU A 2 -2.19 1.98 -14.48
C LEU A 2 -1.00 1.16 -13.90
N THR A 3 0.18 1.78 -13.90
CA THR A 3 1.42 1.20 -13.33
C THR A 3 1.67 1.80 -11.93
N LEU A 4 2.46 1.09 -11.10
CA LEU A 4 2.54 1.32 -9.63
C LEU A 4 3.20 2.66 -9.25
N ASP A 5 4.11 3.17 -10.09
CA ASP A 5 4.91 4.39 -9.77
C ASP A 5 4.02 5.67 -9.65
N THR A 6 2.74 5.55 -10.07
CA THR A 6 1.72 6.59 -9.84
C THR A 6 1.64 6.95 -8.36
N LEU A 7 1.63 5.92 -7.48
CA LEU A 7 1.46 6.09 -6.02
C LEU A 7 2.60 6.93 -5.40
N ASN A 8 3.80 6.81 -5.96
CA ASN A 8 4.97 7.61 -5.54
C ASN A 8 4.71 9.13 -5.78
N VAL A 9 4.08 9.45 -6.92
CA VAL A 9 3.83 10.82 -7.37
C VAL A 9 2.55 11.40 -6.70
N MET A 10 1.41 10.71 -6.92
CA MET A 10 0.07 11.16 -6.47
C MET A 10 -0.03 11.30 -4.94
N LEU A 11 0.65 10.40 -4.18
CA LEU A 11 0.65 10.47 -2.71
C LEU A 11 1.80 11.33 -2.20
N ALA A 12 2.81 11.57 -3.10
CA ALA A 12 4.02 12.35 -2.82
C ALA A 12 4.90 11.68 -1.73
N VAL A 13 4.72 10.34 -1.56
CA VAL A 13 5.43 9.55 -0.54
C VAL A 13 6.62 8.82 -1.17
N SER A 14 7.71 8.68 -0.40
CA SER A 14 8.84 7.83 -0.76
C SER A 14 8.48 6.36 -0.46
N GLU A 15 8.47 5.56 -1.53
CA GLU A 15 8.15 4.11 -1.49
C GLU A 15 9.01 3.34 -0.47
N GLU A 16 10.25 3.79 -0.21
CA GLU A 16 11.18 3.16 0.75
C GLU A 16 10.58 3.06 2.18
N GLY A 17 9.61 3.95 2.49
CA GLY A 17 8.83 3.89 3.71
C GLY A 17 7.95 2.63 3.80
N LEU A 18 7.26 2.29 2.69
CA LEU A 18 6.40 1.09 2.63
C LEU A 18 7.23 -0.18 2.31
N ILE A 19 8.46 0.01 1.77
CA ILE A 19 9.42 -1.07 1.55
C ILE A 19 9.89 -1.63 2.89
N GLU A 20 10.00 -0.77 3.92
CA GLU A 20 10.35 -1.19 5.30
C GLU A 20 9.35 -2.28 5.81
N GLU A 21 8.06 -2.06 5.54
CA GLU A 21 6.99 -3.02 5.89
C GLU A 21 7.06 -4.27 4.98
N MET A 22 7.48 -4.05 3.72
CA MET A 22 7.71 -5.14 2.74
C MET A 22 8.87 -6.06 3.20
N ILE A 23 9.87 -5.48 3.91
CA ILE A 23 11.00 -6.25 4.52
C ILE A 23 10.41 -7.25 5.52
N ILE A 24 9.58 -6.69 6.42
CA ILE A 24 8.91 -7.44 7.50
C ILE A 24 7.98 -8.54 6.92
N ALA A 25 7.34 -8.23 5.77
CA ALA A 25 6.47 -9.19 5.04
C ALA A 25 7.27 -10.40 4.55
N LEU A 26 8.51 -10.16 4.11
CA LEU A 26 9.44 -11.22 3.65
C LEU A 26 10.04 -12.00 4.81
N LEU A 27 10.24 -11.33 5.96
CA LEU A 27 10.69 -11.99 7.19
C LEU A 27 9.55 -12.86 7.76
N ALA A 28 8.29 -12.45 7.48
CA ALA A 28 7.07 -13.18 7.86
C ALA A 28 6.61 -14.16 6.76
N SER A 29 7.39 -14.29 5.67
CA SER A 29 7.13 -15.29 4.62
C SER A 29 7.37 -16.70 5.19
N PRO A 30 6.42 -17.68 4.98
CA PRO A 30 6.55 -19.08 5.52
C PRO A 30 7.92 -19.73 5.27
N GLN A 31 8.50 -19.40 4.10
CA GLN A 31 9.81 -19.90 3.67
C GLN A 31 10.94 -19.44 4.62
N LEU A 32 11.04 -18.12 4.85
CA LEU A 32 12.09 -17.55 5.72
C LEU A 32 11.77 -17.79 7.20
N ALA A 33 10.46 -17.92 7.53
CA ALA A 33 9.97 -18.18 8.90
C ALA A 33 10.48 -19.54 9.41
N VAL A 34 10.37 -20.59 8.55
CA VAL A 34 10.86 -21.94 8.87
C VAL A 34 12.40 -21.99 8.77
N PHE A 35 12.99 -21.15 7.88
CA PHE A 35 14.47 -21.05 7.73
C PHE A 35 15.11 -20.52 9.03
N PHE A 36 14.40 -19.60 9.71
CA PHE A 36 14.85 -19.03 11.00
C PHE A 36 14.93 -20.13 12.08
N GLU A 37 13.99 -21.09 12.00
CA GLU A 37 13.92 -22.23 12.93
C GLU A 37 15.03 -23.26 12.63
N LYS A 38 15.22 -23.54 11.34
CA LYS A 38 16.18 -24.54 10.83
C LYS A 38 17.64 -24.04 11.01
N PHE A 39 17.81 -22.72 10.86
CA PHE A 39 19.13 -22.06 10.91
C PHE A 39 19.01 -20.75 11.73
N PRO A 40 18.98 -20.85 13.11
CA PRO A 40 18.73 -19.67 14.00
C PRO A 40 19.92 -18.68 14.04
N ARG A 41 21.11 -19.13 13.63
CA ARG A 41 22.29 -18.25 13.55
C ARG A 41 22.47 -17.73 12.12
N LEU A 42 22.27 -18.61 11.13
CA LEU A 42 22.54 -18.30 9.70
C LEU A 42 21.48 -17.36 9.10
N LYS A 43 20.33 -17.26 9.79
CA LYS A 43 19.26 -16.30 9.46
C LYS A 43 19.78 -14.84 9.52
N ALA A 44 20.79 -14.61 10.37
CA ALA A 44 21.39 -13.28 10.64
C ALA A 44 21.82 -12.54 9.37
N ALA A 45 22.33 -13.30 8.37
CA ALA A 45 22.74 -12.74 7.07
C ALA A 45 21.53 -12.14 6.33
N ILE A 46 20.42 -12.89 6.31
CA ILE A 46 19.16 -12.50 5.66
C ILE A 46 18.47 -11.32 6.39
N THR A 47 18.53 -11.34 7.73
CA THR A 47 17.91 -10.30 8.59
C THR A 47 18.74 -9.00 8.56
N ASP A 48 20.04 -9.11 8.20
CA ASP A 48 20.93 -7.94 7.98
C ASP A 48 20.80 -7.44 6.52
N ASP A 49 20.34 -8.33 5.62
CA ASP A 49 20.27 -8.09 4.15
C ASP A 49 18.96 -7.32 3.76
N VAL A 50 18.47 -6.51 4.71
CA VAL A 50 17.31 -5.61 4.53
C VAL A 50 17.40 -4.69 3.27
N PRO A 51 18.53 -3.90 3.03
CA PRO A 51 18.59 -2.89 1.93
C PRO A 51 18.42 -3.47 0.49
N ARG A 52 18.58 -4.80 0.32
CA ARG A 52 18.54 -5.44 -1.02
C ARG A 52 17.11 -5.41 -1.61
N TRP A 53 16.09 -5.61 -0.75
CA TRP A 53 14.67 -5.53 -1.14
C TRP A 53 14.28 -4.11 -1.63
N ARG A 54 15.03 -3.09 -1.17
CA ARG A 54 14.75 -1.68 -1.50
C ARG A 54 14.94 -1.43 -3.00
N GLU A 55 16.12 -1.78 -3.54
CA GLU A 55 16.43 -1.62 -4.98
C GLU A 55 15.57 -2.58 -5.84
N ALA A 56 15.20 -3.73 -5.24
CA ALA A 56 14.33 -4.72 -5.88
C ALA A 56 12.97 -4.11 -6.22
N LEU A 57 12.33 -3.50 -5.19
CA LEU A 57 10.99 -2.86 -5.33
C LEU A 57 11.09 -1.57 -6.17
N ARG A 58 12.25 -0.87 -6.12
CA ARG A 58 12.50 0.35 -6.91
C ARG A 58 12.44 0.08 -8.43
N SER A 59 13.01 -1.05 -8.84
CA SER A 59 12.94 -1.51 -10.23
C SER A 59 11.56 -2.15 -10.51
N ARG A 60 11.05 -2.88 -9.51
CA ARG A 60 9.82 -3.69 -9.64
C ARG A 60 8.58 -2.80 -9.78
N LEU A 61 8.58 -1.59 -9.18
CA LEU A 61 7.43 -0.65 -9.25
C LEU A 61 7.26 -0.08 -10.66
N LYS A 62 8.38 -0.05 -11.42
CA LYS A 62 8.42 0.36 -12.82
C LYS A 62 7.83 -0.76 -13.69
N ASP A 63 8.12 -2.02 -13.31
CA ASP A 63 7.55 -3.23 -13.95
C ASP A 63 6.14 -3.59 -13.40
N ALA A 64 5.73 -2.94 -12.28
CA ALA A 64 4.50 -3.32 -11.53
C ALA A 64 3.26 -2.65 -12.09
N ARG A 65 2.13 -3.30 -11.83
CA ARG A 65 0.79 -2.81 -12.18
C ARG A 65 -0.04 -2.69 -10.89
N VAL A 66 -0.93 -1.70 -10.87
CA VAL A 66 -1.75 -1.35 -9.70
C VAL A 66 -2.90 -2.37 -9.52
N PRO A 67 -3.20 -2.82 -8.25
CA PRO A 67 -4.35 -3.71 -7.95
C PRO A 67 -5.72 -3.06 -8.32
N PRO A 68 -6.75 -3.86 -8.77
CA PRO A 68 -8.04 -3.32 -9.31
C PRO A 68 -8.77 -2.36 -8.34
N GLU A 69 -8.72 -2.68 -7.03
CA GLU A 69 -9.39 -1.89 -5.97
C GLU A 69 -8.85 -0.45 -5.91
N LEU A 70 -7.52 -0.33 -5.98
CA LEU A 70 -6.83 0.97 -6.00
C LEU A 70 -7.13 1.69 -7.33
N THR A 71 -7.18 0.91 -8.43
CA THR A 71 -7.45 1.45 -9.78
C THR A 71 -8.84 2.12 -9.82
N GLU A 72 -9.82 1.55 -9.09
CA GLU A 72 -11.17 2.12 -8.97
C GLU A 72 -11.12 3.48 -8.23
N GLU A 73 -10.35 3.53 -7.14
CA GLU A 73 -10.23 4.73 -6.28
C GLU A 73 -9.47 5.88 -6.97
N VAL A 74 -8.48 5.54 -7.81
CA VAL A 74 -7.66 6.54 -8.54
C VAL A 74 -8.42 7.06 -9.78
N MET A 75 -9.30 6.19 -10.36
CA MET A 75 -10.21 6.61 -11.44
C MET A 75 -11.21 7.62 -10.86
N CYS A 76 -11.80 7.26 -9.72
CA CYS A 76 -12.76 8.10 -8.98
C CYS A 76 -12.11 9.47 -8.61
N TYR A 77 -10.81 9.42 -8.25
CA TYR A 77 -9.98 10.59 -7.92
C TYR A 77 -9.81 11.53 -9.14
N GLN A 78 -9.48 10.96 -10.32
CA GLN A 78 -9.25 11.73 -11.55
C GLN A 78 -10.59 12.20 -12.15
N GLN A 79 -11.70 11.50 -11.82
CA GLN A 79 -13.06 11.91 -12.23
C GLN A 79 -13.55 13.11 -11.42
N SER A 80 -12.99 13.32 -10.21
CA SER A 80 -13.39 14.42 -9.30
C SER A 80 -13.22 15.81 -9.97
N GLN A 81 -12.11 15.99 -10.70
CA GLN A 81 -11.84 17.24 -11.47
C GLN A 81 -12.73 17.33 -12.73
N LEU A 82 -13.08 16.16 -13.30
CA LEU A 82 -13.88 16.05 -14.53
C LEU A 82 -15.38 16.03 -14.23
N LEU A 83 -15.73 15.94 -12.94
CA LEU A 83 -17.12 15.87 -12.46
C LEU A 83 -17.75 17.26 -12.65
N SER A 84 -18.56 17.39 -13.72
CA SER A 84 -19.07 18.70 -14.18
C SER A 84 -19.92 19.38 -13.09
N THR A 85 -20.03 20.72 -13.14
CA THR A 85 -20.63 21.53 -12.05
C THR A 85 -22.11 21.17 -11.69
N PRO A 86 -23.05 20.80 -12.66
CA PRO A 86 -24.39 20.26 -12.27
C PRO A 86 -24.29 18.80 -11.76
N GLN A 87 -23.32 18.06 -12.32
CA GLN A 87 -23.07 16.64 -12.03
C GLN A 87 -22.42 16.47 -10.64
N PHE A 88 -21.70 17.50 -10.19
CA PHE A 88 -20.91 17.49 -8.94
C PHE A 88 -21.85 17.43 -7.72
N ILE A 89 -22.99 18.12 -7.83
CA ILE A 89 -23.98 18.23 -6.75
C ILE A 89 -24.81 16.94 -6.60
N VAL A 90 -25.28 16.39 -7.74
CA VAL A 90 -26.08 15.14 -7.75
C VAL A 90 -25.19 13.91 -7.43
N GLN A 91 -23.90 13.97 -7.82
CA GLN A 91 -22.91 12.92 -7.50
C GLN A 91 -22.15 13.22 -6.20
N LEU A 92 -22.54 14.30 -5.48
CA LEU A 92 -21.95 14.61 -4.16
C LEU A 92 -22.31 13.52 -3.11
N PRO A 93 -23.63 13.20 -2.82
CA PRO A 93 -23.95 12.15 -1.84
C PRO A 93 -23.75 10.73 -2.44
N GLN A 94 -23.68 10.66 -3.78
CA GLN A 94 -23.42 9.41 -4.51
C GLN A 94 -21.97 8.95 -4.30
N ILE A 95 -21.02 9.93 -4.33
CA ILE A 95 -19.58 9.62 -4.26
C ILE A 95 -19.22 9.10 -2.86
N LEU A 96 -20.01 9.51 -1.84
CA LEU A 96 -19.88 9.04 -0.46
C LEU A 96 -20.25 7.55 -0.36
N ASP A 97 -21.33 7.19 -1.10
CA ASP A 97 -21.83 5.80 -1.24
C ASP A 97 -20.79 4.92 -1.97
N LEU A 98 -20.12 5.52 -2.97
CA LEU A 98 -19.06 4.87 -3.75
C LEU A 98 -17.87 4.52 -2.83
N LEU A 99 -17.47 5.46 -1.98
CA LEU A 99 -16.35 5.28 -1.03
C LEU A 99 -16.71 4.24 0.03
N HIS A 100 -17.93 4.38 0.60
CA HIS A 100 -18.46 3.51 1.67
C HIS A 100 -18.61 2.05 1.17
N ARG A 101 -18.78 1.90 -0.16
CA ARG A 101 -18.97 0.60 -0.84
C ARG A 101 -17.88 -0.43 -0.45
N LEU A 102 -16.59 -0.06 -0.63
CA LEU A 102 -15.44 -0.91 -0.20
C LEU A 102 -14.92 -0.49 1.19
N ASN A 103 -15.59 0.52 1.79
CA ASN A 103 -15.32 0.99 3.17
C ASN A 103 -14.01 1.81 3.24
N SER A 104 -13.87 2.74 2.29
CA SER A 104 -12.84 3.80 2.33
C SER A 104 -12.93 4.59 3.65
N PRO A 105 -11.77 4.87 4.36
CA PRO A 105 -11.78 5.58 5.66
C PRO A 105 -12.29 7.03 5.54
N TRP A 106 -12.25 7.59 4.32
CA TRP A 106 -12.70 8.97 4.05
C TRP A 106 -14.23 9.03 3.88
N ALA A 107 -14.88 7.88 3.66
CA ALA A 107 -16.36 7.81 3.50
C ALA A 107 -17.09 8.42 4.71
N GLU A 108 -16.52 8.19 5.91
CA GLU A 108 -17.04 8.71 7.18
C GLU A 108 -16.84 10.24 7.28
N GLN A 109 -15.60 10.71 7.03
CA GLN A 109 -15.23 12.14 7.16
C GLN A 109 -15.98 13.01 6.13
N ALA A 110 -16.00 12.54 4.88
CA ALA A 110 -16.65 13.25 3.75
C ALA A 110 -18.17 13.33 3.94
N ARG A 111 -18.76 12.26 4.52
CA ARG A 111 -20.19 12.22 4.87
C ARG A 111 -20.51 13.28 5.94
N GLN A 112 -19.66 13.32 6.98
CA GLN A 112 -19.79 14.27 8.11
C GLN A 112 -19.51 15.72 7.63
N LEU A 113 -18.63 15.86 6.63
CA LEU A 113 -18.18 17.15 6.08
C LEU A 113 -19.35 17.83 5.35
N VAL A 114 -20.07 17.04 4.54
CA VAL A 114 -21.24 17.52 3.79
C VAL A 114 -22.50 17.54 4.68
N ASP A 115 -22.49 16.73 5.76
CA ASP A 115 -23.53 16.76 6.81
C ASP A 115 -23.50 18.12 7.53
N ALA A 116 -22.29 18.71 7.62
CA ALA A 116 -22.09 20.07 8.08
C ALA A 116 -22.52 21.07 6.97
N ASN A 117 -21.82 21.04 5.82
CA ASN A 117 -22.10 21.92 4.66
C ASN A 117 -22.13 21.09 3.36
N SER A 118 -23.34 20.91 2.80
CA SER A 118 -23.55 20.20 1.51
C SER A 118 -23.60 21.20 0.34
N THR A 119 -23.77 22.49 0.66
CA THR A 119 -23.80 23.59 -0.31
C THR A 119 -22.36 24.02 -0.68
N ILE A 120 -21.64 23.11 -1.38
CA ILE A 120 -20.25 23.34 -1.80
C ILE A 120 -20.21 24.51 -2.81
N THR A 121 -19.60 25.62 -2.38
CA THR A 121 -19.57 26.88 -3.15
C THR A 121 -18.19 27.08 -3.79
N SER A 122 -17.15 27.28 -2.96
CA SER A 122 -15.81 27.67 -3.44
C SER A 122 -14.70 26.96 -2.63
N ALA A 123 -14.56 27.36 -1.34
CA ALA A 123 -13.47 26.87 -0.46
C ALA A 123 -13.62 25.37 -0.17
N LEU A 124 -14.87 24.94 0.08
CA LEU A 124 -15.19 23.56 0.46
C LEU A 124 -14.87 22.57 -0.68
N HIS A 125 -14.88 23.06 -1.93
CA HIS A 125 -14.50 22.28 -3.14
C HIS A 125 -13.01 21.89 -3.05
N THR A 126 -12.18 22.89 -2.70
CA THR A 126 -10.72 22.74 -2.58
C THR A 126 -10.37 21.75 -1.44
N LEU A 127 -11.05 21.91 -0.28
CA LEU A 127 -10.89 21.00 0.87
C LEU A 127 -11.30 19.56 0.49
N PHE A 128 -12.42 19.43 -0.21
CA PHE A 128 -12.99 18.12 -0.61
C PHE A 128 -11.98 17.34 -1.50
N LEU A 129 -11.26 18.08 -2.37
CA LEU A 129 -10.26 17.50 -3.27
C LEU A 129 -8.95 17.12 -2.53
N GLN A 130 -8.55 17.95 -1.54
CA GLN A 130 -7.31 17.74 -0.76
C GLN A 130 -7.45 16.57 0.19
N ARG A 131 -8.57 16.56 0.95
CA ARG A 131 -8.86 15.54 1.98
C ARG A 131 -9.06 14.15 1.33
N TRP A 132 -9.49 14.16 0.05
CA TRP A 132 -9.60 12.94 -0.79
C TRP A 132 -8.23 12.25 -0.89
N ARG A 133 -7.27 12.99 -1.46
CA ARG A 133 -5.91 12.50 -1.75
C ARG A 133 -5.11 12.27 -0.45
N LEU A 134 -5.45 13.04 0.59
CA LEU A 134 -4.82 12.97 1.92
C LEU A 134 -5.11 11.59 2.54
N SER A 135 -6.40 11.25 2.61
CA SER A 135 -6.89 9.98 3.17
C SER A 135 -6.59 8.81 2.22
N LEU A 136 -6.44 9.12 0.92
CA LEU A 136 -6.10 8.12 -0.12
C LEU A 136 -4.74 7.49 0.18
N ILE A 137 -3.84 8.23 0.86
CA ILE A 137 -2.50 7.73 1.26
C ILE A 137 -2.62 6.56 2.26
N VAL A 138 -3.36 6.78 3.36
CA VAL A 138 -3.53 5.79 4.44
C VAL A 138 -4.42 4.62 3.99
N GLN A 139 -5.30 4.87 3.00
CA GLN A 139 -6.12 3.83 2.34
C GLN A 139 -5.24 3.01 1.38
N ALA A 140 -4.33 3.71 0.69
CA ALA A 140 -3.39 3.11 -0.28
C ALA A 140 -2.35 2.23 0.42
N THR A 141 -2.20 2.40 1.74
CA THR A 141 -1.40 1.47 2.57
C THR A 141 -1.96 0.02 2.46
N THR A 142 -3.30 -0.11 2.56
CA THR A 142 -4.02 -1.40 2.47
C THR A 142 -4.04 -1.93 1.02
N LEU A 143 -4.14 -1.01 0.06
CA LEU A 143 -4.20 -1.32 -1.38
C LEU A 143 -2.82 -1.76 -1.92
N ASN A 144 -1.77 -1.03 -1.50
CA ASN A 144 -0.35 -1.36 -1.82
C ASN A 144 0.13 -2.54 -0.97
N GLN A 145 -0.62 -2.87 0.11
CA GLN A 145 -0.41 -4.12 0.86
C GLN A 145 -0.72 -5.30 -0.06
N GLN A 146 -1.87 -5.22 -0.78
CA GLN A 146 -2.31 -6.27 -1.75
C GLN A 146 -1.23 -6.47 -2.84
N LEU A 147 -0.67 -5.32 -3.29
CA LEU A 147 0.46 -5.30 -4.23
C LEU A 147 1.63 -6.12 -3.67
N LEU A 148 2.09 -5.76 -2.45
CA LEU A 148 3.31 -6.37 -1.84
C LEU A 148 3.07 -7.83 -1.42
N GLU A 149 1.78 -8.25 -1.30
CA GLU A 149 1.43 -9.68 -1.08
C GLU A 149 1.83 -10.53 -2.30
N GLU A 150 1.43 -10.04 -3.50
CA GLU A 150 1.68 -10.73 -4.79
C GLU A 150 3.13 -10.58 -5.24
N GLU A 151 3.67 -9.38 -5.02
CA GLU A 151 5.07 -9.04 -5.37
C GLU A 151 6.04 -9.79 -4.45
N ARG A 152 5.58 -10.06 -3.20
CA ARG A 152 6.35 -10.84 -2.21
C ARG A 152 6.83 -12.15 -2.81
N GLU A 153 5.90 -12.86 -3.48
CA GLU A 153 6.14 -14.14 -4.15
C GLU A 153 7.23 -14.05 -5.25
N GLN A 154 7.23 -12.91 -5.98
CA GLN A 154 8.14 -12.68 -7.11
C GLN A 154 9.60 -12.50 -6.62
N LEU A 155 9.80 -11.52 -5.73
CA LEU A 155 11.12 -11.27 -5.12
C LEU A 155 11.47 -12.29 -4.01
N LEU A 156 10.48 -13.13 -3.62
CA LEU A 156 10.74 -14.33 -2.78
C LEU A 156 11.60 -15.31 -3.59
N SER A 157 11.23 -15.51 -4.87
CA SER A 157 12.04 -16.31 -5.83
C SER A 157 13.45 -15.71 -5.97
N GLU A 158 13.51 -14.37 -6.03
CA GLU A 158 14.79 -13.61 -6.05
C GLU A 158 15.64 -13.95 -4.81
N VAL A 159 15.02 -13.94 -3.60
CA VAL A 159 15.74 -14.19 -2.35
C VAL A 159 15.98 -15.70 -2.11
N GLN A 160 15.29 -16.59 -2.89
CA GLN A 160 15.59 -18.04 -2.89
C GLN A 160 16.99 -18.28 -3.45
N GLU A 161 17.31 -17.57 -4.54
CA GLU A 161 18.66 -17.58 -5.13
C GLU A 161 19.68 -16.96 -4.14
N ARG A 162 19.24 -15.92 -3.41
CA ARG A 162 20.06 -15.28 -2.37
C ARG A 162 20.44 -16.26 -1.23
N MET A 163 19.53 -17.22 -0.89
CA MET A 163 19.65 -18.10 0.31
C MET A 163 20.98 -18.88 0.40
N THR A 164 21.73 -18.92 -0.71
CA THR A 164 23.11 -19.45 -0.79
C THR A 164 24.09 -18.70 0.17
N LEU A 165 23.68 -17.52 0.67
CA LEU A 165 24.49 -16.69 1.60
C LEU A 165 24.48 -17.26 3.05
N SER A 166 23.71 -18.36 3.25
CA SER A 166 23.59 -19.04 4.56
C SER A 166 24.95 -19.57 5.09
N GLY A 167 25.96 -19.65 4.19
CA GLY A 167 27.34 -19.91 4.59
C GLY A 167 28.03 -18.64 5.11
N GLN A 168 27.46 -18.06 6.18
CA GLN A 168 27.93 -16.80 6.78
C GLN A 168 27.66 -16.83 8.28
N LEU A 169 28.72 -16.86 9.09
CA LEU A 169 28.62 -16.80 10.55
C LEU A 169 28.47 -15.33 10.97
N GLU A 170 27.31 -14.76 10.60
CA GLU A 170 27.01 -13.33 10.77
C GLU A 170 26.61 -13.06 12.25
N PRO A 171 27.32 -12.14 12.97
CA PRO A 171 27.09 -11.90 14.42
C PRO A 171 25.85 -11.02 14.73
N ILE A 172 25.05 -10.70 13.68
CA ILE A 172 23.83 -9.89 13.82
C ILE A 172 22.72 -10.72 14.50
N LEU A 173 21.99 -10.11 15.44
CA LEU A 173 20.87 -10.78 16.13
C LEU A 173 19.55 -10.03 15.84
N ALA A 174 18.56 -10.76 15.31
CA ALA A 174 17.21 -10.27 15.03
C ALA A 174 16.23 -11.43 15.13
N ASP A 175 15.07 -11.18 15.77
CA ASP A 175 14.03 -12.20 15.96
C ASP A 175 12.65 -11.51 15.96
N ASN A 176 11.97 -11.56 14.81
CA ASN A 176 10.72 -10.82 14.56
C ASN A 176 9.49 -11.65 14.95
N ASN A 177 8.64 -11.09 15.84
CA ASN A 177 7.37 -11.70 16.27
C ASN A 177 6.43 -10.61 16.78
N THR A 178 5.11 -10.82 16.58
CA THR A 178 4.06 -9.86 16.98
C THR A 178 2.82 -10.63 17.47
N ALA A 179 2.13 -10.08 18.49
CA ALA A 179 0.91 -10.66 19.07
C ALA A 179 -0.27 -9.70 18.84
N ALA A 180 -1.30 -10.17 18.12
CA ALA A 180 -2.52 -9.39 17.83
C ALA A 180 -3.76 -10.27 18.08
N GLY A 181 -4.77 -9.71 18.77
CA GLY A 181 -5.98 -10.44 19.13
C GLY A 181 -7.06 -9.50 19.63
N ARG A 182 -8.08 -9.24 18.79
CA ARG A 182 -9.18 -8.31 19.11
C ARG A 182 -10.29 -9.00 19.93
N LEU A 183 -10.94 -8.21 20.81
CA LEU A 183 -11.99 -8.70 21.72
C LEU A 183 -12.92 -7.51 22.05
N TRP A 184 -14.24 -7.72 21.89
CA TRP A 184 -15.26 -6.69 22.16
C TRP A 184 -16.57 -7.37 22.56
N ASP A 185 -17.20 -6.86 23.64
CA ASP A 185 -18.50 -7.33 24.13
C ASP A 185 -19.60 -6.33 23.75
N MET A 186 -20.83 -6.82 23.59
CA MET A 186 -22.01 -6.01 23.27
C MET A 186 -23.25 -6.67 23.87
N SER A 187 -23.96 -5.93 24.72
CA SER A 187 -25.21 -6.37 25.37
C SER A 187 -26.16 -5.18 25.50
N ALA A 188 -27.47 -5.46 25.63
CA ALA A 188 -28.51 -4.44 25.80
C ALA A 188 -29.03 -4.46 27.25
N GLY A 189 -29.01 -3.31 27.93
CA GLY A 189 -29.48 -3.19 29.31
C GLY A 189 -30.97 -2.86 29.37
N GLN A 190 -31.76 -3.79 29.94
CA GLN A 190 -33.21 -3.62 30.12
C GLN A 190 -33.48 -2.55 31.20
N LEU A 191 -34.26 -1.51 30.84
CA LEU A 191 -34.66 -0.44 31.76
C LEU A 191 -35.64 -1.01 32.83
N MET A 1 -3.46 -0.43 -16.34
CA MET A 1 -4.36 0.72 -16.01
C MET A 1 -3.65 1.72 -15.09
N LEU A 2 -2.95 1.21 -14.07
CA LEU A 2 -2.23 2.03 -13.09
C LEU A 2 -1.09 1.21 -12.47
N THR A 3 0.11 1.80 -12.41
CA THR A 3 1.27 1.21 -11.74
C THR A 3 1.67 2.01 -10.49
N LEU A 4 2.56 1.44 -9.67
CA LEU A 4 2.92 1.92 -8.31
C LEU A 4 3.50 3.36 -8.29
N ASP A 5 3.99 3.82 -9.45
CA ASP A 5 4.58 5.18 -9.62
C ASP A 5 3.60 6.30 -9.19
N THR A 6 2.30 6.01 -9.33
CA THR A 6 1.22 6.95 -8.99
C THR A 6 1.08 7.16 -7.47
N LEU A 7 1.37 6.11 -6.68
CA LEU A 7 1.27 6.16 -5.20
C LEU A 7 2.29 7.15 -4.62
N ASN A 8 3.56 6.95 -4.98
CA ASN A 8 4.66 7.79 -4.50
C ASN A 8 4.56 9.24 -5.02
N VAL A 9 3.92 9.46 -6.20
CA VAL A 9 3.80 10.82 -6.79
C VAL A 9 2.62 11.61 -6.17
N MET A 10 1.49 10.93 -5.86
CA MET A 10 0.29 11.60 -5.29
C MET A 10 0.52 11.96 -3.82
N LEU A 11 1.25 11.09 -3.11
CA LEU A 11 1.58 11.28 -1.69
C LEU A 11 2.88 12.09 -1.53
N ALA A 12 3.62 12.25 -2.66
CA ALA A 12 4.92 12.96 -2.72
C ALA A 12 6.00 12.26 -1.85
N VAL A 13 5.75 10.97 -1.50
CA VAL A 13 6.65 10.17 -0.64
C VAL A 13 7.71 9.46 -1.48
N SER A 14 8.71 8.90 -0.78
CA SER A 14 9.79 8.13 -1.41
C SER A 14 9.41 6.64 -1.50
N GLU A 15 10.17 5.93 -2.34
CA GLU A 15 10.10 4.45 -2.47
C GLU A 15 10.44 3.77 -1.12
N GLU A 16 11.38 4.39 -0.36
CA GLU A 16 11.99 3.82 0.86
C GLU A 16 10.97 3.53 1.97
N GLY A 17 9.83 4.23 1.95
CA GLY A 17 8.76 3.99 2.90
C GLY A 17 8.16 2.58 2.76
N LEU A 18 7.97 2.15 1.50
CA LEU A 18 7.40 0.82 1.18
C LEU A 18 8.53 -0.23 1.24
N ILE A 19 9.71 0.13 0.69
CA ILE A 19 10.90 -0.76 0.62
C ILE A 19 11.30 -1.24 2.02
N GLU A 20 11.39 -0.29 2.97
CA GLU A 20 11.76 -0.58 4.38
C GLU A 20 10.82 -1.64 4.98
N GLU A 21 9.50 -1.34 4.88
CA GLU A 21 8.43 -2.20 5.41
C GLU A 21 8.49 -3.60 4.76
N MET A 22 8.90 -3.62 3.47
CA MET A 22 8.96 -4.84 2.65
C MET A 22 10.22 -5.67 2.97
N ILE A 23 11.29 -5.04 3.51
CA ILE A 23 12.47 -5.78 4.02
C ILE A 23 12.03 -6.64 5.20
N ILE A 24 11.40 -5.96 6.18
CA ILE A 24 10.90 -6.55 7.42
C ILE A 24 9.82 -7.64 7.12
N ALA A 25 8.94 -7.35 6.15
CA ALA A 25 7.88 -8.28 5.70
C ALA A 25 8.49 -9.58 5.17
N LEU A 26 9.57 -9.42 4.39
CA LEU A 26 10.27 -10.55 3.77
C LEU A 26 11.09 -11.35 4.82
N LEU A 27 11.61 -10.66 5.86
CA LEU A 27 12.33 -11.33 6.97
C LEU A 27 11.37 -12.13 7.87
N ALA A 28 10.09 -11.72 7.89
CA ALA A 28 9.02 -12.39 8.67
C ALA A 28 8.17 -13.34 7.78
N SER A 29 8.65 -13.64 6.55
CA SER A 29 7.94 -14.53 5.60
C SER A 29 8.02 -16.02 6.03
N PRO A 30 6.98 -16.86 5.67
CA PRO A 30 6.88 -18.29 6.09
C PRO A 30 8.17 -19.12 5.93
N GLN A 31 8.90 -18.89 4.81
CA GLN A 31 10.19 -19.57 4.56
C GLN A 31 11.21 -19.24 5.67
N LEU A 32 11.32 -17.95 6.02
CA LEU A 32 12.29 -17.43 7.00
C LEU A 32 11.80 -17.62 8.44
N ALA A 33 10.48 -17.80 8.61
CA ALA A 33 9.86 -18.06 9.91
C ALA A 33 10.38 -19.39 10.47
N VAL A 34 10.46 -20.39 9.56
CA VAL A 34 11.00 -21.71 9.90
C VAL A 34 12.53 -21.74 9.72
N PHE A 35 13.07 -20.99 8.74
CA PHE A 35 14.52 -21.02 8.40
C PHE A 35 15.38 -20.43 9.54
N PHE A 36 14.85 -19.42 10.25
CA PHE A 36 15.60 -18.71 11.30
C PHE A 36 15.77 -19.58 12.58
N GLU A 37 14.79 -20.45 12.88
CA GLU A 37 14.85 -21.37 14.04
C GLU A 37 15.57 -22.68 13.66
N LYS A 38 15.28 -23.21 12.46
CA LYS A 38 15.85 -24.49 11.97
C LYS A 38 17.33 -24.32 11.61
N PHE A 39 17.64 -23.20 10.93
CA PHE A 39 19.00 -22.85 10.49
C PHE A 39 19.43 -21.55 11.19
N PRO A 40 19.89 -21.63 12.48
CA PRO A 40 20.19 -20.43 13.30
C PRO A 40 21.53 -19.76 12.92
N ARG A 41 22.35 -20.48 12.12
CA ARG A 41 23.66 -20.02 11.67
C ARG A 41 23.53 -19.36 10.29
N LEU A 42 22.77 -20.01 9.42
CA LEU A 42 22.66 -19.67 7.99
C LEU A 42 21.72 -18.47 7.77
N LYS A 43 20.84 -18.20 8.75
CA LYS A 43 19.90 -17.05 8.74
C LYS A 43 20.64 -15.71 8.71
N ALA A 44 21.85 -15.69 9.29
CA ALA A 44 22.68 -14.49 9.47
C ALA A 44 22.94 -13.73 8.15
N ALA A 45 23.15 -14.49 7.06
CA ALA A 45 23.36 -13.91 5.73
C ALA A 45 22.06 -13.30 5.18
N ILE A 46 20.96 -14.05 5.33
CA ILE A 46 19.65 -13.69 4.78
C ILE A 46 19.08 -12.40 5.41
N THR A 47 19.25 -12.26 6.73
CA THR A 47 18.79 -11.07 7.44
C THR A 47 19.72 -9.87 7.17
N ASP A 48 20.97 -10.18 6.73
CA ASP A 48 21.97 -9.16 6.31
C ASP A 48 21.76 -8.77 4.82
N ASP A 49 20.87 -9.49 4.11
CA ASP A 49 20.48 -9.18 2.70
C ASP A 49 19.48 -8.01 2.61
N VAL A 50 19.48 -7.09 3.61
CA VAL A 50 18.63 -5.87 3.61
C VAL A 50 18.72 -5.04 2.28
N PRO A 51 19.96 -4.69 1.75
CA PRO A 51 20.06 -3.90 0.50
C PRO A 51 19.86 -4.73 -0.80
N ARG A 52 19.61 -6.04 -0.65
CA ARG A 52 19.41 -6.99 -1.78
C ARG A 52 17.99 -6.86 -2.37
N TRP A 53 17.04 -6.43 -1.54
CA TRP A 53 15.67 -6.13 -1.99
C TRP A 53 15.61 -4.73 -2.66
N ARG A 54 16.56 -3.84 -2.31
CA ARG A 54 16.50 -2.40 -2.65
C ARG A 54 16.30 -2.13 -4.15
N GLU A 55 17.24 -2.59 -5.00
CA GLU A 55 17.20 -2.35 -6.46
C GLU A 55 16.11 -3.19 -7.13
N ALA A 56 15.81 -4.35 -6.55
CA ALA A 56 14.71 -5.23 -6.98
C ALA A 56 13.35 -4.51 -6.85
N LEU A 57 13.21 -3.71 -5.76
CA LEU A 57 12.00 -2.94 -5.44
C LEU A 57 11.95 -1.60 -6.19
N ARG A 58 13.15 -1.04 -6.53
CA ARG A 58 13.26 0.16 -7.41
C ARG A 58 12.73 -0.19 -8.81
N SER A 59 13.08 -1.39 -9.30
CA SER A 59 12.62 -1.92 -10.58
C SER A 59 11.13 -2.29 -10.50
N ARG A 60 10.75 -2.89 -9.35
CA ARG A 60 9.37 -3.34 -9.10
C ARG A 60 8.42 -2.13 -8.87
N LEU A 61 8.99 -0.94 -8.59
CA LEU A 61 8.20 0.32 -8.49
C LEU A 61 7.48 0.58 -9.84
N LYS A 62 8.17 0.26 -10.93
CA LYS A 62 7.65 0.34 -12.29
C LYS A 62 6.70 -0.85 -12.59
N ASP A 63 7.15 -2.08 -12.27
CA ASP A 63 6.44 -3.34 -12.64
C ASP A 63 5.18 -3.63 -11.80
N ALA A 64 5.11 -3.10 -10.57
CA ALA A 64 4.02 -3.42 -9.61
C ALA A 64 2.74 -2.72 -10.04
N ARG A 65 1.69 -3.52 -10.27
CA ARG A 65 0.37 -3.01 -10.65
C ARG A 65 -0.38 -2.64 -9.36
N VAL A 66 -1.22 -1.60 -9.46
CA VAL A 66 -2.04 -1.12 -8.36
C VAL A 66 -3.32 -1.99 -8.21
N PRO A 67 -3.78 -2.29 -6.95
CA PRO A 67 -5.10 -2.92 -6.71
C PRO A 67 -6.23 -2.24 -7.52
N PRO A 68 -7.00 -3.00 -8.38
CA PRO A 68 -8.13 -2.48 -9.22
C PRO A 68 -9.12 -1.56 -8.47
N GLU A 69 -9.25 -1.78 -7.16
CA GLU A 69 -10.16 -1.00 -6.29
C GLU A 69 -9.65 0.43 -6.14
N LEU A 70 -8.34 0.56 -5.83
CA LEU A 70 -7.62 1.86 -5.73
C LEU A 70 -7.66 2.56 -7.10
N THR A 71 -7.54 1.75 -8.17
CA THR A 71 -7.56 2.25 -9.55
C THR A 71 -8.89 2.98 -9.86
N GLU A 72 -10.01 2.46 -9.31
CA GLU A 72 -11.33 3.13 -9.45
C GLU A 72 -11.36 4.45 -8.66
N GLU A 73 -10.76 4.41 -7.45
CA GLU A 73 -10.73 5.57 -6.53
C GLU A 73 -9.92 6.74 -7.13
N VAL A 74 -8.77 6.44 -7.78
CA VAL A 74 -7.88 7.47 -8.33
C VAL A 74 -8.49 8.11 -9.60
N MET A 75 -9.21 7.29 -10.40
CA MET A 75 -9.90 7.79 -11.62
C MET A 75 -11.09 8.69 -11.22
N CYS A 76 -11.77 8.32 -10.13
CA CYS A 76 -12.87 9.12 -9.55
C CYS A 76 -12.33 10.37 -8.81
N TYR A 77 -11.11 10.25 -8.26
CA TYR A 77 -10.38 11.33 -7.53
C TYR A 77 -10.00 12.46 -8.49
N GLN A 78 -9.41 12.09 -9.64
CA GLN A 78 -9.03 13.05 -10.69
C GLN A 78 -10.30 13.53 -11.44
N GLN A 79 -11.34 12.68 -11.48
CA GLN A 79 -12.63 13.06 -12.12
C GLN A 79 -13.39 14.07 -11.25
N SER A 80 -13.13 14.11 -9.93
CA SER A 80 -13.77 15.10 -9.02
C SER A 80 -13.42 16.55 -9.43
N GLN A 81 -12.17 16.77 -9.90
CA GLN A 81 -11.71 18.08 -10.38
C GLN A 81 -12.00 18.29 -11.88
N LEU A 82 -12.46 17.23 -12.56
CA LEU A 82 -12.91 17.28 -13.96
C LEU A 82 -14.46 17.23 -14.04
N LEU A 83 -15.11 17.12 -12.88
CA LEU A 83 -16.56 17.01 -12.75
C LEU A 83 -17.18 18.42 -12.80
N SER A 84 -17.85 18.72 -13.92
CA SER A 84 -18.40 20.06 -14.22
C SER A 84 -19.41 20.51 -13.14
N THR A 85 -19.54 21.84 -12.99
CA THR A 85 -20.28 22.48 -11.87
C THR A 85 -21.75 21.95 -11.69
N PRO A 86 -22.61 21.80 -12.77
CA PRO A 86 -23.96 21.18 -12.65
C PRO A 86 -23.88 19.68 -12.31
N GLN A 87 -22.89 19.00 -12.93
CA GLN A 87 -22.67 17.55 -12.80
C GLN A 87 -22.11 17.17 -11.42
N PHE A 88 -21.44 18.13 -10.74
CA PHE A 88 -20.83 17.89 -9.43
C PHE A 88 -21.93 17.78 -8.36
N ILE A 89 -23.03 18.51 -8.57
CA ILE A 89 -24.18 18.53 -7.64
C ILE A 89 -24.96 17.21 -7.76
N VAL A 90 -25.35 16.84 -9.00
CA VAL A 90 -26.18 15.65 -9.25
C VAL A 90 -25.40 14.33 -8.98
N GLN A 91 -24.07 14.35 -9.22
CA GLN A 91 -23.19 13.18 -9.01
C GLN A 91 -22.48 13.25 -7.63
N LEU A 92 -22.77 14.31 -6.83
CA LEU A 92 -22.25 14.44 -5.45
C LEU A 92 -22.57 13.19 -4.59
N PRO A 93 -23.87 12.74 -4.42
CA PRO A 93 -24.20 11.58 -3.57
C PRO A 93 -23.91 10.22 -4.27
N GLN A 94 -23.62 10.29 -5.58
CA GLN A 94 -23.39 9.11 -6.42
C GLN A 94 -21.93 8.62 -6.32
N ILE A 95 -20.99 9.57 -6.11
CA ILE A 95 -19.55 9.24 -5.98
C ILE A 95 -19.29 8.61 -4.58
N LEU A 96 -20.16 8.96 -3.61
CA LEU A 96 -20.16 8.38 -2.23
C LEU A 96 -20.29 6.84 -2.26
N ASP A 97 -21.05 6.34 -3.25
CA ASP A 97 -21.26 4.89 -3.48
C ASP A 97 -19.92 4.15 -3.73
N LEU A 98 -19.02 4.80 -4.48
CA LEU A 98 -17.69 4.24 -4.82
C LEU A 98 -16.82 4.10 -3.56
N LEU A 99 -16.78 5.18 -2.76
CA LEU A 99 -16.00 5.20 -1.51
C LEU A 99 -16.56 4.19 -0.49
N HIS A 100 -17.90 4.09 -0.45
CA HIS A 100 -18.63 3.14 0.41
C HIS A 100 -18.31 1.68 0.02
N ARG A 101 -18.10 1.47 -1.28
CA ARG A 101 -17.81 0.14 -1.84
C ARG A 101 -16.43 -0.36 -1.36
N LEU A 102 -15.44 0.54 -1.35
CA LEU A 102 -14.08 0.24 -0.83
C LEU A 102 -14.09 0.30 0.71
N ASN A 103 -15.08 1.04 1.28
CA ASN A 103 -15.23 1.24 2.75
C ASN A 103 -14.06 2.06 3.31
N SER A 104 -13.57 2.99 2.48
CA SER A 104 -12.47 3.92 2.80
C SER A 104 -12.78 4.80 4.04
N PRO A 105 -11.75 5.40 4.72
CA PRO A 105 -12.00 6.39 5.81
C PRO A 105 -12.76 7.61 5.25
N TRP A 106 -12.56 7.90 3.94
CA TRP A 106 -13.26 8.97 3.21
C TRP A 106 -14.74 8.60 2.93
N ALA A 107 -15.10 7.30 3.01
CA ALA A 107 -16.51 6.86 2.92
C ALA A 107 -17.30 7.38 4.14
N GLU A 108 -16.78 7.03 5.33
CA GLU A 108 -17.40 7.40 6.61
C GLU A 108 -17.29 8.90 6.90
N GLN A 109 -16.29 9.55 6.31
CA GLN A 109 -16.04 10.98 6.51
C GLN A 109 -16.97 11.84 5.61
N ALA A 110 -17.00 11.51 4.31
CA ALA A 110 -17.76 12.28 3.30
C ALA A 110 -19.28 12.13 3.47
N ARG A 111 -19.74 10.94 3.95
CA ARG A 111 -21.19 10.67 4.11
C ARG A 111 -21.86 11.68 5.07
N GLN A 112 -21.15 12.04 6.16
CA GLN A 112 -21.64 13.06 7.11
C GLN A 112 -21.39 14.47 6.55
N LEU A 113 -20.22 14.65 5.90
CA LEU A 113 -19.75 15.96 5.40
C LEU A 113 -20.73 16.58 4.38
N VAL A 114 -21.13 15.78 3.38
CA VAL A 114 -21.98 16.22 2.27
C VAL A 114 -23.44 16.40 2.72
N ASP A 115 -23.82 15.73 3.83
CA ASP A 115 -25.16 15.86 4.45
C ASP A 115 -25.22 17.13 5.32
N ALA A 116 -24.14 17.35 6.08
CA ALA A 116 -23.99 18.48 7.01
C ALA A 116 -23.87 19.79 6.24
N ASN A 117 -23.31 19.70 5.03
CA ASN A 117 -23.19 20.83 4.11
C ASN A 117 -23.35 20.31 2.68
N SER A 118 -24.50 20.61 2.03
CA SER A 118 -24.72 20.32 0.60
C SER A 118 -24.46 21.58 -0.24
N THR A 119 -24.07 22.68 0.44
CA THR A 119 -23.75 23.97 -0.18
C THR A 119 -22.35 23.94 -0.80
N ILE A 120 -22.20 23.15 -1.89
CA ILE A 120 -20.98 23.12 -2.70
C ILE A 120 -20.91 24.45 -3.49
N THR A 121 -20.05 25.38 -3.06
CA THR A 121 -19.91 26.70 -3.71
C THR A 121 -18.41 27.05 -3.90
N SER A 122 -17.59 26.76 -2.88
CA SER A 122 -16.16 27.14 -2.88
C SER A 122 -15.34 26.34 -1.85
N ALA A 123 -15.57 26.63 -0.55
CA ALA A 123 -14.77 26.11 0.59
C ALA A 123 -14.83 24.57 0.69
N LEU A 124 -16.07 24.05 0.71
CA LEU A 124 -16.35 22.61 0.82
C LEU A 124 -15.83 21.85 -0.43
N HIS A 125 -15.94 22.50 -1.59
CA HIS A 125 -15.51 21.94 -2.89
C HIS A 125 -13.99 21.66 -2.88
N THR A 126 -13.24 22.64 -2.35
CA THR A 126 -11.77 22.54 -2.18
C THR A 126 -11.42 21.44 -1.16
N LEU A 127 -12.10 21.48 0.01
CA LEU A 127 -11.88 20.53 1.12
C LEU A 127 -12.24 19.09 0.72
N PHE A 128 -13.18 18.92 -0.22
CA PHE A 128 -13.64 17.60 -0.68
C PHE A 128 -12.46 16.79 -1.25
N LEU A 129 -11.60 17.47 -2.03
CA LEU A 129 -10.38 16.89 -2.60
C LEU A 129 -9.31 16.68 -1.50
N GLN A 130 -9.17 17.67 -0.59
CA GLN A 130 -8.13 17.66 0.46
C GLN A 130 -8.33 16.52 1.46
N ARG A 131 -9.61 16.24 1.79
CA ARG A 131 -10.00 15.20 2.74
C ARG A 131 -9.89 13.82 2.09
N TRP A 132 -10.01 13.77 0.74
CA TRP A 132 -9.73 12.55 -0.05
C TRP A 132 -8.22 12.24 0.03
N ARG A 133 -7.39 13.29 -0.13
CA ARG A 133 -5.91 13.17 -0.20
C ARG A 133 -5.31 12.68 1.13
N LEU A 134 -5.72 13.30 2.26
CA LEU A 134 -5.21 12.93 3.60
C LEU A 134 -5.69 11.52 3.99
N SER A 135 -6.92 11.18 3.55
CA SER A 135 -7.48 9.83 3.70
C SER A 135 -6.58 8.82 2.96
N LEU A 136 -6.21 9.17 1.71
CA LEU A 136 -5.36 8.33 0.83
C LEU A 136 -4.01 7.96 1.47
N ILE A 137 -3.50 8.79 2.41
CA ILE A 137 -2.18 8.52 3.04
C ILE A 137 -2.30 7.35 4.04
N VAL A 138 -3.18 7.54 5.04
CA VAL A 138 -3.44 6.52 6.09
C VAL A 138 -4.12 5.27 5.50
N GLN A 139 -4.84 5.46 4.39
CA GLN A 139 -5.52 4.39 3.65
C GLN A 139 -4.50 3.62 2.82
N ALA A 140 -3.47 4.34 2.29
CA ALA A 140 -2.36 3.73 1.52
C ALA A 140 -1.51 2.80 2.40
N THR A 141 -1.57 3.00 3.72
CA THR A 141 -1.01 2.03 4.69
C THR A 141 -1.57 0.61 4.42
N THR A 142 -2.89 0.52 4.18
CA THR A 142 -3.59 -0.74 3.84
C THR A 142 -3.50 -1.08 2.33
N LEU A 143 -3.68 -0.08 1.46
CA LEU A 143 -3.70 -0.25 -0.02
C LEU A 143 -2.35 -0.81 -0.52
N ASN A 144 -1.26 -0.24 0.02
CA ASN A 144 0.12 -0.67 -0.30
C ASN A 144 0.47 -1.96 0.47
N GLN A 145 -0.28 -2.27 1.54
CA GLN A 145 -0.17 -3.54 2.29
C GLN A 145 -0.90 -4.69 1.53
N GLN A 146 -1.89 -4.31 0.69
CA GLN A 146 -2.59 -5.26 -0.21
C GLN A 146 -1.62 -5.73 -1.31
N LEU A 147 -1.00 -4.75 -2.02
CA LEU A 147 0.01 -5.06 -3.05
C LEU A 147 1.25 -5.69 -2.39
N LEU A 148 1.56 -5.25 -1.14
CA LEU A 148 2.67 -5.80 -0.35
C LEU A 148 2.53 -7.30 -0.22
N GLU A 149 1.30 -7.74 0.08
CA GLU A 149 1.00 -9.15 0.37
C GLU A 149 1.14 -10.05 -0.87
N GLU A 150 0.57 -9.61 -2.00
CA GLU A 150 0.60 -10.41 -3.27
C GLU A 150 1.93 -10.29 -4.04
N GLU A 151 2.65 -9.16 -3.88
CA GLU A 151 3.98 -8.98 -4.51
C GLU A 151 5.06 -9.65 -3.66
N ARG A 152 4.81 -9.71 -2.34
CA ARG A 152 5.69 -10.38 -1.36
C ARG A 152 6.01 -11.80 -1.83
N GLU A 153 4.97 -12.49 -2.36
CA GLU A 153 5.07 -13.90 -2.77
C GLU A 153 5.90 -14.08 -4.07
N GLN A 154 5.83 -13.09 -4.99
CA GLN A 154 6.53 -13.18 -6.28
C GLN A 154 8.05 -13.08 -6.07
N LEU A 155 8.47 -12.00 -5.39
CA LEU A 155 9.87 -11.81 -5.01
C LEU A 155 10.28 -12.71 -3.83
N LEU A 156 9.29 -13.35 -3.15
CA LEU A 156 9.56 -14.45 -2.20
C LEU A 156 10.20 -15.62 -2.94
N SER A 157 9.65 -15.95 -4.13
CA SER A 157 10.19 -17.00 -5.01
C SER A 157 11.60 -16.62 -5.50
N GLU A 158 11.80 -15.31 -5.77
CA GLU A 158 13.12 -14.77 -6.14
C GLU A 158 14.12 -14.92 -4.98
N VAL A 159 13.68 -14.67 -3.73
CA VAL A 159 14.55 -14.83 -2.55
C VAL A 159 14.62 -16.30 -2.05
N GLN A 160 13.78 -17.20 -2.62
CA GLN A 160 13.99 -18.66 -2.49
C GLN A 160 15.27 -19.04 -3.25
N GLU A 161 15.49 -18.36 -4.38
CA GLU A 161 16.75 -18.45 -5.15
C GLU A 161 17.93 -17.82 -4.35
N ARG A 162 17.66 -16.70 -3.62
CA ARG A 162 18.68 -16.06 -2.72
C ARG A 162 19.23 -17.07 -1.70
N MET A 163 18.30 -17.84 -1.09
CA MET A 163 18.59 -18.72 0.08
C MET A 163 19.77 -19.72 -0.16
N THR A 164 20.11 -19.96 -1.44
CA THR A 164 21.23 -20.86 -1.84
C THR A 164 22.60 -20.40 -1.29
N LEU A 165 22.70 -19.13 -0.83
CA LEU A 165 23.95 -18.56 -0.26
C LEU A 165 24.33 -19.18 1.10
N SER A 166 23.40 -19.93 1.71
CA SER A 166 23.50 -20.42 3.11
C SER A 166 24.85 -21.11 3.39
N GLY A 167 25.13 -22.19 2.65
CA GLY A 167 26.39 -22.93 2.75
C GLY A 167 26.75 -23.37 4.17
N GLN A 168 27.76 -22.70 4.75
CA GLN A 168 28.25 -22.93 6.13
C GLN A 168 28.54 -21.56 6.79
N LEU A 169 27.60 -20.61 6.60
CA LEU A 169 27.70 -19.26 7.17
C LEU A 169 27.54 -19.33 8.70
N GLU A 170 28.45 -18.67 9.42
CA GLU A 170 28.53 -18.69 10.89
C GLU A 170 27.35 -17.94 11.55
N PRO A 171 26.94 -18.32 12.81
CA PRO A 171 25.80 -17.68 13.50
C PRO A 171 26.06 -16.22 13.89
N ILE A 172 25.20 -15.33 13.39
CA ILE A 172 25.07 -13.95 13.86
C ILE A 172 23.58 -13.73 14.16
N LEU A 173 23.26 -13.49 15.43
CA LEU A 173 21.89 -13.20 15.86
C LEU A 173 21.53 -11.77 15.47
N ALA A 174 20.64 -11.64 14.49
CA ALA A 174 20.07 -10.36 14.04
C ALA A 174 18.63 -10.62 13.61
N ASP A 175 17.76 -10.83 14.62
CA ASP A 175 16.35 -11.20 14.42
C ASP A 175 15.46 -9.95 14.31
N ASN A 176 14.17 -10.16 14.00
CA ASN A 176 13.20 -9.07 13.73
C ASN A 176 11.78 -9.50 14.16
N ASN A 177 10.97 -8.53 14.61
CA ASN A 177 9.55 -8.71 14.97
C ASN A 177 8.73 -7.55 14.38
N THR A 178 7.48 -7.83 13.97
CA THR A 178 6.58 -6.82 13.38
C THR A 178 5.11 -7.22 13.56
N ALA A 179 4.23 -6.21 13.69
CA ALA A 179 2.78 -6.40 13.70
C ALA A 179 2.25 -6.29 12.25
N ALA A 180 2.15 -7.45 11.58
CA ALA A 180 1.63 -7.56 10.20
C ALA A 180 0.18 -8.06 10.25
N GLY A 181 -0.77 -7.17 9.89
CA GLY A 181 -2.19 -7.50 9.89
C GLY A 181 -3.07 -6.25 9.86
N ARG A 182 -4.27 -6.39 9.28
CA ARG A 182 -5.26 -5.32 9.19
C ARG A 182 -6.67 -5.93 9.11
N LEU A 183 -7.69 -5.19 9.57
CA LEU A 183 -9.10 -5.60 9.51
C LEU A 183 -9.94 -4.51 8.83
N TRP A 184 -10.67 -4.90 7.77
CA TRP A 184 -11.58 -4.03 7.01
C TRP A 184 -12.83 -4.80 6.62
N ASP A 185 -14.00 -4.20 6.83
CA ASP A 185 -15.29 -4.73 6.36
C ASP A 185 -15.51 -4.33 4.89
N MET A 186 -16.17 -5.21 4.11
CA MET A 186 -16.51 -4.95 2.70
C MET A 186 -18.03 -4.83 2.54
N SER A 187 -18.56 -3.63 2.80
CA SER A 187 -19.98 -3.31 2.56
C SER A 187 -20.19 -2.82 1.11
N ALA A 188 -21.42 -3.03 0.61
CA ALA A 188 -21.84 -2.64 -0.74
C ALA A 188 -23.16 -1.85 -0.68
N GLY A 189 -23.54 -1.26 -1.81
CA GLY A 189 -24.80 -0.51 -1.92
C GLY A 189 -25.09 -0.09 -3.35
N GLN A 190 -26.16 0.70 -3.53
CA GLN A 190 -26.56 1.26 -4.82
C GLN A 190 -27.54 2.41 -4.61
N LEU A 191 -27.39 3.48 -5.39
CA LEU A 191 -28.30 4.63 -5.42
C LEU A 191 -28.40 5.15 -6.86
N MET A 1 -4.91 0.90 -17.38
CA MET A 1 -4.52 2.33 -17.21
C MET A 1 -3.52 2.46 -16.04
N LEU A 2 -4.01 2.21 -14.81
CA LEU A 2 -3.21 2.37 -13.59
C LEU A 2 -2.39 1.10 -13.28
N THR A 3 -1.15 1.33 -12.87
CA THR A 3 -0.26 0.31 -12.32
C THR A 3 0.22 0.78 -10.92
N LEU A 4 1.01 -0.06 -10.24
CA LEU A 4 1.36 0.14 -8.81
C LEU A 4 2.20 1.44 -8.58
N ASP A 5 2.81 1.96 -9.67
CA ASP A 5 3.63 3.20 -9.64
C ASP A 5 2.79 4.44 -9.26
N THR A 6 1.46 4.33 -9.42
CA THR A 6 0.50 5.38 -9.08
C THR A 6 0.57 5.73 -7.58
N LEU A 7 0.78 4.71 -6.71
CA LEU A 7 0.68 4.83 -5.23
C LEU A 7 1.61 5.91 -4.66
N ASN A 8 2.89 5.89 -5.08
CA ASN A 8 3.89 6.88 -4.61
C ASN A 8 3.58 8.30 -5.11
N VAL A 9 2.83 8.42 -6.21
CA VAL A 9 2.44 9.70 -6.81
C VAL A 9 1.18 10.29 -6.11
N MET A 10 0.13 9.46 -5.98
CA MET A 10 -1.20 9.85 -5.46
C MET A 10 -1.18 10.06 -3.94
N LEU A 11 -0.22 9.40 -3.26
CA LEU A 11 0.09 9.65 -1.83
C LEU A 11 1.23 10.71 -1.73
N ALA A 12 2.04 10.83 -2.80
CA ALA A 12 3.18 11.77 -2.91
C ALA A 12 4.25 11.51 -1.82
N VAL A 13 4.31 10.26 -1.33
CA VAL A 13 5.24 9.84 -0.26
C VAL A 13 6.39 9.01 -0.88
N SER A 14 7.47 8.86 -0.09
CA SER A 14 8.64 8.05 -0.47
C SER A 14 8.23 6.55 -0.51
N GLU A 15 8.23 5.95 -1.72
CA GLU A 15 7.84 4.56 -1.94
C GLU A 15 8.78 3.58 -1.22
N GLU A 16 10.04 4.00 -1.04
CA GLU A 16 11.09 3.19 -0.38
C GLU A 16 10.74 2.93 1.10
N GLY A 17 9.93 3.84 1.68
CA GLY A 17 9.39 3.67 3.02
C GLY A 17 8.38 2.52 3.10
N LEU A 18 7.59 2.35 2.01
CA LEU A 18 6.62 1.24 1.88
C LEU A 18 7.38 -0.07 1.54
N ILE A 19 8.48 0.07 0.79
CA ILE A 19 9.42 -1.03 0.49
C ILE A 19 10.10 -1.51 1.78
N GLU A 20 10.30 -0.57 2.74
CA GLU A 20 10.92 -0.87 4.05
C GLU A 20 10.05 -1.88 4.82
N GLU A 21 8.71 -1.73 4.73
CA GLU A 21 7.76 -2.69 5.32
C GLU A 21 7.93 -4.08 4.65
N MET A 22 8.10 -4.06 3.32
CA MET A 22 8.29 -5.28 2.50
C MET A 22 9.60 -6.02 2.92
N ILE A 23 10.62 -5.25 3.35
CA ILE A 23 11.89 -5.80 3.88
C ILE A 23 11.60 -6.66 5.13
N ILE A 24 10.92 -6.05 6.12
CA ILE A 24 10.58 -6.69 7.41
C ILE A 24 9.65 -7.92 7.19
N ALA A 25 8.74 -7.81 6.21
CA ALA A 25 7.80 -8.89 5.83
C ALA A 25 8.57 -10.11 5.29
N LEU A 26 9.65 -9.83 4.53
CA LEU A 26 10.53 -10.87 3.99
C LEU A 26 11.51 -11.41 5.06
N LEU A 27 11.84 -10.58 6.06
CA LEU A 27 12.67 -11.02 7.21
C LEU A 27 11.87 -11.95 8.15
N ALA A 28 10.53 -11.79 8.13
CA ALA A 28 9.59 -12.63 8.90
C ALA A 28 9.11 -13.85 8.08
N SER A 29 9.75 -14.09 6.93
CA SER A 29 9.40 -15.22 6.04
C SER A 29 9.61 -16.57 6.76
N PRO A 30 8.62 -17.53 6.66
CA PRO A 30 8.76 -18.89 7.26
C PRO A 30 9.94 -19.69 6.64
N GLN A 31 10.31 -19.31 5.40
CA GLN A 31 11.45 -19.87 4.68
C GLN A 31 12.76 -19.44 5.35
N LEU A 32 12.84 -18.15 5.73
CA LEU A 32 14.02 -17.57 6.40
C LEU A 32 14.03 -17.88 7.90
N ALA A 33 12.85 -18.22 8.47
CA ALA A 33 12.69 -18.56 9.90
C ALA A 33 13.58 -19.76 10.26
N VAL A 34 13.43 -20.83 9.46
CA VAL A 34 14.25 -22.04 9.59
C VAL A 34 15.72 -21.76 9.22
N PHE A 35 15.93 -20.84 8.25
CA PHE A 35 17.28 -20.47 7.78
C PHE A 35 18.10 -19.83 8.93
N PHE A 36 17.45 -19.01 9.76
CA PHE A 36 18.11 -18.31 10.89
C PHE A 36 18.60 -19.31 11.97
N GLU A 37 17.95 -20.48 12.04
CA GLU A 37 18.27 -21.53 13.02
C GLU A 37 19.39 -22.46 12.49
N LYS A 38 19.18 -22.99 11.28
CA LYS A 38 20.09 -24.00 10.65
C LYS A 38 21.38 -23.33 10.16
N PHE A 39 21.24 -22.08 9.71
CA PHE A 39 22.35 -21.19 9.32
C PHE A 39 22.31 -19.90 10.18
N PRO A 40 22.72 -19.96 11.50
CA PRO A 40 22.66 -18.78 12.41
C PRO A 40 23.82 -17.80 12.16
N ARG A 41 24.78 -18.23 11.34
CA ARG A 41 25.97 -17.43 10.97
C ARG A 41 25.70 -16.73 9.62
N LEU A 42 25.16 -17.53 8.68
CA LEU A 42 24.92 -17.11 7.27
C LEU A 42 23.70 -16.19 7.14
N LYS A 43 22.86 -16.16 8.20
CA LYS A 43 21.70 -15.25 8.29
C LYS A 43 22.12 -13.78 8.10
N ALA A 44 23.38 -13.47 8.53
CA ALA A 44 23.98 -12.12 8.49
C ALA A 44 23.93 -11.52 7.08
N ALA A 45 24.16 -12.37 6.07
CA ALA A 45 24.08 -11.97 4.66
C ALA A 45 22.64 -11.54 4.33
N ILE A 46 21.71 -12.50 4.45
CA ILE A 46 20.30 -12.36 4.02
C ILE A 46 19.59 -11.15 4.67
N THR A 47 19.88 -10.91 5.95
CA THR A 47 19.28 -9.81 6.73
C THR A 47 19.87 -8.44 6.32
N ASP A 48 21.18 -8.40 6.05
CA ASP A 48 21.91 -7.18 5.67
C ASP A 48 21.84 -6.93 4.13
N ASP A 49 21.34 -7.95 3.39
CA ASP A 49 21.25 -7.93 1.92
C ASP A 49 19.91 -7.29 1.44
N VAL A 50 19.38 -6.39 2.29
CA VAL A 50 18.17 -5.56 2.06
C VAL A 50 18.07 -4.95 0.61
N PRO A 51 19.18 -4.33 0.03
CA PRO A 51 19.19 -3.82 -1.38
C PRO A 51 18.47 -4.68 -2.44
N ARG A 52 18.59 -6.02 -2.33
CA ARG A 52 17.96 -6.95 -3.32
C ARG A 52 16.46 -6.70 -3.43
N TRP A 53 15.80 -6.67 -2.26
CA TRP A 53 14.36 -6.42 -2.16
C TRP A 53 14.01 -4.96 -2.51
N ARG A 54 14.96 -4.04 -2.22
CA ARG A 54 14.76 -2.60 -2.39
C ARG A 54 14.63 -2.29 -3.89
N GLU A 55 15.67 -2.63 -4.69
CA GLU A 55 15.64 -2.43 -6.17
C GLU A 55 14.58 -3.32 -6.85
N ALA A 56 14.36 -4.54 -6.28
CA ALA A 56 13.34 -5.48 -6.81
C ALA A 56 11.95 -4.85 -6.73
N LEU A 57 11.64 -4.22 -5.58
CA LEU A 57 10.31 -3.62 -5.32
C LEU A 57 10.19 -2.26 -6.03
N ARG A 58 11.31 -1.55 -6.25
CA ARG A 58 11.35 -0.31 -7.07
C ARG A 58 10.86 -0.61 -8.51
N SER A 59 11.47 -1.65 -9.10
CA SER A 59 11.17 -2.09 -10.47
C SER A 59 9.78 -2.79 -10.53
N ARG A 60 9.44 -3.54 -9.46
CA ARG A 60 8.18 -4.29 -9.36
C ARG A 60 7.01 -3.33 -9.23
N LEU A 61 7.22 -2.22 -8.52
CA LEU A 61 6.20 -1.15 -8.32
C LEU A 61 5.77 -0.57 -9.69
N LYS A 62 6.68 -0.56 -10.65
CA LYS A 62 6.42 -0.09 -12.02
C LYS A 62 5.66 -1.17 -12.83
N ASP A 63 6.00 -2.46 -12.61
CA ASP A 63 5.44 -3.59 -13.40
C ASP A 63 4.19 -4.25 -12.75
N ALA A 64 3.91 -3.95 -11.48
CA ALA A 64 2.81 -4.61 -10.72
C ALA A 64 1.48 -3.88 -10.94
N ARG A 65 0.39 -4.54 -10.52
CA ARG A 65 -0.99 -4.05 -10.74
C ARG A 65 -1.55 -3.45 -9.44
N VAL A 66 -2.59 -2.63 -9.57
CA VAL A 66 -3.35 -2.06 -8.43
C VAL A 66 -4.68 -2.84 -8.25
N PRO A 67 -5.17 -3.02 -6.98
CA PRO A 67 -6.50 -3.62 -6.72
C PRO A 67 -7.65 -2.72 -7.26
N PRO A 68 -8.80 -3.32 -7.74
CA PRO A 68 -9.89 -2.56 -8.43
C PRO A 68 -10.55 -1.48 -7.54
N GLU A 69 -10.49 -1.68 -6.21
CA GLU A 69 -11.00 -0.70 -5.21
C GLU A 69 -10.13 0.56 -5.23
N LEU A 70 -8.78 0.38 -5.24
CA LEU A 70 -7.82 1.48 -5.34
C LEU A 70 -7.91 2.13 -6.74
N THR A 71 -8.23 1.33 -7.76
CA THR A 71 -8.31 1.79 -9.17
C THR A 71 -9.46 2.81 -9.34
N GLU A 72 -10.64 2.49 -8.79
CA GLU A 72 -11.82 3.39 -8.87
C GLU A 72 -11.66 4.58 -7.92
N GLU A 73 -10.89 4.40 -6.81
CA GLU A 73 -10.52 5.50 -5.91
C GLU A 73 -9.71 6.56 -6.66
N VAL A 74 -8.57 6.14 -7.24
CA VAL A 74 -7.64 7.06 -7.93
C VAL A 74 -8.30 7.72 -9.16
N MET A 75 -9.14 6.96 -9.89
CA MET A 75 -9.88 7.50 -11.07
C MET A 75 -10.82 8.63 -10.64
N CYS A 76 -11.50 8.44 -9.49
CA CYS A 76 -12.44 9.45 -8.94
C CYS A 76 -11.72 10.53 -8.10
N TYR A 77 -10.48 10.23 -7.65
CA TYR A 77 -9.64 11.13 -6.82
C TYR A 77 -8.99 12.20 -7.72
N GLN A 78 -8.36 11.74 -8.83
CA GLN A 78 -7.79 12.63 -9.84
C GLN A 78 -8.93 13.38 -10.57
N GLN A 79 -10.12 12.75 -10.61
CA GLN A 79 -11.35 13.38 -11.14
C GLN A 79 -11.79 14.54 -10.22
N SER A 80 -11.71 14.34 -8.87
CA SER A 80 -12.21 15.32 -7.88
C SER A 80 -11.66 16.75 -8.12
N GLN A 81 -10.37 16.84 -8.49
CA GLN A 81 -9.71 18.14 -8.80
C GLN A 81 -10.01 18.62 -10.24
N LEU A 82 -10.13 17.68 -11.18
CA LEU A 82 -10.29 17.97 -12.63
C LEU A 82 -11.78 18.12 -13.01
N LEU A 83 -12.68 17.79 -12.08
CA LEU A 83 -14.13 17.85 -12.29
C LEU A 83 -14.56 19.30 -12.03
N SER A 84 -14.80 20.03 -13.13
CA SER A 84 -15.11 21.46 -13.09
C SER A 84 -16.41 21.72 -12.32
N THR A 85 -16.50 22.88 -11.64
CA THR A 85 -17.56 23.18 -10.64
C THR A 85 -19.01 22.92 -11.14
N PRO A 86 -19.43 23.39 -12.39
CA PRO A 86 -20.77 23.04 -12.95
C PRO A 86 -21.04 21.51 -12.99
N GLN A 87 -20.04 20.75 -13.47
CA GLN A 87 -20.13 19.28 -13.59
C GLN A 87 -19.93 18.58 -12.23
N PHE A 88 -19.27 19.27 -11.28
CA PHE A 88 -18.99 18.73 -9.94
C PHE A 88 -20.27 18.70 -9.10
N ILE A 89 -21.05 19.79 -9.16
CA ILE A 89 -22.30 19.94 -8.37
C ILE A 89 -23.35 18.89 -8.80
N VAL A 90 -23.52 18.70 -10.12
CA VAL A 90 -24.50 17.74 -10.67
C VAL A 90 -24.06 16.27 -10.36
N GLN A 91 -22.74 16.00 -10.44
CA GLN A 91 -22.18 14.65 -10.18
C GLN A 91 -21.83 14.47 -8.69
N LEU A 92 -22.09 15.52 -7.86
CA LEU A 92 -21.76 15.50 -6.41
C LEU A 92 -22.38 14.27 -5.68
N PRO A 93 -23.73 14.06 -5.67
CA PRO A 93 -24.33 12.95 -4.89
C PRO A 93 -24.13 11.57 -5.58
N GLN A 94 -23.56 11.59 -6.82
CA GLN A 94 -23.21 10.37 -7.57
C GLN A 94 -21.82 9.86 -7.13
N ILE A 95 -20.85 10.79 -6.96
CA ILE A 95 -19.47 10.43 -6.52
C ILE A 95 -19.49 10.07 -5.02
N LEU A 96 -20.44 10.66 -4.25
CA LEU A 96 -20.70 10.27 -2.84
C LEU A 96 -21.18 8.80 -2.76
N ASP A 97 -22.06 8.43 -3.71
CA ASP A 97 -22.56 7.05 -3.86
C ASP A 97 -21.40 6.10 -4.22
N LEU A 98 -20.43 6.62 -5.00
CA LEU A 98 -19.23 5.85 -5.43
C LEU A 98 -18.33 5.56 -4.21
N LEU A 99 -18.19 6.55 -3.30
CA LEU A 99 -17.43 6.37 -2.04
C LEU A 99 -18.12 5.34 -1.11
N HIS A 100 -19.45 5.38 -1.09
CA HIS A 100 -20.29 4.41 -0.36
C HIS A 100 -20.23 3.02 -1.03
N ARG A 101 -19.98 3.01 -2.36
CA ARG A 101 -19.95 1.79 -3.20
C ARG A 101 -18.68 0.98 -2.95
N LEU A 102 -17.54 1.68 -2.71
CA LEU A 102 -16.26 1.05 -2.34
C LEU A 102 -16.11 0.94 -0.80
N ASN A 103 -17.17 1.38 -0.08
CA ASN A 103 -17.34 1.17 1.39
C ASN A 103 -16.20 1.89 2.18
N SER A 104 -15.89 3.14 1.79
CA SER A 104 -14.97 4.00 2.56
C SER A 104 -15.56 4.32 3.97
N PRO A 105 -14.72 4.34 5.06
CA PRO A 105 -15.21 4.52 6.45
C PRO A 105 -15.74 5.95 6.71
N TRP A 106 -15.34 6.90 5.85
CA TRP A 106 -15.69 8.32 5.98
C TRP A 106 -16.90 8.67 5.06
N ALA A 107 -17.43 7.69 4.31
CA ALA A 107 -18.50 7.91 3.29
C ALA A 107 -19.78 8.53 3.89
N GLU A 108 -20.08 8.22 5.17
CA GLU A 108 -21.28 8.75 5.86
C GLU A 108 -21.09 10.22 6.28
N GLN A 109 -19.91 10.52 6.84
CA GLN A 109 -19.55 11.88 7.27
C GLN A 109 -19.36 12.79 6.04
N ALA A 110 -18.97 12.17 4.92
CA ALA A 110 -18.86 12.83 3.61
C ALA A 110 -20.25 13.27 3.13
N ARG A 111 -21.23 12.36 3.31
CA ARG A 111 -22.63 12.60 2.94
C ARG A 111 -23.23 13.72 3.83
N GLN A 112 -22.82 13.76 5.11
CA GLN A 112 -23.26 14.81 6.05
C GLN A 112 -22.54 16.15 5.78
N LEU A 113 -21.29 16.08 5.27
CA LEU A 113 -20.47 17.26 4.95
C LEU A 113 -21.08 18.02 3.76
N VAL A 114 -21.48 17.25 2.73
CA VAL A 114 -22.11 17.80 1.51
C VAL A 114 -23.61 18.08 1.74
N ASP A 115 -24.19 17.46 2.80
CA ASP A 115 -25.56 17.75 3.26
C ASP A 115 -25.60 19.13 3.92
N ALA A 116 -24.52 19.46 4.66
CA ALA A 116 -24.37 20.76 5.34
C ALA A 116 -24.39 21.90 4.33
N ASN A 117 -23.41 21.89 3.40
CA ASN A 117 -23.33 22.83 2.28
C ASN A 117 -23.21 22.02 0.98
N SER A 118 -24.30 21.98 0.19
CA SER A 118 -24.30 21.34 -1.14
C SER A 118 -23.69 22.28 -2.21
N THR A 119 -23.60 23.59 -1.85
CA THR A 119 -22.96 24.63 -2.67
C THR A 119 -21.42 24.58 -2.46
N ILE A 120 -20.81 23.46 -2.93
CA ILE A 120 -19.36 23.27 -2.85
C ILE A 120 -18.69 24.15 -3.91
N THR A 121 -18.05 25.24 -3.44
CA THR A 121 -17.43 26.24 -4.32
C THR A 121 -15.90 26.11 -4.31
N SER A 122 -15.25 26.49 -3.19
CA SER A 122 -13.77 26.59 -3.12
C SER A 122 -13.20 25.89 -1.87
N ALA A 123 -13.47 26.48 -0.67
CA ALA A 123 -12.89 26.03 0.61
C ALA A 123 -13.37 24.60 0.98
N LEU A 124 -14.65 24.35 0.74
CA LEU A 124 -15.27 23.04 1.04
C LEU A 124 -14.75 21.97 0.08
N HIS A 125 -14.46 22.38 -1.18
CA HIS A 125 -13.86 21.49 -2.20
C HIS A 125 -12.45 21.09 -1.77
N THR A 126 -11.68 22.08 -1.29
CA THR A 126 -10.29 21.90 -0.81
C THR A 126 -10.25 20.88 0.35
N LEU A 127 -11.16 21.07 1.33
CA LEU A 127 -11.28 20.20 2.51
C LEU A 127 -11.78 18.79 2.12
N PHE A 128 -12.75 18.71 1.20
CA PHE A 128 -13.37 17.44 0.78
C PHE A 128 -12.31 16.48 0.19
N LEU A 129 -11.34 17.09 -0.55
CA LEU A 129 -10.19 16.38 -1.14
C LEU A 129 -9.14 16.02 -0.05
N GLN A 130 -8.92 16.94 0.93
CA GLN A 130 -7.97 16.72 2.07
C GLN A 130 -8.39 15.53 2.94
N ARG A 131 -9.71 15.41 3.14
CA ARG A 131 -10.29 14.39 4.04
C ARG A 131 -10.17 13.00 3.42
N TRP A 132 -10.39 12.90 2.11
CA TRP A 132 -10.19 11.63 1.36
C TRP A 132 -8.68 11.36 1.22
N ARG A 133 -7.85 12.43 1.17
CA ARG A 133 -6.37 12.31 1.05
C ARG A 133 -5.77 11.61 2.28
N LEU A 134 -6.17 12.03 3.49
CA LEU A 134 -5.66 11.45 4.74
C LEU A 134 -6.29 10.06 5.00
N SER A 135 -7.58 9.91 4.62
CA SER A 135 -8.30 8.61 4.69
C SER A 135 -7.74 7.61 3.64
N LEU A 136 -7.14 8.17 2.56
CA LEU A 136 -6.50 7.38 1.49
C LEU A 136 -5.28 6.66 2.02
N ILE A 137 -4.55 7.29 2.98
CA ILE A 137 -3.29 6.74 3.52
C ILE A 137 -3.58 5.47 4.32
N VAL A 138 -4.52 5.59 5.28
CA VAL A 138 -4.85 4.50 6.23
C VAL A 138 -5.59 3.33 5.54
N GLN A 139 -6.36 3.64 4.47
CA GLN A 139 -7.04 2.61 3.65
C GLN A 139 -6.04 1.97 2.65
N ALA A 140 -5.08 2.77 2.16
CA ALA A 140 -4.00 2.28 1.27
C ALA A 140 -3.07 1.32 2.02
N THR A 141 -3.04 1.45 3.35
CA THR A 141 -2.32 0.51 4.22
C THR A 141 -2.88 -0.92 4.03
N THR A 142 -4.22 -1.02 3.98
CA THR A 142 -4.94 -2.30 3.75
C THR A 142 -4.70 -2.85 2.32
N LEU A 143 -4.80 -1.95 1.32
CA LEU A 143 -4.71 -2.28 -0.12
C LEU A 143 -3.30 -2.80 -0.49
N ASN A 144 -2.27 -2.03 -0.06
CA ASN A 144 -0.86 -2.41 -0.23
C ASN A 144 -0.49 -3.61 0.66
N GLN A 145 -1.31 -3.90 1.70
CA GLN A 145 -1.12 -5.08 2.56
C GLN A 145 -1.69 -6.34 1.88
N GLN A 146 -2.73 -6.17 1.03
CA GLN A 146 -3.30 -7.28 0.23
C GLN A 146 -2.22 -7.84 -0.70
N LEU A 147 -1.62 -6.93 -1.48
CA LEU A 147 -0.53 -7.29 -2.40
C LEU A 147 0.75 -7.64 -1.60
N LEU A 148 0.90 -7.10 -0.38
CA LEU A 148 2.08 -7.40 0.48
C LEU A 148 2.16 -8.91 0.75
N GLU A 149 1.00 -9.53 1.05
CA GLU A 149 0.90 -10.96 1.36
C GLU A 149 1.17 -11.82 0.10
N GLU A 150 0.47 -11.47 -1.00
CA GLU A 150 0.53 -12.25 -2.27
C GLU A 150 1.89 -12.10 -2.99
N GLU A 151 2.32 -10.86 -3.18
CA GLU A 151 3.58 -10.52 -3.90
C GLU A 151 4.82 -10.99 -3.12
N ARG A 152 4.70 -11.07 -1.77
CA ARG A 152 5.78 -11.59 -0.91
C ARG A 152 6.16 -13.03 -1.28
N GLU A 153 5.17 -13.84 -1.68
CA GLU A 153 5.38 -15.22 -2.19
C GLU A 153 6.42 -15.26 -3.35
N GLN A 154 6.31 -14.31 -4.29
CA GLN A 154 7.24 -14.16 -5.43
C GLN A 154 8.64 -13.77 -4.91
N LEU A 155 8.66 -12.78 -4.00
CA LEU A 155 9.89 -12.23 -3.40
C LEU A 155 10.51 -13.22 -2.37
N LEU A 156 9.70 -14.20 -1.98
CA LEU A 156 10.11 -15.32 -1.11
C LEU A 156 10.90 -16.32 -1.97
N SER A 157 10.49 -16.49 -3.24
CA SER A 157 11.27 -17.27 -4.21
C SER A 157 12.65 -16.59 -4.48
N GLU A 158 12.65 -15.25 -4.40
CA GLU A 158 13.87 -14.42 -4.52
C GLU A 158 14.90 -14.75 -3.40
N VAL A 159 14.41 -14.88 -2.13
CA VAL A 159 15.31 -15.21 -0.98
C VAL A 159 15.84 -16.65 -1.07
N GLN A 160 15.03 -17.56 -1.66
CA GLN A 160 15.41 -18.98 -1.90
C GLN A 160 16.52 -19.06 -2.96
N GLU A 161 16.51 -18.10 -3.90
CA GLU A 161 17.52 -18.00 -4.96
C GLU A 161 18.85 -17.47 -4.39
N ARG A 162 18.79 -16.39 -3.57
CA ARG A 162 20.01 -15.79 -2.96
C ARG A 162 20.64 -16.76 -1.96
N MET A 163 19.81 -17.69 -1.42
CA MET A 163 20.18 -18.61 -0.31
C MET A 163 21.44 -19.47 -0.62
N THR A 164 21.83 -19.50 -1.90
CA THR A 164 23.09 -20.13 -2.37
C THR A 164 24.35 -19.57 -1.63
N LEU A 165 24.28 -18.29 -1.15
CA LEU A 165 25.41 -17.62 -0.43
C LEU A 165 25.79 -18.31 0.90
N SER A 166 24.90 -19.17 1.40
CA SER A 166 25.09 -19.87 2.68
C SER A 166 26.05 -21.07 2.55
N GLY A 167 26.55 -21.33 1.31
CA GLY A 167 27.37 -22.51 1.02
C GLY A 167 26.54 -23.78 0.97
N GLN A 168 25.21 -23.60 0.84
CA GLN A 168 24.25 -24.71 0.78
C GLN A 168 24.39 -25.43 -0.57
N LEU A 169 24.44 -26.77 -0.52
CA LEU A 169 24.69 -27.63 -1.70
C LEU A 169 23.54 -27.49 -2.71
N GLU A 170 22.30 -27.55 -2.20
CA GLU A 170 21.07 -27.43 -3.01
C GLU A 170 20.14 -26.35 -2.37
N PRO A 171 20.06 -25.10 -2.96
CA PRO A 171 19.17 -24.02 -2.44
C PRO A 171 17.69 -24.48 -2.35
N ILE A 172 17.23 -24.70 -1.11
CA ILE A 172 15.88 -25.20 -0.80
C ILE A 172 14.79 -24.18 -1.19
N LEU A 173 13.59 -24.71 -1.47
CA LEU A 173 12.41 -23.91 -1.83
C LEU A 173 11.10 -24.62 -1.42
N ALA A 174 10.11 -23.81 -1.01
CA ALA A 174 8.77 -24.28 -0.64
C ALA A 174 7.85 -24.21 -1.87
N ASP A 175 7.18 -25.33 -2.20
CA ASP A 175 6.26 -25.40 -3.35
C ASP A 175 4.89 -24.81 -2.95
N ASN A 176 4.46 -23.75 -3.67
CA ASN A 176 3.17 -23.09 -3.43
C ASN A 176 2.05 -23.81 -4.21
N ASN A 177 0.91 -24.06 -3.54
CA ASN A 177 -0.23 -24.78 -4.14
C ASN A 177 -1.43 -23.83 -4.26
N THR A 178 -2.19 -23.93 -5.37
CA THR A 178 -3.41 -23.15 -5.58
C THR A 178 -4.35 -23.89 -6.54
N ALA A 179 -5.65 -23.54 -6.50
CA ALA A 179 -6.64 -23.99 -7.48
C ALA A 179 -6.57 -23.04 -8.69
N ALA A 180 -5.78 -23.42 -9.70
CA ALA A 180 -5.58 -22.62 -10.91
C ALA A 180 -6.61 -23.01 -11.98
N GLY A 181 -7.12 -22.00 -12.70
CA GLY A 181 -8.04 -22.22 -13.81
C GLY A 181 -7.31 -22.19 -15.15
N ARG A 182 -8.01 -21.74 -16.21
CA ARG A 182 -7.46 -21.60 -17.56
C ARG A 182 -8.36 -20.66 -18.39
N LEU A 183 -7.82 -20.13 -19.50
CA LEU A 183 -8.54 -19.20 -20.40
C LEU A 183 -8.51 -19.74 -21.84
N TRP A 184 -9.49 -19.31 -22.64
CA TRP A 184 -9.55 -19.57 -24.09
C TRP A 184 -9.23 -18.27 -24.85
N ASP A 185 -8.29 -18.35 -25.81
CA ASP A 185 -7.81 -17.19 -26.58
C ASP A 185 -8.03 -17.46 -28.08
N MET A 186 -8.58 -16.45 -28.78
CA MET A 186 -8.90 -16.54 -30.22
C MET A 186 -8.24 -15.38 -30.97
N SER A 187 -7.13 -15.68 -31.66
CA SER A 187 -6.39 -14.73 -32.51
C SER A 187 -7.15 -14.49 -33.84
N ALA A 188 -7.44 -13.22 -34.16
CA ALA A 188 -8.10 -12.84 -35.43
C ALA A 188 -7.09 -12.84 -36.58
N GLY A 189 -7.60 -12.98 -37.82
CA GLY A 189 -6.76 -13.01 -39.03
C GLY A 189 -6.50 -11.63 -39.59
N GLN A 190 -5.69 -11.57 -40.66
CA GLN A 190 -5.31 -10.31 -41.34
C GLN A 190 -4.92 -10.62 -42.81
N LEU A 191 -5.19 -9.65 -43.72
CA LEU A 191 -4.81 -9.74 -45.15
C LEU A 191 -3.26 -9.74 -45.27
#